data_3FVT
#
_entry.id   3FVT
#
_cell.length_a   144.039
_cell.length_b   87.205
_cell.length_c   184.825
_cell.angle_alpha   90.000
_cell.angle_beta   112.870
_cell.angle_gamma   90.000
#
_symmetry.space_group_name_H-M   'P 1 21 1'
#
loop_
_entity.id
_entity.type
_entity.pdbx_description
1 polymer 'Acetyl xylan esterase'
2 non-polymer 'CHLORIDE ION'
3 non-polymer GLYCEROL
4 water water
#
_entity_poly.entity_id   1
_entity_poly.type   'polypeptide(L)'
_entity_poly.pdbx_seq_one_letter_code
;MQLFDLSLEELKKYKPKKTARPDFSDFWKKSLEELRQVEAEPTLESYDYPVKGVKVYRLTYQSFGHSKIEGFYAVPDQTG
PHPALVRFHGYNASYDGGIHDIVNWALHGYATFGMLVRGQGGSEDTSVTPGGHALGWMTKGILSKDTYYYRGVYLDAVRA
LEVIQSFPEVDEHRIGVIGGSQGGALAIAAAALSDIPKVVVADYPYLSNFERAVDVALEQPYLEINSYFRRNSDPKVEEK
AFETLSYFDLINLAGWVKQPTLMAIGLIDKITPPSTVFAAYNHLETDKDLKVYRYFGHEFIPAFQTEKLSFLQKHLLLST
;
_entity_poly.pdbx_strand_id   A,B,C,D,E,F,G,H,I,L,M,N
#
loop_
_chem_comp.id
_chem_comp.type
_chem_comp.name
_chem_comp.formula
CL non-polymer 'CHLORIDE ION' 'Cl -1'
GOL non-polymer GLYCEROL 'C3 H8 O3'
#
# COMPACT_ATOMS: atom_id res chain seq x y z
N MET A 1 25.40 -13.70 -46.48
CA MET A 1 25.17 -14.85 -45.54
C MET A 1 25.02 -16.16 -46.31
N GLN A 2 24.08 -17.00 -45.84
CA GLN A 2 23.81 -18.29 -46.47
C GLN A 2 22.40 -18.78 -46.10
N LEU A 3 21.80 -19.55 -46.99
CA LEU A 3 20.45 -20.07 -46.77
C LEU A 3 20.32 -20.74 -45.39
N PHE A 4 19.18 -20.54 -44.74
CA PHE A 4 18.96 -21.13 -43.43
C PHE A 4 17.53 -21.56 -43.15
N ASP A 5 16.57 -20.88 -43.76
CA ASP A 5 15.15 -21.18 -43.53
C ASP A 5 14.64 -22.28 -44.46
N LEU A 6 13.32 -22.47 -44.48
CA LEU A 6 12.70 -23.48 -45.33
C LEU A 6 13.22 -23.34 -46.77
N SER A 7 13.14 -24.41 -47.57
CA SER A 7 13.56 -24.34 -48.97
C SER A 7 12.61 -23.43 -49.73
N LEU A 8 13.03 -22.95 -50.90
CA LEU A 8 12.19 -22.06 -51.69
C LEU A 8 10.86 -22.75 -52.08
N GLU A 9 10.91 -24.03 -52.41
CA GLU A 9 9.69 -24.76 -52.77
C GLU A 9 8.72 -24.75 -51.57
N GLU A 10 9.28 -24.92 -50.36
CA GLU A 10 8.49 -24.94 -49.13
C GLU A 10 7.97 -23.54 -48.76
N LEU A 11 8.82 -22.51 -48.94
CA LEU A 11 8.41 -21.14 -48.61
C LEU A 11 7.18 -20.71 -49.42
N LYS A 12 7.16 -21.07 -50.69
CA LYS A 12 6.05 -20.75 -51.59
C LYS A 12 4.74 -21.39 -51.12
N LYS A 13 4.84 -22.52 -50.42
CA LYS A 13 3.66 -23.23 -49.92
C LYS A 13 3.36 -22.95 -48.45
N TYR A 14 4.21 -22.16 -47.79
CA TYR A 14 4.00 -21.87 -46.37
C TYR A 14 2.91 -20.85 -46.06
N LYS A 15 1.80 -21.36 -45.55
CA LYS A 15 0.65 -20.52 -45.19
C LYS A 15 0.18 -21.02 -43.81
N PRO A 16 0.80 -20.49 -42.76
CA PRO A 16 0.43 -20.94 -41.42
C PRO A 16 -1.00 -20.60 -41.04
N LYS A 17 -1.64 -21.51 -40.30
CA LYS A 17 -3.01 -21.30 -39.83
C LYS A 17 -3.10 -20.00 -39.02
N LYS A 18 -4.17 -19.24 -39.27
CA LYS A 18 -4.42 -17.98 -38.58
C LYS A 18 -4.62 -18.20 -37.08
N THR A 19 -4.07 -17.28 -36.28
CA THR A 19 -4.14 -17.30 -34.83
C THR A 19 -5.13 -16.24 -34.28
N ALA A 20 -5.88 -15.60 -35.16
CA ALA A 20 -6.84 -14.57 -34.73
C ALA A 20 -7.89 -15.12 -33.78
N ARG A 21 -8.16 -14.41 -32.68
CA ARG A 21 -9.18 -14.86 -31.74
C ARG A 21 -10.56 -14.44 -32.28
N PRO A 22 -11.65 -15.00 -31.72
CA PRO A 22 -13.00 -14.66 -32.18
C PRO A 22 -13.37 -13.16 -32.09
N ASP A 23 -12.65 -12.38 -31.27
CA ASP A 23 -12.97 -10.95 -31.16
C ASP A 23 -11.94 -10.09 -31.88
N PHE A 24 -11.24 -10.69 -32.84
CA PHE A 24 -10.22 -9.97 -33.60
C PHE A 24 -10.83 -8.74 -34.30
N SER A 25 -11.90 -8.95 -35.06
CA SER A 25 -12.56 -7.85 -35.78
C SER A 25 -13.12 -6.78 -34.83
N ASP A 26 -13.75 -7.18 -33.73
CA ASP A 26 -14.29 -6.21 -32.79
C ASP A 26 -13.22 -5.38 -32.09
N PHE A 27 -12.07 -5.99 -31.83
CA PHE A 27 -10.99 -5.24 -31.20
C PHE A 27 -10.54 -4.11 -32.11
N TRP A 28 -10.45 -4.38 -33.40
CA TRP A 28 -10.03 -3.32 -34.28
C TRP A 28 -11.15 -2.27 -34.49
N LYS A 29 -12.39 -2.72 -34.65
CA LYS A 29 -13.50 -1.75 -34.79
C LYS A 29 -13.48 -0.82 -33.59
N LYS A 30 -13.38 -1.41 -32.41
CA LYS A 30 -13.37 -0.64 -31.18
C LYS A 30 -12.18 0.31 -31.14
N SER A 31 -10.99 -0.20 -31.48
CA SER A 31 -9.75 0.60 -31.48
C SER A 31 -9.84 1.81 -32.43
N LEU A 32 -10.44 1.60 -33.59
CA LEU A 32 -10.62 2.66 -34.57
C LEU A 32 -11.65 3.70 -34.09
N GLU A 33 -12.61 3.23 -33.29
CA GLU A 33 -13.63 4.12 -32.77
C GLU A 33 -12.96 5.03 -31.76
N GLU A 34 -12.04 4.48 -31.01
CA GLU A 34 -11.35 5.28 -30.04
C GLU A 34 -10.49 6.31 -30.76
N LEU A 35 -9.88 5.91 -31.87
CA LEU A 35 -9.05 6.83 -32.65
C LEU A 35 -9.93 7.97 -33.19
N ARG A 36 -11.09 7.61 -33.71
CA ARG A 36 -12.04 8.57 -34.31
C ARG A 36 -12.41 9.67 -33.32
N GLN A 37 -12.39 9.33 -32.04
CA GLN A 37 -12.75 10.30 -31.01
C GLN A 37 -11.69 11.37 -30.71
N VAL A 38 -10.52 11.25 -31.32
CA VAL A 38 -9.46 12.23 -31.14
C VAL A 38 -9.43 13.11 -32.41
N GLU A 39 -9.63 14.42 -32.24
CA GLU A 39 -9.59 15.32 -33.41
C GLU A 39 -8.16 15.47 -33.88
N ALA A 40 -7.95 15.33 -35.20
CA ALA A 40 -6.61 15.40 -35.77
C ALA A 40 -5.85 16.68 -35.45
N GLU A 41 -6.50 17.84 -35.63
CA GLU A 41 -5.83 19.10 -35.35
C GLU A 41 -4.39 19.11 -35.89
N PRO A 42 -4.25 18.88 -37.19
CA PRO A 42 -2.92 18.87 -37.80
C PRO A 42 -2.27 20.25 -37.84
N THR A 43 -0.94 20.26 -37.76
CA THR A 43 -0.18 21.51 -37.84
C THR A 43 0.93 21.28 -38.84
N LEU A 44 1.22 22.32 -39.61
CA LEU A 44 2.26 22.25 -40.60
C LEU A 44 3.14 23.49 -40.44
N GLU A 45 4.45 23.28 -40.48
CA GLU A 45 5.37 24.41 -40.37
C GLU A 45 6.49 24.23 -41.39
N SER A 46 6.87 25.33 -42.03
CA SER A 46 7.95 25.31 -43.03
C SER A 46 9.26 24.83 -42.42
N TYR A 47 10.00 24.00 -43.18
CA TYR A 47 11.29 23.48 -42.73
C TYR A 47 12.31 23.69 -43.86
N ASP A 48 13.35 24.49 -43.62
CA ASP A 48 14.30 24.75 -44.69
C ASP A 48 15.12 23.51 -44.96
N TYR A 49 15.49 23.34 -46.24
CA TYR A 49 16.29 22.19 -46.68
C TYR A 49 16.90 22.57 -48.01
N PRO A 50 18.19 22.26 -48.23
CA PRO A 50 18.84 22.63 -49.49
C PRO A 50 18.43 21.83 -50.71
N VAL A 51 17.21 22.05 -51.17
CA VAL A 51 16.72 21.37 -52.36
C VAL A 51 15.86 22.35 -53.16
N LYS A 52 15.90 22.22 -54.48
CA LYS A 52 15.10 23.07 -55.34
C LYS A 52 13.99 22.23 -55.90
N GLY A 53 12.80 22.81 -56.02
CA GLY A 53 11.68 22.08 -56.57
C GLY A 53 10.82 21.32 -55.59
N VAL A 54 11.17 21.36 -54.30
CA VAL A 54 10.40 20.68 -53.27
C VAL A 54 10.27 21.60 -52.06
N LYS A 55 9.09 21.60 -51.43
CA LYS A 55 8.90 22.38 -50.22
C LYS A 55 8.71 21.33 -49.13
N VAL A 56 9.42 21.54 -48.02
CA VAL A 56 9.40 20.64 -46.88
C VAL A 56 8.71 21.26 -45.68
N TYR A 57 8.00 20.43 -44.93
CA TYR A 57 7.29 20.89 -43.74
C TYR A 57 7.46 19.86 -42.63
N ARG A 58 7.23 20.31 -41.39
CA ARG A 58 7.23 19.42 -40.23
C ARG A 58 5.73 19.34 -39.98
N LEU A 59 5.18 18.13 -40.06
CA LEU A 59 3.76 17.93 -39.85
C LEU A 59 3.52 17.21 -38.55
N THR A 60 2.55 17.67 -37.78
CA THR A 60 2.19 17.00 -36.53
C THR A 60 0.68 16.83 -36.56
N TYR A 61 0.18 15.86 -35.81
CA TYR A 61 -1.26 15.61 -35.73
C TYR A 61 -1.53 14.79 -34.48
N GLN A 62 -2.75 14.89 -33.93
CA GLN A 62 -3.13 14.15 -32.72
C GLN A 62 -3.69 12.76 -33.10
N SER A 63 -3.35 11.75 -32.30
CA SER A 63 -3.79 10.38 -32.58
C SER A 63 -4.27 9.69 -31.31
N PHE A 64 -4.52 8.38 -31.41
CA PHE A 64 -4.97 7.56 -30.29
C PHE A 64 -4.22 7.95 -29.00
N GLY A 65 -4.93 8.04 -27.88
CA GLY A 65 -4.31 8.38 -26.61
C GLY A 65 -3.92 9.85 -26.45
N HIS A 66 -4.38 10.66 -27.40
CA HIS A 66 -4.12 12.08 -27.41
C HIS A 66 -2.61 12.23 -27.53
N SER A 67 -2.04 11.42 -28.41
CA SER A 67 -0.61 11.41 -28.65
C SER A 67 -0.32 12.27 -29.89
N LYS A 68 0.69 13.12 -29.78
CA LYS A 68 1.08 13.99 -30.90
C LYS A 68 2.12 13.32 -31.78
N ILE A 69 1.69 12.91 -32.96
CA ILE A 69 2.56 12.25 -33.92
C ILE A 69 3.18 13.30 -34.85
N GLU A 70 4.40 13.03 -35.31
CA GLU A 70 5.11 13.96 -36.19
C GLU A 70 5.92 13.28 -37.28
N GLY A 71 6.44 14.12 -38.19
CA GLY A 71 7.28 13.65 -39.29
C GLY A 71 7.45 14.70 -40.35
N PHE A 72 8.44 14.53 -41.22
CA PHE A 72 8.66 15.49 -42.29
C PHE A 72 7.71 15.22 -43.45
N TYR A 73 7.23 16.30 -44.07
CA TYR A 73 6.31 16.21 -45.21
C TYR A 73 6.93 17.03 -46.31
N ALA A 74 7.21 16.38 -47.45
CA ALA A 74 7.82 17.10 -48.58
C ALA A 74 6.89 17.07 -49.77
N VAL A 75 6.77 18.22 -50.43
CA VAL A 75 5.87 18.36 -51.57
C VAL A 75 6.51 18.91 -52.82
N PRO A 76 6.17 18.38 -54.00
CA PRO A 76 6.79 18.95 -55.21
C PRO A 76 6.39 20.42 -55.26
N ASP A 77 7.35 21.28 -55.60
CA ASP A 77 7.11 22.72 -55.69
C ASP A 77 6.46 23.08 -57.03
N GLN A 78 5.29 22.52 -57.30
CA GLN A 78 4.56 22.77 -58.55
C GLN A 78 3.06 22.68 -58.25
N THR A 79 2.23 22.95 -59.25
CA THR A 79 0.77 22.89 -59.06
C THR A 79 0.20 21.47 -58.94
N GLY A 80 -0.53 21.22 -57.85
CA GLY A 80 -1.11 19.90 -57.64
C GLY A 80 -2.43 19.72 -58.38
N PRO A 81 -3.24 18.73 -58.00
CA PRO A 81 -3.00 17.76 -56.92
C PRO A 81 -1.80 16.88 -57.21
N HIS A 82 -1.26 16.31 -56.16
CA HIS A 82 -0.09 15.45 -56.32
C HIS A 82 -0.39 14.06 -55.77
N PRO A 83 0.25 13.03 -56.35
CA PRO A 83 -0.01 11.70 -55.79
C PRO A 83 0.81 11.79 -54.49
N ALA A 84 0.53 10.90 -53.52
CA ALA A 84 1.24 10.98 -52.25
C ALA A 84 1.66 9.61 -51.73
N LEU A 85 2.57 9.64 -50.76
CA LEU A 85 3.10 8.43 -50.13
C LEU A 85 3.22 8.63 -48.64
N VAL A 86 2.88 7.60 -47.88
CA VAL A 86 3.13 7.69 -46.44
C VAL A 86 4.19 6.59 -46.31
N ARG A 87 5.37 6.98 -45.84
CA ARG A 87 6.50 6.06 -45.68
C ARG A 87 6.76 5.80 -44.20
N PHE A 88 6.91 4.53 -43.85
CA PHE A 88 7.15 4.17 -42.46
C PHE A 88 8.58 3.62 -42.30
N HIS A 89 9.25 4.02 -41.23
CA HIS A 89 10.63 3.62 -41.03
C HIS A 89 10.85 2.32 -40.29
N GLY A 90 12.08 1.82 -40.33
CA GLY A 90 12.43 0.56 -39.66
C GLY A 90 12.59 0.67 -38.15
N TYR A 91 12.51 -0.48 -37.47
CA TYR A 91 12.63 -0.52 -36.01
C TYR A 91 13.93 0.14 -35.51
N ASN A 92 13.80 1.19 -34.69
CA ASN A 92 14.96 1.90 -34.13
C ASN A 92 15.90 2.31 -35.25
N ALA A 93 15.38 2.51 -36.46
CA ALA A 93 16.23 2.83 -37.62
C ALA A 93 16.02 4.19 -38.28
N SER A 94 15.46 5.15 -37.54
CA SER A 94 15.25 6.49 -38.09
C SER A 94 16.33 7.46 -37.63
N TYR A 95 17.02 8.09 -38.58
CA TYR A 95 18.06 9.08 -38.25
C TYR A 95 17.58 10.44 -38.78
N ASP A 96 17.56 11.45 -37.91
CA ASP A 96 17.12 12.77 -38.34
C ASP A 96 15.82 12.74 -39.19
N GLY A 97 14.86 11.93 -38.75
CA GLY A 97 13.58 11.79 -39.42
C GLY A 97 13.57 11.25 -40.86
N GLY A 98 14.70 10.70 -41.31
CA GLY A 98 14.74 10.19 -42.67
C GLY A 98 14.49 11.29 -43.69
N ILE A 99 14.78 12.53 -43.30
CA ILE A 99 14.53 13.66 -44.17
C ILE A 99 15.08 13.62 -45.60
N HIS A 100 16.32 13.15 -45.77
CA HIS A 100 16.91 13.07 -47.11
C HIS A 100 16.16 12.09 -48.03
N ASP A 101 15.63 11.02 -47.46
CA ASP A 101 14.88 10.03 -48.24
C ASP A 101 13.48 10.57 -48.57
N ILE A 102 12.91 11.31 -47.63
CA ILE A 102 11.60 11.89 -47.84
C ILE A 102 11.69 12.94 -48.94
N VAL A 103 12.74 13.76 -48.91
CA VAL A 103 12.91 14.79 -49.94
C VAL A 103 13.12 14.15 -51.28
N ASN A 104 13.90 13.06 -51.30
CA ASN A 104 14.13 12.38 -52.56
C ASN A 104 12.84 11.86 -53.16
N TRP A 105 11.92 11.37 -52.32
CA TRP A 105 10.65 10.85 -52.83
C TRP A 105 9.84 11.98 -53.46
N ALA A 106 9.91 13.18 -52.87
CA ALA A 106 9.19 14.32 -53.40
C ALA A 106 9.82 14.71 -54.74
N LEU A 107 11.13 14.54 -54.88
CA LEU A 107 11.75 14.86 -56.16
C LEU A 107 11.26 13.90 -57.25
N HIS A 108 10.88 12.69 -56.84
CA HIS A 108 10.34 11.72 -57.78
C HIS A 108 8.89 12.04 -58.23
N GLY A 109 8.27 13.01 -57.54
CA GLY A 109 6.91 13.42 -57.87
C GLY A 109 5.83 13.19 -56.82
N TYR A 110 6.22 12.74 -55.62
CA TYR A 110 5.26 12.41 -54.56
C TYR A 110 5.25 13.31 -53.33
N ALA A 111 4.06 13.71 -52.89
CA ALA A 111 3.95 14.50 -51.66
C ALA A 111 4.14 13.36 -50.65
N THR A 112 5.25 13.38 -49.94
CA THR A 112 5.58 12.31 -49.01
C THR A 112 5.71 12.71 -47.55
N PHE A 113 5.11 11.89 -46.68
CA PHE A 113 5.15 12.09 -45.24
C PHE A 113 5.81 10.87 -44.61
N GLY A 114 6.85 11.09 -43.82
CA GLY A 114 7.51 9.98 -43.15
C GLY A 114 7.06 9.96 -41.70
N MET A 115 6.01 9.17 -41.42
CA MET A 115 5.50 9.13 -40.06
C MET A 115 6.56 8.58 -39.14
N LEU A 116 6.82 9.29 -38.05
CA LEU A 116 7.81 8.83 -37.08
C LEU A 116 7.09 7.97 -36.03
N VAL A 117 7.58 6.76 -35.85
CA VAL A 117 6.99 5.78 -34.94
C VAL A 117 7.29 6.03 -33.47
N ARG A 118 6.22 6.22 -32.71
CA ARG A 118 6.26 6.54 -31.29
C ARG A 118 7.44 6.19 -30.40
N GLY A 119 8.15 7.22 -29.96
CA GLY A 119 9.33 7.05 -29.14
C GLY A 119 10.55 6.51 -29.86
N GLN A 120 10.46 6.16 -31.14
CA GLN A 120 11.64 5.65 -31.84
C GLN A 120 12.31 6.79 -32.60
N GLY A 121 11.88 7.01 -33.84
CA GLY A 121 12.43 8.09 -34.66
C GLY A 121 11.83 9.43 -34.28
N GLY A 122 10.78 9.39 -33.47
CA GLY A 122 10.12 10.61 -33.05
C GLY A 122 8.72 10.32 -32.55
N SER A 123 7.91 11.36 -32.42
CA SER A 123 6.54 11.24 -31.97
C SER A 123 6.38 10.85 -30.51
N GLU A 124 5.34 11.42 -29.90
CA GLU A 124 5.01 11.19 -28.50
C GLU A 124 4.22 9.87 -28.32
N ASP A 125 4.43 9.19 -27.20
CA ASP A 125 3.67 7.96 -26.91
C ASP A 125 3.15 8.18 -25.49
N THR A 126 1.86 8.41 -25.36
CA THR A 126 1.25 8.66 -24.07
C THR A 126 0.89 7.35 -23.35
N SER A 127 0.92 6.22 -24.04
CA SER A 127 0.55 4.97 -23.37
C SER A 127 1.52 4.64 -22.24
N VAL A 128 0.95 4.31 -21.09
CA VAL A 128 1.72 3.96 -19.91
C VAL A 128 2.33 2.56 -20.08
N THR A 129 3.33 2.26 -19.27
CA THR A 129 3.99 0.95 -19.28
C THR A 129 3.40 0.26 -18.08
N PRO A 130 2.49 -0.69 -18.30
CA PRO A 130 1.80 -1.45 -17.25
C PRO A 130 2.69 -2.30 -16.34
N GLY A 131 3.75 -2.86 -16.88
CA GLY A 131 4.61 -3.70 -16.06
C GLY A 131 5.97 -3.92 -16.67
N GLY A 132 6.77 -4.78 -16.05
CA GLY A 132 8.08 -5.03 -16.59
C GLY A 132 8.04 -5.62 -17.98
N HIS A 133 9.08 -5.31 -18.75
CA HIS A 133 9.20 -5.86 -20.09
C HIS A 133 10.68 -5.91 -20.50
N ALA A 134 10.96 -6.64 -21.57
CA ALA A 134 12.32 -6.78 -22.07
C ALA A 134 12.80 -5.48 -22.75
N LEU A 135 14.10 -5.30 -22.82
CA LEU A 135 14.70 -4.11 -23.45
C LEU A 135 14.17 -3.87 -24.85
N GLY A 136 13.53 -2.72 -25.09
CA GLY A 136 12.99 -2.45 -26.41
C GLY A 136 11.50 -2.17 -26.36
N TRP A 137 10.89 -2.00 -27.53
CA TRP A 137 9.46 -1.72 -27.63
C TRP A 137 8.63 -2.95 -27.93
N MET A 138 9.27 -4.00 -28.41
CA MET A 138 8.57 -5.22 -28.77
C MET A 138 7.66 -5.82 -27.70
N THR A 139 7.99 -5.66 -26.41
CA THR A 139 7.15 -6.26 -25.38
C THR A 139 6.46 -5.27 -24.44
N LYS A 140 6.52 -3.98 -24.76
CA LYS A 140 5.87 -2.98 -23.92
C LYS A 140 4.37 -3.25 -23.94
N GLY A 141 3.78 -3.44 -22.77
CA GLY A 141 2.35 -3.67 -22.67
C GLY A 141 1.87 -4.94 -23.35
N ILE A 142 2.75 -5.91 -23.51
CA ILE A 142 2.40 -7.16 -24.18
C ILE A 142 1.34 -8.03 -23.47
N LEU A 143 0.99 -7.73 -22.23
CA LEU A 143 0.01 -8.58 -21.54
C LEU A 143 -1.46 -8.33 -21.83
N SER A 144 -1.76 -7.40 -22.73
CA SER A 144 -3.12 -7.08 -23.12
C SER A 144 -3.14 -6.36 -24.45
N LYS A 145 -4.01 -6.82 -25.34
CA LYS A 145 -4.15 -6.18 -26.65
C LYS A 145 -4.44 -4.68 -26.50
N ASP A 146 -5.09 -4.28 -25.42
CA ASP A 146 -5.43 -2.86 -25.23
C ASP A 146 -4.26 -1.95 -24.91
N THR A 147 -3.24 -2.52 -24.30
CA THR A 147 -2.06 -1.77 -23.86
C THR A 147 -0.81 -1.96 -24.71
N TYR A 148 -0.86 -2.89 -25.65
CA TYR A 148 0.29 -3.21 -26.48
C TYR A 148 0.81 -2.09 -27.38
N TYR A 149 2.11 -1.84 -27.27
CA TYR A 149 2.82 -0.81 -28.04
C TYR A 149 2.31 -0.57 -29.46
N TYR A 150 2.21 -1.63 -30.25
CA TYR A 150 1.78 -1.44 -31.63
C TYR A 150 0.31 -1.05 -31.82
N ARG A 151 -0.47 -1.07 -30.75
CA ARG A 151 -1.88 -0.68 -30.89
C ARG A 151 -1.88 0.78 -31.33
N GLY A 152 -1.25 1.64 -30.55
CA GLY A 152 -1.20 3.04 -30.90
C GLY A 152 -0.49 3.30 -32.22
N VAL A 153 0.59 2.55 -32.48
CA VAL A 153 1.35 2.75 -33.71
C VAL A 153 0.52 2.46 -34.96
N TYR A 154 -0.23 1.35 -34.94
CA TYR A 154 -1.06 0.96 -36.08
C TYR A 154 -2.11 2.04 -36.30
N LEU A 155 -2.66 2.55 -35.21
CA LEU A 155 -3.66 3.59 -35.30
C LEU A 155 -3.05 4.87 -35.85
N ASP A 156 -1.86 5.23 -35.35
CA ASP A 156 -1.18 6.44 -35.87
C ASP A 156 -1.02 6.35 -37.41
N ALA A 157 -0.81 5.14 -37.93
CA ALA A 157 -0.60 4.91 -39.36
C ALA A 157 -1.88 5.23 -40.13
N VAL A 158 -3.00 4.74 -39.60
CA VAL A 158 -4.29 5.00 -40.20
C VAL A 158 -4.55 6.51 -40.13
N ARG A 159 -4.28 7.11 -38.97
CA ARG A 159 -4.53 8.55 -38.82
C ARG A 159 -3.71 9.35 -39.82
N ALA A 160 -2.47 8.93 -40.09
CA ALA A 160 -1.59 9.63 -41.04
C ALA A 160 -2.27 9.69 -42.39
N LEU A 161 -2.94 8.60 -42.75
CA LEU A 161 -3.64 8.51 -44.03
C LEU A 161 -4.82 9.48 -44.07
N GLU A 162 -5.58 9.52 -43.00
CA GLU A 162 -6.73 10.43 -42.92
C GLU A 162 -6.29 11.89 -43.03
N VAL A 163 -5.16 12.22 -42.41
CA VAL A 163 -4.62 13.58 -42.44
C VAL A 163 -4.15 13.95 -43.84
N ILE A 164 -3.34 13.06 -44.43
CA ILE A 164 -2.80 13.31 -45.76
C ILE A 164 -3.85 13.49 -46.84
N GLN A 165 -4.91 12.69 -46.83
CA GLN A 165 -5.89 12.84 -47.89
C GLN A 165 -6.77 14.08 -47.74
N SER A 166 -6.77 14.69 -46.55
CA SER A 166 -7.58 15.89 -46.35
C SER A 166 -6.88 17.12 -46.95
N PHE A 167 -5.60 16.98 -47.32
CA PHE A 167 -4.86 18.09 -47.90
C PHE A 167 -5.38 18.40 -49.29
N PRO A 168 -5.62 19.67 -49.59
CA PRO A 168 -6.13 19.98 -50.94
C PRO A 168 -5.15 19.63 -52.06
N GLU A 169 -3.85 19.78 -51.80
CA GLU A 169 -2.83 19.51 -52.81
C GLU A 169 -2.55 18.03 -53.08
N VAL A 170 -3.21 17.16 -52.31
CA VAL A 170 -3.05 15.72 -52.43
C VAL A 170 -4.23 15.12 -53.18
N ASP A 171 -3.94 14.26 -54.14
CA ASP A 171 -4.96 13.55 -54.91
C ASP A 171 -5.32 12.39 -54.00
N GLU A 172 -6.48 12.45 -53.35
CA GLU A 172 -6.93 11.40 -52.43
C GLU A 172 -6.99 10.01 -53.07
N HIS A 173 -7.17 9.98 -54.38
CA HIS A 173 -7.26 8.75 -55.17
C HIS A 173 -5.90 8.12 -55.53
N ARG A 174 -4.81 8.80 -55.23
CA ARG A 174 -3.48 8.27 -55.55
C ARG A 174 -2.50 8.35 -54.38
N ILE A 175 -2.82 7.63 -53.31
CA ILE A 175 -1.96 7.60 -52.14
C ILE A 175 -1.39 6.19 -51.99
N GLY A 176 -0.11 6.09 -51.67
CA GLY A 176 0.47 4.79 -51.48
C GLY A 176 1.13 4.71 -50.13
N VAL A 177 1.26 3.50 -49.56
CA VAL A 177 1.95 3.34 -48.29
C VAL A 177 3.13 2.40 -48.58
N ILE A 178 4.32 2.76 -48.11
CA ILE A 178 5.52 1.96 -48.34
C ILE A 178 6.37 1.93 -47.08
N GLY A 179 7.24 0.92 -47.01
CA GLY A 179 8.12 0.79 -45.87
C GLY A 179 8.85 -0.55 -45.88
N GLY A 180 9.97 -0.62 -45.17
CA GLY A 180 10.71 -1.86 -45.08
C GLY A 180 10.64 -2.37 -43.64
N SER A 181 10.58 -3.70 -43.49
CA SER A 181 10.54 -4.37 -42.18
C SER A 181 9.43 -3.84 -41.25
N GLN A 182 9.77 -3.15 -40.16
CA GLN A 182 8.71 -2.59 -39.31
C GLN A 182 7.86 -1.69 -40.24
N GLY A 183 8.54 -1.00 -41.15
CA GLY A 183 7.86 -0.11 -42.08
C GLY A 183 6.91 -0.82 -43.03
N GLY A 184 7.27 -2.03 -43.45
CA GLY A 184 6.45 -2.78 -44.37
C GLY A 184 5.23 -3.31 -43.65
N ALA A 185 5.39 -3.63 -42.37
CA ALA A 185 4.30 -4.12 -41.52
C ALA A 185 3.30 -3.01 -41.30
N LEU A 186 3.78 -1.79 -41.09
CA LEU A 186 2.87 -0.67 -40.85
C LEU A 186 2.10 -0.36 -42.12
N ALA A 187 2.77 -0.49 -43.27
CA ALA A 187 2.12 -0.24 -44.55
C ALA A 187 1.00 -1.27 -44.76
N ILE A 188 1.29 -2.55 -44.50
CA ILE A 188 0.28 -3.58 -44.66
C ILE A 188 -0.84 -3.41 -43.61
N ALA A 189 -0.47 -3.12 -42.37
CA ALA A 189 -1.49 -2.91 -41.35
C ALA A 189 -2.43 -1.74 -41.71
N ALA A 190 -1.85 -0.64 -42.16
CA ALA A 190 -2.62 0.56 -42.52
C ALA A 190 -3.59 0.26 -43.64
N ALA A 191 -3.14 -0.54 -44.59
CA ALA A 191 -3.94 -0.94 -45.73
C ALA A 191 -5.07 -1.91 -45.34
N ALA A 192 -4.83 -2.75 -44.33
CA ALA A 192 -5.86 -3.71 -43.87
C ALA A 192 -6.94 -2.99 -43.07
N LEU A 193 -6.53 -1.92 -42.40
CA LEU A 193 -7.45 -1.13 -41.56
C LEU A 193 -8.07 0.09 -42.22
N SER A 194 -7.53 0.50 -43.36
CA SER A 194 -8.04 1.68 -44.05
C SER A 194 -8.12 1.47 -45.57
N ASP A 195 -9.21 1.97 -46.16
CA ASP A 195 -9.39 1.84 -47.60
C ASP A 195 -8.74 3.04 -48.28
N ILE A 196 -8.17 3.94 -47.49
CA ILE A 196 -7.54 5.15 -48.06
C ILE A 196 -6.43 4.86 -49.07
N PRO A 197 -5.42 4.05 -48.68
CA PRO A 197 -4.31 3.74 -49.60
C PRO A 197 -4.77 3.05 -50.89
N LYS A 198 -4.16 3.42 -52.01
CA LYS A 198 -4.45 2.79 -53.32
C LYS A 198 -3.55 1.55 -53.51
N VAL A 199 -2.28 1.70 -53.15
CA VAL A 199 -1.31 0.61 -53.29
C VAL A 199 -0.43 0.48 -52.07
N VAL A 200 0.23 -0.67 -51.96
CA VAL A 200 1.10 -1.02 -50.85
C VAL A 200 2.42 -1.56 -51.40
N VAL A 201 3.55 -1.15 -50.80
CA VAL A 201 4.88 -1.68 -51.16
C VAL A 201 5.53 -2.00 -49.81
N ALA A 202 5.91 -3.26 -49.60
CA ALA A 202 6.49 -3.66 -48.34
C ALA A 202 7.73 -4.50 -48.51
N ASP A 203 8.87 -3.98 -48.07
CA ASP A 203 10.12 -4.71 -48.15
C ASP A 203 10.20 -5.60 -46.92
N TYR A 204 10.37 -6.90 -47.12
CA TYR A 204 10.49 -7.81 -46.00
C TYR A 204 9.80 -7.38 -44.70
N PRO A 205 8.46 -7.41 -44.68
CA PRO A 205 7.70 -7.00 -43.50
C PRO A 205 7.89 -7.80 -42.22
N TYR A 206 7.98 -7.05 -41.13
CA TYR A 206 8.17 -7.53 -39.77
C TYR A 206 6.79 -7.80 -39.15
N LEU A 207 6.73 -8.13 -37.86
CA LEU A 207 5.44 -8.35 -37.16
C LEU A 207 4.57 -9.40 -37.83
N SER A 208 5.21 -10.46 -38.35
CA SER A 208 4.48 -11.52 -39.04
C SER A 208 4.76 -12.94 -38.54
N ASN A 209 3.70 -13.70 -38.27
CA ASN A 209 3.81 -15.09 -37.81
C ASN A 209 4.75 -15.23 -36.61
N PHE A 210 4.41 -14.49 -35.55
CA PHE A 210 5.19 -14.42 -34.31
C PHE A 210 5.60 -15.75 -33.70
N GLU A 211 4.68 -16.72 -33.69
CA GLU A 211 4.99 -18.02 -33.08
C GLU A 211 6.12 -18.77 -33.79
N ARG A 212 6.28 -18.57 -35.08
CA ARG A 212 7.38 -19.23 -35.78
C ARG A 212 8.62 -18.34 -35.64
N ALA A 213 8.39 -17.03 -35.73
CA ALA A 213 9.46 -16.05 -35.68
C ALA A 213 10.38 -16.19 -34.46
N VAL A 214 9.79 -16.43 -33.28
CA VAL A 214 10.60 -16.59 -32.08
C VAL A 214 11.50 -17.83 -32.10
N ASP A 215 11.18 -18.79 -32.96
CA ASP A 215 11.98 -20.02 -33.07
C ASP A 215 12.92 -20.08 -34.26
N VAL A 216 12.81 -19.10 -35.15
CA VAL A 216 13.63 -19.10 -36.36
C VAL A 216 14.55 -17.89 -36.49
N ALA A 217 14.07 -16.72 -36.07
CA ALA A 217 14.92 -15.53 -36.18
C ALA A 217 16.25 -15.73 -35.45
N LEU A 218 17.32 -15.16 -36.00
CA LEU A 218 18.66 -15.31 -35.43
C LEU A 218 19.26 -13.98 -35.01
N GLU A 219 18.52 -12.90 -35.21
CA GLU A 219 18.99 -11.57 -34.82
C GLU A 219 17.81 -10.82 -34.23
N GLN A 220 18.07 -9.71 -33.55
CA GLN A 220 17.01 -8.87 -32.98
C GLN A 220 16.21 -8.31 -34.16
N PRO A 221 15.00 -7.78 -33.91
CA PRO A 221 14.33 -7.64 -32.62
C PRO A 221 13.26 -8.66 -32.23
N TYR A 222 12.93 -9.60 -33.11
CA TYR A 222 11.92 -10.59 -32.72
C TYR A 222 12.37 -11.23 -31.42
N LEU A 223 13.69 -11.38 -31.25
CA LEU A 223 14.21 -12.04 -30.07
C LEU A 223 14.00 -11.30 -28.75
N GLU A 224 13.43 -10.09 -28.81
CA GLU A 224 13.13 -9.37 -27.57
C GLU A 224 12.03 -10.17 -26.88
N ILE A 225 11.21 -10.87 -27.67
CA ILE A 225 10.12 -11.67 -27.13
C ILE A 225 10.71 -12.80 -26.26
N ASN A 226 11.65 -13.54 -26.82
CA ASN A 226 12.33 -14.62 -26.13
C ASN A 226 12.92 -14.06 -24.85
N SER A 227 13.57 -12.89 -24.97
CA SER A 227 14.17 -12.24 -23.80
C SER A 227 13.11 -11.91 -22.74
N TYR A 228 11.91 -11.60 -23.20
CA TYR A 228 10.84 -11.28 -22.25
C TYR A 228 10.39 -12.54 -21.51
N PHE A 229 10.29 -13.66 -22.21
CA PHE A 229 9.88 -14.89 -21.55
C PHE A 229 10.96 -15.40 -20.59
N ARG A 230 12.21 -15.03 -20.83
CA ARG A 230 13.30 -15.43 -19.92
C ARG A 230 13.15 -14.72 -18.57
N ARG A 231 12.81 -13.44 -18.63
CA ARG A 231 12.65 -12.63 -17.43
C ARG A 231 11.28 -12.82 -16.74
N ASN A 232 10.31 -13.42 -17.45
CA ASN A 232 8.97 -13.68 -16.88
C ASN A 232 8.57 -15.09 -17.27
N SER A 233 9.01 -16.04 -16.43
CA SER A 233 8.82 -17.48 -16.65
C SER A 233 7.49 -18.18 -16.36
N ASP A 234 6.46 -17.44 -16.02
CA ASP A 234 5.15 -18.01 -15.75
C ASP A 234 4.52 -18.46 -17.08
N PRO A 235 4.21 -19.77 -17.21
CA PRO A 235 3.61 -20.35 -18.42
C PRO A 235 2.45 -19.52 -18.95
N LYS A 236 1.60 -19.04 -18.03
CA LYS A 236 0.45 -18.22 -18.40
C LYS A 236 0.89 -16.95 -19.11
N VAL A 237 2.09 -16.47 -18.81
CA VAL A 237 2.58 -15.24 -19.44
C VAL A 237 2.90 -15.45 -20.91
N GLU A 238 3.42 -16.63 -21.26
CA GLU A 238 3.75 -16.93 -22.63
C GLU A 238 2.46 -17.07 -23.43
N GLU A 239 1.46 -17.71 -22.82
CA GLU A 239 0.17 -17.92 -23.47
C GLU A 239 -0.47 -16.55 -23.67
N LYS A 240 -0.43 -15.72 -22.64
CA LYS A 240 -1.05 -14.41 -22.78
C LYS A 240 -0.35 -13.51 -23.80
N ALA A 241 0.99 -13.51 -23.80
CA ALA A 241 1.78 -12.69 -24.72
C ALA A 241 1.48 -13.02 -26.18
N PHE A 242 1.43 -14.30 -26.52
CA PHE A 242 1.13 -14.66 -27.89
C PHE A 242 -0.32 -14.32 -28.27
N GLU A 243 -1.23 -14.35 -27.30
CA GLU A 243 -2.63 -14.00 -27.56
C GLU A 243 -2.64 -12.53 -27.95
N THR A 244 -1.96 -11.71 -27.15
CA THR A 244 -1.89 -10.27 -27.45
C THR A 244 -1.32 -10.06 -28.87
N LEU A 245 -0.16 -10.68 -29.10
CA LEU A 245 0.51 -10.54 -30.38
C LEU A 245 -0.37 -10.94 -31.60
N SER A 246 -1.29 -11.90 -31.46
CA SER A 246 -2.12 -12.30 -32.60
C SER A 246 -2.95 -11.16 -33.21
N TYR A 247 -3.40 -10.23 -32.38
CA TYR A 247 -4.21 -9.10 -32.84
C TYR A 247 -3.42 -8.15 -33.75
N PHE A 248 -2.09 -8.30 -33.76
CA PHE A 248 -1.25 -7.39 -34.54
C PHE A 248 -0.41 -8.10 -35.61
N ASP A 249 -0.52 -9.42 -35.64
CA ASP A 249 0.20 -10.32 -36.56
C ASP A 249 -0.31 -10.23 -38.00
N LEU A 250 0.60 -9.90 -38.91
CA LEU A 250 0.23 -9.78 -40.32
C LEU A 250 -0.49 -10.99 -40.94
N ILE A 251 -0.29 -12.20 -40.42
CA ILE A 251 -1.00 -13.33 -41.03
C ILE A 251 -2.50 -13.24 -40.75
N ASN A 252 -2.90 -12.38 -39.82
CA ASN A 252 -4.31 -12.22 -39.46
C ASN A 252 -4.91 -10.97 -40.09
N LEU A 253 -4.07 -9.96 -40.32
CA LEU A 253 -4.51 -8.70 -40.90
C LEU A 253 -4.49 -8.73 -42.44
N ALA A 254 -3.53 -9.45 -43.02
CA ALA A 254 -3.35 -9.51 -44.49
C ALA A 254 -4.59 -9.77 -45.35
N GLY A 255 -5.46 -10.66 -44.88
CA GLY A 255 -6.66 -11.01 -45.62
C GLY A 255 -7.64 -9.86 -45.79
N TRP A 256 -7.35 -8.76 -45.11
CA TRP A 256 -8.19 -7.57 -45.19
C TRP A 256 -7.68 -6.58 -46.24
N VAL A 257 -6.50 -6.84 -46.80
CA VAL A 257 -5.92 -5.96 -47.78
C VAL A 257 -6.58 -6.22 -49.12
N LYS A 258 -7.01 -5.14 -49.76
CA LYS A 258 -7.68 -5.22 -51.06
C LYS A 258 -6.86 -4.49 -52.12
N GLN A 259 -5.82 -3.79 -51.70
CA GLN A 259 -4.97 -3.03 -52.61
C GLN A 259 -3.82 -3.82 -53.26
N PRO A 260 -3.43 -3.46 -54.51
CA PRO A 260 -2.34 -4.14 -55.20
C PRO A 260 -1.15 -3.92 -54.27
N THR A 261 -0.43 -5.00 -54.01
CA THR A 261 0.66 -5.00 -53.06
C THR A 261 1.94 -5.55 -53.70
N LEU A 262 3.06 -4.90 -53.42
CA LEU A 262 4.37 -5.35 -53.93
C LEU A 262 5.22 -5.61 -52.68
N MET A 263 5.81 -6.80 -52.60
CA MET A 263 6.63 -7.20 -51.47
C MET A 263 7.96 -7.76 -51.95
N ALA A 264 8.94 -7.82 -51.05
CA ALA A 264 10.26 -8.35 -51.36
C ALA A 264 10.81 -9.16 -50.18
N ILE A 265 11.66 -10.14 -50.49
CA ILE A 265 12.29 -10.93 -49.44
C ILE A 265 13.65 -11.40 -49.94
N GLY A 266 14.65 -11.32 -49.06
CA GLY A 266 16.00 -11.78 -49.37
C GLY A 266 16.10 -13.12 -48.70
N LEU A 267 16.58 -14.15 -49.41
CA LEU A 267 16.65 -15.47 -48.82
C LEU A 267 17.62 -15.67 -47.66
N ILE A 268 18.56 -14.77 -47.46
CA ILE A 268 19.47 -14.95 -46.32
C ILE A 268 19.21 -13.97 -45.17
N ASP A 269 17.99 -13.46 -45.13
CA ASP A 269 17.56 -12.50 -44.11
C ASP A 269 17.38 -13.17 -42.74
N LYS A 270 18.19 -12.78 -41.75
CA LYS A 270 18.11 -13.36 -40.40
C LYS A 270 17.15 -12.61 -39.43
N ILE A 271 16.82 -11.38 -39.78
CA ILE A 271 15.97 -10.50 -38.98
C ILE A 271 14.50 -10.80 -39.19
N THR A 272 14.03 -10.73 -40.43
CA THR A 272 12.65 -11.08 -40.76
C THR A 272 12.87 -12.32 -41.66
N PRO A 273 12.88 -13.50 -41.05
CA PRO A 273 13.08 -14.75 -41.79
C PRO A 273 12.17 -14.94 -43.01
N PRO A 274 12.70 -15.52 -44.09
CA PRO A 274 11.93 -15.74 -45.32
C PRO A 274 10.56 -16.37 -45.04
N SER A 275 10.53 -17.34 -44.13
CA SER A 275 9.29 -18.05 -43.83
C SER A 275 8.21 -17.13 -43.28
N THR A 276 8.63 -16.17 -42.46
CA THR A 276 7.68 -15.23 -41.86
C THR A 276 7.12 -14.26 -42.87
N VAL A 277 7.93 -13.88 -43.85
CA VAL A 277 7.49 -12.96 -44.87
C VAL A 277 6.60 -13.73 -45.88
N PHE A 278 6.99 -14.94 -46.27
CA PHE A 278 6.13 -15.70 -47.18
C PHE A 278 4.77 -16.01 -46.54
N ALA A 279 4.75 -16.12 -45.21
CA ALA A 279 3.50 -16.40 -44.50
C ALA A 279 2.54 -15.21 -44.66
N ALA A 280 3.06 -14.00 -44.47
CA ALA A 280 2.26 -12.79 -44.60
C ALA A 280 1.80 -12.68 -46.07
N TYR A 281 2.74 -12.88 -46.99
CA TYR A 281 2.44 -12.85 -48.41
C TYR A 281 1.33 -13.83 -48.79
N ASN A 282 1.48 -15.09 -48.35
CA ASN A 282 0.50 -16.13 -48.64
C ASN A 282 -0.90 -15.97 -48.03
N HIS A 283 -1.05 -15.04 -47.10
CA HIS A 283 -2.34 -14.75 -46.48
C HIS A 283 -3.04 -13.57 -47.15
N LEU A 284 -2.36 -12.92 -48.09
CA LEU A 284 -2.97 -11.83 -48.83
C LEU A 284 -3.87 -12.42 -49.93
N GLU A 285 -5.01 -11.79 -50.21
CA GLU A 285 -5.91 -12.26 -51.28
C GLU A 285 -6.20 -10.97 -52.03
N THR A 286 -5.28 -10.60 -52.91
CA THR A 286 -5.42 -9.34 -53.62
C THR A 286 -4.42 -9.35 -54.77
N ASP A 287 -4.41 -8.33 -55.61
CA ASP A 287 -3.47 -8.26 -56.73
C ASP A 287 -2.10 -8.15 -56.06
N LYS A 288 -1.26 -9.18 -56.23
CA LYS A 288 0.02 -9.19 -55.54
C LYS A 288 1.20 -9.82 -56.27
N ASP A 289 2.38 -9.53 -55.74
CA ASP A 289 3.63 -10.07 -56.28
C ASP A 289 4.74 -10.00 -55.24
N LEU A 290 5.48 -11.08 -55.12
CA LEU A 290 6.61 -11.16 -54.20
C LEU A 290 7.92 -11.31 -54.97
N LYS A 291 8.84 -10.35 -54.80
CA LYS A 291 10.13 -10.41 -55.48
C LYS A 291 11.09 -11.15 -54.56
N VAL A 292 11.70 -12.23 -55.04
CA VAL A 292 12.63 -13.00 -54.21
C VAL A 292 14.10 -12.78 -54.59
N TYR A 293 14.92 -12.40 -53.62
CA TYR A 293 16.34 -12.17 -53.87
C TYR A 293 17.23 -13.17 -53.13
N ARG A 294 17.71 -14.18 -53.85
CA ARG A 294 18.55 -15.21 -53.26
C ARG A 294 19.75 -14.72 -52.45
N TYR A 295 20.47 -13.75 -52.98
CA TYR A 295 21.69 -13.32 -52.32
C TYR A 295 21.64 -12.13 -51.37
N PHE A 296 20.44 -11.67 -51.05
CA PHE A 296 20.29 -10.53 -50.14
C PHE A 296 19.61 -10.91 -48.85
N GLY A 297 19.86 -10.09 -47.82
CA GLY A 297 19.30 -10.29 -46.51
C GLY A 297 18.46 -9.06 -46.19
N HIS A 298 18.48 -8.64 -44.92
CA HIS A 298 17.73 -7.47 -44.40
C HIS A 298 18.54 -6.21 -44.69
N GLU A 299 18.40 -5.69 -45.91
CA GLU A 299 19.17 -4.55 -46.35
C GLU A 299 18.53 -3.93 -47.60
N PHE A 300 19.12 -2.84 -48.06
CA PHE A 300 18.64 -2.19 -49.29
C PHE A 300 18.92 -3.16 -50.44
N ILE A 301 17.91 -3.44 -51.26
CA ILE A 301 18.10 -4.35 -52.39
C ILE A 301 17.92 -3.51 -53.65
N PRO A 302 19.04 -3.19 -54.33
CA PRO A 302 19.01 -2.37 -55.55
C PRO A 302 17.97 -2.74 -56.61
N ALA A 303 17.92 -4.02 -56.97
CA ALA A 303 16.98 -4.48 -57.99
C ALA A 303 15.53 -4.27 -57.56
N PHE A 304 15.26 -4.30 -56.27
CA PHE A 304 13.88 -4.09 -55.84
C PHE A 304 13.51 -2.61 -55.87
N GLN A 305 14.50 -1.73 -55.76
CA GLN A 305 14.22 -0.30 -55.81
C GLN A 305 13.65 0.05 -57.18
N THR A 306 14.20 -0.56 -58.22
CA THR A 306 13.70 -0.33 -59.60
C THR A 306 12.27 -0.87 -59.73
N GLU A 307 12.03 -2.05 -59.17
CA GLU A 307 10.70 -2.68 -59.21
C GLU A 307 9.70 -1.77 -58.52
N LYS A 308 10.11 -1.30 -57.35
CA LYS A 308 9.33 -0.39 -56.50
C LYS A 308 8.94 0.92 -57.22
N LEU A 309 9.93 1.56 -57.84
CA LEU A 309 9.68 2.81 -58.54
C LEU A 309 8.75 2.63 -59.74
N SER A 310 8.97 1.53 -60.47
CA SER A 310 8.18 1.22 -61.64
C SER A 310 6.75 0.97 -61.20
N PHE A 311 6.59 0.34 -60.03
CA PHE A 311 5.27 0.02 -59.46
C PHE A 311 4.52 1.26 -58.98
N LEU A 312 5.22 2.17 -58.30
CA LEU A 312 4.55 3.35 -57.81
C LEU A 312 4.24 4.28 -58.96
N GLN A 313 5.14 4.30 -59.95
CA GLN A 313 4.92 5.16 -61.09
C GLN A 313 3.68 4.71 -61.85
N LYS A 314 3.60 3.39 -62.07
CA LYS A 314 2.46 2.76 -62.76
C LYS A 314 1.11 3.07 -62.11
N HIS A 315 1.00 2.82 -60.81
CA HIS A 315 -0.27 3.03 -60.12
C HIS A 315 -0.54 4.45 -59.59
N LEU A 316 0.51 5.24 -59.35
CA LEU A 316 0.31 6.58 -58.80
C LEU A 316 0.75 7.80 -59.57
N LEU A 317 2.04 7.84 -59.89
CA LEU A 317 2.61 8.99 -60.58
C LEU A 317 1.98 9.17 -61.95
N LEU A 318 1.96 8.09 -62.72
CA LEU A 318 1.41 8.11 -64.06
C LEU A 318 -0.03 7.61 -64.07
N GLN B 2 19.89 -20.02 -31.15
CA GLN B 2 18.46 -20.36 -31.40
C GLN B 2 18.32 -21.87 -31.24
N LEU B 3 17.14 -22.41 -31.51
CA LEU B 3 16.92 -23.87 -31.41
C LEU B 3 17.92 -24.55 -32.33
N PHE B 4 18.47 -25.69 -31.93
CA PHE B 4 19.46 -26.38 -32.79
C PHE B 4 19.51 -27.91 -32.72
N ASP B 5 19.04 -28.50 -31.63
CA ASP B 5 19.11 -29.96 -31.48
C ASP B 5 17.84 -30.64 -32.05
N LEU B 6 17.62 -31.88 -31.66
CA LEU B 6 16.45 -32.64 -32.12
C LEU B 6 15.20 -31.93 -31.64
N SER B 7 14.08 -32.16 -32.32
CA SER B 7 12.82 -31.53 -31.93
C SER B 7 12.37 -32.15 -30.61
N LEU B 8 11.60 -31.37 -29.86
CA LEU B 8 11.11 -31.81 -28.57
C LEU B 8 10.52 -33.23 -28.64
N GLU B 9 9.67 -33.48 -29.63
CA GLU B 9 9.08 -34.81 -29.75
C GLU B 9 10.11 -35.93 -29.95
N GLU B 10 11.21 -35.59 -30.63
CA GLU B 10 12.30 -36.54 -30.86
C GLU B 10 13.10 -36.73 -29.55
N LEU B 11 13.31 -35.63 -28.82
CA LEU B 11 14.06 -35.65 -27.55
C LEU B 11 13.39 -36.53 -26.50
N LYS B 12 12.07 -36.42 -26.40
CA LYS B 12 11.31 -37.20 -25.43
C LYS B 12 11.50 -38.70 -25.63
N LYS B 13 11.73 -39.12 -26.87
CA LYS B 13 11.90 -40.54 -27.15
C LYS B 13 13.36 -40.97 -27.33
N TYR B 14 14.28 -40.02 -27.22
CA TYR B 14 15.68 -40.35 -27.43
C TYR B 14 16.27 -41.18 -26.31
N LYS B 15 16.59 -42.41 -26.65
CA LYS B 15 17.16 -43.33 -25.68
C LYS B 15 18.19 -44.19 -26.39
N PRO B 16 19.41 -43.65 -26.63
CA PRO B 16 20.46 -44.42 -27.32
C PRO B 16 20.82 -45.73 -26.60
N LYS B 17 21.25 -46.71 -27.37
CA LYS B 17 21.64 -47.99 -26.81
C LYS B 17 22.82 -47.82 -25.87
N LYS B 18 22.78 -48.51 -24.75
CA LYS B 18 23.87 -48.45 -23.79
C LYS B 18 25.17 -48.90 -24.47
N THR B 19 26.28 -48.30 -24.02
CA THR B 19 27.60 -48.60 -24.56
C THR B 19 28.42 -49.39 -23.55
N ALA B 20 27.83 -49.67 -22.39
CA ALA B 20 28.54 -50.39 -21.34
C ALA B 20 29.09 -51.74 -21.79
N ARG B 21 30.32 -52.02 -21.38
CA ARG B 21 31.00 -53.27 -21.72
C ARG B 21 30.54 -54.36 -20.75
N PRO B 22 30.87 -55.64 -21.02
CA PRO B 22 30.45 -56.74 -20.14
C PRO B 22 31.05 -56.65 -18.74
N ASP B 23 32.24 -56.08 -18.61
CA ASP B 23 32.85 -55.96 -17.30
C ASP B 23 32.50 -54.63 -16.60
N PHE B 24 31.43 -53.97 -17.04
CA PHE B 24 31.02 -52.70 -16.44
C PHE B 24 30.69 -52.80 -14.93
N SER B 25 29.86 -53.78 -14.55
CA SER B 25 29.51 -53.91 -13.14
C SER B 25 30.74 -54.29 -12.33
N ASP B 26 31.55 -55.19 -12.87
CA ASP B 26 32.77 -55.64 -12.19
C ASP B 26 33.72 -54.47 -11.96
N PHE B 27 33.93 -53.63 -13.00
CA PHE B 27 34.81 -52.46 -12.89
C PHE B 27 34.42 -51.60 -11.69
N TRP B 28 33.15 -51.21 -11.60
CA TRP B 28 32.80 -50.39 -10.43
C TRP B 28 32.95 -51.17 -9.13
N LYS B 29 32.66 -52.47 -9.15
CA LYS B 29 32.81 -53.27 -7.94
C LYS B 29 34.26 -53.18 -7.50
N LYS B 30 35.17 -53.41 -8.45
CA LYS B 30 36.60 -53.34 -8.15
C LYS B 30 37.00 -51.95 -7.67
N SER B 31 36.56 -50.93 -8.38
CA SER B 31 36.88 -49.55 -8.04
C SER B 31 36.43 -49.19 -6.64
N LEU B 32 35.23 -49.62 -6.24
CA LEU B 32 34.74 -49.31 -4.91
C LEU B 32 35.54 -50.06 -3.85
N GLU B 33 36.08 -51.22 -4.20
CA GLU B 33 36.90 -51.98 -3.25
C GLU B 33 38.24 -51.24 -3.03
N GLU B 34 38.76 -50.63 -4.07
CA GLU B 34 40.02 -49.89 -3.96
C GLU B 34 39.77 -48.70 -3.05
N LEU B 35 38.58 -48.13 -3.14
CA LEU B 35 38.24 -47.00 -2.31
C LEU B 35 38.14 -47.45 -0.84
N ARG B 36 37.41 -48.54 -0.62
CA ARG B 36 37.22 -49.05 0.74
C ARG B 36 38.54 -49.30 1.47
N GLN B 37 39.60 -49.57 0.71
CA GLN B 37 40.91 -49.84 1.29
C GLN B 37 41.61 -48.59 1.86
N VAL B 38 41.10 -47.43 1.49
CA VAL B 38 41.63 -46.17 1.98
C VAL B 38 40.78 -45.70 3.16
N GLU B 39 41.39 -45.54 4.32
CA GLU B 39 40.63 -45.06 5.48
C GLU B 39 40.36 -43.57 5.27
N ALA B 40 39.12 -43.14 5.54
CA ALA B 40 38.72 -41.75 5.34
C ALA B 40 39.54 -40.74 6.15
N GLU B 41 39.71 -41.02 7.44
CA GLU B 41 40.49 -40.12 8.32
C GLU B 41 40.10 -38.68 8.06
N PRO B 42 38.81 -38.34 8.23
CA PRO B 42 38.44 -36.95 7.96
C PRO B 42 38.86 -35.97 9.04
N THR B 43 39.10 -34.73 8.63
CA THR B 43 39.47 -33.67 9.57
C THR B 43 38.51 -32.50 9.36
N LEU B 44 38.19 -31.84 10.46
CA LEU B 44 37.29 -30.71 10.39
C LEU B 44 37.96 -29.53 11.12
N GLU B 45 37.88 -28.34 10.53
CA GLU B 45 38.46 -27.16 11.12
C GLU B 45 37.54 -25.96 10.91
N SER B 46 37.29 -25.22 11.98
CA SER B 46 36.40 -24.07 11.89
C SER B 46 36.89 -23.06 10.87
N TYR B 47 35.95 -22.46 10.15
CA TYR B 47 36.25 -21.45 9.14
C TYR B 47 35.29 -20.26 9.36
N ASP B 48 35.82 -19.10 9.74
CA ASP B 48 34.96 -17.94 9.97
C ASP B 48 34.34 -17.41 8.70
N TYR B 49 33.07 -17.04 8.79
CA TYR B 49 32.32 -16.47 7.65
C TYR B 49 31.29 -15.54 8.29
N PRO B 50 31.04 -14.37 7.67
CA PRO B 50 30.09 -13.36 8.15
C PRO B 50 28.63 -13.70 8.03
N VAL B 51 28.16 -14.66 8.81
CA VAL B 51 26.75 -15.03 8.78
C VAL B 51 26.32 -15.52 10.16
N LYS B 52 25.07 -15.27 10.52
CA LYS B 52 24.51 -15.69 11.79
C LYS B 52 23.59 -16.90 11.59
N GLY B 53 23.64 -17.86 12.50
CA GLY B 53 22.78 -19.03 12.40
C GLY B 53 23.38 -20.20 11.64
N VAL B 54 24.64 -20.06 11.24
CA VAL B 54 25.32 -21.10 10.51
C VAL B 54 26.77 -21.15 10.92
N LYS B 55 27.29 -22.38 11.03
CA LYS B 55 28.68 -22.65 11.41
C LYS B 55 29.41 -23.25 10.20
N VAL B 56 30.54 -22.66 9.81
CA VAL B 56 31.29 -23.17 8.65
C VAL B 56 32.56 -23.92 8.99
N TYR B 57 32.88 -24.94 8.17
CA TYR B 57 34.08 -25.73 8.37
C TYR B 57 34.74 -26.07 7.06
N ARG B 58 36.04 -26.37 7.14
CA ARG B 58 36.80 -26.83 5.98
C ARG B 58 36.95 -28.30 6.31
N LEU B 59 36.39 -29.16 5.46
CA LEU B 59 36.45 -30.59 5.68
C LEU B 59 37.39 -31.22 4.68
N THR B 60 38.15 -32.22 5.12
CA THR B 60 39.05 -32.94 4.22
C THR B 60 38.91 -34.42 4.54
N TYR B 61 39.23 -35.27 3.57
CA TYR B 61 39.21 -36.71 3.78
C TYR B 61 40.02 -37.38 2.71
N GLN B 62 40.47 -38.61 3.01
CA GLN B 62 41.27 -39.40 2.10
C GLN B 62 40.37 -40.24 1.23
N SER B 63 40.72 -40.33 -0.04
CA SER B 63 39.93 -41.07 -0.99
C SER B 63 40.83 -41.86 -1.96
N PHE B 64 40.24 -42.44 -2.99
CA PHE B 64 40.96 -43.24 -3.97
C PHE B 64 42.35 -42.68 -4.29
N GLY B 65 43.36 -43.55 -4.23
CA GLY B 65 44.73 -43.15 -4.52
C GLY B 65 45.34 -42.35 -3.38
N HIS B 66 44.71 -42.43 -2.20
CA HIS B 66 45.17 -41.69 -1.03
C HIS B 66 45.22 -40.18 -1.33
N SER B 67 44.25 -39.72 -2.12
CA SER B 67 44.11 -38.32 -2.48
C SER B 67 43.37 -37.60 -1.36
N LYS B 68 43.84 -36.41 -1.01
CA LYS B 68 43.16 -35.67 0.06
C LYS B 68 42.14 -34.73 -0.58
N ILE B 69 40.87 -35.04 -0.37
CA ILE B 69 39.77 -34.29 -0.95
C ILE B 69 39.30 -33.23 0.04
N GLU B 70 38.84 -32.09 -0.47
CA GLU B 70 38.40 -30.99 0.41
C GLU B 70 37.15 -30.24 -0.04
N GLY B 71 36.64 -29.40 0.86
CA GLY B 71 35.48 -28.58 0.57
C GLY B 71 34.94 -27.92 1.82
N PHE B 72 34.09 -26.92 1.61
CA PHE B 72 33.49 -26.23 2.72
C PHE B 72 32.24 -27.00 3.14
N TYR B 73 32.03 -27.02 4.45
CA TYR B 73 30.90 -27.71 5.08
C TYR B 73 30.30 -26.70 6.02
N ALA B 74 29.03 -26.40 5.80
CA ALA B 74 28.30 -25.41 6.59
C ALA B 74 27.10 -26.09 7.23
N VAL B 75 26.92 -25.82 8.51
CA VAL B 75 25.87 -26.41 9.31
C VAL B 75 24.94 -25.41 9.97
N PRO B 76 23.63 -25.66 9.91
CA PRO B 76 22.67 -24.76 10.54
C PRO B 76 23.11 -24.68 12.00
N ASP B 77 23.06 -23.49 12.59
CA ASP B 77 23.50 -23.35 13.98
C ASP B 77 22.31 -23.58 14.89
N GLN B 78 21.95 -24.85 15.05
CA GLN B 78 20.85 -25.23 15.92
C GLN B 78 20.72 -26.73 16.10
N THR B 79 19.80 -27.13 16.96
CA THR B 79 19.58 -28.53 17.27
C THR B 79 19.25 -29.41 16.08
N GLY B 80 20.11 -30.38 15.86
CA GLY B 80 19.91 -31.31 14.79
C GLY B 80 19.14 -32.50 15.31
N PRO B 81 19.20 -33.64 14.60
CA PRO B 81 19.95 -33.80 13.36
C PRO B 81 19.38 -32.97 12.23
N HIS B 82 20.18 -32.73 11.18
CA HIS B 82 19.71 -31.95 10.06
C HIS B 82 19.78 -32.73 8.77
N PRO B 83 18.91 -32.38 7.81
CA PRO B 83 18.95 -33.08 6.52
C PRO B 83 20.25 -32.52 5.96
N ALA B 84 20.85 -33.20 4.98
CA ALA B 84 22.11 -32.73 4.42
C ALA B 84 22.13 -32.80 2.91
N LEU B 85 23.11 -32.11 2.32
CA LEU B 85 23.26 -32.08 0.87
C LEU B 85 24.74 -32.14 0.52
N VAL B 86 25.08 -32.89 -0.52
CA VAL B 86 26.46 -32.90 -1.00
C VAL B 86 26.33 -32.19 -2.34
N ARG B 87 26.92 -31.01 -2.42
CA ARG B 87 26.82 -30.20 -3.64
C ARG B 87 28.06 -30.33 -4.54
N PHE B 88 27.85 -30.60 -5.82
CA PHE B 88 28.97 -30.75 -6.74
C PHE B 88 29.03 -29.61 -7.76
N HIS B 89 30.20 -29.00 -7.88
CA HIS B 89 30.39 -27.85 -8.77
C HIS B 89 30.67 -28.18 -10.22
N GLY B 90 30.48 -27.20 -11.10
CA GLY B 90 30.71 -27.40 -12.53
C GLY B 90 32.16 -27.48 -12.96
N TYR B 91 32.37 -27.90 -14.21
CA TYR B 91 33.71 -28.05 -14.77
C TYR B 91 34.45 -26.72 -14.78
N ASN B 92 35.56 -26.64 -14.05
CA ASN B 92 36.39 -25.43 -14.00
C ASN B 92 35.56 -24.22 -13.60
N ALA B 93 34.48 -24.43 -12.84
CA ALA B 93 33.59 -23.31 -12.48
C ALA B 93 33.50 -23.03 -11.00
N SER B 94 34.50 -23.43 -10.23
CA SER B 94 34.48 -23.23 -8.80
C SER B 94 35.33 -22.05 -8.41
N TYR B 95 34.70 -21.05 -7.80
CA TYR B 95 35.39 -19.84 -7.36
C TYR B 95 35.39 -19.77 -5.83
N ASP B 96 36.56 -19.84 -5.22
CA ASP B 96 36.64 -19.76 -3.74
C ASP B 96 35.78 -20.84 -3.09
N GLY B 97 35.81 -22.04 -3.68
CA GLY B 97 35.06 -23.16 -3.18
C GLY B 97 33.55 -23.01 -3.11
N GLY B 98 32.98 -22.01 -3.80
CA GLY B 98 31.53 -21.84 -3.75
C GLY B 98 31.03 -21.64 -2.32
N ILE B 99 31.88 -21.03 -1.50
CA ILE B 99 31.53 -20.84 -0.10
C ILE B 99 30.22 -20.09 0.12
N HIS B 100 29.98 -19.01 -0.62
CA HIS B 100 28.76 -18.26 -0.45
C HIS B 100 27.50 -19.11 -0.71
N ASP B 101 27.54 -19.99 -1.71
CA ASP B 101 26.35 -20.82 -1.99
C ASP B 101 26.20 -21.98 -1.00
N ILE B 102 27.31 -22.48 -0.47
CA ILE B 102 27.25 -23.55 0.52
C ILE B 102 26.58 -22.95 1.77
N VAL B 103 27.02 -21.77 2.17
CA VAL B 103 26.43 -21.12 3.34
C VAL B 103 24.92 -20.90 3.16
N ASN B 104 24.52 -20.47 1.96
CA ASN B 104 23.10 -20.25 1.72
C ASN B 104 22.30 -21.55 1.81
N TRP B 105 22.91 -22.68 1.45
CA TRP B 105 22.14 -23.93 1.56
C TRP B 105 21.94 -24.26 3.03
N ALA B 106 22.91 -23.91 3.86
CA ALA B 106 22.80 -24.15 5.30
C ALA B 106 21.70 -23.24 5.88
N LEU B 107 21.58 -22.03 5.35
CA LEU B 107 20.56 -21.10 5.81
C LEU B 107 19.17 -21.63 5.46
N HIS B 108 19.07 -22.42 4.41
CA HIS B 108 17.83 -23.02 3.99
C HIS B 108 17.49 -24.25 4.86
N GLY B 109 18.41 -24.61 5.76
CA GLY B 109 18.20 -25.72 6.70
C GLY B 109 19.00 -26.99 6.46
N TYR B 110 19.92 -26.98 5.50
CA TYR B 110 20.68 -28.18 5.15
C TYR B 110 22.17 -28.18 5.50
N ALA B 111 22.64 -29.25 6.15
CA ALA B 111 24.09 -29.36 6.47
C ALA B 111 24.66 -29.64 5.07
N THR B 112 25.43 -28.69 4.55
CA THR B 112 25.94 -28.77 3.19
C THR B 112 27.46 -28.86 3.00
N PHE B 113 27.89 -29.80 2.16
CA PHE B 113 29.29 -29.98 1.86
C PHE B 113 29.49 -29.83 0.33
N GLY B 114 30.38 -28.91 -0.06
CA GLY B 114 30.64 -28.70 -1.46
C GLY B 114 31.96 -29.35 -1.81
N MET B 115 31.88 -30.60 -2.28
CA MET B 115 33.10 -31.30 -2.62
C MET B 115 33.82 -30.59 -3.77
N LEU B 116 35.10 -30.33 -3.56
CA LEU B 116 35.89 -29.71 -4.60
C LEU B 116 36.44 -30.85 -5.46
N VAL B 117 36.24 -30.73 -6.77
CA VAL B 117 36.67 -31.75 -7.72
C VAL B 117 38.17 -31.68 -8.02
N ARG B 118 38.83 -32.84 -7.92
CA ARG B 118 40.27 -33.00 -8.13
C ARG B 118 40.99 -32.03 -9.05
N GLY B 119 41.78 -31.14 -8.48
CA GLY B 119 42.53 -30.20 -9.29
C GLY B 119 41.78 -29.01 -9.83
N GLN B 120 40.46 -29.01 -9.70
CA GLN B 120 39.66 -27.88 -10.20
C GLN B 120 39.44 -26.83 -9.11
N GLY B 121 38.39 -27.01 -8.32
CA GLY B 121 38.10 -26.08 -7.26
C GLY B 121 39.05 -26.26 -6.08
N GLY B 122 39.72 -27.40 -6.06
CA GLY B 122 40.65 -27.72 -4.98
C GLY B 122 40.84 -29.22 -4.97
N SER B 123 41.27 -29.76 -3.83
CA SER B 123 41.48 -31.20 -3.70
C SER B 123 42.67 -31.70 -4.49
N GLU B 124 43.37 -32.64 -3.87
CA GLU B 124 44.57 -33.24 -4.44
C GLU B 124 44.19 -34.35 -5.42
N ASP B 125 44.98 -34.49 -6.49
CA ASP B 125 44.77 -35.57 -7.46
C ASP B 125 46.12 -36.28 -7.55
N THR B 126 46.20 -37.47 -6.95
CA THR B 126 47.44 -38.24 -6.94
C THR B 126 47.64 -39.12 -8.17
N SER B 127 46.63 -39.20 -9.03
CA SER B 127 46.74 -40.04 -10.20
C SER B 127 47.71 -39.42 -11.22
N VAL B 128 48.59 -40.27 -11.74
CA VAL B 128 49.62 -39.87 -12.70
C VAL B 128 49.00 -39.59 -14.05
N THR B 129 49.68 -38.79 -14.86
CA THR B 129 49.21 -38.53 -16.21
C THR B 129 50.03 -39.56 -17.01
N PRO B 130 49.37 -40.60 -17.57
CA PRO B 130 50.05 -41.65 -18.34
C PRO B 130 50.69 -41.24 -19.67
N GLY B 131 50.09 -40.27 -20.33
CA GLY B 131 50.61 -39.82 -21.61
C GLY B 131 50.00 -38.50 -22.04
N GLY B 132 50.19 -38.14 -23.31
CA GLY B 132 49.62 -36.88 -23.72
C GLY B 132 48.10 -36.85 -23.78
N HIS B 133 47.53 -35.66 -23.63
CA HIS B 133 46.10 -35.48 -23.75
C HIS B 133 45.83 -34.03 -24.15
N ALA B 134 44.60 -33.74 -24.50
CA ALA B 134 44.25 -32.39 -24.90
C ALA B 134 44.08 -31.51 -23.66
N LEU B 135 44.38 -30.22 -23.83
CA LEU B 135 44.26 -29.25 -22.75
C LEU B 135 42.96 -29.48 -22.00
N GLY B 136 43.07 -29.60 -20.68
CA GLY B 136 41.93 -29.84 -19.82
C GLY B 136 41.94 -31.18 -19.10
N TRP B 137 40.85 -31.47 -18.41
CA TRP B 137 40.72 -32.73 -17.66
C TRP B 137 39.98 -33.85 -18.40
N MET B 138 39.19 -33.53 -19.41
CA MET B 138 38.36 -34.52 -20.13
C MET B 138 39.07 -35.73 -20.70
N THR B 139 40.31 -35.56 -21.11
CA THR B 139 41.03 -36.68 -21.70
C THR B 139 42.23 -37.17 -20.89
N LYS B 140 42.38 -36.69 -19.66
CA LYS B 140 43.52 -37.11 -18.86
C LYS B 140 43.37 -38.58 -18.53
N GLY B 141 44.33 -39.38 -18.99
CA GLY B 141 44.31 -40.81 -18.74
C GLY B 141 43.20 -41.53 -19.46
N ILE B 142 42.71 -40.95 -20.54
CA ILE B 142 41.62 -41.51 -21.29
C ILE B 142 41.85 -42.87 -21.99
N LEU B 143 43.09 -43.34 -22.05
CA LEU B 143 43.33 -44.61 -22.70
C LEU B 143 43.09 -45.86 -21.82
N SER B 144 42.62 -45.67 -20.60
CA SER B 144 42.29 -46.79 -19.72
C SER B 144 41.28 -46.42 -18.66
N LYS B 145 40.24 -47.25 -18.55
CA LYS B 145 39.23 -47.03 -17.55
C LYS B 145 39.91 -46.90 -16.19
N ASP B 146 41.01 -47.62 -15.99
CA ASP B 146 41.70 -47.57 -14.70
C ASP B 146 42.43 -46.27 -14.34
N THR B 147 42.89 -45.55 -15.35
CA THR B 147 43.64 -44.31 -15.12
C THR B 147 42.87 -43.07 -15.45
N TYR B 148 41.64 -43.22 -15.93
CA TYR B 148 40.83 -42.06 -16.34
C TYR B 148 40.45 -41.07 -15.22
N TYR B 149 40.52 -39.79 -15.55
CA TYR B 149 40.25 -38.73 -14.59
C TYR B 149 39.02 -38.91 -13.71
N TYR B 150 37.89 -39.22 -14.34
CA TYR B 150 36.65 -39.35 -13.59
C TYR B 150 36.47 -40.56 -12.66
N ARG B 151 37.37 -41.53 -12.74
CA ARG B 151 37.29 -42.71 -11.85
C ARG B 151 37.51 -42.18 -10.44
N GLY B 152 38.65 -41.52 -10.25
CA GLY B 152 38.97 -40.96 -8.95
C GLY B 152 37.92 -39.99 -8.48
N VAL B 153 37.43 -39.14 -9.38
CA VAL B 153 36.38 -38.15 -9.04
C VAL B 153 35.08 -38.79 -8.57
N TYR B 154 34.58 -39.77 -9.32
CA TYR B 154 33.33 -40.43 -8.93
C TYR B 154 33.45 -41.09 -7.56
N LEU B 155 34.60 -41.74 -7.32
CA LEU B 155 34.85 -42.40 -6.06
C LEU B 155 34.88 -41.39 -4.91
N ASP B 156 35.51 -40.23 -5.15
CA ASP B 156 35.58 -39.16 -4.17
C ASP B 156 34.17 -38.74 -3.78
N ALA B 157 33.26 -38.68 -4.76
CA ALA B 157 31.90 -38.28 -4.49
C ALA B 157 31.22 -39.36 -3.66
N VAL B 158 31.53 -40.64 -3.92
CA VAL B 158 30.94 -41.71 -3.12
C VAL B 158 31.45 -41.57 -1.68
N ARG B 159 32.75 -41.34 -1.57
CA ARG B 159 33.38 -41.18 -0.28
C ARG B 159 32.80 -39.95 0.46
N ALA B 160 32.48 -38.86 -0.24
CA ALA B 160 31.90 -37.70 0.45
C ALA B 160 30.64 -38.08 1.21
N LEU B 161 29.81 -38.91 0.59
CA LEU B 161 28.56 -39.38 1.21
C LEU B 161 28.79 -40.21 2.46
N GLU B 162 29.80 -41.09 2.44
CA GLU B 162 30.10 -41.92 3.62
C GLU B 162 30.60 -41.04 4.79
N VAL B 163 31.35 -39.98 4.47
CA VAL B 163 31.84 -39.08 5.51
C VAL B 163 30.70 -38.24 6.10
N ILE B 164 29.89 -37.63 5.24
CA ILE B 164 28.77 -36.79 5.71
C ILE B 164 27.80 -37.65 6.52
N GLN B 165 27.55 -38.83 6.00
CA GLN B 165 26.64 -39.76 6.64
C GLN B 165 27.04 -40.03 8.10
N SER B 166 28.33 -40.07 8.37
CA SER B 166 28.81 -40.37 9.73
C SER B 166 28.71 -39.26 10.76
N PHE B 167 28.40 -38.04 10.32
CA PHE B 167 28.33 -36.90 11.23
C PHE B 167 27.17 -37.00 12.19
N PRO B 168 27.44 -36.81 13.48
CA PRO B 168 26.33 -36.92 14.42
C PRO B 168 25.20 -35.93 14.17
N GLU B 169 25.51 -34.75 13.64
CA GLU B 169 24.48 -33.75 13.38
C GLU B 169 23.76 -33.94 12.04
N VAL B 170 24.10 -35.01 11.32
CA VAL B 170 23.46 -35.31 10.04
C VAL B 170 22.46 -36.48 10.13
N ASP B 171 21.29 -36.32 9.53
CA ASP B 171 20.31 -37.39 9.55
C ASP B 171 20.68 -38.21 8.32
N GLU B 172 21.37 -39.32 8.52
CA GLU B 172 21.80 -40.13 7.39
C GLU B 172 20.67 -40.60 6.46
N HIS B 173 19.42 -40.45 6.88
CA HIS B 173 18.29 -40.87 6.05
C HIS B 173 17.65 -39.76 5.22
N ARG B 174 18.17 -38.54 5.35
CA ARG B 174 17.65 -37.39 4.62
C ARG B 174 18.85 -36.64 4.02
N ILE B 175 19.56 -37.32 3.12
CA ILE B 175 20.72 -36.74 2.47
C ILE B 175 20.44 -36.63 0.97
N GLY B 176 20.75 -35.47 0.39
CA GLY B 176 20.54 -35.29 -1.03
C GLY B 176 21.85 -34.95 -1.72
N VAL B 177 21.93 -35.27 -3.01
CA VAL B 177 23.10 -34.94 -3.83
C VAL B 177 22.57 -34.08 -4.96
N ILE B 178 23.26 -32.97 -5.20
CA ILE B 178 22.82 -32.02 -6.20
C ILE B 178 24.02 -31.43 -6.92
N GLY B 179 23.75 -30.87 -8.10
CA GLY B 179 24.80 -30.25 -8.89
C GLY B 179 24.31 -29.96 -10.29
N GLY B 180 25.01 -29.07 -10.97
CA GLY B 180 24.64 -28.76 -12.34
C GLY B 180 25.77 -29.10 -13.29
N SER B 181 25.42 -29.64 -14.45
CA SER B 181 26.41 -30.02 -15.46
C SER B 181 27.37 -31.08 -14.92
N GLN B 182 28.67 -30.78 -14.85
CA GLN B 182 29.59 -31.77 -14.28
C GLN B 182 29.05 -32.15 -12.91
N GLY B 183 28.60 -31.16 -12.14
CA GLY B 183 28.05 -31.43 -10.82
C GLY B 183 26.81 -32.31 -10.83
N GLY B 184 25.97 -32.13 -11.84
CA GLY B 184 24.77 -32.94 -11.97
C GLY B 184 25.16 -34.38 -12.29
N ALA B 185 26.20 -34.54 -13.09
CA ALA B 185 26.66 -35.89 -13.45
C ALA B 185 27.20 -36.57 -12.19
N LEU B 186 27.93 -35.83 -11.36
CA LEU B 186 28.45 -36.43 -10.14
C LEU B 186 27.30 -36.85 -9.22
N ALA B 187 26.24 -36.05 -9.16
CA ALA B 187 25.11 -36.39 -8.30
C ALA B 187 24.50 -37.73 -8.74
N ILE B 188 24.23 -37.86 -10.03
CA ILE B 188 23.64 -39.09 -10.58
C ILE B 188 24.55 -40.30 -10.41
N ALA B 189 25.84 -40.12 -10.69
CA ALA B 189 26.82 -41.20 -10.53
C ALA B 189 26.96 -41.61 -9.06
N ALA B 190 26.90 -40.64 -8.14
CA ALA B 190 27.02 -40.98 -6.73
C ALA B 190 25.80 -41.83 -6.31
N ALA B 191 24.62 -41.41 -6.75
CA ALA B 191 23.39 -42.09 -6.41
C ALA B 191 23.32 -43.46 -7.12
N ALA B 192 24.04 -43.60 -8.23
CA ALA B 192 24.07 -44.88 -8.94
C ALA B 192 25.01 -45.86 -8.25
N LEU B 193 26.05 -45.31 -7.62
CA LEU B 193 27.06 -46.12 -6.95
C LEU B 193 26.88 -46.30 -5.45
N SER B 194 25.95 -45.53 -4.88
CA SER B 194 25.71 -45.57 -3.44
C SER B 194 24.24 -45.45 -3.06
N ASP B 195 23.81 -46.22 -2.06
CA ASP B 195 22.43 -46.12 -1.64
C ASP B 195 22.26 -45.07 -0.53
N ILE B 196 23.33 -44.35 -0.20
CA ILE B 196 23.25 -43.32 0.84
C ILE B 196 22.32 -42.15 0.53
N PRO B 197 22.40 -41.58 -0.70
CA PRO B 197 21.50 -40.46 -1.01
C PRO B 197 20.01 -40.86 -1.03
N LYS B 198 19.15 -39.96 -0.59
CA LYS B 198 17.72 -40.25 -0.58
C LYS B 198 17.09 -39.71 -1.86
N VAL B 199 17.62 -38.59 -2.36
CA VAL B 199 17.09 -37.95 -3.57
C VAL B 199 18.22 -37.28 -4.34
N VAL B 200 17.97 -37.02 -5.63
CA VAL B 200 18.98 -36.41 -6.48
C VAL B 200 18.38 -35.27 -7.30
N VAL B 201 19.14 -34.17 -7.46
CA VAL B 201 18.70 -33.06 -8.32
C VAL B 201 19.90 -32.76 -9.23
N ALA B 202 19.68 -32.85 -10.54
CA ALA B 202 20.76 -32.61 -11.46
C ALA B 202 20.34 -31.65 -12.57
N ASP B 203 20.92 -30.46 -12.55
CA ASP B 203 20.66 -29.45 -13.60
C ASP B 203 21.48 -29.84 -14.83
N TYR B 204 20.84 -30.00 -15.99
CA TYR B 204 21.55 -30.33 -17.25
C TYR B 204 22.87 -31.10 -17.08
N PRO B 205 22.77 -32.36 -16.65
CA PRO B 205 23.97 -33.18 -16.43
C PRO B 205 24.89 -33.37 -17.64
N TYR B 206 26.19 -33.38 -17.33
CA TYR B 206 27.28 -33.54 -18.29
C TYR B 206 27.65 -35.06 -18.29
N LEU B 207 28.75 -35.38 -18.95
CA LEU B 207 29.26 -36.75 -19.04
C LEU B 207 28.18 -37.75 -19.46
N SER B 208 27.38 -37.37 -20.45
CA SER B 208 26.29 -38.22 -20.91
C SER B 208 26.24 -38.42 -22.44
N ASN B 209 26.18 -39.69 -22.88
CA ASN B 209 26.07 -40.04 -24.30
C ASN B 209 27.22 -39.39 -25.06
N PHE B 210 28.44 -39.72 -24.65
CA PHE B 210 29.66 -39.16 -25.25
C PHE B 210 29.74 -39.26 -26.78
N GLU B 211 29.36 -40.40 -27.31
CA GLU B 211 29.47 -40.54 -28.75
C GLU B 211 28.61 -39.58 -29.54
N ARG B 212 27.48 -39.14 -28.98
CA ARG B 212 26.67 -38.16 -29.72
C ARG B 212 27.16 -36.76 -29.38
N ALA B 213 27.57 -36.60 -28.14
CA ALA B 213 28.06 -35.34 -27.60
C ALA B 213 29.13 -34.70 -28.46
N VAL B 214 30.11 -35.48 -28.87
CA VAL B 214 31.19 -34.89 -29.65
C VAL B 214 30.71 -34.48 -31.01
N ASP B 215 29.54 -34.97 -31.43
CA ASP B 215 29.04 -34.60 -32.75
C ASP B 215 28.04 -33.45 -32.69
N VAL B 216 27.56 -33.12 -31.51
CA VAL B 216 26.55 -32.05 -31.40
C VAL B 216 26.86 -30.86 -30.49
N ALA B 217 27.80 -31.02 -29.57
CA ALA B 217 28.12 -29.87 -28.71
C ALA B 217 28.71 -28.78 -29.59
N LEU B 218 28.49 -27.52 -29.22
CA LEU B 218 29.00 -26.38 -29.98
C LEU B 218 29.99 -25.56 -29.16
N GLU B 219 30.34 -26.06 -27.98
CA GLU B 219 31.24 -25.38 -27.11
C GLU B 219 31.92 -26.39 -26.22
N GLN B 220 32.92 -25.92 -25.49
CA GLN B 220 33.67 -26.75 -24.55
C GLN B 220 32.66 -27.13 -23.47
N PRO B 221 32.97 -28.18 -22.67
CA PRO B 221 34.16 -29.01 -22.70
C PRO B 221 34.11 -30.35 -23.43
N TYR B 222 32.96 -30.77 -23.94
CA TYR B 222 32.91 -32.06 -24.64
C TYR B 222 33.94 -32.06 -25.76
N LEU B 223 34.09 -30.91 -26.40
CA LEU B 223 35.01 -30.77 -27.51
C LEU B 223 36.47 -31.08 -27.20
N GLU B 224 36.80 -31.27 -25.93
CA GLU B 224 38.17 -31.61 -25.56
C GLU B 224 38.49 -32.99 -26.14
N ILE B 225 37.47 -33.81 -26.26
CA ILE B 225 37.62 -35.16 -26.81
C ILE B 225 37.98 -34.99 -28.29
N ASN B 226 37.26 -34.12 -29.01
CA ASN B 226 37.56 -33.90 -30.43
C ASN B 226 39.00 -33.40 -30.54
N SER B 227 39.39 -32.54 -29.62
CA SER B 227 40.74 -31.98 -29.66
C SER B 227 41.80 -33.04 -29.49
N TYR B 228 41.50 -34.01 -28.62
CA TYR B 228 42.39 -35.13 -28.35
C TYR B 228 42.57 -36.00 -29.60
N PHE B 229 41.48 -36.29 -30.31
CA PHE B 229 41.57 -37.11 -31.51
C PHE B 229 42.36 -36.42 -32.60
N ARG B 230 42.29 -35.09 -32.61
CA ARG B 230 43.01 -34.30 -33.60
C ARG B 230 44.54 -34.43 -33.42
N ARG B 231 44.96 -34.49 -32.17
CA ARG B 231 46.38 -34.57 -31.81
C ARG B 231 46.93 -35.99 -31.82
N ASN B 232 46.03 -36.95 -31.67
CA ASN B 232 46.38 -38.37 -31.61
C ASN B 232 45.46 -39.07 -32.62
N SER B 233 45.90 -39.11 -33.88
CA SER B 233 45.10 -39.65 -34.98
C SER B 233 44.98 -41.14 -35.24
N ASP B 234 45.64 -41.97 -34.43
CA ASP B 234 45.54 -43.41 -34.62
C ASP B 234 44.07 -43.79 -34.46
N PRO B 235 43.52 -44.51 -35.44
CA PRO B 235 42.10 -44.89 -35.33
C PRO B 235 41.82 -45.73 -34.07
N LYS B 236 42.79 -46.56 -33.70
CA LYS B 236 42.63 -47.39 -32.50
C LYS B 236 42.55 -46.55 -31.23
N VAL B 237 43.03 -45.30 -31.29
CA VAL B 237 42.97 -44.44 -30.10
C VAL B 237 41.55 -43.96 -29.88
N GLU B 238 40.86 -43.61 -30.97
CA GLU B 238 39.47 -43.16 -30.87
C GLU B 238 38.63 -44.32 -30.34
N GLU B 239 38.91 -45.53 -30.82
CA GLU B 239 38.18 -46.70 -30.33
C GLU B 239 38.39 -46.94 -28.85
N LYS B 240 39.64 -46.88 -28.42
CA LYS B 240 39.95 -47.14 -27.02
C LYS B 240 39.36 -46.02 -26.17
N ALA B 241 39.49 -44.78 -26.66
CA ALA B 241 38.98 -43.62 -25.95
C ALA B 241 37.50 -43.78 -25.63
N PHE B 242 36.69 -44.09 -26.63
CA PHE B 242 35.27 -44.25 -26.35
C PHE B 242 34.99 -45.46 -25.45
N GLU B 243 35.82 -46.50 -25.51
CA GLU B 243 35.59 -47.66 -24.63
C GLU B 243 35.78 -47.20 -23.19
N THR B 244 36.84 -46.43 -22.96
CA THR B 244 37.10 -45.91 -21.62
C THR B 244 35.93 -45.05 -21.11
N LEU B 245 35.45 -44.13 -21.94
CA LEU B 245 34.36 -43.24 -21.55
C LEU B 245 33.05 -43.98 -21.21
N SER B 246 32.80 -45.12 -21.85
CA SER B 246 31.57 -45.84 -21.55
C SER B 246 31.39 -46.20 -20.06
N TYR B 247 32.49 -46.42 -19.34
CA TYR B 247 32.44 -46.79 -17.92
C TYR B 247 31.99 -45.64 -17.03
N PHE B 248 32.05 -44.43 -17.57
CA PHE B 248 31.66 -43.24 -16.81
C PHE B 248 30.45 -42.52 -17.37
N ASP B 249 29.94 -43.01 -18.51
CA ASP B 249 28.79 -42.40 -19.17
C ASP B 249 27.48 -42.56 -18.40
N LEU B 250 26.77 -41.46 -18.21
CA LEU B 250 25.53 -41.53 -17.49
C LEU B 250 24.49 -42.46 -18.10
N ILE B 251 24.53 -42.64 -19.43
CA ILE B 251 23.53 -43.51 -20.01
C ILE B 251 23.69 -44.95 -19.53
N ASN B 252 24.88 -45.31 -19.02
CA ASN B 252 25.15 -46.65 -18.52
C ASN B 252 25.01 -46.75 -17.02
N LEU B 253 25.14 -45.62 -16.34
CA LEU B 253 25.00 -45.58 -14.87
C LEU B 253 23.57 -45.26 -14.40
N ALA B 254 22.85 -44.44 -15.17
CA ALA B 254 21.50 -44.04 -14.80
C ALA B 254 20.57 -45.18 -14.32
N GLY B 255 20.63 -46.32 -15.00
CA GLY B 255 19.81 -47.47 -14.65
C GLY B 255 19.95 -48.00 -13.22
N TRP B 256 21.03 -47.65 -12.54
CA TRP B 256 21.24 -48.12 -11.16
C TRP B 256 20.64 -47.17 -10.13
N VAL B 257 20.15 -46.04 -10.59
CA VAL B 257 19.60 -45.06 -9.65
C VAL B 257 18.18 -45.42 -9.20
N LYS B 258 18.00 -45.57 -7.90
CA LYS B 258 16.70 -45.91 -7.30
C LYS B 258 16.04 -44.72 -6.57
N GLN B 259 16.81 -43.66 -6.35
CA GLN B 259 16.29 -42.47 -5.67
C GLN B 259 15.46 -41.59 -6.57
N PRO B 260 14.47 -40.89 -5.99
CA PRO B 260 13.68 -40.02 -6.88
C PRO B 260 14.65 -38.99 -7.41
N THR B 261 14.45 -38.59 -8.66
CA THR B 261 15.33 -37.65 -9.30
C THR B 261 14.62 -36.50 -9.98
N LEU B 262 15.23 -35.32 -9.92
CA LEU B 262 14.66 -34.16 -10.60
C LEU B 262 15.78 -33.59 -11.45
N MET B 263 15.50 -33.37 -12.73
CA MET B 263 16.49 -32.83 -13.66
C MET B 263 15.96 -31.65 -14.44
N ALA B 264 16.86 -30.89 -15.07
CA ALA B 264 16.45 -29.73 -15.85
C ALA B 264 17.23 -29.65 -17.13
N ILE B 265 16.61 -29.08 -18.16
CA ILE B 265 17.28 -28.89 -19.42
C ILE B 265 16.74 -27.67 -20.15
N GLY B 266 17.66 -26.84 -20.65
CA GLY B 266 17.30 -25.66 -21.41
C GLY B 266 17.46 -26.11 -22.84
N LEU B 267 16.53 -25.77 -23.71
CA LEU B 267 16.60 -26.23 -25.10
C LEU B 267 17.57 -25.54 -26.03
N ILE B 268 18.20 -24.46 -25.57
CA ILE B 268 19.21 -23.78 -26.40
C ILE B 268 20.63 -23.96 -25.82
N ASP B 269 20.77 -24.94 -24.93
CA ASP B 269 22.04 -25.26 -24.27
C ASP B 269 23.03 -25.85 -25.27
N LYS B 270 24.18 -25.18 -25.47
CA LYS B 270 25.19 -25.66 -26.41
C LYS B 270 26.37 -26.37 -25.76
N ILE B 271 26.36 -26.44 -24.44
CA ILE B 271 27.43 -27.10 -23.68
C ILE B 271 27.04 -28.54 -23.36
N THR B 272 25.83 -28.70 -22.83
CA THR B 272 25.28 -30.04 -22.56
C THR B 272 24.03 -30.04 -23.43
N PRO B 273 24.15 -30.47 -24.70
CA PRO B 273 23.03 -30.50 -25.64
C PRO B 273 21.81 -31.22 -25.09
N PRO B 274 20.61 -30.74 -25.45
CA PRO B 274 19.36 -31.35 -24.99
C PRO B 274 19.32 -32.87 -25.21
N SER B 275 19.76 -33.32 -26.39
CA SER B 275 19.73 -34.75 -26.67
C SER B 275 20.55 -35.54 -25.64
N THR B 276 21.72 -35.05 -25.28
CA THR B 276 22.54 -35.80 -24.30
C THR B 276 21.91 -35.84 -22.91
N VAL B 277 21.16 -34.80 -22.55
CA VAL B 277 20.53 -34.77 -21.23
C VAL B 277 19.28 -35.65 -21.27
N PHE B 278 18.53 -35.57 -22.37
CA PHE B 278 17.36 -36.41 -22.51
C PHE B 278 17.81 -37.92 -22.50
N ALA B 279 18.99 -38.22 -23.05
CA ALA B 279 19.49 -39.61 -23.05
C ALA B 279 19.67 -40.14 -21.64
N ALA B 280 20.34 -39.35 -20.79
CA ALA B 280 20.53 -39.73 -19.40
C ALA B 280 19.17 -39.89 -18.70
N TYR B 281 18.28 -38.92 -18.83
CA TYR B 281 16.97 -39.01 -18.20
C TYR B 281 16.17 -40.24 -18.66
N ASN B 282 16.18 -40.50 -19.97
CA ASN B 282 15.43 -41.62 -20.51
C ASN B 282 15.98 -42.99 -20.13
N HIS B 283 17.13 -43.03 -19.46
CA HIS B 283 17.70 -44.30 -19.04
C HIS B 283 17.47 -44.49 -17.55
N LEU B 284 16.93 -43.48 -16.89
CA LEU B 284 16.65 -43.61 -15.47
C LEU B 284 15.38 -44.47 -15.33
N GLU B 285 15.35 -45.33 -14.32
CA GLU B 285 14.19 -46.16 -14.00
C GLU B 285 13.98 -45.93 -12.51
N THR B 286 13.28 -44.85 -12.20
CA THR B 286 13.04 -44.45 -10.82
C THR B 286 12.04 -43.31 -10.91
N ASP B 287 11.52 -42.90 -9.76
CA ASP B 287 10.56 -41.79 -9.73
C ASP B 287 11.34 -40.60 -10.27
N LYS B 288 10.91 -40.08 -11.42
CA LYS B 288 11.65 -39.00 -12.04
C LYS B 288 10.81 -37.92 -12.67
N ASP B 289 11.46 -36.80 -12.94
CA ASP B 289 10.79 -35.68 -13.59
C ASP B 289 11.88 -34.81 -14.22
N LEU B 290 11.62 -34.39 -15.46
CA LEU B 290 12.55 -33.55 -16.22
C LEU B 290 11.84 -32.24 -16.55
N LYS B 291 12.36 -31.13 -16.05
CA LYS B 291 11.77 -29.85 -16.34
C LYS B 291 12.50 -29.29 -17.56
N VAL B 292 11.73 -28.92 -18.59
CA VAL B 292 12.27 -28.42 -19.85
C VAL B 292 12.03 -26.93 -20.03
N TYR B 293 13.10 -26.18 -20.26
CA TYR B 293 12.97 -24.75 -20.44
C TYR B 293 13.38 -24.26 -21.83
N ARG B 294 12.38 -24.05 -22.68
CA ARG B 294 12.60 -23.62 -24.06
C ARG B 294 13.58 -22.50 -24.29
N TYR B 295 13.46 -21.41 -23.52
CA TYR B 295 14.29 -20.24 -23.72
C TYR B 295 15.59 -20.14 -22.94
N PHE B 296 15.98 -21.20 -22.25
CA PHE B 296 17.24 -21.16 -21.52
C PHE B 296 18.28 -22.13 -22.03
N GLY B 297 19.53 -21.79 -21.71
CA GLY B 297 20.66 -22.61 -22.11
C GLY B 297 21.37 -23.14 -20.87
N HIS B 298 22.70 -23.18 -20.93
CA HIS B 298 23.55 -23.70 -19.83
C HIS B 298 23.80 -22.56 -18.85
N GLU B 299 22.85 -22.35 -17.96
CA GLU B 299 22.94 -21.22 -17.07
C GLU B 299 21.94 -21.42 -15.94
N PHE B 300 21.93 -20.49 -15.00
CA PHE B 300 21.00 -20.53 -13.87
C PHE B 300 19.60 -20.29 -14.44
N ILE B 301 18.67 -21.18 -14.12
CA ILE B 301 17.29 -21.08 -14.61
C ILE B 301 16.44 -20.80 -13.39
N PRO B 302 16.01 -19.53 -13.19
CA PRO B 302 15.20 -19.17 -12.01
C PRO B 302 14.03 -20.11 -11.69
N ALA B 303 13.18 -20.38 -12.67
CA ALA B 303 12.02 -21.23 -12.46
C ALA B 303 12.41 -22.60 -11.93
N PHE B 304 13.55 -23.12 -12.37
CA PHE B 304 13.98 -24.43 -11.88
C PHE B 304 14.49 -24.34 -10.46
N GLN B 305 14.92 -23.16 -10.00
CA GLN B 305 15.38 -23.09 -8.60
C GLN B 305 14.18 -23.30 -7.66
N THR B 306 13.02 -22.80 -8.06
CA THR B 306 11.83 -22.96 -7.25
C THR B 306 11.45 -24.43 -7.20
N GLU B 307 11.54 -25.08 -8.37
CA GLU B 307 11.21 -26.50 -8.46
C GLU B 307 12.14 -27.29 -7.55
N LYS B 308 13.42 -26.93 -7.62
CA LYS B 308 14.47 -27.58 -6.86
C LYS B 308 14.25 -27.45 -5.37
N LEU B 309 13.97 -26.23 -4.92
CA LEU B 309 13.72 -26.00 -3.51
C LEU B 309 12.48 -26.79 -3.02
N SER B 310 11.39 -26.75 -3.80
CA SER B 310 10.17 -27.48 -3.44
C SER B 310 10.41 -28.99 -3.33
N PHE B 311 11.21 -29.51 -4.24
CA PHE B 311 11.54 -30.93 -4.29
C PHE B 311 12.36 -31.41 -3.09
N LEU B 312 13.40 -30.65 -2.74
CA LEU B 312 14.25 -31.01 -1.60
C LEU B 312 13.51 -30.86 -0.29
N GLN B 313 12.65 -29.85 -0.23
CA GLN B 313 11.85 -29.61 0.96
C GLN B 313 10.96 -30.82 1.18
N LYS B 314 10.21 -31.19 0.14
CA LYS B 314 9.28 -32.32 0.15
C LYS B 314 9.89 -33.63 0.64
N HIS B 315 11.04 -33.97 0.07
CA HIS B 315 11.74 -35.21 0.43
C HIS B 315 12.69 -35.15 1.62
N LEU B 316 13.19 -33.96 1.95
CA LEU B 316 14.16 -33.87 3.04
C LEU B 316 13.82 -33.02 4.25
N LEU B 317 13.58 -31.73 4.01
CA LEU B 317 13.32 -30.82 5.11
C LEU B 317 11.97 -31.14 5.71
N LEU B 318 11.21 -31.98 5.00
CA LEU B 318 9.89 -32.41 5.44
C LEU B 318 9.86 -32.73 6.93
N GLN C 2 41.04 -7.74 -20.24
CA GLN C 2 42.38 -7.12 -19.98
C GLN C 2 42.23 -5.63 -19.66
N LEU C 3 43.21 -5.07 -18.96
CA LEU C 3 43.18 -3.65 -18.58
C LEU C 3 43.01 -2.77 -19.82
N PHE C 4 42.31 -1.64 -19.65
CA PHE C 4 42.08 -0.74 -20.78
C PHE C 4 41.87 0.73 -20.38
N ASP C 5 41.52 0.96 -19.12
CA ASP C 5 41.24 2.32 -18.64
C ASP C 5 42.49 2.97 -18.00
N LEU C 6 42.27 4.11 -17.33
CA LEU C 6 43.35 4.82 -16.63
C LEU C 6 44.12 3.85 -15.74
N SER C 7 45.39 4.14 -15.49
CA SER C 7 46.16 3.27 -14.61
C SER C 7 45.59 3.42 -13.21
N LEU C 8 45.91 2.46 -12.34
CA LEU C 8 45.43 2.52 -10.97
C LEU C 8 45.91 3.80 -10.24
N GLU C 9 47.17 4.19 -10.39
CA GLU C 9 47.62 5.39 -9.71
C GLU C 9 46.76 6.57 -10.15
N GLU C 10 46.45 6.62 -11.44
CA GLU C 10 45.65 7.70 -12.00
C GLU C 10 44.19 7.64 -11.52
N LEU C 11 43.59 6.45 -11.54
CA LEU C 11 42.21 6.31 -11.10
C LEU C 11 41.98 6.87 -9.70
N LYS C 12 42.91 6.57 -8.79
CA LYS C 12 42.81 7.03 -7.41
C LYS C 12 42.72 8.55 -7.26
N LYS C 13 43.25 9.28 -8.24
CA LYS C 13 43.25 10.73 -8.19
C LYS C 13 42.23 11.37 -9.13
N TYR C 14 41.54 10.53 -9.91
CA TYR C 14 40.55 11.03 -10.86
C TYR C 14 39.31 11.52 -10.15
N LYS C 15 39.08 12.82 -10.24
CA LYS C 15 37.92 13.46 -9.62
C LYS C 15 37.47 14.63 -10.52
N PRO C 16 36.65 14.33 -11.55
CA PRO C 16 36.12 15.28 -12.53
C PRO C 16 35.29 16.37 -11.92
N LYS C 17 35.43 17.57 -12.48
CA LYS C 17 34.67 18.73 -12.00
C LYS C 17 33.18 18.39 -12.07
N LYS C 18 32.43 18.82 -11.06
CA LYS C 18 30.99 18.57 -11.02
C LYS C 18 30.33 19.25 -12.21
N THR C 19 29.24 18.65 -12.68
CA THR C 19 28.50 19.13 -13.83
C THR C 19 27.12 19.65 -13.43
N ALA C 20 26.85 19.62 -12.12
CA ALA C 20 25.58 20.07 -11.56
C ALA C 20 25.28 21.53 -11.90
N ARG C 21 24.06 21.79 -12.36
CA ARG C 21 23.63 23.13 -12.74
C ARG C 21 23.28 23.93 -11.52
N PRO C 22 23.11 25.26 -11.69
CA PRO C 22 22.78 26.11 -10.54
C PRO C 22 21.54 25.66 -9.80
N ASP C 23 20.56 25.13 -10.53
CA ASP C 23 19.29 24.69 -9.95
C ASP C 23 19.21 23.21 -9.55
N PHE C 24 20.36 22.58 -9.37
CA PHE C 24 20.41 21.16 -8.99
C PHE C 24 19.63 20.83 -7.70
N SER C 25 19.90 21.53 -6.60
CA SER C 25 19.18 21.19 -5.36
C SER C 25 17.69 21.53 -5.41
N ASP C 26 17.34 22.58 -6.16
CA ASP C 26 15.97 23.03 -6.32
C ASP C 26 15.17 22.00 -7.13
N PHE C 27 15.82 21.37 -8.11
CA PHE C 27 15.16 20.35 -8.90
C PHE C 27 14.79 19.18 -8.01
N TRP C 28 15.72 18.78 -7.15
CA TRP C 28 15.43 17.64 -6.28
C TRP C 28 14.43 17.96 -5.17
N LYS C 29 14.48 19.20 -4.68
CA LYS C 29 13.53 19.61 -3.65
C LYS C 29 12.12 19.53 -4.24
N LYS C 30 11.94 20.13 -5.41
CA LYS C 30 10.66 20.12 -6.09
C LYS C 30 10.21 18.70 -6.45
N SER C 31 11.17 17.86 -6.82
CA SER C 31 10.84 16.49 -7.19
C SER C 31 10.38 15.73 -5.97
N LEU C 32 11.07 15.91 -4.84
CA LEU C 32 10.66 15.23 -3.63
C LEU C 32 9.29 15.73 -3.18
N GLU C 33 9.00 17.00 -3.43
CA GLU C 33 7.70 17.55 -3.04
C GLU C 33 6.56 16.96 -3.88
N GLU C 34 6.81 16.73 -5.17
CA GLU C 34 5.80 16.13 -6.04
C GLU C 34 5.57 14.67 -5.62
N LEU C 35 6.63 13.99 -5.20
CA LEU C 35 6.52 12.61 -4.70
C LEU C 35 5.64 12.61 -3.44
N ARG C 36 5.95 13.51 -2.53
CA ARG C 36 5.22 13.65 -1.26
C ARG C 36 3.70 13.78 -1.50
N GLN C 37 3.31 14.46 -2.57
CA GLN C 37 1.88 14.63 -2.91
C GLN C 37 1.15 13.33 -3.25
N VAL C 38 1.90 12.25 -3.46
CA VAL C 38 1.29 10.96 -3.74
C VAL C 38 1.22 10.12 -2.48
N GLU C 39 0.03 9.69 -2.09
CA GLU C 39 -0.07 8.85 -0.90
C GLU C 39 0.46 7.48 -1.28
N ALA C 40 1.35 6.94 -0.47
CA ALA C 40 1.96 5.64 -0.76
C ALA C 40 0.97 4.46 -0.87
N GLU C 41 -0.04 4.41 0.00
CA GLU C 41 -1.02 3.32 -0.02
C GLU C 41 -0.39 1.95 -0.31
N PRO C 42 0.61 1.55 0.47
CA PRO C 42 1.24 0.25 0.22
C PRO C 42 0.33 -0.95 0.52
N THR C 43 0.54 -2.06 -0.18
CA THR C 43 -0.24 -3.28 0.03
C THR C 43 0.77 -4.41 0.12
N LEU C 44 0.43 -5.40 0.93
CA LEU C 44 1.30 -6.54 1.19
C LEU C 44 0.43 -7.78 1.05
N GLU C 45 0.86 -8.71 0.21
CA GLU C 45 0.10 -9.93 -0.01
C GLU C 45 1.04 -11.12 0.07
N SER C 46 0.69 -12.10 0.90
CA SER C 46 1.50 -13.32 1.08
C SER C 46 1.79 -14.03 -0.24
N TYR C 47 3.02 -14.53 -0.37
CA TYR C 47 3.47 -15.20 -1.58
C TYR C 47 4.16 -16.50 -1.16
N ASP C 48 3.58 -17.64 -1.55
CA ASP C 48 4.14 -18.92 -1.20
C ASP C 48 5.49 -19.14 -1.88
N TYR C 49 6.42 -19.70 -1.13
CA TYR C 49 7.77 -19.99 -1.61
C TYR C 49 8.35 -21.10 -0.74
N PRO C 50 9.06 -22.08 -1.36
CA PRO C 50 9.68 -23.22 -0.68
C PRO C 50 10.84 -22.88 0.23
N VAL C 51 10.56 -22.18 1.32
CA VAL C 51 11.62 -21.84 2.26
C VAL C 51 11.07 -21.85 3.68
N LYS C 52 11.86 -22.35 4.60
CA LYS C 52 11.47 -22.40 6.00
C LYS C 52 12.15 -21.25 6.71
N GLY C 53 11.44 -20.56 7.60
CA GLY C 53 12.06 -19.46 8.35
C GLY C 53 11.93 -18.07 7.75
N VAL C 54 11.23 -17.97 6.64
CA VAL C 54 11.05 -16.69 5.97
C VAL C 54 9.64 -16.60 5.44
N LYS C 55 9.04 -15.40 5.52
CA LYS C 55 7.72 -15.14 4.99
C LYS C 55 7.90 -14.18 3.81
N VAL C 56 7.34 -14.53 2.66
CA VAL C 56 7.47 -13.74 1.47
C VAL C 56 6.18 -13.06 1.04
N TYR C 57 6.29 -11.80 0.64
CA TYR C 57 5.12 -11.05 0.20
C TYR C 57 5.42 -10.31 -1.09
N ARG C 58 4.37 -9.89 -1.79
CA ARG C 58 4.52 -9.07 -2.98
C ARG C 58 4.12 -7.72 -2.39
N LEU C 59 5.01 -6.73 -2.49
CA LEU C 59 4.71 -5.41 -1.97
C LEU C 59 4.49 -4.45 -3.12
N THR C 60 3.55 -3.52 -2.94
CA THR C 60 3.27 -2.50 -3.94
C THR C 60 3.06 -1.18 -3.19
N TYR C 61 3.29 -0.08 -3.90
CA TYR C 61 3.09 1.25 -3.36
C TYR C 61 2.98 2.26 -4.52
N GLN C 62 2.33 3.41 -4.27
CA GLN C 62 2.18 4.47 -5.27
C GLN C 62 3.39 5.39 -5.14
N SER C 63 3.89 5.89 -6.25
CA SER C 63 5.05 6.76 -6.23
C SER C 63 4.80 7.87 -7.24
N PHE C 64 5.84 8.67 -7.50
CA PHE C 64 5.79 9.79 -8.44
C PHE C 64 4.96 9.47 -9.67
N GLY C 65 4.07 10.40 -10.04
CA GLY C 65 3.22 10.20 -11.20
C GLY C 65 2.10 9.20 -10.98
N HIS C 66 1.85 8.83 -9.72
CA HIS C 66 0.81 7.85 -9.39
C HIS C 66 1.13 6.50 -10.06
N SER C 67 2.42 6.17 -10.13
CA SER C 67 2.86 4.89 -10.71
C SER C 67 2.84 3.82 -9.61
N LYS C 68 2.30 2.63 -9.93
CA LYS C 68 2.26 1.52 -8.97
C LYS C 68 3.57 0.74 -9.05
N ILE C 69 4.39 0.85 -8.01
CA ILE C 69 5.71 0.20 -7.91
C ILE C 69 5.58 -1.13 -7.14
N GLU C 70 6.42 -2.11 -7.51
CA GLU C 70 6.35 -3.43 -6.89
C GLU C 70 7.69 -4.13 -6.73
N GLY C 71 7.64 -5.25 -6.03
CA GLY C 71 8.82 -6.06 -5.81
C GLY C 71 8.50 -7.05 -4.71
N PHE C 72 9.33 -8.08 -4.56
CA PHE C 72 9.11 -9.04 -3.49
C PHE C 72 9.70 -8.49 -2.19
N TYR C 73 9.07 -8.81 -1.08
CA TYR C 73 9.54 -8.37 0.23
C TYR C 73 9.63 -9.64 1.06
N ALA C 74 10.82 -9.98 1.56
CA ALA C 74 10.94 -11.19 2.35
C ALA C 74 11.41 -10.87 3.76
N VAL C 75 10.69 -11.42 4.75
CA VAL C 75 10.91 -11.17 6.17
C VAL C 75 11.24 -12.40 7.01
N PRO C 76 12.23 -12.29 7.90
CA PRO C 76 12.59 -13.42 8.76
C PRO C 76 11.35 -13.85 9.56
N ASP C 77 11.14 -15.16 9.70
CA ASP C 77 9.97 -15.65 10.44
C ASP C 77 10.24 -15.72 11.93
N GLN C 78 10.37 -14.55 12.56
CA GLN C 78 10.63 -14.50 14.00
C GLN C 78 10.18 -13.12 14.42
N THR C 79 10.08 -12.89 15.73
CA THR C 79 9.63 -11.58 16.21
C THR C 79 10.68 -10.51 15.96
N GLY C 80 10.22 -9.32 15.56
CA GLY C 80 11.15 -8.23 15.29
C GLY C 80 11.45 -7.39 16.53
N PRO C 81 11.92 -6.14 16.35
CA PRO C 81 12.18 -5.46 15.08
C PRO C 81 13.37 -6.03 14.29
N HIS C 82 13.25 -6.06 12.96
CA HIS C 82 14.30 -6.60 12.10
C HIS C 82 15.09 -5.55 11.36
N PRO C 83 16.36 -5.85 11.02
CA PRO C 83 17.17 -4.88 10.28
C PRO C 83 16.60 -5.05 8.87
N ALA C 84 16.71 -4.04 8.02
CA ALA C 84 16.13 -4.19 6.69
C ALA C 84 17.03 -3.75 5.57
N LEU C 85 16.65 -4.15 4.36
CA LEU C 85 17.41 -3.83 3.18
C LEU C 85 16.51 -3.54 1.98
N VAL C 86 16.87 -2.54 1.20
CA VAL C 86 16.16 -2.30 -0.04
C VAL C 86 17.27 -2.64 -1.03
N ARG C 87 17.00 -3.63 -1.87
CA ARG C 87 17.96 -4.07 -2.86
C ARG C 87 17.53 -3.60 -4.27
N PHE C 88 18.44 -3.00 -5.02
CA PHE C 88 18.07 -2.53 -6.35
C PHE C 88 18.72 -3.39 -7.44
N HIS C 89 17.95 -3.71 -8.49
CA HIS C 89 18.49 -4.58 -9.54
C HIS C 89 19.19 -3.93 -10.70
N GLY C 90 19.94 -4.76 -11.44
CA GLY C 90 20.70 -4.31 -12.59
C GLY C 90 19.84 -3.92 -13.78
N TYR C 91 20.43 -3.17 -14.69
CA TYR C 91 19.68 -2.70 -15.86
C TYR C 91 19.21 -3.89 -16.73
N ASN C 92 17.90 -4.02 -16.95
CA ASN C 92 17.35 -5.09 -17.78
C ASN C 92 17.86 -6.45 -17.28
N ALA C 93 18.19 -6.52 -16.01
CA ALA C 93 18.77 -7.74 -15.44
C ALA C 93 17.96 -8.43 -14.37
N SER C 94 16.65 -8.18 -14.34
CA SER C 94 15.79 -8.78 -13.34
C SER C 94 14.91 -9.92 -13.88
N TYR C 95 15.12 -11.11 -13.32
CA TYR C 95 14.37 -12.28 -13.73
C TYR C 95 13.46 -12.78 -12.60
N ASP C 96 12.17 -12.77 -12.86
CA ASP C 96 11.22 -13.22 -11.86
C ASP C 96 11.42 -12.42 -10.58
N GLY C 97 11.69 -11.14 -10.75
CA GLY C 97 11.86 -10.22 -9.63
C GLY C 97 13.00 -10.51 -8.69
N GLY C 98 13.95 -11.31 -9.14
CA GLY C 98 15.09 -11.65 -8.29
C GLY C 98 14.66 -12.25 -6.95
N ILE C 99 13.54 -12.97 -6.97
CA ILE C 99 13.00 -13.55 -5.75
C ILE C 99 13.93 -14.45 -4.91
N HIS C 100 14.76 -15.27 -5.56
CA HIS C 100 15.63 -16.18 -4.80
C HIS C 100 16.67 -15.43 -4.01
N ASP C 101 17.25 -14.39 -4.60
CA ASP C 101 18.26 -13.63 -3.89
C ASP C 101 17.65 -12.81 -2.74
N ILE C 102 16.42 -12.32 -2.95
CA ILE C 102 15.69 -11.56 -1.92
C ILE C 102 15.42 -12.49 -0.70
N VAL C 103 15.05 -13.73 -0.98
CA VAL C 103 14.77 -14.69 0.08
C VAL C 103 16.06 -15.02 0.84
N ASN C 104 17.16 -15.10 0.12
CA ASN C 104 18.43 -15.41 0.76
C ASN C 104 18.85 -14.25 1.66
N TRP C 105 18.57 -13.01 1.26
CA TRP C 105 18.88 -11.88 2.14
C TRP C 105 18.06 -12.00 3.44
N ALA C 106 16.80 -12.39 3.33
CA ALA C 106 15.97 -12.55 4.54
C ALA C 106 16.55 -13.66 5.41
N LEU C 107 17.09 -14.68 4.78
CA LEU C 107 17.69 -15.80 5.52
C LEU C 107 18.91 -15.32 6.29
N HIS C 108 19.60 -14.30 5.77
CA HIS C 108 20.76 -13.76 6.48
C HIS C 108 20.31 -12.86 7.64
N GLY C 109 18.99 -12.62 7.74
CA GLY C 109 18.49 -11.82 8.83
C GLY C 109 17.89 -10.46 8.55
N TYR C 110 17.73 -10.10 7.27
CA TYR C 110 17.22 -8.78 6.90
C TYR C 110 15.84 -8.77 6.23
N ALA C 111 14.95 -7.88 6.68
CA ALA C 111 13.66 -7.76 6.03
C ALA C 111 14.09 -7.08 4.74
N THR C 112 13.96 -7.80 3.63
CA THR C 112 14.45 -7.33 2.33
C THR C 112 13.44 -7.13 1.21
N PHE C 113 13.45 -5.94 0.62
CA PHE C 113 12.57 -5.59 -0.50
C PHE C 113 13.40 -5.31 -1.76
N GLY C 114 13.05 -6.01 -2.84
CA GLY C 114 13.73 -5.83 -4.11
C GLY C 114 12.84 -4.99 -4.99
N MET C 115 13.05 -3.68 -4.97
CA MET C 115 12.25 -2.77 -5.78
C MET C 115 12.50 -3.08 -7.26
N LEU C 116 11.43 -3.31 -8.01
CA LEU C 116 11.57 -3.59 -9.43
C LEU C 116 11.56 -2.24 -10.14
N VAL C 117 12.56 -2.00 -10.98
CA VAL C 117 12.66 -0.71 -11.66
C VAL C 117 11.67 -0.53 -12.81
N ARG C 118 10.96 0.60 -12.79
CA ARG C 118 9.96 0.95 -13.80
C ARG C 118 10.13 0.38 -15.21
N GLY C 119 9.18 -0.45 -15.65
CA GLY C 119 9.26 -1.01 -16.99
C GLY C 119 10.33 -2.08 -17.19
N GLN C 120 11.19 -2.29 -16.20
CA GLN C 120 12.24 -3.30 -16.32
C GLN C 120 11.88 -4.65 -15.72
N GLY C 121 12.23 -4.84 -14.45
CA GLY C 121 11.94 -6.08 -13.77
C GLY C 121 10.49 -6.19 -13.37
N GLY C 122 9.81 -5.05 -13.44
CA GLY C 122 8.42 -4.95 -13.08
C GLY C 122 8.11 -3.49 -12.84
N SER C 123 6.96 -3.24 -12.19
CA SER C 123 6.50 -1.89 -11.86
C SER C 123 6.01 -1.05 -13.03
N GLU C 124 4.95 -0.28 -12.75
CA GLU C 124 4.32 0.59 -13.74
C GLU C 124 5.09 1.89 -13.97
N ASP C 125 5.07 2.40 -15.20
CA ASP C 125 5.72 3.68 -15.48
C ASP C 125 4.68 4.53 -16.20
N THR C 126 4.10 5.49 -15.49
CA THR C 126 3.09 6.32 -16.10
C THR C 126 3.64 7.49 -16.89
N SER C 127 4.93 7.77 -16.71
CA SER C 127 5.51 8.90 -17.42
C SER C 127 5.54 8.63 -18.92
N VAL C 128 5.00 9.61 -19.65
CA VAL C 128 4.89 9.61 -21.11
C VAL C 128 6.25 9.62 -21.81
N THR C 129 6.26 9.24 -23.08
CA THR C 129 7.48 9.28 -23.88
C THR C 129 7.23 10.53 -24.73
N PRO C 130 7.94 11.64 -24.42
CA PRO C 130 7.83 12.93 -25.11
C PRO C 130 8.25 12.91 -26.57
N GLY C 131 9.17 12.03 -26.92
CA GLY C 131 9.62 11.99 -28.29
C GLY C 131 10.53 10.81 -28.60
N GLY C 132 11.23 10.89 -29.73
CA GLY C 132 12.12 9.80 -30.08
C GLY C 132 13.32 9.64 -29.16
N HIS C 133 13.78 8.40 -29.01
CA HIS C 133 14.96 8.12 -28.20
C HIS C 133 15.54 6.83 -28.76
N ALA C 134 16.79 6.51 -28.40
CA ALA C 134 17.42 5.28 -28.88
C ALA C 134 16.81 4.07 -28.13
N LEU C 135 16.95 2.90 -28.72
CA LEU C 135 16.41 1.67 -28.14
C LEU C 135 16.84 1.54 -26.68
N GLY C 136 15.88 1.39 -25.76
CA GLY C 136 16.24 1.26 -24.35
C GLY C 136 15.65 2.34 -23.46
N TRP C 137 16.00 2.32 -22.16
CA TRP C 137 15.50 3.32 -21.21
C TRP C 137 16.44 4.51 -20.93
N MET C 138 17.73 4.36 -21.23
CA MET C 138 18.71 5.43 -20.96
C MET C 138 18.37 6.80 -21.54
N THR C 139 17.72 6.84 -22.70
CA THR C 139 17.41 8.12 -23.32
C THR C 139 15.94 8.51 -23.38
N LYS C 140 15.07 7.75 -22.70
CA LYS C 140 13.65 8.08 -22.67
C LYS C 140 13.48 9.41 -21.89
N GLY C 141 12.95 10.42 -22.58
CA GLY C 141 12.74 11.74 -21.99
C GLY C 141 13.98 12.54 -21.68
N ILE C 142 15.09 12.21 -22.34
CA ILE C 142 16.39 12.87 -22.07
C ILE C 142 16.53 14.38 -22.32
N LEU C 143 15.57 14.95 -23.05
CA LEU C 143 15.64 16.38 -23.36
C LEU C 143 15.12 17.31 -22.26
N SER C 144 14.75 16.74 -21.10
CA SER C 144 14.28 17.53 -19.96
C SER C 144 14.37 16.75 -18.65
N LYS C 145 14.95 17.39 -17.65
CA LYS C 145 15.12 16.81 -16.32
C LYS C 145 13.79 16.39 -15.72
N ASP C 146 12.70 17.03 -16.12
CA ASP C 146 11.38 16.69 -15.58
C ASP C 146 10.81 15.43 -16.21
N THR C 147 11.18 15.16 -17.47
CA THR C 147 10.67 13.99 -18.21
C THR C 147 11.61 12.77 -18.24
N TYR C 148 12.85 12.96 -17.82
CA TYR C 148 13.81 11.87 -17.89
C TYR C 148 13.43 10.62 -17.11
N TYR C 149 13.70 9.47 -17.71
CA TYR C 149 13.39 8.19 -17.14
C TYR C 149 13.76 7.98 -15.66
N TYR C 150 14.98 8.32 -15.28
CA TYR C 150 15.42 8.10 -13.90
C TYR C 150 14.93 9.08 -12.85
N ARG C 151 14.19 10.11 -13.25
CA ARG C 151 13.66 11.04 -12.23
C ARG C 151 12.66 10.20 -11.44
N GLY C 152 11.72 9.60 -12.15
CA GLY C 152 10.73 8.76 -11.50
C GLY C 152 11.39 7.61 -10.77
N VAL C 153 12.42 7.00 -11.38
CA VAL C 153 13.09 5.86 -10.73
C VAL C 153 13.78 6.24 -9.42
N TYR C 154 14.44 7.39 -9.38
CA TYR C 154 15.11 7.77 -8.14
C TYR C 154 14.07 8.05 -7.06
N LEU C 155 12.98 8.71 -7.44
CA LEU C 155 11.93 9.03 -6.50
C LEU C 155 11.31 7.74 -6.01
N ASP C 156 11.26 6.72 -6.88
CA ASP C 156 10.72 5.43 -6.43
C ASP C 156 11.61 4.83 -5.35
N ALA C 157 12.93 4.99 -5.48
CA ALA C 157 13.85 4.41 -4.50
C ALA C 157 13.67 5.08 -3.14
N VAL C 158 13.42 6.37 -3.15
CA VAL C 158 13.24 7.06 -1.88
C VAL C 158 11.93 6.58 -1.28
N ARG C 159 10.89 6.43 -2.10
CA ARG C 159 9.61 5.99 -1.60
C ARG C 159 9.68 4.57 -1.00
N ALA C 160 10.45 3.66 -1.63
CA ALA C 160 10.61 2.31 -1.09
C ALA C 160 11.09 2.36 0.37
N LEU C 161 12.04 3.26 0.62
CA LEU C 161 12.60 3.46 1.94
C LEU C 161 11.58 4.05 2.91
N GLU C 162 10.73 4.95 2.44
CA GLU C 162 9.71 5.54 3.33
C GLU C 162 8.68 4.48 3.70
N VAL C 163 8.38 3.60 2.75
CA VAL C 163 7.42 2.53 2.98
C VAL C 163 7.97 1.50 3.99
N ILE C 164 9.18 0.99 3.72
CA ILE C 164 9.81 0.00 4.59
C ILE C 164 9.95 0.55 6.01
N GLN C 165 10.31 1.82 6.12
CA GLN C 165 10.49 2.49 7.40
C GLN C 165 9.20 2.54 8.21
N SER C 166 8.07 2.54 7.52
CA SER C 166 6.76 2.62 8.17
C SER C 166 6.27 1.31 8.73
N PHE C 167 6.85 0.20 8.30
CA PHE C 167 6.42 -1.12 8.79
C PHE C 167 6.86 -1.31 10.25
N PRO C 168 5.94 -1.72 11.14
CA PRO C 168 6.27 -1.93 12.55
C PRO C 168 7.38 -2.95 12.79
N GLU C 169 7.40 -4.02 12.00
CA GLU C 169 8.40 -5.06 12.15
C GLU C 169 9.80 -4.64 11.68
N VAL C 170 9.93 -3.41 11.19
CA VAL C 170 11.22 -2.95 10.72
C VAL C 170 11.83 -1.89 11.63
N ASP C 171 13.11 -2.05 11.95
CA ASP C 171 13.81 -1.07 12.77
C ASP C 171 14.30 0.04 11.83
N GLU C 172 13.70 1.22 11.92
CA GLU C 172 14.09 2.33 11.07
C GLU C 172 15.56 2.78 11.20
N HIS C 173 16.25 2.38 12.26
CA HIS C 173 17.65 2.79 12.44
C HIS C 173 18.68 1.82 11.87
N ARG C 174 18.20 0.68 11.40
CA ARG C 174 19.08 -0.32 10.83
C ARG C 174 18.65 -0.71 9.43
N ILE C 175 18.57 0.27 8.54
CA ILE C 175 18.18 0.02 7.15
C ILE C 175 19.36 0.33 6.24
N GLY C 176 19.59 -0.56 5.28
CA GLY C 176 20.66 -0.35 4.33
C GLY C 176 20.11 -0.41 2.92
N VAL C 177 20.79 0.21 1.96
CA VAL C 177 20.38 0.17 0.56
C VAL C 177 21.56 -0.45 -0.18
N ILE C 178 21.28 -1.40 -1.06
CA ILE C 178 22.37 -2.06 -1.74
C ILE C 178 21.99 -2.36 -3.19
N GLY C 179 23.00 -2.66 -3.98
CA GLY C 179 22.78 -3.00 -5.38
C GLY C 179 24.05 -2.90 -6.21
N GLY C 180 24.00 -3.43 -7.42
CA GLY C 180 25.18 -3.35 -8.28
C GLY C 180 24.84 -2.66 -9.59
N SER C 181 25.81 -1.90 -10.13
CA SER C 181 25.66 -1.17 -11.40
C SER C 181 24.45 -0.24 -11.31
N GLN C 182 23.39 -0.49 -12.07
CA GLN C 182 22.20 0.37 -11.94
C GLN C 182 21.76 0.34 -10.47
N GLY C 183 21.81 -0.85 -9.89
CA GLY C 183 21.39 -1.06 -8.52
C GLY C 183 22.27 -0.29 -7.56
N GLY C 184 23.54 -0.19 -7.91
CA GLY C 184 24.48 0.54 -7.08
C GLY C 184 24.20 2.03 -7.15
N ALA C 185 23.82 2.52 -8.33
CA ALA C 185 23.51 3.94 -8.48
C ALA C 185 22.24 4.31 -7.73
N LEU C 186 21.22 3.46 -7.78
CA LEU C 186 19.99 3.77 -7.09
C LEU C 186 20.30 3.75 -5.59
N ALA C 187 21.13 2.80 -5.16
CA ALA C 187 21.51 2.74 -3.75
C ALA C 187 22.10 4.11 -3.38
N ILE C 188 23.10 4.55 -4.14
CA ILE C 188 23.71 5.84 -3.84
C ILE C 188 22.73 7.00 -4.02
N ALA C 189 21.99 7.07 -5.12
CA ALA C 189 21.03 8.17 -5.29
C ALA C 189 20.04 8.23 -4.09
N ALA C 190 19.56 7.07 -3.62
CA ALA C 190 18.62 6.99 -2.50
C ALA C 190 19.17 7.61 -1.22
N ALA C 191 20.43 7.29 -0.91
CA ALA C 191 21.14 7.78 0.27
C ALA C 191 21.47 9.28 0.18
N ALA C 192 21.70 9.75 -1.04
CA ALA C 192 21.99 11.15 -1.24
C ALA C 192 20.71 11.96 -1.03
N LEU C 193 19.56 11.35 -1.35
CA LEU C 193 18.25 12.01 -1.27
C LEU C 193 17.42 11.81 0.01
N SER C 194 17.72 10.75 0.76
CA SER C 194 17.00 10.42 1.99
C SER C 194 17.97 10.02 3.11
N ASP C 195 17.71 10.48 4.33
CA ASP C 195 18.57 10.13 5.45
C ASP C 195 18.06 8.89 6.14
N ILE C 196 17.10 8.21 5.52
CA ILE C 196 16.55 7.00 6.13
C ILE C 196 17.59 5.89 6.20
N PRO C 197 18.27 5.61 5.09
CA PRO C 197 19.27 4.55 5.14
C PRO C 197 20.50 4.84 6.00
N LYS C 198 20.89 3.86 6.78
CA LYS C 198 22.04 4.00 7.64
C LYS C 198 23.34 3.75 6.88
N VAL C 199 23.32 2.75 5.98
CA VAL C 199 24.51 2.41 5.20
C VAL C 199 24.18 2.12 3.72
N VAL C 200 25.21 2.13 2.88
CA VAL C 200 25.06 1.91 1.45
C VAL C 200 26.15 0.97 0.96
N VAL C 201 25.81 0.02 0.09
CA VAL C 201 26.81 -0.86 -0.52
C VAL C 201 26.52 -0.79 -2.02
N ALA C 202 27.53 -0.39 -2.79
CA ALA C 202 27.37 -0.26 -4.23
C ALA C 202 28.44 -0.99 -5.04
N ASP C 203 28.04 -2.05 -5.77
CA ASP C 203 29.01 -2.75 -6.63
C ASP C 203 29.07 -1.94 -7.94
N TYR C 204 30.27 -1.58 -8.39
CA TYR C 204 30.45 -0.86 -9.65
C TYR C 204 29.23 -0.07 -10.12
N PRO C 205 28.89 0.99 -9.39
CA PRO C 205 27.74 1.85 -9.69
C PRO C 205 27.75 2.45 -11.09
N TYR C 206 26.57 2.42 -11.69
CA TYR C 206 26.32 2.94 -13.03
C TYR C 206 25.87 4.42 -12.93
N LEU C 207 25.46 5.01 -14.05
CA LEU C 207 24.96 6.39 -14.04
C LEU C 207 25.92 7.39 -13.40
N SER C 208 27.20 7.23 -13.69
CA SER C 208 28.22 8.10 -13.12
C SER C 208 29.20 8.65 -14.15
N ASN C 209 29.42 9.95 -14.08
CA ASN C 209 30.35 10.66 -14.95
C ASN C 209 30.05 10.38 -16.43
N PHE C 210 28.81 10.68 -16.81
CA PHE C 210 28.28 10.47 -18.16
C PHE C 210 29.16 10.96 -19.31
N GLU C 211 29.68 12.17 -19.21
CA GLU C 211 30.50 12.73 -20.28
C GLU C 211 31.77 11.93 -20.56
N ARG C 212 32.35 11.31 -19.54
CA ARG C 212 33.52 10.49 -19.83
C ARG C 212 33.03 9.08 -20.21
N ALA C 213 31.97 8.63 -19.55
CA ALA C 213 31.40 7.31 -19.85
C ALA C 213 31.16 7.06 -21.34
N VAL C 214 30.49 7.99 -22.03
CA VAL C 214 30.24 7.77 -23.46
C VAL C 214 31.50 7.63 -24.32
N ASP C 215 32.64 8.08 -23.80
CA ASP C 215 33.92 7.99 -24.54
C ASP C 215 34.86 6.86 -24.09
N VAL C 216 34.49 6.13 -23.05
CA VAL C 216 35.37 5.06 -22.55
C VAL C 216 34.74 3.68 -22.47
N ALA C 217 33.43 3.62 -22.21
CA ALA C 217 32.73 2.36 -22.12
C ALA C 217 32.80 1.65 -23.48
N LEU C 218 32.94 0.33 -23.44
CA LEU C 218 33.03 -0.46 -24.66
C LEU C 218 31.82 -1.38 -24.85
N GLU C 219 30.89 -1.31 -23.91
CA GLU C 219 29.68 -2.12 -23.95
C GLU C 219 28.44 -1.32 -23.53
N GLN C 220 27.26 -1.88 -23.78
CA GLN C 220 25.99 -1.26 -23.37
C GLN C 220 26.04 -1.24 -21.85
N PRO C 221 25.17 -0.43 -21.18
CA PRO C 221 24.16 0.46 -21.77
C PRO C 221 24.48 1.97 -21.86
N TYR C 222 25.70 2.37 -21.48
CA TYR C 222 26.09 3.78 -21.60
C TYR C 222 26.03 4.19 -23.08
N LEU C 223 26.39 3.26 -23.97
CA LEU C 223 26.40 3.52 -25.43
C LEU C 223 25.04 3.87 -26.04
N GLU C 224 23.97 3.69 -25.28
CA GLU C 224 22.63 4.05 -25.75
C GLU C 224 22.63 5.55 -26.00
N ILE C 225 23.37 6.27 -25.20
CA ILE C 225 23.47 7.70 -25.35
C ILE C 225 24.11 8.03 -26.69
N ASN C 226 25.18 7.32 -27.04
CA ASN C 226 25.86 7.52 -28.32
C ASN C 226 24.90 7.25 -29.47
N SER C 227 24.14 6.16 -29.35
CA SER C 227 23.15 5.76 -30.35
C SER C 227 22.09 6.84 -30.52
N TYR C 228 21.75 7.49 -29.41
CA TYR C 228 20.76 8.55 -29.43
C TYR C 228 21.26 9.74 -30.19
N PHE C 229 22.49 10.17 -29.93
CA PHE C 229 23.05 11.31 -30.65
C PHE C 229 23.23 10.99 -32.14
N ARG C 230 23.49 9.72 -32.48
CA ARG C 230 23.63 9.36 -33.88
C ARG C 230 22.30 9.58 -34.59
N ARG C 231 21.20 9.28 -33.90
CA ARG C 231 19.86 9.44 -34.48
C ARG C 231 19.25 10.84 -34.42
N ASN C 232 19.84 11.70 -33.58
CA ASN C 232 19.37 13.07 -33.41
C ASN C 232 20.65 13.93 -33.40
N SER C 233 21.07 14.35 -34.60
CA SER C 233 22.30 15.10 -34.82
C SER C 233 22.40 16.58 -34.48
N ASP C 234 21.31 17.22 -34.12
CA ASP C 234 21.37 18.64 -33.78
C ASP C 234 22.30 18.84 -32.58
N PRO C 235 23.36 19.65 -32.74
CA PRO C 235 24.32 19.90 -31.64
C PRO C 235 23.62 20.32 -30.34
N LYS C 236 22.54 21.09 -30.48
CA LYS C 236 21.83 21.56 -29.30
C LYS C 236 21.26 20.38 -28.53
N VAL C 237 20.90 19.32 -29.26
CA VAL C 237 20.34 18.13 -28.63
C VAL C 237 21.36 17.54 -27.68
N GLU C 238 22.58 17.35 -28.17
CA GLU C 238 23.64 16.81 -27.33
C GLU C 238 23.84 17.69 -26.11
N GLU C 239 23.93 19.00 -26.32
CA GLU C 239 24.09 19.93 -25.19
C GLU C 239 23.02 19.72 -24.12
N LYS C 240 21.77 19.75 -24.58
CA LYS C 240 20.60 19.59 -23.72
C LYS C 240 20.61 18.23 -23.00
N ALA C 241 20.91 17.16 -23.73
CA ALA C 241 20.94 15.81 -23.11
C ALA C 241 21.95 15.74 -21.96
N PHE C 242 23.16 16.25 -22.16
CA PHE C 242 24.12 16.20 -21.07
C PHE C 242 23.69 17.09 -19.91
N GLU C 243 23.00 18.17 -20.23
CA GLU C 243 22.51 19.06 -19.18
C GLU C 243 21.51 18.21 -18.39
N THR C 244 20.59 17.54 -19.08
CA THR C 244 19.59 16.71 -18.39
C THR C 244 20.25 15.62 -17.54
N LEU C 245 21.19 14.92 -18.16
CA LEU C 245 21.91 13.85 -17.49
C LEU C 245 22.60 14.32 -16.20
N SER C 246 23.07 15.57 -16.19
CA SER C 246 23.79 16.06 -15.02
C SER C 246 23.00 16.00 -13.72
N TYR C 247 21.67 16.10 -13.80
CA TYR C 247 20.80 16.07 -12.60
C TYR C 247 20.73 14.68 -11.97
N PHE C 248 21.15 13.65 -12.72
CA PHE C 248 21.06 12.29 -12.21
C PHE C 248 22.42 11.63 -12.01
N ASP C 249 23.46 12.38 -12.33
CA ASP C 249 24.83 11.92 -12.24
C ASP C 249 25.35 11.73 -10.81
N LEU C 250 25.94 10.56 -10.53
CA LEU C 250 26.46 10.29 -9.20
C LEU C 250 27.56 11.23 -8.74
N ILE C 251 28.37 11.77 -9.66
CA ILE C 251 29.41 12.67 -9.20
C ILE C 251 28.80 13.95 -8.58
N ASN C 252 27.56 14.27 -8.95
CA ASN C 252 26.91 15.47 -8.42
C ASN C 252 26.09 15.16 -7.16
N LEU C 253 25.63 13.91 -7.07
CA LEU C 253 24.84 13.45 -5.94
C LEU C 253 25.69 12.89 -4.79
N ALA C 254 26.86 12.35 -5.09
CA ALA C 254 27.67 11.74 -4.05
C ALA C 254 27.97 12.68 -2.87
N GLY C 255 28.14 13.97 -3.15
CA GLY C 255 28.44 14.92 -2.09
C GLY C 255 27.43 14.97 -0.96
N TRP C 256 26.19 14.57 -1.24
CA TRP C 256 25.12 14.56 -0.25
C TRP C 256 25.06 13.29 0.60
N VAL C 257 25.86 12.28 0.28
CA VAL C 257 25.87 11.03 1.04
C VAL C 257 26.66 11.18 2.35
N LYS C 258 25.97 10.96 3.47
CA LYS C 258 26.59 11.07 4.80
C LYS C 258 26.68 9.70 5.47
N GLN C 259 26.13 8.68 4.81
CA GLN C 259 26.12 7.31 5.33
C GLN C 259 27.38 6.52 5.00
N PRO C 260 27.85 5.69 5.94
CA PRO C 260 29.05 4.88 5.71
C PRO C 260 28.75 4.15 4.39
N THR C 261 29.71 4.19 3.46
CA THR C 261 29.53 3.58 2.14
C THR C 261 30.67 2.64 1.71
N LEU C 262 30.28 1.52 1.09
CA LEU C 262 31.22 0.51 0.62
C LEU C 262 30.96 0.28 -0.87
N MET C 263 32.01 0.37 -1.67
CA MET C 263 31.90 0.17 -3.12
C MET C 263 32.92 -0.85 -3.63
N ALA C 264 32.67 -1.38 -4.82
CA ALA C 264 33.58 -2.34 -5.43
C ALA C 264 33.74 -1.98 -6.91
N ILE C 265 34.89 -2.34 -7.49
CA ILE C 265 35.18 -2.07 -8.90
C ILE C 265 36.20 -3.06 -9.44
N GLY C 266 35.92 -3.59 -10.62
CA GLY C 266 36.80 -4.52 -11.30
C GLY C 266 37.58 -3.71 -12.34
N LEU C 267 38.88 -3.91 -12.39
CA LEU C 267 39.70 -3.12 -13.30
C LEU C 267 39.51 -3.46 -14.78
N ILE C 268 38.86 -4.58 -15.09
CA ILE C 268 38.60 -4.91 -16.49
C ILE C 268 37.14 -4.73 -16.86
N ASP C 269 36.41 -3.95 -16.07
CA ASP C 269 34.99 -3.68 -16.30
C ASP C 269 34.83 -2.78 -17.53
N LYS C 270 34.11 -3.26 -18.55
CA LYS C 270 33.89 -2.47 -19.78
C LYS C 270 32.53 -1.80 -19.87
N ILE C 271 31.64 -2.16 -18.95
CA ILE C 271 30.27 -1.67 -18.85
C ILE C 271 30.22 -0.42 -17.97
N THR C 272 30.83 -0.51 -16.80
CA THR C 272 30.93 0.65 -15.90
C THR C 272 32.44 0.80 -15.75
N PRO C 273 33.06 1.63 -16.61
CA PRO C 273 34.51 1.84 -16.57
C PRO C 273 35.07 2.22 -15.20
N PRO C 274 36.23 1.64 -14.84
CA PRO C 274 36.81 1.96 -13.55
C PRO C 274 36.86 3.49 -13.27
N SER C 275 37.24 4.27 -14.26
CA SER C 275 37.32 5.71 -14.08
C SER C 275 35.97 6.31 -13.64
N THR C 276 34.88 5.91 -14.28
CA THR C 276 33.56 6.43 -13.89
C THR C 276 33.21 6.07 -12.44
N VAL C 277 33.60 4.88 -12.01
CA VAL C 277 33.32 4.47 -10.64
C VAL C 277 34.27 5.18 -9.66
N PHE C 278 35.56 5.28 -9.98
CA PHE C 278 36.45 6.02 -9.07
C PHE C 278 36.00 7.50 -8.99
N ALA C 279 35.36 8.00 -10.06
CA ALA C 279 34.91 9.39 -10.06
C ALA C 279 33.83 9.60 -9.01
N ALA C 280 32.86 8.68 -8.98
CA ALA C 280 31.79 8.78 -7.99
C ALA C 280 32.35 8.63 -6.58
N TYR C 281 33.21 7.64 -6.42
CA TYR C 281 33.82 7.38 -5.12
C TYR C 281 34.54 8.61 -4.59
N ASN C 282 35.44 9.16 -5.43
CA ASN C 282 36.23 10.34 -5.07
C ASN C 282 35.43 11.60 -4.83
N HIS C 283 34.12 11.53 -5.02
CA HIS C 283 33.26 12.69 -4.78
C HIS C 283 32.52 12.49 -3.46
N LEU C 284 32.68 11.32 -2.86
CA LEU C 284 32.03 11.07 -1.58
C LEU C 284 32.87 11.67 -0.46
N GLU C 285 32.20 12.33 0.48
CA GLU C 285 32.86 12.92 1.65
C GLU C 285 32.06 12.27 2.74
N THR C 286 32.55 11.12 3.19
CA THR C 286 31.84 10.33 4.18
C THR C 286 32.70 9.13 4.54
N ASP C 287 32.21 8.33 5.49
CA ASP C 287 32.88 7.12 5.90
C ASP C 287 32.85 6.22 4.64
N LYS C 288 33.99 6.03 3.97
CA LYS C 288 33.97 5.22 2.73
C LYS C 288 35.15 4.28 2.50
N ASP C 289 34.92 3.26 1.67
CA ASP C 289 35.94 2.29 1.30
C ASP C 289 35.62 1.78 -0.10
N LEU C 290 36.63 1.70 -0.94
CA LEU C 290 36.48 1.22 -2.32
C LEU C 290 37.40 0.02 -2.50
N LYS C 291 36.81 -1.15 -2.71
CA LYS C 291 37.56 -2.39 -2.88
C LYS C 291 37.82 -2.58 -4.35
N VAL C 292 39.08 -2.83 -4.67
CA VAL C 292 39.53 -2.97 -6.04
C VAL C 292 39.94 -4.38 -6.40
N TYR C 293 39.35 -4.90 -7.47
CA TYR C 293 39.64 -6.26 -7.94
C TYR C 293 40.23 -6.25 -9.34
N ARG C 294 41.54 -6.52 -9.45
CA ARG C 294 42.25 -6.50 -10.72
C ARG C 294 41.77 -7.44 -11.83
N TYR C 295 41.41 -8.65 -11.46
CA TYR C 295 41.01 -9.62 -12.48
C TYR C 295 39.53 -9.82 -12.71
N PHE C 296 38.72 -8.86 -12.25
CA PHE C 296 37.28 -8.96 -12.42
C PHE C 296 36.67 -7.84 -13.23
N GLY C 297 35.54 -8.14 -13.85
CA GLY C 297 34.85 -7.13 -14.62
C GLY C 297 33.50 -6.80 -14.02
N HIS C 298 32.50 -6.66 -14.87
CA HIS C 298 31.12 -6.35 -14.47
C HIS C 298 30.44 -7.70 -14.23
N GLU C 299 30.67 -8.27 -13.07
CA GLU C 299 30.16 -9.60 -12.76
C GLU C 299 30.12 -9.78 -11.24
N PHE C 300 29.71 -10.97 -10.80
CA PHE C 300 29.68 -11.28 -9.38
C PHE C 300 31.12 -11.43 -8.92
N ILE C 301 31.48 -10.72 -7.87
CA ILE C 301 32.83 -10.80 -7.34
C ILE C 301 32.78 -11.43 -5.96
N PRO C 302 33.17 -12.71 -5.88
CA PRO C 302 33.18 -13.50 -4.64
C PRO C 302 33.72 -12.80 -3.41
N ALA C 303 34.98 -12.37 -3.51
CA ALA C 303 35.67 -11.71 -2.40
C ALA C 303 34.87 -10.51 -1.89
N PHE C 304 34.27 -9.77 -2.82
CA PHE C 304 33.49 -8.63 -2.40
C PHE C 304 32.23 -9.04 -1.65
N GLN C 305 31.68 -10.21 -1.98
CA GLN C 305 30.48 -10.68 -1.30
C GLN C 305 30.78 -10.87 0.19
N THR C 306 31.99 -11.32 0.50
CA THR C 306 32.38 -11.50 1.89
C THR C 306 32.48 -10.13 2.56
N GLU C 307 33.11 -9.17 1.85
CA GLU C 307 33.26 -7.80 2.37
C GLU C 307 31.91 -7.17 2.64
N LYS C 308 31.02 -7.31 1.67
CA LYS C 308 29.69 -6.75 1.77
C LYS C 308 28.90 -7.33 2.95
N LEU C 309 28.95 -8.64 3.14
CA LEU C 309 28.28 -9.29 4.25
C LEU C 309 28.84 -8.82 5.61
N SER C 310 30.16 -8.73 5.70
CA SER C 310 30.82 -8.27 6.92
C SER C 310 30.39 -6.86 7.29
N PHE C 311 30.45 -5.97 6.28
CA PHE C 311 30.07 -4.58 6.39
C PHE C 311 28.61 -4.44 6.87
N LEU C 312 27.69 -5.13 6.19
CA LEU C 312 26.28 -5.04 6.57
C LEU C 312 26.03 -5.61 7.99
N GLN C 313 26.65 -6.74 8.28
CA GLN C 313 26.51 -7.38 9.58
C GLN C 313 26.95 -6.40 10.68
N LYS C 314 28.15 -5.85 10.51
CA LYS C 314 28.73 -4.90 11.46
C LYS C 314 27.82 -3.70 11.74
N HIS C 315 27.26 -3.13 10.68
CA HIS C 315 26.40 -1.96 10.84
C HIS C 315 24.92 -2.20 11.08
N LEU C 316 24.41 -3.36 10.67
CA LEU C 316 22.99 -3.61 10.82
C LEU C 316 22.61 -4.77 11.72
N LEU C 317 23.43 -5.82 11.76
CA LEU C 317 23.08 -6.97 12.58
C LEU C 317 23.46 -6.81 14.05
N GLN D 2 47.30 -5.85 -35.41
CA GLN D 2 47.82 -4.45 -35.45
C GLN D 2 48.63 -4.11 -34.20
N LEU D 3 49.62 -3.24 -34.35
CA LEU D 3 50.45 -2.85 -33.21
C LEU D 3 49.60 -2.69 -31.94
N PHE D 4 50.14 -3.11 -30.79
CA PHE D 4 49.37 -2.99 -29.55
C PHE D 4 50.26 -2.85 -28.32
N ASP D 5 51.49 -3.31 -28.42
CA ASP D 5 52.42 -3.25 -27.29
C ASP D 5 53.28 -1.99 -27.33
N LEU D 6 54.33 -1.97 -26.51
CA LEU D 6 55.27 -0.85 -26.48
C LEU D 6 55.78 -0.59 -27.90
N SER D 7 56.08 0.66 -28.22
CA SER D 7 56.61 0.97 -29.55
C SER D 7 57.95 0.28 -29.71
N LEU D 8 58.41 0.13 -30.94
CA LEU D 8 59.68 -0.55 -31.20
C LEU D 8 60.88 0.04 -30.46
N GLU D 9 61.05 1.36 -30.49
CA GLU D 9 62.18 1.93 -29.77
C GLU D 9 62.06 1.67 -28.27
N GLU D 10 60.84 1.61 -27.76
CA GLU D 10 60.68 1.36 -26.33
C GLU D 10 61.02 -0.10 -26.00
N LEU D 11 60.62 -0.99 -26.90
CA LEU D 11 60.87 -2.43 -26.74
C LEU D 11 62.34 -2.80 -26.70
N LYS D 12 63.14 -2.12 -27.51
CA LYS D 12 64.55 -2.41 -27.56
C LYS D 12 65.23 -2.07 -26.26
N LYS D 13 64.64 -1.13 -25.53
CA LYS D 13 65.18 -0.65 -24.26
C LYS D 13 64.51 -1.30 -23.05
N TYR D 14 63.51 -2.15 -23.29
CA TYR D 14 62.79 -2.77 -22.20
C TYR D 14 63.58 -3.91 -21.52
N LYS D 15 63.93 -3.68 -20.27
CA LYS D 15 64.68 -4.67 -19.49
C LYS D 15 64.18 -4.67 -18.04
N PRO D 16 63.07 -5.37 -17.80
CA PRO D 16 62.49 -5.45 -16.47
C PRO D 16 63.46 -5.99 -15.43
N LYS D 17 63.42 -5.42 -14.22
CA LYS D 17 64.27 -5.87 -13.14
C LYS D 17 64.02 -7.32 -12.83
N LYS D 18 65.09 -8.07 -12.64
CA LYS D 18 64.93 -9.48 -12.36
C LYS D 18 64.11 -9.71 -11.09
N THR D 19 63.31 -10.78 -11.10
CA THR D 19 62.45 -11.15 -9.96
C THR D 19 62.98 -12.40 -9.26
N ALA D 20 64.16 -12.85 -9.63
CA ALA D 20 64.71 -14.06 -9.02
C ALA D 20 64.94 -13.95 -7.52
N ARG D 21 64.45 -14.93 -6.77
CA ARG D 21 64.64 -14.92 -5.32
C ARG D 21 66.09 -15.23 -4.95
N PRO D 22 66.48 -14.92 -3.70
CA PRO D 22 67.85 -15.19 -3.25
C PRO D 22 68.31 -16.65 -3.40
N ASP D 23 67.38 -17.60 -3.31
CA ASP D 23 67.75 -19.01 -3.43
C ASP D 23 67.49 -19.58 -4.82
N PHE D 24 67.48 -18.71 -5.82
CA PHE D 24 67.22 -19.14 -7.20
C PHE D 24 68.21 -20.23 -7.60
N SER D 25 69.51 -19.91 -7.48
CA SER D 25 70.55 -20.84 -7.87
C SER D 25 70.49 -22.18 -7.13
N ASP D 26 70.26 -22.14 -5.82
CA ASP D 26 70.18 -23.37 -5.00
C ASP D 26 69.03 -24.25 -5.44
N PHE D 27 67.88 -23.63 -5.67
CA PHE D 27 66.72 -24.37 -6.13
C PHE D 27 67.08 -25.22 -7.36
N TRP D 28 67.77 -24.61 -8.32
CA TRP D 28 68.12 -25.36 -9.53
C TRP D 28 69.24 -26.39 -9.35
N LYS D 29 70.28 -26.05 -8.60
CA LYS D 29 71.36 -27.02 -8.35
C LYS D 29 70.71 -28.22 -7.69
N LYS D 30 69.78 -27.95 -6.79
CA LYS D 30 69.06 -28.99 -6.06
C LYS D 30 68.15 -29.81 -6.97
N SER D 31 67.41 -29.15 -7.86
CA SER D 31 66.53 -29.87 -8.80
C SER D 31 67.36 -30.76 -9.72
N LEU D 32 68.44 -30.19 -10.27
CA LEU D 32 69.32 -30.96 -11.13
C LEU D 32 69.88 -32.22 -10.42
N GLU D 33 70.07 -32.13 -9.11
CA GLU D 33 70.60 -33.25 -8.31
C GLU D 33 69.56 -34.35 -8.21
N GLU D 34 68.31 -33.96 -8.00
CA GLU D 34 67.24 -34.93 -7.92
C GLU D 34 67.10 -35.62 -9.27
N LEU D 35 67.31 -34.86 -10.34
CA LEU D 35 67.24 -35.42 -11.70
C LEU D 35 68.35 -36.46 -11.90
N ARG D 36 69.55 -36.12 -11.45
CA ARG D 36 70.71 -37.00 -11.61
C ARG D 36 70.50 -38.34 -10.89
N GLN D 37 69.72 -38.33 -9.82
CA GLN D 37 69.49 -39.55 -9.08
C GLN D 37 68.67 -40.59 -9.87
N VAL D 38 67.92 -40.13 -10.86
CA VAL D 38 67.14 -41.05 -11.69
C VAL D 38 67.97 -41.47 -12.89
N GLU D 39 68.20 -42.78 -13.03
CA GLU D 39 68.98 -43.30 -14.15
C GLU D 39 68.14 -43.20 -15.43
N ALA D 40 68.71 -42.57 -16.45
CA ALA D 40 68.03 -42.38 -17.73
C ALA D 40 67.45 -43.66 -18.38
N GLU D 41 68.26 -44.72 -18.43
CA GLU D 41 67.83 -45.98 -19.04
C GLU D 41 67.02 -45.82 -20.32
N PRO D 42 67.58 -45.18 -21.34
CA PRO D 42 66.84 -44.92 -22.58
C PRO D 42 66.58 -46.14 -23.45
N THR D 43 65.46 -46.14 -24.16
CA THR D 43 65.11 -47.23 -25.07
C THR D 43 64.81 -46.64 -26.45
N LEU D 44 65.23 -47.33 -27.50
CA LEU D 44 65.01 -46.90 -28.88
C LEU D 44 64.37 -48.03 -29.66
N GLU D 45 63.29 -47.75 -30.37
CA GLU D 45 62.59 -48.75 -31.16
C GLU D 45 62.35 -48.22 -32.58
N SER D 46 62.56 -49.09 -33.56
CA SER D 46 62.38 -48.73 -34.96
C SER D 46 60.93 -48.32 -35.27
N TYR D 47 60.78 -47.17 -35.90
CA TYR D 47 59.46 -46.65 -36.26
C TYR D 47 59.37 -46.39 -37.76
N ASP D 48 58.53 -47.13 -38.45
CA ASP D 48 58.39 -47.01 -39.90
C ASP D 48 57.83 -45.67 -40.36
N TYR D 49 58.45 -45.06 -41.37
CA TYR D 49 58.03 -43.76 -41.94
C TYR D 49 58.46 -43.72 -43.40
N PRO D 50 57.56 -43.27 -44.29
CA PRO D 50 57.79 -43.19 -45.75
C PRO D 50 58.77 -42.12 -46.18
N VAL D 51 60.05 -42.35 -45.93
CA VAL D 51 61.08 -41.40 -46.31
C VAL D 51 62.40 -42.13 -46.55
N LYS D 52 63.14 -41.69 -47.57
CA LYS D 52 64.45 -42.26 -47.93
C LYS D 52 65.58 -41.40 -47.38
N GLY D 53 66.64 -42.04 -46.92
CA GLY D 53 67.77 -41.30 -46.38
C GLY D 53 67.68 -41.07 -44.88
N VAL D 54 66.57 -41.43 -44.25
CA VAL D 54 66.46 -41.20 -42.82
C VAL D 54 65.84 -42.37 -42.08
N LYS D 55 66.34 -42.65 -40.89
CA LYS D 55 65.81 -43.72 -40.06
C LYS D 55 65.18 -43.09 -38.82
N VAL D 56 63.94 -43.46 -38.54
CA VAL D 56 63.20 -42.92 -37.39
C VAL D 56 63.01 -43.93 -36.26
N TYR D 57 63.03 -43.43 -35.03
CA TYR D 57 62.85 -44.24 -33.84
C TYR D 57 61.95 -43.54 -32.85
N ARG D 58 61.52 -44.31 -31.86
CA ARG D 58 60.72 -43.83 -30.75
C ARG D 58 61.73 -43.96 -29.63
N LEU D 59 62.13 -42.81 -29.07
CA LEU D 59 63.07 -42.77 -27.97
C LEU D 59 62.34 -42.51 -26.65
N THR D 60 62.71 -43.27 -25.62
CA THR D 60 62.13 -43.06 -24.30
C THR D 60 63.24 -43.04 -23.25
N TYR D 61 62.98 -42.34 -22.16
CA TYR D 61 63.94 -42.28 -21.07
C TYR D 61 63.26 -41.87 -19.79
N GLN D 62 63.93 -42.15 -18.68
CA GLN D 62 63.43 -41.84 -17.36
C GLN D 62 63.99 -40.50 -16.93
N SER D 63 63.17 -39.68 -16.27
CA SER D 63 63.63 -38.38 -15.86
C SER D 63 63.10 -37.98 -14.46
N PHE D 64 63.07 -36.69 -14.18
CA PHE D 64 62.62 -36.20 -12.87
C PHE D 64 61.35 -36.88 -12.39
N GLY D 65 61.40 -37.41 -11.18
CA GLY D 65 60.26 -38.10 -10.59
C GLY D 65 59.98 -39.45 -11.21
N HIS D 66 60.99 -40.03 -11.85
CA HIS D 66 60.82 -41.32 -12.49
C HIS D 66 59.73 -41.29 -13.56
N SER D 67 59.67 -40.18 -14.32
CA SER D 67 58.67 -40.02 -15.38
C SER D 67 59.24 -40.51 -16.70
N LYS D 68 58.46 -41.30 -17.42
CA LYS D 68 58.86 -41.86 -18.69
C LYS D 68 58.59 -40.81 -19.77
N ILE D 69 59.65 -40.20 -20.29
CA ILE D 69 59.57 -39.20 -21.33
C ILE D 69 59.83 -39.80 -22.71
N GLU D 70 59.11 -39.31 -23.73
CA GLU D 70 59.35 -39.79 -25.08
C GLU D 70 59.23 -38.76 -26.20
N GLY D 71 59.45 -39.24 -27.42
CA GLY D 71 59.38 -38.39 -28.60
C GLY D 71 60.04 -39.14 -29.74
N PHE D 72 59.83 -38.67 -30.97
CA PHE D 72 60.46 -39.35 -32.10
C PHE D 72 61.90 -38.88 -32.29
N TYR D 73 62.77 -39.81 -32.69
CA TYR D 73 64.19 -39.55 -32.95
C TYR D 73 64.48 -39.97 -34.39
N ALA D 74 64.80 -39.02 -35.24
CA ALA D 74 65.08 -39.32 -36.66
C ALA D 74 66.55 -39.07 -36.95
N VAL D 75 67.19 -40.01 -37.65
CA VAL D 75 68.61 -39.89 -37.93
C VAL D 75 68.94 -40.05 -39.41
N PRO D 76 69.92 -39.27 -39.90
CA PRO D 76 70.36 -39.30 -41.30
C PRO D 76 70.91 -40.70 -41.56
N ASP D 77 70.47 -41.32 -42.65
CA ASP D 77 70.90 -42.68 -42.97
C ASP D 77 72.30 -42.71 -43.56
N GLN D 78 73.27 -42.20 -42.80
CA GLN D 78 74.66 -42.19 -43.28
C GLN D 78 75.63 -42.20 -42.09
N THR D 79 76.89 -42.54 -42.35
CA THR D 79 77.88 -42.60 -41.28
C THR D 79 78.07 -41.26 -40.55
N GLY D 80 78.04 -41.34 -39.22
CA GLY D 80 78.22 -40.16 -38.40
C GLY D 80 79.67 -39.78 -38.24
N PRO D 81 80.02 -38.96 -37.23
CA PRO D 81 79.11 -38.40 -36.23
C PRO D 81 78.22 -37.35 -36.88
N HIS D 82 76.96 -37.28 -36.43
CA HIS D 82 76.00 -36.33 -36.97
C HIS D 82 75.74 -35.16 -36.03
N PRO D 83 75.51 -33.96 -36.59
CA PRO D 83 75.22 -32.84 -35.68
C PRO D 83 73.83 -33.22 -35.18
N ALA D 84 73.37 -32.61 -34.08
CA ALA D 84 72.07 -32.97 -33.55
C ALA D 84 71.20 -31.82 -33.07
N LEU D 85 69.90 -32.09 -32.98
CA LEU D 85 68.91 -31.11 -32.53
C LEU D 85 67.84 -31.72 -31.62
N VAL D 86 67.51 -30.98 -30.57
CA VAL D 86 66.46 -31.39 -29.66
C VAL D 86 65.45 -30.28 -29.92
N ARG D 87 64.32 -30.64 -30.50
CA ARG D 87 63.29 -29.66 -30.81
C ARG D 87 62.17 -29.77 -29.80
N PHE D 88 61.75 -28.63 -29.25
CA PHE D 88 60.68 -28.60 -28.25
C PHE D 88 59.45 -27.98 -28.91
N HIS D 89 58.28 -28.54 -28.61
CA HIS D 89 57.01 -28.09 -29.21
C HIS D 89 56.19 -27.07 -28.43
N GLY D 90 55.19 -26.51 -29.10
CA GLY D 90 54.35 -25.50 -28.49
C GLY D 90 53.37 -26.00 -27.46
N TYR D 91 52.81 -25.06 -26.70
CA TYR D 91 51.88 -25.40 -25.64
C TYR D 91 50.66 -26.04 -26.29
N ASN D 92 50.34 -27.28 -25.92
CA ASN D 92 49.15 -27.96 -26.48
C ASN D 92 49.14 -27.95 -28.01
N ALA D 93 50.32 -27.84 -28.60
CA ALA D 93 50.41 -27.75 -30.06
C ALA D 93 51.12 -28.91 -30.80
N SER D 94 51.23 -30.05 -30.13
CA SER D 94 51.86 -31.22 -30.74
C SER D 94 50.83 -32.20 -31.31
N TYR D 95 50.88 -32.41 -32.62
CA TYR D 95 49.98 -33.36 -33.30
C TYR D 95 50.80 -34.58 -33.76
N ASP D 96 50.42 -35.78 -33.32
CA ASP D 96 51.15 -37.01 -33.68
C ASP D 96 52.66 -36.90 -33.50
N GLY D 97 53.05 -36.34 -32.35
CA GLY D 97 54.45 -36.16 -32.03
C GLY D 97 55.26 -35.21 -32.90
N GLY D 98 54.62 -34.51 -33.82
CA GLY D 98 55.37 -33.62 -34.69
C GLY D 98 56.33 -34.38 -35.61
N ILE D 99 56.10 -35.68 -35.78
CA ILE D 99 56.97 -36.53 -36.60
C ILE D 99 57.43 -35.97 -37.96
N HIS D 100 56.50 -35.42 -38.73
CA HIS D 100 56.84 -34.87 -40.03
C HIS D 100 57.95 -33.80 -39.99
N ASP D 101 57.90 -32.92 -39.00
CA ASP D 101 58.90 -31.87 -38.85
C ASP D 101 60.22 -32.44 -38.37
N ILE D 102 60.14 -33.44 -37.52
CA ILE D 102 61.35 -34.09 -37.02
C ILE D 102 62.04 -34.78 -38.20
N VAL D 103 61.27 -35.51 -39.01
CA VAL D 103 61.84 -36.17 -40.19
C VAL D 103 62.50 -35.14 -41.12
N ASN D 104 61.85 -33.99 -41.33
CA ASN D 104 62.40 -32.95 -42.19
C ASN D 104 63.73 -32.42 -41.65
N TRP D 105 63.82 -32.25 -40.33
CA TRP D 105 65.06 -31.79 -39.73
C TRP D 105 66.18 -32.82 -40.01
N ALA D 106 65.88 -34.10 -39.91
CA ALA D 106 66.90 -35.14 -40.20
C ALA D 106 67.32 -35.04 -41.66
N LEU D 107 66.39 -34.70 -42.54
CA LEU D 107 66.71 -34.57 -43.97
C LEU D 107 67.66 -33.41 -44.19
N HIS D 108 67.59 -32.38 -43.34
CA HIS D 108 68.48 -31.23 -43.45
C HIS D 108 69.88 -31.56 -42.93
N GLY D 109 70.04 -32.80 -42.44
CA GLY D 109 71.31 -33.28 -41.93
C GLY D 109 71.45 -33.42 -40.42
N TYR D 110 70.37 -33.20 -39.69
CA TYR D 110 70.43 -33.27 -38.23
C TYR D 110 69.78 -34.48 -37.57
N ALA D 111 70.48 -35.10 -36.63
CA ALA D 111 69.89 -36.21 -35.86
C ALA D 111 69.00 -35.37 -34.97
N THR D 112 67.69 -35.60 -35.04
CA THR D 112 66.71 -34.81 -34.31
C THR D 112 65.76 -35.58 -33.40
N PHE D 113 65.58 -35.03 -32.21
CA PHE D 113 64.69 -35.61 -31.21
C PHE D 113 63.65 -34.56 -30.80
N GLY D 114 62.38 -34.89 -30.98
CA GLY D 114 61.32 -33.96 -30.60
C GLY D 114 60.77 -34.41 -29.26
N MET D 115 61.34 -33.88 -28.17
CA MET D 115 60.88 -34.25 -26.82
C MET D 115 59.43 -33.85 -26.64
N LEU D 116 58.61 -34.79 -26.19
CA LEU D 116 57.21 -34.49 -25.97
C LEU D 116 56.99 -34.05 -24.50
N VAL D 117 56.44 -32.85 -24.33
CA VAL D 117 56.16 -32.29 -23.01
C VAL D 117 55.11 -33.03 -22.20
N ARG D 118 55.45 -33.38 -20.96
CA ARG D 118 54.55 -34.10 -20.04
C ARG D 118 53.06 -33.80 -20.16
N GLY D 119 52.30 -34.84 -20.50
CA GLY D 119 50.85 -34.71 -20.60
C GLY D 119 50.29 -33.98 -21.79
N GLN D 120 51.15 -33.31 -22.54
CA GLN D 120 50.71 -32.58 -23.72
C GLN D 120 50.81 -33.42 -24.97
N GLY D 121 51.96 -33.36 -25.63
CA GLY D 121 52.13 -34.11 -26.86
C GLY D 121 52.45 -35.56 -26.64
N GLY D 122 52.73 -35.90 -25.39
CA GLY D 122 53.08 -37.25 -25.04
C GLY D 122 53.86 -37.18 -23.74
N SER D 123 54.45 -38.31 -23.33
CA SER D 123 55.24 -38.39 -22.09
C SER D 123 54.38 -38.44 -20.83
N GLU D 124 54.88 -39.16 -19.83
CA GLU D 124 54.23 -39.33 -18.55
C GLU D 124 54.56 -38.20 -17.58
N ASP D 125 53.63 -37.86 -16.69
CA ASP D 125 53.90 -36.84 -15.66
C ASP D 125 53.46 -37.46 -14.35
N THR D 126 54.41 -37.97 -13.59
CA THR D 126 54.12 -38.61 -12.32
C THR D 126 53.89 -37.59 -11.23
N SER D 127 54.12 -36.32 -11.55
CA SER D 127 53.90 -35.24 -10.59
C SER D 127 52.43 -35.23 -10.16
N VAL D 128 52.17 -35.10 -8.88
CA VAL D 128 50.80 -35.06 -8.40
C VAL D 128 50.26 -33.63 -8.51
N THR D 129 48.95 -33.48 -8.47
CA THR D 129 48.32 -32.15 -8.50
C THR D 129 48.01 -31.83 -7.03
N PRO D 130 48.78 -30.90 -6.42
CA PRO D 130 48.55 -30.53 -5.01
C PRO D 130 47.15 -30.05 -4.67
N GLY D 131 46.59 -29.20 -5.53
CA GLY D 131 45.27 -28.67 -5.24
C GLY D 131 44.62 -28.05 -6.45
N GLY D 132 43.72 -27.10 -6.23
CA GLY D 132 43.01 -26.49 -7.35
C GLY D 132 43.80 -25.57 -8.26
N HIS D 133 43.40 -25.51 -9.53
CA HIS D 133 44.06 -24.62 -10.47
C HIS D 133 43.16 -24.40 -11.70
N ALA D 134 43.47 -23.38 -12.49
CA ALA D 134 42.69 -23.11 -13.67
C ALA D 134 42.95 -24.16 -14.74
N LEU D 135 42.00 -24.30 -15.64
CA LEU D 135 42.10 -25.28 -16.73
C LEU D 135 43.42 -25.08 -17.47
N GLY D 136 44.19 -26.15 -17.63
CA GLY D 136 45.45 -26.05 -18.33
C GLY D 136 46.61 -26.48 -17.46
N TRP D 137 47.83 -26.42 -17.98
CA TRP D 137 49.05 -26.81 -17.26
C TRP D 137 49.75 -25.62 -16.59
N MET D 138 49.48 -24.40 -17.06
CA MET D 138 50.12 -23.20 -16.53
C MET D 138 50.07 -22.98 -15.02
N THR D 139 49.02 -23.44 -14.36
CA THR D 139 48.93 -23.24 -12.94
C THR D 139 48.92 -24.50 -12.08
N LYS D 140 49.26 -25.63 -12.68
CA LYS D 140 49.30 -26.87 -11.91
C LYS D 140 50.47 -26.80 -10.90
N GLY D 141 50.17 -27.00 -9.62
CA GLY D 141 51.21 -26.96 -8.60
C GLY D 141 51.90 -25.59 -8.47
N ILE D 142 51.22 -24.54 -8.91
CA ILE D 142 51.78 -23.21 -8.85
C ILE D 142 52.05 -22.64 -7.43
N LEU D 143 51.48 -23.22 -6.39
CA LEU D 143 51.73 -22.65 -5.05
C LEU D 143 53.10 -23.01 -4.45
N SER D 144 53.91 -23.77 -5.20
CA SER D 144 55.25 -24.13 -4.74
C SER D 144 56.22 -24.45 -5.87
N LYS D 145 57.44 -23.91 -5.74
CA LYS D 145 58.45 -24.13 -6.73
C LYS D 145 58.80 -25.61 -6.88
N ASP D 146 58.60 -26.40 -5.83
CA ASP D 146 58.93 -27.81 -5.92
C ASP D 146 57.88 -28.63 -6.67
N THR D 147 56.64 -28.15 -6.64
CA THR D 147 55.55 -28.88 -7.29
C THR D 147 55.09 -28.32 -8.63
N TYR D 148 55.64 -27.18 -9.05
CA TYR D 148 55.21 -26.56 -10.30
C TYR D 148 55.44 -27.39 -11.55
N TYR D 149 54.43 -27.40 -12.41
CA TYR D 149 54.49 -28.15 -13.65
C TYR D 149 55.80 -28.03 -14.45
N TYR D 150 56.28 -26.80 -14.67
CA TYR D 150 57.49 -26.66 -15.47
C TYR D 150 58.82 -27.11 -14.83
N ARG D 151 58.79 -27.47 -13.56
CA ARG D 151 60.03 -27.93 -12.91
C ARG D 151 60.41 -29.23 -13.60
N GLY D 152 59.48 -30.18 -13.60
CA GLY D 152 59.76 -31.45 -14.23
C GLY D 152 60.03 -31.29 -15.72
N VAL D 153 59.32 -30.39 -16.38
CA VAL D 153 59.54 -30.22 -17.82
C VAL D 153 60.92 -29.70 -18.19
N TYR D 154 61.37 -28.67 -17.48
CA TYR D 154 62.69 -28.10 -17.72
C TYR D 154 63.73 -29.22 -17.47
N LEU D 155 63.51 -30.02 -16.42
CA LEU D 155 64.47 -31.08 -16.11
C LEU D 155 64.44 -32.16 -17.20
N ASP D 156 63.26 -32.40 -17.80
CA ASP D 156 63.18 -33.39 -18.88
C ASP D 156 64.01 -32.87 -20.04
N ALA D 157 63.96 -31.54 -20.23
CA ALA D 157 64.70 -30.88 -21.30
C ALA D 157 66.18 -31.08 -21.14
N VAL D 158 66.67 -30.92 -19.91
CA VAL D 158 68.10 -31.09 -19.70
C VAL D 158 68.44 -32.56 -19.93
N ARG D 159 67.65 -33.47 -19.36
CA ARG D 159 67.92 -34.90 -19.52
C ARG D 159 67.91 -35.29 -20.99
N ALA D 160 67.06 -34.64 -21.77
CA ALA D 160 66.99 -34.98 -23.20
C ALA D 160 68.38 -34.84 -23.82
N LEU D 161 69.03 -33.72 -23.53
CA LEU D 161 70.36 -33.42 -24.02
C LEU D 161 71.40 -34.46 -23.53
N GLU D 162 71.31 -34.82 -22.26
CA GLU D 162 72.23 -35.80 -21.67
C GLU D 162 72.11 -37.11 -22.44
N VAL D 163 70.87 -37.49 -22.75
CA VAL D 163 70.63 -38.73 -23.48
C VAL D 163 71.16 -38.70 -24.90
N ILE D 164 70.82 -37.66 -25.64
CA ILE D 164 71.27 -37.60 -27.03
C ILE D 164 72.79 -37.52 -27.18
N GLN D 165 73.45 -36.68 -26.38
CA GLN D 165 74.90 -36.58 -26.53
C GLN D 165 75.60 -37.91 -26.23
N SER D 166 74.97 -38.75 -25.41
CA SER D 166 75.55 -40.05 -25.07
C SER D 166 75.50 -41.03 -26.25
N PHE D 167 74.69 -40.74 -27.26
CA PHE D 167 74.56 -41.61 -28.43
C PHE D 167 75.82 -41.61 -29.30
N PRO D 168 76.33 -42.79 -29.67
CA PRO D 168 77.54 -42.88 -30.49
C PRO D 168 77.52 -42.15 -31.84
N GLU D 169 76.37 -42.16 -32.51
CA GLU D 169 76.26 -41.50 -33.81
C GLU D 169 76.13 -39.98 -33.69
N VAL D 170 76.16 -39.47 -32.46
CA VAL D 170 76.03 -38.03 -32.25
C VAL D 170 77.31 -37.29 -31.88
N ASP D 171 77.58 -36.21 -32.60
CA ASP D 171 78.74 -35.38 -32.29
C ASP D 171 78.32 -34.49 -31.12
N GLU D 172 78.77 -34.86 -29.92
CA GLU D 172 78.46 -34.13 -28.70
C GLU D 172 78.83 -32.66 -28.72
N HIS D 173 79.71 -32.29 -29.65
CA HIS D 173 80.16 -30.90 -29.76
C HIS D 173 79.32 -30.07 -30.71
N ARG D 174 78.37 -30.71 -31.40
CA ARG D 174 77.50 -30.00 -32.33
C ARG D 174 76.01 -30.29 -32.08
N ILE D 175 75.54 -29.82 -30.93
CA ILE D 175 74.16 -29.99 -30.52
C ILE D 175 73.46 -28.65 -30.35
N GLY D 176 72.30 -28.50 -30.99
CA GLY D 176 71.55 -27.28 -30.85
C GLY D 176 70.19 -27.55 -30.21
N VAL D 177 69.61 -26.51 -29.62
CA VAL D 177 68.28 -26.61 -29.02
C VAL D 177 67.42 -25.55 -29.69
N ILE D 178 66.30 -25.99 -30.28
CA ILE D 178 65.41 -25.12 -30.99
C ILE D 178 63.95 -25.28 -30.58
N GLY D 179 63.15 -24.24 -30.83
CA GLY D 179 61.74 -24.32 -30.49
C GLY D 179 61.02 -23.00 -30.62
N GLY D 180 59.70 -23.07 -30.77
CA GLY D 180 58.86 -21.87 -30.87
C GLY D 180 57.93 -21.74 -29.67
N SER D 181 57.82 -20.53 -29.10
CA SER D 181 56.97 -20.22 -27.95
C SER D 181 57.31 -21.05 -26.71
N GLN D 182 56.44 -21.98 -26.32
CA GLN D 182 56.78 -22.81 -25.16
C GLN D 182 58.13 -23.49 -25.46
N GLY D 183 58.30 -23.91 -26.71
CA GLY D 183 59.53 -24.59 -27.10
C GLY D 183 60.72 -23.65 -27.09
N GLY D 184 60.48 -22.40 -27.43
CA GLY D 184 61.56 -21.43 -27.43
C GLY D 184 62.03 -21.29 -25.99
N ALA D 185 61.10 -21.35 -25.04
CA ALA D 185 61.47 -21.26 -23.62
C ALA D 185 62.22 -22.48 -23.09
N LEU D 186 61.81 -23.69 -23.50
CA LEU D 186 62.49 -24.90 -23.04
C LEU D 186 63.91 -24.94 -23.62
N ALA D 187 64.07 -24.40 -24.83
CA ALA D 187 65.38 -24.39 -25.45
C ALA D 187 66.28 -23.40 -24.69
N ILE D 188 65.72 -22.27 -24.28
CA ILE D 188 66.50 -21.27 -23.56
C ILE D 188 66.81 -21.79 -22.15
N ALA D 189 65.82 -22.41 -21.49
CA ALA D 189 66.02 -22.97 -20.15
C ALA D 189 67.05 -24.09 -20.17
N ALA D 190 66.94 -24.97 -21.16
CA ALA D 190 67.87 -26.10 -21.32
C ALA D 190 69.29 -25.59 -21.41
N ALA D 191 69.50 -24.57 -22.23
CA ALA D 191 70.82 -23.96 -22.44
C ALA D 191 71.34 -23.29 -21.17
N ALA D 192 70.43 -22.62 -20.47
CA ALA D 192 70.77 -21.93 -19.24
C ALA D 192 71.18 -22.95 -18.17
N LEU D 193 70.51 -24.09 -18.15
CA LEU D 193 70.81 -25.12 -17.15
C LEU D 193 71.90 -26.12 -17.51
N SER D 194 72.20 -26.24 -18.80
CA SER D 194 73.19 -27.19 -19.28
C SER D 194 74.13 -26.58 -20.32
N ASP D 195 75.41 -26.95 -20.28
CA ASP D 195 76.36 -26.44 -21.25
C ASP D 195 76.50 -27.43 -22.40
N ILE D 196 75.55 -28.36 -22.50
CA ILE D 196 75.59 -29.37 -23.54
C ILE D 196 75.32 -28.79 -24.93
N PRO D 197 74.28 -27.95 -25.08
CA PRO D 197 73.95 -27.33 -26.38
C PRO D 197 75.01 -26.32 -26.82
N LYS D 198 75.35 -26.32 -28.11
CA LYS D 198 76.35 -25.37 -28.61
C LYS D 198 75.61 -24.09 -29.01
N VAL D 199 74.39 -24.22 -29.53
CA VAL D 199 73.61 -23.04 -29.91
C VAL D 199 72.11 -23.15 -29.58
N VAL D 200 71.44 -22.01 -29.62
CA VAL D 200 70.02 -21.91 -29.28
C VAL D 200 69.24 -21.10 -30.31
N VAL D 201 68.08 -21.62 -30.72
CA VAL D 201 67.19 -20.92 -31.63
C VAL D 201 65.83 -20.91 -30.95
N ALA D 202 65.28 -19.73 -30.66
CA ALA D 202 63.99 -19.65 -29.98
C ALA D 202 63.04 -18.65 -30.62
N ASP D 203 61.98 -19.16 -31.25
CA ASP D 203 60.99 -18.29 -31.88
C ASP D 203 60.07 -17.81 -30.74
N TYR D 204 59.87 -16.51 -30.66
CA TYR D 204 58.97 -15.89 -29.68
C TYR D 204 58.75 -16.75 -28.44
N PRO D 205 59.76 -16.82 -27.57
CA PRO D 205 59.68 -17.60 -26.34
C PRO D 205 58.61 -17.16 -25.32
N TYR D 206 57.96 -18.18 -24.76
CA TYR D 206 56.91 -18.04 -23.79
C TYR D 206 57.58 -18.05 -22.41
N LEU D 207 56.78 -18.17 -21.35
CA LEU D 207 57.26 -18.22 -19.96
C LEU D 207 58.30 -17.12 -19.65
N SER D 208 58.01 -15.90 -20.04
CA SER D 208 58.96 -14.82 -19.82
C SER D 208 58.28 -13.54 -19.32
N ASN D 209 58.84 -12.97 -18.26
CA ASN D 209 58.35 -11.74 -17.66
C ASN D 209 56.89 -11.92 -17.34
N PHE D 210 56.61 -12.90 -16.48
CA PHE D 210 55.24 -13.26 -16.11
C PHE D 210 54.42 -12.11 -15.59
N GLU D 211 55.00 -11.29 -14.72
CA GLU D 211 54.28 -10.16 -14.16
C GLU D 211 53.75 -9.15 -15.17
N ARG D 212 54.41 -9.04 -16.31
CA ARG D 212 53.92 -8.11 -17.32
C ARG D 212 53.00 -8.88 -18.27
N ALA D 213 53.35 -10.13 -18.53
CA ALA D 213 52.57 -10.98 -19.41
C ALA D 213 51.08 -11.03 -19.10
N VAL D 214 50.74 -11.26 -17.84
CA VAL D 214 49.32 -11.32 -17.45
C VAL D 214 48.59 -9.99 -17.63
N ASP D 215 49.34 -8.90 -17.81
CA ASP D 215 48.72 -7.58 -17.98
C ASP D 215 48.68 -7.10 -19.43
N VAL D 216 49.40 -7.81 -20.29
CA VAL D 216 49.50 -7.44 -21.70
C VAL D 216 48.98 -8.50 -22.68
N ALA D 217 49.13 -9.77 -22.34
CA ALA D 217 48.68 -10.85 -23.22
C ALA D 217 47.19 -10.67 -23.55
N LEU D 218 46.80 -11.02 -24.78
CA LEU D 218 45.40 -10.86 -25.18
C LEU D 218 44.71 -12.15 -25.57
N GLU D 219 45.47 -13.24 -25.54
CA GLU D 219 44.98 -14.58 -25.88
C GLU D 219 45.61 -15.55 -24.89
N GLN D 220 45.17 -16.81 -24.91
CA GLN D 220 45.72 -17.84 -24.03
C GLN D 220 47.15 -18.13 -24.54
N PRO D 221 48.01 -18.79 -23.73
CA PRO D 221 47.76 -19.29 -22.38
C PRO D 221 48.26 -18.52 -21.15
N TYR D 222 48.93 -17.36 -21.32
CA TYR D 222 49.37 -16.63 -20.13
C TYR D 222 48.14 -16.36 -19.26
N LEU D 223 47.01 -16.05 -19.91
CA LEU D 223 45.79 -15.71 -19.18
C LEU D 223 45.26 -16.82 -18.25
N GLU D 224 45.88 -18.01 -18.26
CA GLU D 224 45.43 -19.06 -17.35
C GLU D 224 45.77 -18.61 -15.94
N ILE D 225 46.84 -17.84 -15.81
CA ILE D 225 47.25 -17.33 -14.50
C ILE D 225 46.14 -16.36 -14.03
N ASN D 226 45.64 -15.52 -14.92
CA ASN D 226 44.58 -14.59 -14.54
C ASN D 226 43.35 -15.39 -14.06
N SER D 227 43.03 -16.47 -14.77
CA SER D 227 41.90 -17.31 -14.45
C SER D 227 42.05 -17.94 -13.08
N TYR D 228 43.30 -18.28 -12.76
CA TYR D 228 43.62 -18.90 -11.49
C TYR D 228 43.33 -17.91 -10.35
N PHE D 229 43.77 -16.66 -10.53
CA PHE D 229 43.57 -15.62 -9.52
C PHE D 229 42.10 -15.29 -9.34
N ARG D 230 41.30 -15.43 -10.40
CA ARG D 230 39.86 -15.17 -10.25
C ARG D 230 39.20 -16.27 -9.39
N ARG D 231 39.68 -17.50 -9.51
CA ARG D 231 39.12 -18.63 -8.78
C ARG D 231 39.68 -18.84 -7.35
N ASN D 232 40.83 -18.23 -7.06
CA ASN D 232 41.46 -18.34 -5.74
C ASN D 232 41.87 -16.92 -5.39
N SER D 233 40.91 -16.17 -4.85
CA SER D 233 41.04 -14.74 -4.56
C SER D 233 41.95 -14.26 -3.44
N ASP D 234 42.43 -15.17 -2.61
CA ASP D 234 43.31 -14.81 -1.49
C ASP D 234 44.54 -14.02 -1.99
N PRO D 235 44.71 -12.76 -1.54
CA PRO D 235 45.87 -11.94 -1.96
C PRO D 235 47.23 -12.60 -1.79
N LYS D 236 47.39 -13.43 -0.76
CA LYS D 236 48.69 -14.10 -0.56
C LYS D 236 48.91 -15.18 -1.62
N VAL D 237 47.84 -15.64 -2.23
CA VAL D 237 47.96 -16.66 -3.27
C VAL D 237 48.63 -16.06 -4.50
N GLU D 238 48.28 -14.82 -4.80
CA GLU D 238 48.83 -14.12 -5.96
C GLU D 238 50.30 -13.93 -5.66
N GLU D 239 50.61 -13.51 -4.43
CA GLU D 239 52.01 -13.32 -4.07
C GLU D 239 52.75 -14.64 -4.20
N LYS D 240 52.17 -15.70 -3.66
CA LYS D 240 52.85 -17.00 -3.73
C LYS D 240 53.05 -17.47 -5.17
N ALA D 241 52.02 -17.35 -5.99
CA ALA D 241 52.09 -17.78 -7.38
C ALA D 241 53.23 -17.12 -8.20
N PHE D 242 53.46 -15.83 -8.00
CA PHE D 242 54.53 -15.14 -8.73
C PHE D 242 55.92 -15.49 -8.21
N GLU D 243 56.00 -15.76 -6.90
CA GLU D 243 57.28 -16.15 -6.34
C GLU D 243 57.61 -17.48 -7.03
N THR D 244 56.64 -18.39 -7.10
CA THR D 244 56.87 -19.69 -7.76
C THR D 244 57.30 -19.48 -9.21
N LEU D 245 56.52 -18.69 -9.92
CA LEU D 245 56.81 -18.44 -11.32
C LEU D 245 58.17 -17.79 -11.55
N SER D 246 58.63 -16.96 -10.62
CA SER D 246 59.94 -16.34 -10.81
C SER D 246 61.07 -17.35 -11.06
N TYR D 247 61.00 -18.52 -10.45
CA TYR D 247 62.05 -19.53 -10.60
C TYR D 247 62.17 -20.10 -12.00
N PHE D 248 61.12 -19.96 -12.79
CA PHE D 248 61.06 -20.51 -14.15
C PHE D 248 61.02 -19.44 -15.24
N ASP D 249 60.96 -18.18 -14.82
CA ASP D 249 60.89 -17.05 -15.75
C ASP D 249 62.20 -16.84 -16.54
N LEU D 250 62.09 -16.70 -17.85
CA LEU D 250 63.28 -16.51 -18.68
C LEU D 250 64.11 -15.28 -18.35
N ILE D 251 63.50 -14.24 -17.80
CA ILE D 251 64.28 -13.05 -17.47
C ILE D 251 65.27 -13.39 -16.36
N ASN D 252 65.00 -14.46 -15.61
CA ASN D 252 65.90 -14.88 -14.54
C ASN D 252 66.87 -15.96 -15.00
N LEU D 253 66.48 -16.73 -16.00
CA LEU D 253 67.36 -17.78 -16.52
C LEU D 253 68.26 -17.25 -17.64
N ALA D 254 67.82 -16.22 -18.35
CA ALA D 254 68.57 -15.65 -19.47
C ALA D 254 70.06 -15.40 -19.20
N GLY D 255 70.36 -14.77 -18.06
CA GLY D 255 71.74 -14.48 -17.71
C GLY D 255 72.70 -15.68 -17.64
N TRP D 256 72.18 -16.90 -17.64
CA TRP D 256 73.03 -18.10 -17.58
C TRP D 256 73.34 -18.70 -18.94
N VAL D 257 72.68 -18.20 -19.98
CA VAL D 257 72.92 -18.70 -21.32
C VAL D 257 74.25 -18.17 -21.85
N LYS D 258 75.15 -19.08 -22.19
CA LYS D 258 76.44 -18.66 -22.74
C LYS D 258 76.57 -19.05 -24.22
N GLN D 259 75.54 -19.69 -24.76
CA GLN D 259 75.58 -20.11 -26.16
C GLN D 259 75.06 -19.06 -27.13
N PRO D 260 75.62 -19.02 -28.34
CA PRO D 260 75.17 -18.06 -29.35
C PRO D 260 73.67 -18.32 -29.47
N THR D 261 72.89 -17.24 -29.47
CA THR D 261 71.45 -17.34 -29.52
C THR D 261 70.77 -16.48 -30.59
N LEU D 262 69.84 -17.09 -31.31
CA LEU D 262 69.05 -16.41 -32.33
C LEU D 262 67.59 -16.46 -31.87
N MET D 263 66.90 -15.33 -31.93
CA MET D 263 65.50 -15.30 -31.54
C MET D 263 64.69 -14.50 -32.55
N ALA D 264 63.36 -14.64 -32.49
CA ALA D 264 62.46 -13.94 -33.38
C ALA D 264 61.23 -13.43 -32.65
N ILE D 265 60.67 -12.35 -33.16
CA ILE D 265 59.47 -11.80 -32.57
C ILE D 265 58.69 -11.07 -33.65
N GLY D 266 57.37 -11.26 -33.65
CA GLY D 266 56.51 -10.57 -34.60
C GLY D 266 55.84 -9.47 -33.78
N LEU D 267 55.68 -8.27 -34.32
CA LEU D 267 55.12 -7.17 -33.52
C LEU D 267 53.63 -7.16 -33.24
N ILE D 268 52.88 -8.07 -33.84
CA ILE D 268 51.45 -8.12 -33.57
C ILE D 268 51.07 -9.42 -32.84
N ASP D 269 52.07 -10.07 -32.24
CA ASP D 269 51.88 -11.30 -31.48
C ASP D 269 51.10 -11.03 -30.18
N LYS D 270 49.91 -11.61 -30.07
CA LYS D 270 49.03 -11.41 -28.91
C LYS D 270 49.15 -12.50 -27.84
N ILE D 271 49.88 -13.56 -28.17
CA ILE D 271 50.09 -14.70 -27.28
C ILE D 271 51.35 -14.50 -26.45
N THR D 272 52.46 -14.26 -27.13
CA THR D 272 53.72 -13.95 -26.46
C THR D 272 54.00 -12.53 -26.90
N PRO D 273 53.50 -11.54 -26.13
CA PRO D 273 53.66 -10.11 -26.42
C PRO D 273 55.10 -9.71 -26.62
N PRO D 274 55.36 -8.81 -27.59
CA PRO D 274 56.72 -8.35 -27.89
C PRO D 274 57.53 -7.94 -26.64
N SER D 275 56.93 -7.16 -25.75
CA SER D 275 57.63 -6.72 -24.57
C SER D 275 58.16 -7.86 -23.70
N THR D 276 57.45 -8.99 -23.66
CA THR D 276 57.90 -10.13 -22.86
C THR D 276 59.09 -10.84 -23.53
N VAL D 277 59.08 -10.86 -24.85
CA VAL D 277 60.16 -11.51 -25.60
C VAL D 277 61.39 -10.59 -25.55
N PHE D 278 61.20 -9.28 -25.79
CA PHE D 278 62.31 -8.34 -25.73
C PHE D 278 62.90 -8.39 -24.32
N ALA D 279 62.06 -8.63 -23.32
CA ALA D 279 62.53 -8.70 -21.94
C ALA D 279 63.57 -9.82 -21.81
N ALA D 280 63.22 -10.99 -22.33
CA ALA D 280 64.09 -12.15 -22.29
C ALA D 280 65.39 -11.87 -23.06
N TYR D 281 65.25 -11.37 -24.27
CA TYR D 281 66.41 -11.07 -25.11
C TYR D 281 67.38 -10.10 -24.41
N ASN D 282 66.84 -9.05 -23.78
CA ASN D 282 67.69 -8.07 -23.14
C ASN D 282 68.43 -8.52 -21.86
N HIS D 283 68.05 -9.68 -21.32
CA HIS D 283 68.71 -10.21 -20.13
C HIS D 283 69.78 -11.21 -20.53
N LEU D 284 69.89 -11.47 -21.84
CA LEU D 284 70.90 -12.39 -22.36
C LEU D 284 72.22 -11.63 -22.45
N GLU D 285 73.31 -12.27 -22.04
CA GLU D 285 74.64 -11.68 -22.12
C GLU D 285 75.48 -12.73 -22.86
N THR D 286 75.34 -12.75 -24.17
CA THR D 286 76.03 -13.75 -24.98
C THR D 286 75.97 -13.33 -26.44
N ASP D 287 76.51 -14.15 -27.33
CA ASP D 287 76.44 -13.84 -28.76
C ASP D 287 74.96 -13.95 -29.09
N LYS D 288 74.32 -12.82 -29.39
CA LYS D 288 72.87 -12.86 -29.65
C LYS D 288 72.35 -12.01 -30.80
N ASP D 289 71.15 -12.34 -31.24
CA ASP D 289 70.49 -11.59 -32.30
C ASP D 289 68.99 -11.84 -32.23
N LEU D 290 68.25 -10.73 -32.26
CA LEU D 290 66.80 -10.77 -32.22
C LEU D 290 66.24 -10.27 -33.54
N LYS D 291 65.56 -11.14 -34.28
CA LYS D 291 64.97 -10.74 -35.56
C LYS D 291 63.56 -10.22 -35.32
N VAL D 292 63.28 -9.00 -35.75
CA VAL D 292 61.95 -8.39 -35.55
C VAL D 292 61.16 -8.38 -36.85
N TYR D 293 59.91 -8.80 -36.78
CA TYR D 293 59.06 -8.87 -37.98
C TYR D 293 57.78 -8.10 -37.72
N ARG D 294 57.72 -6.90 -38.26
CA ARG D 294 56.59 -6.02 -38.05
C ARG D 294 55.19 -6.59 -38.38
N TYR D 295 55.04 -7.28 -39.51
CA TYR D 295 53.72 -7.76 -39.91
C TYR D 295 53.29 -9.16 -39.48
N PHE D 296 54.08 -9.79 -38.64
CA PHE D 296 53.76 -11.14 -38.21
C PHE D 296 53.37 -11.25 -36.75
N GLY D 297 52.63 -12.32 -36.46
CA GLY D 297 52.21 -12.61 -35.11
C GLY D 297 52.80 -13.90 -34.56
N HIS D 298 52.00 -14.63 -33.78
CA HIS D 298 52.41 -15.90 -33.17
C HIS D 298 52.17 -16.97 -34.23
N GLU D 299 53.12 -17.16 -35.14
CA GLU D 299 52.91 -18.08 -36.26
C GLU D 299 54.23 -18.41 -36.95
N PHE D 300 54.15 -19.26 -37.95
CA PHE D 300 55.32 -19.59 -38.76
C PHE D 300 55.75 -18.33 -39.48
N ILE D 301 57.01 -17.92 -39.29
CA ILE D 301 57.53 -16.73 -39.97
C ILE D 301 58.50 -17.17 -41.05
N PRO D 302 58.04 -17.19 -42.31
CA PRO D 302 58.89 -17.61 -43.41
C PRO D 302 60.33 -17.07 -43.44
N ALA D 303 60.51 -15.75 -43.42
CA ALA D 303 61.85 -15.16 -43.50
C ALA D 303 62.77 -15.57 -42.32
N PHE D 304 62.17 -15.91 -41.18
CA PHE D 304 62.98 -16.33 -40.05
C PHE D 304 63.46 -17.78 -40.23
N GLN D 305 62.75 -18.57 -41.03
CA GLN D 305 63.15 -19.95 -41.24
C GLN D 305 64.50 -19.94 -41.98
N THR D 306 64.66 -19.01 -42.92
CA THR D 306 65.91 -18.86 -43.67
C THR D 306 67.01 -18.45 -42.68
N GLU D 307 66.66 -17.60 -41.72
CA GLU D 307 67.64 -17.16 -40.73
C GLU D 307 68.05 -18.31 -39.82
N LYS D 308 67.05 -19.03 -39.35
CA LYS D 308 67.26 -20.18 -38.46
C LYS D 308 68.08 -21.26 -39.16
N LEU D 309 67.81 -21.50 -40.44
CA LEU D 309 68.57 -22.53 -41.15
C LEU D 309 70.01 -22.11 -41.38
N SER D 310 70.22 -20.87 -41.78
CA SER D 310 71.57 -20.35 -42.01
C SER D 310 72.38 -20.35 -40.71
N PHE D 311 71.75 -19.97 -39.62
CA PHE D 311 72.40 -19.91 -38.31
C PHE D 311 72.83 -21.32 -37.82
N LEU D 312 71.94 -22.31 -37.97
CA LEU D 312 72.24 -23.68 -37.54
C LEU D 312 73.27 -24.29 -38.49
N GLN D 313 73.15 -23.97 -39.77
CA GLN D 313 74.09 -24.49 -40.77
C GLN D 313 75.53 -24.02 -40.44
N LYS D 314 75.66 -22.74 -40.13
CA LYS D 314 76.95 -22.15 -39.78
C LYS D 314 77.60 -22.73 -38.51
N HIS D 315 76.83 -22.81 -37.42
CA HIS D 315 77.36 -23.29 -36.15
C HIS D 315 77.44 -24.80 -35.92
N LEU D 316 76.66 -25.58 -36.66
CA LEU D 316 76.62 -27.02 -36.44
C LEU D 316 77.02 -27.88 -37.62
N LEU D 317 76.30 -27.72 -38.73
CA LEU D 317 76.54 -28.50 -39.94
C LEU D 317 77.94 -28.31 -40.46
N LEU D 318 78.26 -27.09 -40.85
CA LEU D 318 79.57 -26.77 -41.39
C LEU D 318 80.68 -27.06 -40.37
N GLN E 2 33.95 3.00 -30.78
CA GLN E 2 34.49 3.87 -29.69
C GLN E 2 35.79 4.55 -30.10
N LEU E 3 36.06 5.72 -29.54
CA LEU E 3 37.29 6.46 -29.86
C LEU E 3 38.55 5.57 -29.79
N PHE E 4 39.52 5.82 -30.68
CA PHE E 4 40.74 5.00 -30.69
C PHE E 4 41.99 5.66 -31.28
N ASP E 5 41.82 6.66 -32.14
CA ASP E 5 42.97 7.32 -32.77
C ASP E 5 43.47 8.44 -31.84
N LEU E 6 44.15 9.43 -32.43
CA LEU E 6 44.67 10.60 -31.71
C LEU E 6 43.47 11.40 -31.23
N SER E 7 43.62 12.16 -30.14
CA SER E 7 42.52 13.00 -29.64
C SER E 7 42.20 14.09 -30.66
N LEU E 8 41.06 14.75 -30.51
CA LEU E 8 40.69 15.80 -31.46
C LEU E 8 41.72 16.92 -31.45
N GLU E 9 42.15 17.32 -30.26
CA GLU E 9 43.12 18.40 -30.24
C GLU E 9 44.36 18.04 -31.04
N GLU E 10 44.84 16.80 -30.87
CA GLU E 10 46.02 16.37 -31.61
C GLU E 10 45.76 16.18 -33.11
N LEU E 11 44.56 15.74 -33.48
CA LEU E 11 44.22 15.52 -34.90
C LEU E 11 44.28 16.82 -35.68
N LYS E 12 43.73 17.88 -35.08
CA LYS E 12 43.71 19.18 -35.71
C LYS E 12 45.10 19.62 -36.15
N LYS E 13 46.13 19.24 -35.39
CA LYS E 13 47.48 19.64 -35.73
C LYS E 13 48.33 18.56 -36.41
N TYR E 14 47.71 17.45 -36.77
CA TYR E 14 48.47 16.38 -37.42
C TYR E 14 48.68 16.71 -38.90
N LYS E 15 49.95 16.93 -39.30
CA LYS E 15 50.31 17.25 -40.69
C LYS E 15 51.64 16.50 -40.92
N PRO E 16 51.58 15.24 -41.34
CA PRO E 16 52.87 14.56 -41.55
C PRO E 16 53.71 15.14 -42.69
N LYS E 17 55.03 15.03 -42.57
CA LYS E 17 55.94 15.52 -43.61
C LYS E 17 55.62 14.80 -44.92
N LYS E 18 55.62 15.53 -46.02
CA LYS E 18 55.32 14.87 -47.27
C LYS E 18 56.38 13.85 -47.66
N THR E 19 55.92 12.81 -48.35
CA THR E 19 56.76 11.73 -48.81
C THR E 19 56.98 11.79 -50.34
N ALA E 20 56.61 12.89 -50.96
CA ALA E 20 56.76 13.05 -52.41
C ALA E 20 58.21 12.94 -52.87
N ARG E 21 58.46 12.15 -53.90
CA ARG E 21 59.82 12.00 -54.42
C ARG E 21 60.16 13.21 -55.33
N PRO E 22 61.46 13.43 -55.62
CA PRO E 22 61.82 14.57 -56.50
C PRO E 22 61.16 14.52 -57.88
N ASP E 23 60.92 13.31 -58.39
CA ASP E 23 60.29 13.14 -59.70
C ASP E 23 58.74 13.06 -59.65
N PHE E 24 58.14 13.51 -58.55
CA PHE E 24 56.69 13.47 -58.36
C PHE E 24 55.90 14.28 -59.39
N SER E 25 56.28 15.52 -59.64
CA SER E 25 55.54 16.32 -60.63
C SER E 25 55.72 15.81 -62.07
N ASP E 26 56.94 15.41 -62.41
CA ASP E 26 57.22 14.89 -63.74
C ASP E 26 56.48 13.58 -63.95
N PHE E 27 56.37 12.79 -62.89
CA PHE E 27 55.65 11.53 -63.04
C PHE E 27 54.22 11.81 -63.49
N TRP E 28 53.56 12.76 -62.82
CA TRP E 28 52.19 13.07 -63.19
C TRP E 28 52.07 13.73 -64.56
N LYS E 29 53.01 14.59 -64.89
CA LYS E 29 53.03 15.26 -66.18
C LYS E 29 53.20 14.19 -67.26
N LYS E 30 54.08 13.22 -67.00
CA LYS E 30 54.32 12.14 -67.95
C LYS E 30 53.04 11.34 -68.16
N SER E 31 52.40 11.03 -67.04
CA SER E 31 51.18 10.24 -67.04
C SER E 31 50.05 10.95 -67.77
N LEU E 32 49.84 12.21 -67.43
CA LEU E 32 48.80 12.99 -68.08
C LEU E 32 49.02 13.01 -69.59
N GLU E 33 50.28 13.07 -70.03
CA GLU E 33 50.58 13.08 -71.46
C GLU E 33 50.26 11.73 -72.11
N GLU E 34 50.45 10.63 -71.37
CA GLU E 34 50.13 9.32 -71.94
C GLU E 34 48.61 9.25 -72.09
N LEU E 35 47.88 9.81 -71.14
CA LEU E 35 46.43 9.81 -71.23
C LEU E 35 45.99 10.63 -72.47
N ARG E 36 46.62 11.78 -72.65
CA ARG E 36 46.29 12.67 -73.75
C ARG E 36 46.40 11.99 -75.12
N GLN E 37 47.34 11.04 -75.24
CA GLN E 37 47.53 10.34 -76.50
C GLN E 37 46.39 9.37 -76.85
N VAL E 38 45.47 9.17 -75.91
CA VAL E 38 44.33 8.31 -76.16
C VAL E 38 43.12 9.19 -76.46
N GLU E 39 42.54 9.06 -77.64
CA GLU E 39 41.35 9.80 -78.02
C GLU E 39 40.19 9.23 -77.20
N ALA E 40 39.40 10.11 -76.60
CA ALA E 40 38.27 9.71 -75.78
C ALA E 40 37.22 8.84 -76.49
N GLU E 41 36.87 9.18 -77.72
CA GLU E 41 35.87 8.44 -78.48
C GLU E 41 34.72 7.98 -77.57
N PRO E 42 34.03 8.94 -76.94
CA PRO E 42 32.92 8.61 -76.05
C PRO E 42 31.68 8.15 -76.80
N THR E 43 30.84 7.34 -76.13
CA THR E 43 29.59 6.87 -76.73
C THR E 43 28.47 7.07 -75.71
N LEU E 44 27.25 7.30 -76.20
CA LEU E 44 26.12 7.49 -75.31
C LEU E 44 25.00 6.57 -75.75
N GLU E 45 24.34 5.93 -74.79
CA GLU E 45 23.24 5.03 -75.10
C GLU E 45 22.08 5.25 -74.12
N SER E 46 20.88 5.43 -74.65
CA SER E 46 19.69 5.63 -73.82
C SER E 46 19.48 4.46 -72.88
N TYR E 47 19.24 4.74 -71.61
CA TYR E 47 19.04 3.67 -70.64
C TYR E 47 17.72 3.93 -69.93
N ASP E 48 16.76 3.00 -70.05
CA ASP E 48 15.45 3.18 -69.44
C ASP E 48 15.46 3.06 -67.90
N TYR E 49 14.78 3.99 -67.24
CA TYR E 49 14.70 4.00 -65.77
C TYR E 49 13.39 4.66 -65.36
N PRO E 50 12.71 4.09 -64.36
CA PRO E 50 11.43 4.61 -63.89
C PRO E 50 11.50 5.91 -63.09
N VAL E 51 11.73 7.01 -63.80
CA VAL E 51 11.78 8.29 -63.13
C VAL E 51 11.34 9.36 -64.10
N LYS E 52 10.55 10.30 -63.59
CA LYS E 52 10.04 11.42 -64.36
C LYS E 52 10.98 12.60 -64.17
N GLY E 53 11.24 13.34 -65.25
CA GLY E 53 12.11 14.51 -65.11
C GLY E 53 13.60 14.31 -65.27
N VAL E 54 14.02 13.08 -65.57
CA VAL E 54 15.43 12.75 -65.77
C VAL E 54 15.61 11.79 -66.96
N LYS E 55 16.65 12.00 -67.75
CA LYS E 55 16.93 11.07 -68.83
C LYS E 55 18.23 10.41 -68.46
N VAL E 56 18.29 9.09 -68.52
CA VAL E 56 19.54 8.40 -68.18
C VAL E 56 20.22 7.76 -69.40
N TYR E 57 21.55 7.66 -69.34
CA TYR E 57 22.35 7.05 -70.41
C TYR E 57 23.49 6.24 -69.87
N ARG E 58 23.97 5.31 -70.70
CA ARG E 58 25.14 4.53 -70.36
C ARG E 58 26.25 5.26 -71.13
N LEU E 59 27.21 5.83 -70.42
CA LEU E 59 28.32 6.54 -71.06
C LEU E 59 29.58 5.70 -70.96
N THR E 60 30.34 5.67 -72.06
CA THR E 60 31.63 4.98 -72.10
C THR E 60 32.60 5.91 -72.83
N TYR E 61 33.89 5.78 -72.51
CA TYR E 61 34.96 6.57 -73.13
C TYR E 61 36.30 5.82 -72.97
N GLN E 62 37.26 6.13 -73.83
CA GLN E 62 38.58 5.50 -73.79
C GLN E 62 39.46 6.31 -72.87
N SER E 63 40.34 5.62 -72.14
CA SER E 63 41.23 6.26 -71.19
C SER E 63 42.64 5.65 -71.24
N PHE E 64 43.45 6.00 -70.26
CA PHE E 64 44.81 5.49 -70.16
C PHE E 64 44.90 3.99 -70.51
N GLY E 65 45.92 3.63 -71.28
CA GLY E 65 46.10 2.25 -71.67
C GLY E 65 45.02 1.73 -72.60
N HIS E 66 44.26 2.62 -73.22
CA HIS E 66 43.19 2.26 -74.13
C HIS E 66 42.13 1.42 -73.43
N SER E 67 41.84 1.76 -72.18
CA SER E 67 40.82 1.05 -71.42
C SER E 67 39.50 1.74 -71.64
N LYS E 68 38.43 0.95 -71.76
CA LYS E 68 37.10 1.54 -71.93
C LYS E 68 36.42 1.71 -70.58
N ILE E 69 36.24 2.96 -70.18
CA ILE E 69 35.62 3.28 -68.91
C ILE E 69 34.12 3.51 -69.11
N GLU E 70 33.33 3.17 -68.10
CA GLU E 70 31.89 3.33 -68.23
C GLU E 70 31.21 3.81 -66.94
N GLY E 71 29.90 4.04 -67.07
CA GLY E 71 29.08 4.48 -65.97
C GLY E 71 27.80 5.14 -66.45
N PHE E 72 26.84 5.26 -65.55
CA PHE E 72 25.57 5.89 -65.86
C PHE E 72 25.74 7.39 -65.80
N TYR E 73 25.00 8.07 -66.68
CA TYR E 73 25.01 9.52 -66.79
C TYR E 73 23.54 9.90 -66.82
N ALA E 74 23.13 10.75 -65.88
CA ALA E 74 21.73 11.17 -65.76
C ALA E 74 21.66 12.68 -65.83
N VAL E 75 20.73 13.14 -66.66
CA VAL E 75 20.55 14.56 -66.91
C VAL E 75 19.13 15.05 -66.70
N PRO E 76 18.97 16.21 -66.04
CA PRO E 76 17.63 16.76 -65.82
C PRO E 76 16.99 16.86 -67.20
N ASP E 77 15.71 16.51 -67.28
CA ASP E 77 14.96 16.53 -68.52
C ASP E 77 14.34 17.92 -68.77
N GLN E 78 15.21 18.91 -68.93
CA GLN E 78 14.81 20.28 -69.18
C GLN E 78 15.97 20.98 -69.87
N THR E 79 15.71 22.12 -70.48
CA THR E 79 16.76 22.83 -71.16
C THR E 79 17.91 23.19 -70.24
N GLY E 80 19.13 22.95 -70.71
CA GLY E 80 20.32 23.28 -69.94
C GLY E 80 20.87 24.62 -70.41
N PRO E 81 22.17 24.90 -70.20
CA PRO E 81 23.20 24.08 -69.56
C PRO E 81 22.88 23.74 -68.13
N HIS E 82 23.42 22.63 -67.64
CA HIS E 82 23.17 22.25 -66.25
C HIS E 82 24.48 22.15 -65.51
N PRO E 83 24.47 22.34 -64.19
CA PRO E 83 25.76 22.19 -63.50
C PRO E 83 25.92 20.67 -63.52
N ALA E 84 27.12 20.18 -63.24
CA ALA E 84 27.34 18.76 -63.33
C ALA E 84 28.23 18.23 -62.22
N LEU E 85 28.14 16.92 -62.00
CA LEU E 85 28.92 16.25 -60.97
C LEU E 85 29.50 14.96 -61.50
N VAL E 86 30.72 14.63 -61.08
CA VAL E 86 31.30 13.34 -61.44
C VAL E 86 31.36 12.73 -60.07
N ARG E 87 30.66 11.61 -59.91
CA ARG E 87 30.56 10.93 -58.64
C ARG E 87 31.44 9.69 -58.65
N PHE E 88 32.27 9.55 -57.63
CA PHE E 88 33.17 8.39 -57.54
C PHE E 88 32.71 7.49 -56.41
N HIS E 89 32.68 6.18 -56.67
CA HIS E 89 32.23 5.20 -55.68
C HIS E 89 33.30 4.59 -54.78
N GLY E 90 32.84 3.92 -53.73
CA GLY E 90 33.72 3.29 -52.76
C GLY E 90 34.39 2.03 -53.24
N TYR E 91 35.46 1.66 -52.55
CA TYR E 91 36.23 0.47 -52.88
C TYR E 91 35.32 -0.75 -52.83
N ASN E 92 35.18 -1.45 -53.96
CA ASN E 92 34.38 -2.68 -54.02
C ASN E 92 32.97 -2.45 -53.52
N ALA E 93 32.53 -1.19 -53.52
CA ALA E 93 31.21 -0.88 -52.99
C ALA E 93 30.18 -0.39 -53.97
N SER E 94 30.32 -0.81 -55.23
CA SER E 94 29.41 -0.37 -56.26
C SER E 94 28.45 -1.50 -56.70
N TYR E 95 27.17 -1.29 -56.45
CA TYR E 95 26.14 -2.27 -56.83
C TYR E 95 25.32 -1.72 -58.00
N ASP E 96 25.27 -2.47 -59.10
CA ASP E 96 24.50 -2.07 -60.27
C ASP E 96 24.80 -0.62 -60.72
N GLY E 97 26.08 -0.26 -60.64
CA GLY E 97 26.50 1.08 -61.03
C GLY E 97 26.02 2.24 -60.16
N GLY E 98 25.41 1.95 -59.02
CA GLY E 98 24.92 3.02 -58.17
C GLY E 98 23.93 3.91 -58.92
N ILE E 99 23.13 3.29 -59.78
CA ILE E 99 22.17 4.01 -60.59
C ILE E 99 21.09 4.78 -59.82
N HIS E 100 20.61 4.27 -58.68
CA HIS E 100 19.58 5.02 -57.94
C HIS E 100 20.13 6.33 -57.38
N ASP E 101 21.36 6.33 -56.87
CA ASP E 101 21.95 7.56 -56.34
C ASP E 101 22.26 8.54 -57.46
N ILE E 102 22.70 8.00 -58.60
CA ILE E 102 23.03 8.83 -59.75
C ILE E 102 21.77 9.56 -60.19
N VAL E 103 20.68 8.81 -60.34
CA VAL E 103 19.42 9.41 -60.75
C VAL E 103 19.01 10.47 -59.74
N ASN E 104 19.20 10.19 -58.46
CA ASN E 104 18.82 11.19 -57.47
C ASN E 104 19.61 12.47 -57.58
N TRP E 105 20.89 12.39 -57.95
CA TRP E 105 21.65 13.66 -58.10
C TRP E 105 21.04 14.49 -59.24
N ALA E 106 20.70 13.84 -60.35
CA ALA E 106 20.07 14.53 -61.47
C ALA E 106 18.76 15.18 -61.02
N LEU E 107 17.99 14.51 -60.14
CA LEU E 107 16.74 15.09 -59.64
C LEU E 107 17.04 16.31 -58.79
N HIS E 108 18.22 16.33 -58.19
CA HIS E 108 18.60 17.49 -57.41
C HIS E 108 19.07 18.61 -58.34
N GLY E 109 19.09 18.34 -59.65
CA GLY E 109 19.47 19.33 -60.64
C GLY E 109 20.86 19.27 -61.29
N TYR E 110 21.59 18.18 -61.08
CA TYR E 110 22.94 18.04 -61.64
C TYR E 110 23.06 16.96 -62.70
N ALA E 111 23.73 17.29 -63.81
CA ALA E 111 23.97 16.31 -64.87
C ALA E 111 25.04 15.48 -64.17
N THR E 112 24.73 14.24 -63.84
CA THR E 112 25.64 13.40 -63.06
C THR E 112 26.17 12.13 -63.71
N PHE E 113 27.50 11.95 -63.66
CA PHE E 113 28.17 10.75 -64.20
C PHE E 113 28.84 9.96 -63.05
N GLY E 114 28.43 8.71 -62.86
CA GLY E 114 29.03 7.90 -61.80
C GLY E 114 30.07 7.00 -62.46
N MET E 115 31.33 7.46 -62.47
CA MET E 115 32.40 6.67 -63.10
C MET E 115 32.63 5.38 -62.34
N LEU E 116 32.64 4.28 -63.08
CA LEU E 116 32.88 2.99 -62.45
C LEU E 116 34.39 2.79 -62.48
N VAL E 117 34.95 2.44 -61.32
CA VAL E 117 36.39 2.28 -61.20
C VAL E 117 36.85 0.92 -61.68
N ARG E 118 37.84 0.95 -62.57
CA ARG E 118 38.45 -0.23 -63.19
C ARG E 118 38.32 -1.56 -62.48
N GLY E 119 37.58 -2.50 -63.08
CA GLY E 119 37.46 -3.82 -62.48
C GLY E 119 36.57 -3.94 -61.24
N GLN E 120 36.15 -2.83 -60.66
CA GLN E 120 35.30 -2.93 -59.48
C GLN E 120 33.82 -2.90 -59.84
N GLY E 121 33.26 -1.68 -59.90
CA GLY E 121 31.85 -1.55 -60.21
C GLY E 121 31.57 -1.74 -61.70
N GLY E 122 32.64 -1.67 -62.49
CA GLY E 122 32.54 -1.82 -63.94
C GLY E 122 33.83 -1.28 -64.54
N SER E 123 33.82 -1.03 -65.85
CA SER E 123 35.00 -0.48 -66.56
C SER E 123 36.13 -1.50 -66.75
N GLU E 124 36.67 -1.53 -67.96
CA GLU E 124 37.76 -2.45 -68.30
C GLU E 124 39.09 -1.92 -67.79
N ASP E 125 39.98 -2.80 -67.33
CA ASP E 125 41.32 -2.40 -66.90
C ASP E 125 42.32 -3.18 -67.75
N THR E 126 42.92 -2.52 -68.75
CA THR E 126 43.88 -3.17 -69.65
C THR E 126 45.29 -3.36 -69.08
N SER E 127 45.58 -2.79 -67.91
CA SER E 127 46.92 -2.92 -67.35
C SER E 127 47.21 -4.37 -66.91
N VAL E 128 48.41 -4.84 -67.21
CA VAL E 128 48.80 -6.20 -66.84
C VAL E 128 49.26 -6.29 -65.39
N THR E 129 49.02 -7.44 -64.77
CA THR E 129 49.47 -7.68 -63.41
C THR E 129 50.92 -8.17 -63.54
N PRO E 130 51.89 -7.34 -63.14
CA PRO E 130 53.32 -7.67 -63.23
C PRO E 130 53.76 -8.87 -62.40
N GLY E 131 53.04 -9.14 -61.33
CA GLY E 131 53.45 -10.27 -60.52
C GLY E 131 52.51 -10.48 -59.35
N GLY E 132 53.02 -11.12 -58.31
CA GLY E 132 52.18 -11.42 -57.15
C GLY E 132 51.81 -10.24 -56.26
N HIS E 133 50.59 -10.31 -55.73
CA HIS E 133 50.10 -9.29 -54.80
C HIS E 133 49.02 -9.91 -53.87
N ALA E 134 48.69 -9.21 -52.79
CA ALA E 134 47.67 -9.71 -51.87
C ALA E 134 46.30 -9.55 -52.50
N LEU E 135 45.39 -10.40 -52.06
CA LEU E 135 44.01 -10.39 -52.51
C LEU E 135 43.47 -8.95 -52.57
N GLY E 136 43.02 -8.54 -53.74
CA GLY E 136 42.50 -7.19 -53.87
C GLY E 136 43.24 -6.32 -54.87
N TRP E 137 42.83 -5.06 -54.92
CA TRP E 137 43.40 -4.11 -55.87
C TRP E 137 44.47 -3.19 -55.29
N MET E 138 44.52 -3.10 -53.96
CA MET E 138 45.45 -2.20 -53.31
C MET E 138 46.91 -2.40 -53.65
N THR E 139 47.32 -3.65 -53.87
CA THR E 139 48.70 -3.90 -54.17
C THR E 139 49.00 -4.41 -55.59
N LYS E 140 48.03 -4.32 -56.50
CA LYS E 140 48.27 -4.72 -57.88
C LYS E 140 49.27 -3.74 -58.52
N GLY E 141 50.38 -4.28 -59.00
CA GLY E 141 51.42 -3.48 -59.64
C GLY E 141 52.11 -2.52 -58.69
N ILE E 142 52.06 -2.80 -57.39
CA ILE E 142 52.66 -1.88 -56.43
C ILE E 142 54.19 -1.72 -56.47
N LEU E 143 54.89 -2.54 -57.26
CA LEU E 143 56.35 -2.45 -57.34
C LEU E 143 56.88 -1.36 -58.26
N SER E 144 55.99 -0.70 -59.01
CA SER E 144 56.39 0.42 -59.87
C SER E 144 55.28 1.45 -59.99
N LYS E 145 55.61 2.73 -59.86
CA LYS E 145 54.62 3.78 -59.99
C LYS E 145 53.95 3.68 -61.37
N ASP E 146 54.67 3.15 -62.34
CA ASP E 146 54.10 3.04 -63.68
C ASP E 146 53.02 1.97 -63.86
N THR E 147 53.12 0.92 -63.06
CA THR E 147 52.18 -0.20 -63.16
C THR E 147 51.10 -0.23 -62.10
N TYR E 148 51.23 0.61 -61.08
CA TYR E 148 50.27 0.61 -59.98
C TYR E 148 48.80 0.86 -60.39
N TYR E 149 47.92 0.08 -59.79
CA TYR E 149 46.48 0.13 -60.03
C TYR E 149 45.87 1.52 -60.07
N TYR E 150 46.17 2.38 -59.09
CA TYR E 150 45.55 3.71 -59.13
C TYR E 150 46.07 4.71 -60.16
N ARG E 151 47.11 4.34 -60.91
CA ARG E 151 47.60 5.28 -61.94
C ARG E 151 46.52 5.36 -63.02
N GLY E 152 46.07 4.21 -63.53
CA GLY E 152 45.04 4.26 -64.55
C GLY E 152 43.75 4.86 -64.01
N VAL E 153 43.46 4.55 -62.75
CA VAL E 153 42.23 5.05 -62.15
C VAL E 153 42.19 6.58 -62.03
N TYR E 154 43.27 7.20 -61.52
CA TYR E 154 43.31 8.65 -61.38
C TYR E 154 43.17 9.31 -62.75
N LEU E 155 43.89 8.77 -63.74
CA LEU E 155 43.80 9.30 -65.09
C LEU E 155 42.37 9.16 -65.58
N ASP E 156 41.74 8.01 -65.31
CA ASP E 156 40.35 7.77 -65.69
C ASP E 156 39.44 8.88 -65.17
N ALA E 157 39.72 9.31 -63.95
CA ALA E 157 38.93 10.36 -63.33
C ALA E 157 39.14 11.67 -64.09
N VAL E 158 40.40 12.01 -64.40
CA VAL E 158 40.66 13.24 -65.15
C VAL E 158 39.95 13.17 -66.49
N ARG E 159 40.01 12.02 -67.14
CA ARG E 159 39.37 11.90 -68.45
C ARG E 159 37.84 12.07 -68.32
N ALA E 160 37.27 11.58 -67.22
CA ALA E 160 35.83 11.71 -66.97
C ALA E 160 35.44 13.19 -67.10
N LEU E 161 36.19 14.05 -66.42
CA LEU E 161 35.98 15.49 -66.41
C LEU E 161 36.07 16.10 -67.79
N GLU E 162 37.06 15.67 -68.56
CA GLU E 162 37.23 16.20 -69.91
C GLU E 162 36.05 15.81 -70.80
N VAL E 163 35.50 14.61 -70.60
CA VAL E 163 34.36 14.19 -71.44
C VAL E 163 33.07 14.94 -71.05
N ILE E 164 32.74 14.93 -69.77
CA ILE E 164 31.55 15.62 -69.29
C ILE E 164 31.56 17.11 -69.60
N GLN E 165 32.71 17.76 -69.47
CA GLN E 165 32.79 19.19 -69.74
C GLN E 165 32.58 19.52 -71.22
N SER E 166 32.84 18.55 -72.10
CA SER E 166 32.68 18.76 -73.54
C SER E 166 31.21 18.62 -73.99
N PHE E 167 30.34 18.13 -73.12
CA PHE E 167 28.92 17.99 -73.46
C PHE E 167 28.25 19.38 -73.63
N PRO E 168 27.57 19.60 -74.76
CA PRO E 168 26.93 20.90 -74.93
C PRO E 168 25.85 21.32 -73.92
N GLU E 169 25.27 20.35 -73.23
CA GLU E 169 24.24 20.60 -72.24
C GLU E 169 24.82 20.77 -70.85
N VAL E 170 26.14 20.71 -70.73
CA VAL E 170 26.85 20.86 -69.45
C VAL E 170 27.52 22.24 -69.36
N ASP E 171 27.42 22.92 -68.22
CA ASP E 171 28.06 24.22 -68.07
C ASP E 171 29.43 23.90 -67.50
N GLU E 172 30.45 23.90 -68.36
CA GLU E 172 31.81 23.56 -67.94
C GLU E 172 32.32 24.37 -66.75
N HIS E 173 31.71 25.52 -66.49
CA HIS E 173 32.14 26.35 -65.39
C HIS E 173 31.47 26.03 -64.05
N ARG E 174 30.61 25.01 -64.03
CA ARG E 174 29.92 24.62 -62.80
C ARG E 174 29.93 23.08 -62.63
N ILE E 175 31.13 22.52 -62.45
CA ILE E 175 31.25 21.08 -62.30
C ILE E 175 31.87 20.76 -60.94
N GLY E 176 31.33 19.74 -60.30
CA GLY E 176 31.87 19.34 -59.01
C GLY E 176 32.28 17.89 -59.05
N VAL E 177 33.24 17.50 -58.19
CA VAL E 177 33.67 16.12 -58.07
C VAL E 177 33.32 15.71 -56.63
N ILE E 178 32.68 14.56 -56.47
CA ILE E 178 32.30 14.14 -55.13
C ILE E 178 32.49 12.65 -54.90
N GLY E 179 32.54 12.26 -53.64
CA GLY E 179 32.70 10.84 -53.34
C GLY E 179 33.11 10.54 -51.92
N GLY E 180 32.88 9.30 -51.48
CA GLY E 180 33.27 8.88 -50.14
C GLY E 180 34.42 7.86 -50.15
N SER E 181 35.32 7.95 -49.16
CA SER E 181 36.47 7.05 -49.06
C SER E 181 37.26 6.98 -50.37
N GLN E 182 37.23 5.82 -51.03
CA GLN E 182 37.94 5.69 -52.31
C GLN E 182 37.44 6.79 -53.22
N GLY E 183 36.12 7.00 -53.16
CA GLY E 183 35.50 8.03 -53.98
C GLY E 183 35.96 9.43 -53.62
N GLY E 184 36.27 9.62 -52.34
CA GLY E 184 36.74 10.91 -51.87
C GLY E 184 38.16 11.19 -52.34
N ALA E 185 38.99 10.14 -52.33
CA ALA E 185 40.36 10.27 -52.79
C ALA E 185 40.36 10.59 -54.29
N LEU E 186 39.49 9.91 -55.03
CA LEU E 186 39.39 10.14 -56.45
C LEU E 186 38.94 11.60 -56.70
N ALA E 187 37.99 12.11 -55.92
CA ALA E 187 37.56 13.49 -56.12
C ALA E 187 38.72 14.43 -55.88
N ILE E 188 39.49 14.14 -54.83
CA ILE E 188 40.62 15.00 -54.50
C ILE E 188 41.71 14.91 -55.55
N ALA E 189 42.12 13.67 -55.86
CA ALA E 189 43.14 13.45 -56.89
C ALA E 189 42.74 14.11 -58.21
N ALA E 190 41.46 13.97 -58.60
CA ALA E 190 40.99 14.55 -59.84
C ALA E 190 41.18 16.07 -59.82
N ALA E 191 40.78 16.69 -58.73
CA ALA E 191 40.92 18.14 -58.59
C ALA E 191 42.38 18.59 -58.58
N ALA E 192 43.27 17.74 -58.08
CA ALA E 192 44.68 18.09 -58.02
C ALA E 192 45.36 18.00 -59.38
N LEU E 193 44.84 17.12 -60.23
CA LEU E 193 45.39 16.91 -61.57
C LEU E 193 44.70 17.70 -62.69
N SER E 194 43.54 18.27 -62.40
CA SER E 194 42.77 19.01 -63.40
C SER E 194 42.04 20.25 -62.86
N ASP E 195 42.03 21.34 -63.64
CA ASP E 195 41.36 22.55 -63.16
C ASP E 195 39.91 22.63 -63.64
N ILE E 196 39.42 21.52 -64.19
CA ILE E 196 38.05 21.49 -64.63
C ILE E 196 37.02 21.57 -63.47
N PRO E 197 37.17 20.75 -62.42
CA PRO E 197 36.19 20.83 -61.33
C PRO E 197 36.21 22.18 -60.67
N LYS E 198 35.04 22.73 -60.35
CA LYS E 198 34.99 24.00 -59.66
C LYS E 198 35.15 23.77 -58.17
N VAL E 199 34.55 22.70 -57.65
CA VAL E 199 34.57 22.39 -56.23
C VAL E 199 34.72 20.90 -55.97
N VAL E 200 35.09 20.56 -54.74
CA VAL E 200 35.33 19.19 -54.29
C VAL E 200 34.57 18.86 -53.00
N VAL E 201 33.94 17.67 -52.95
CA VAL E 201 33.31 17.22 -51.72
C VAL E 201 33.78 15.79 -51.54
N ALA E 202 34.36 15.53 -50.37
CA ALA E 202 34.92 14.23 -50.09
C ALA E 202 34.67 13.73 -48.66
N ASP E 203 33.84 12.70 -48.54
CA ASP E 203 33.57 12.11 -47.25
C ASP E 203 34.74 11.19 -46.93
N TYR E 204 35.31 11.32 -45.74
CA TYR E 204 36.41 10.48 -45.27
C TYR E 204 37.28 9.82 -46.36
N PRO E 205 38.10 10.65 -47.04
CA PRO E 205 38.99 10.21 -48.12
C PRO E 205 39.96 9.10 -47.77
N TYR E 206 40.13 8.19 -48.72
CA TYR E 206 41.01 7.04 -48.59
C TYR E 206 42.35 7.35 -49.27
N LEU E 207 43.23 6.36 -49.40
CA LEU E 207 44.52 6.59 -50.05
C LEU E 207 45.26 7.82 -49.47
N SER E 208 45.37 7.87 -48.15
CA SER E 208 46.00 9.03 -47.53
C SER E 208 46.92 8.66 -46.37
N ASN E 209 48.17 9.15 -46.43
CA ASN E 209 49.17 8.93 -45.38
C ASN E 209 49.33 7.44 -45.18
N PHE E 210 49.68 6.75 -46.27
CA PHE E 210 49.82 5.28 -46.29
C PHE E 210 50.68 4.71 -45.17
N GLU E 211 51.78 5.40 -44.86
CA GLU E 211 52.71 4.91 -43.87
C GLU E 211 52.14 4.83 -42.46
N ARG E 212 51.24 5.75 -42.13
CA ARG E 212 50.59 5.71 -40.83
C ARG E 212 49.42 4.73 -40.93
N ALA E 213 48.63 4.88 -41.98
CA ALA E 213 47.47 4.01 -42.19
C ALA E 213 47.71 2.52 -41.90
N VAL E 214 48.76 1.93 -42.46
CA VAL E 214 49.00 0.50 -42.23
C VAL E 214 49.33 0.19 -40.76
N ASP E 215 49.62 1.23 -39.96
CA ASP E 215 49.93 1.03 -38.54
C ASP E 215 48.73 1.40 -37.64
N VAL E 216 47.69 2.02 -38.23
CA VAL E 216 46.51 2.45 -37.46
C VAL E 216 45.16 1.89 -37.88
N ALA E 217 45.01 1.56 -39.17
CA ALA E 217 43.75 1.02 -39.68
C ALA E 217 43.42 -0.26 -38.95
N LEU E 218 42.14 -0.51 -38.71
CA LEU E 218 41.78 -1.74 -38.02
C LEU E 218 40.93 -2.68 -38.85
N GLU E 219 40.60 -2.25 -40.07
CA GLU E 219 39.79 -3.02 -41.01
C GLU E 219 40.35 -2.84 -42.43
N GLN E 220 39.81 -3.60 -43.37
CA GLN E 220 40.23 -3.53 -44.76
C GLN E 220 39.75 -2.17 -45.26
N PRO E 221 40.30 -1.69 -46.40
CA PRO E 221 41.33 -2.32 -47.24
C PRO E 221 42.79 -1.84 -47.12
N TYR E 222 43.08 -0.90 -46.23
CA TYR E 222 44.47 -0.49 -46.11
C TYR E 222 45.32 -1.70 -45.74
N LEU E 223 44.75 -2.60 -44.92
CA LEU E 223 45.48 -3.78 -44.45
C LEU E 223 45.89 -4.76 -45.56
N GLU E 224 45.44 -4.50 -46.78
CA GLU E 224 45.83 -5.35 -47.91
C GLU E 224 47.35 -5.13 -48.08
N ILE E 225 47.81 -3.93 -47.76
CA ILE E 225 49.24 -3.64 -47.88
C ILE E 225 50.02 -4.51 -46.89
N ASN E 226 49.55 -4.61 -45.65
CA ASN E 226 50.18 -5.44 -44.62
C ASN E 226 50.20 -6.90 -45.14
N SER E 227 49.06 -7.36 -45.66
CA SER E 227 48.97 -8.71 -46.20
C SER E 227 50.05 -8.93 -47.24
N TYR E 228 50.20 -7.94 -48.12
CA TYR E 228 51.20 -7.99 -49.18
C TYR E 228 52.60 -8.24 -48.60
N PHE E 229 53.00 -7.44 -47.62
CA PHE E 229 54.31 -7.59 -47.01
C PHE E 229 54.50 -8.95 -46.35
N ARG E 230 53.43 -9.52 -45.79
CA ARG E 230 53.56 -10.82 -45.16
C ARG E 230 53.94 -11.90 -46.18
N ARG E 231 53.43 -11.74 -47.40
CA ARG E 231 53.65 -12.72 -48.46
C ARG E 231 54.91 -12.48 -49.29
N ASN E 232 55.45 -11.27 -49.17
CA ASN E 232 56.67 -10.88 -49.88
C ASN E 232 57.54 -10.14 -48.84
N SER E 233 58.36 -10.92 -48.14
CA SER E 233 59.19 -10.44 -47.04
C SER E 233 60.52 -9.71 -47.29
N ASP E 234 60.95 -9.60 -48.54
CA ASP E 234 62.20 -8.89 -48.84
C ASP E 234 62.04 -7.43 -48.37
N PRO E 235 62.97 -6.96 -47.50
CA PRO E 235 62.89 -5.57 -47.00
C PRO E 235 62.82 -4.53 -48.13
N LYS E 236 63.53 -4.80 -49.22
CA LYS E 236 63.57 -3.88 -50.36
C LYS E 236 62.22 -3.80 -51.05
N VAL E 237 61.40 -4.83 -50.91
CA VAL E 237 60.07 -4.83 -51.51
C VAL E 237 59.23 -3.79 -50.76
N GLU E 238 59.39 -3.77 -49.43
CA GLU E 238 58.62 -2.85 -48.58
C GLU E 238 59.04 -1.42 -48.89
N GLU E 239 60.34 -1.24 -49.02
CA GLU E 239 60.88 0.07 -49.35
C GLU E 239 60.25 0.53 -50.67
N LYS E 240 60.35 -0.31 -51.70
CA LYS E 240 59.81 0.04 -53.01
C LYS E 240 58.29 0.28 -53.02
N ALA E 241 57.54 -0.55 -52.28
CA ALA E 241 56.08 -0.41 -52.20
C ALA E 241 55.68 0.99 -51.73
N PHE E 242 56.34 1.45 -50.69
CA PHE E 242 56.05 2.77 -50.16
C PHE E 242 56.51 3.89 -51.11
N GLU E 243 57.57 3.67 -51.87
CA GLU E 243 57.98 4.73 -52.81
C GLU E 243 56.89 4.88 -53.87
N THR E 244 56.37 3.76 -54.35
CA THR E 244 55.30 3.76 -55.35
C THR E 244 54.08 4.43 -54.79
N LEU E 245 53.67 4.00 -53.60
CA LEU E 245 52.49 4.58 -52.96
C LEU E 245 52.57 6.08 -52.80
N SER E 246 53.76 6.63 -52.55
CA SER E 246 53.89 8.06 -52.36
C SER E 246 53.39 8.90 -53.54
N TYR E 247 53.48 8.36 -54.77
CA TYR E 247 53.03 9.12 -55.95
C TYR E 247 51.51 9.27 -56.00
N PHE E 248 50.80 8.46 -55.22
CA PHE E 248 49.34 8.52 -55.24
C PHE E 248 48.73 8.95 -53.91
N ASP E 249 49.57 9.16 -52.90
CA ASP E 249 49.12 9.56 -51.56
C ASP E 249 48.54 11.00 -51.51
N LEU E 250 47.36 11.14 -50.90
CA LEU E 250 46.73 12.45 -50.83
C LEU E 250 47.53 13.51 -50.09
N ILE E 251 48.41 13.11 -49.17
CA ILE E 251 49.17 14.14 -48.46
C ILE E 251 50.11 14.88 -49.42
N ASN E 252 50.48 14.22 -50.53
CA ASN E 252 51.36 14.81 -51.55
C ASN E 252 50.58 15.49 -52.68
N LEU E 253 49.36 15.03 -52.93
CA LEU E 253 48.54 15.64 -54.00
C LEU E 253 47.69 16.84 -53.54
N ALA E 254 47.36 16.84 -52.26
CA ALA E 254 46.51 17.88 -51.67
C ALA E 254 46.99 19.30 -51.92
N GLY E 255 48.31 19.48 -52.01
CA GLY E 255 48.88 20.80 -52.23
C GLY E 255 48.53 21.42 -53.58
N TRP E 256 48.11 20.58 -54.52
CA TRP E 256 47.74 21.04 -55.85
C TRP E 256 46.27 21.43 -56.02
N VAL E 257 45.46 21.11 -55.01
CA VAL E 257 44.04 21.43 -55.05
C VAL E 257 43.83 22.91 -54.73
N LYS E 258 43.14 23.62 -55.63
CA LYS E 258 42.88 25.07 -55.46
C LYS E 258 41.39 25.34 -55.42
N GLN E 259 40.58 24.29 -55.51
CA GLN E 259 39.14 24.42 -55.48
C GLN E 259 38.56 24.40 -54.06
N PRO E 260 37.44 25.11 -53.83
CA PRO E 260 36.84 25.08 -52.51
C PRO E 260 36.57 23.61 -52.25
N THR E 261 36.87 23.16 -51.04
CA THR E 261 36.75 21.75 -50.69
C THR E 261 36.05 21.55 -49.35
N LEU E 262 35.15 20.57 -49.34
CA LEU E 262 34.38 20.23 -48.15
C LEU E 262 34.68 18.77 -47.86
N MET E 263 35.06 18.48 -46.63
CA MET E 263 35.40 17.12 -46.23
C MET E 263 34.69 16.74 -44.93
N ALA E 264 34.60 15.44 -44.69
CA ALA E 264 33.99 14.96 -43.47
C ALA E 264 34.77 13.80 -42.90
N ILE E 265 34.66 13.63 -41.59
CA ILE E 265 35.30 12.52 -40.91
C ILE E 265 34.58 12.11 -39.63
N GLY E 266 34.51 10.80 -39.40
CA GLY E 266 33.86 10.26 -38.22
C GLY E 266 34.95 9.78 -37.29
N LEU E 267 34.92 10.22 -36.03
CA LEU E 267 35.95 9.86 -35.08
C LEU E 267 36.12 8.39 -34.71
N ILE E 268 35.13 7.54 -35.00
CA ILE E 268 35.24 6.12 -34.69
C ILE E 268 35.43 5.28 -35.97
N ASP E 269 35.80 5.95 -37.06
CA ASP E 269 36.03 5.31 -38.36
C ASP E 269 37.28 4.42 -38.30
N LYS E 270 37.11 3.11 -38.48
CA LYS E 270 38.27 2.19 -38.42
C LYS E 270 38.86 1.82 -39.79
N ILE E 271 38.19 2.25 -40.84
CA ILE E 271 38.58 1.98 -42.23
C ILE E 271 39.52 3.08 -42.73
N THR E 272 39.10 4.34 -42.60
CA THR E 272 39.92 5.49 -42.96
C THR E 272 40.07 6.22 -41.63
N PRO E 273 41.07 5.83 -40.83
CA PRO E 273 41.26 6.46 -39.52
C PRO E 273 41.33 7.97 -39.58
N PRO E 274 40.75 8.63 -38.58
CA PRO E 274 40.71 10.08 -38.46
C PRO E 274 42.04 10.76 -38.78
N SER E 275 43.12 10.26 -38.19
CA SER E 275 44.42 10.89 -38.41
C SER E 275 44.79 10.94 -39.90
N THR E 276 44.47 9.87 -40.65
CA THR E 276 44.79 9.85 -42.08
C THR E 276 43.98 10.86 -42.88
N VAL E 277 42.76 11.15 -42.45
CA VAL E 277 41.91 12.12 -43.14
C VAL E 277 42.34 13.51 -42.68
N PHE E 278 42.63 13.68 -41.40
CA PHE E 278 43.09 15.00 -40.96
C PHE E 278 44.41 15.31 -41.66
N ALA E 279 45.21 14.28 -41.94
CA ALA E 279 46.50 14.47 -42.60
C ALA E 279 46.25 15.10 -43.98
N ALA E 280 45.30 14.54 -44.72
CA ALA E 280 44.97 15.06 -46.05
C ALA E 280 44.48 16.49 -45.99
N TYR E 281 43.57 16.74 -45.05
CA TYR E 281 42.97 18.05 -44.92
C TYR E 281 44.01 19.09 -44.60
N ASN E 282 44.88 18.77 -43.66
CA ASN E 282 45.91 19.72 -43.24
C ASN E 282 46.92 20.05 -44.34
N HIS E 283 46.95 19.25 -45.40
CA HIS E 283 47.85 19.56 -46.50
C HIS E 283 47.18 20.39 -47.59
N LEU E 284 45.88 20.65 -47.44
CA LEU E 284 45.18 21.48 -48.42
C LEU E 284 45.40 22.93 -48.08
N GLU E 285 45.61 23.76 -49.10
CA GLU E 285 45.77 25.19 -48.91
C GLU E 285 44.81 25.73 -49.93
N THR E 286 43.56 25.84 -49.51
CA THR E 286 42.48 26.27 -50.39
C THR E 286 41.31 26.65 -49.47
N ASP E 287 40.22 27.10 -50.05
CA ASP E 287 39.03 27.42 -49.27
C ASP E 287 38.57 26.03 -48.80
N LYS E 288 38.74 25.71 -47.52
CA LYS E 288 38.38 24.37 -47.05
C LYS E 288 37.68 24.32 -45.70
N ASP E 289 36.96 23.23 -45.47
CA ASP E 289 36.25 22.99 -44.22
C ASP E 289 36.18 21.48 -43.96
N LEU E 290 36.39 21.09 -42.70
CA LEU E 290 36.35 19.66 -42.33
C LEU E 290 35.28 19.53 -41.26
N LYS E 291 34.22 18.82 -41.60
CA LYS E 291 33.12 18.60 -40.66
C LYS E 291 33.46 17.36 -39.85
N VAL E 292 33.50 17.51 -38.53
CA VAL E 292 33.85 16.43 -37.61
C VAL E 292 32.65 15.85 -36.87
N TYR E 293 32.47 14.54 -37.02
CA TYR E 293 31.33 13.86 -36.41
C TYR E 293 31.76 12.81 -35.38
N ARG E 294 31.82 13.21 -34.11
CA ARG E 294 32.25 12.30 -33.04
C ARG E 294 31.67 10.87 -32.97
N TYR E 295 30.36 10.73 -33.20
CA TYR E 295 29.69 9.43 -33.07
C TYR E 295 29.50 8.59 -34.32
N PHE E 296 30.14 8.98 -35.42
CA PHE E 296 30.01 8.23 -36.65
C PHE E 296 31.32 7.64 -37.11
N GLY E 297 31.23 6.62 -37.97
CA GLY E 297 32.43 5.98 -38.50
C GLY E 297 32.42 6.03 -40.02
N HIS E 298 32.81 4.92 -40.64
CA HIS E 298 32.87 4.81 -42.10
C HIS E 298 31.46 4.45 -42.57
N GLU E 299 30.60 5.45 -42.72
CA GLU E 299 29.21 5.21 -43.08
C GLU E 299 28.52 6.49 -43.53
N PHE E 300 27.26 6.35 -43.94
CA PHE E 300 26.50 7.53 -44.35
C PHE E 300 26.29 8.39 -43.10
N ILE E 301 26.59 9.69 -43.22
CA ILE E 301 26.42 10.62 -42.10
C ILE E 301 25.30 11.59 -42.52
N PRO E 302 24.08 11.41 -41.97
CA PRO E 302 22.93 12.25 -42.30
C PRO E 302 23.16 13.76 -42.24
N ALA E 303 23.78 14.22 -41.16
CA ALA E 303 24.06 15.63 -40.97
C ALA E 303 24.97 16.15 -42.07
N PHE E 304 25.91 15.33 -42.50
CA PHE E 304 26.83 15.78 -43.53
C PHE E 304 26.15 15.88 -44.87
N GLN E 305 25.10 15.11 -45.09
CA GLN E 305 24.43 15.17 -46.38
C GLN E 305 23.83 16.57 -46.56
N THR E 306 23.33 17.14 -45.47
CA THR E 306 22.76 18.47 -45.55
C THR E 306 23.88 19.46 -45.89
N GLU E 307 25.00 19.37 -45.20
CA GLU E 307 26.14 20.26 -45.45
C GLU E 307 26.58 20.14 -46.90
N LYS E 308 26.61 18.90 -47.37
CA LYS E 308 27.03 18.57 -48.72
C LYS E 308 26.13 19.24 -49.74
N LEU E 309 24.83 19.04 -49.56
CA LEU E 309 23.85 19.61 -50.45
C LEU E 309 23.88 21.15 -50.41
N SER E 310 24.01 21.74 -49.22
CA SER E 310 24.05 23.19 -49.17
C SER E 310 25.29 23.75 -49.88
N PHE E 311 26.41 23.08 -49.70
CA PHE E 311 27.66 23.51 -50.31
C PHE E 311 27.58 23.40 -51.84
N LEU E 312 27.02 22.31 -52.34
CA LEU E 312 26.93 22.13 -53.78
C LEU E 312 25.97 23.12 -54.42
N GLN E 313 24.88 23.38 -53.70
CA GLN E 313 23.85 24.30 -54.17
C GLN E 313 24.48 25.69 -54.31
N LYS E 314 25.21 26.08 -53.27
CA LYS E 314 25.87 27.38 -53.21
C LYS E 314 26.89 27.64 -54.31
N HIS E 315 27.76 26.67 -54.57
CA HIS E 315 28.79 26.87 -55.58
C HIS E 315 28.36 26.53 -56.98
N LEU E 316 27.40 25.63 -57.12
CA LEU E 316 26.98 25.16 -58.44
C LEU E 316 25.56 25.44 -58.89
N LEU E 317 24.60 25.26 -57.99
CA LEU E 317 23.20 25.44 -58.36
C LEU E 317 22.78 26.91 -58.45
N LEU E 318 22.63 27.53 -57.28
CA LEU E 318 22.20 28.93 -57.22
C LEU E 318 23.24 29.89 -57.81
N GLN F 2 32.13 -28.04 -36.07
CA GLN F 2 31.17 -29.19 -35.94
C GLN F 2 30.62 -29.56 -37.32
N LEU F 3 30.08 -30.77 -37.43
CA LEU F 3 29.50 -31.22 -38.71
C LEU F 3 28.51 -30.18 -39.23
N PHE F 4 28.27 -30.18 -40.53
CA PHE F 4 27.33 -29.21 -41.08
C PHE F 4 26.76 -29.58 -42.45
N ASP F 5 27.50 -30.39 -43.21
CA ASP F 5 27.08 -30.78 -44.56
C ASP F 5 26.27 -32.08 -44.55
N LEU F 6 26.20 -32.75 -45.70
CA LEU F 6 25.46 -34.01 -45.80
C LEU F 6 26.13 -35.10 -44.97
N SER F 7 25.37 -36.11 -44.58
CA SER F 7 25.89 -37.23 -43.78
C SER F 7 26.94 -37.97 -44.59
N LEU F 8 27.91 -38.57 -43.91
CA LEU F 8 28.93 -39.32 -44.64
C LEU F 8 28.25 -40.31 -45.59
N GLU F 9 27.19 -40.97 -45.12
CA GLU F 9 26.46 -41.95 -45.92
C GLU F 9 26.01 -41.27 -47.22
N GLU F 10 25.48 -40.06 -47.09
CA GLU F 10 25.01 -39.30 -48.23
C GLU F 10 26.14 -38.81 -49.15
N LEU F 11 27.23 -38.32 -48.53
CA LEU F 11 28.35 -37.81 -49.29
C LEU F 11 28.88 -38.86 -50.25
N LYS F 12 29.11 -40.08 -49.76
CA LYS F 12 29.61 -41.16 -50.61
C LYS F 12 28.74 -41.37 -51.85
N LYS F 13 27.46 -41.04 -51.76
CA LYS F 13 26.54 -41.22 -52.85
C LYS F 13 26.38 -39.97 -53.72
N TYR F 14 26.86 -38.84 -53.23
CA TYR F 14 26.72 -37.61 -53.99
C TYR F 14 27.51 -37.52 -55.28
N LYS F 15 26.82 -37.48 -56.40
CA LYS F 15 27.48 -37.38 -57.70
C LYS F 15 26.57 -36.50 -58.53
N PRO F 16 26.75 -35.18 -58.43
CA PRO F 16 25.91 -34.26 -59.17
C PRO F 16 26.05 -34.37 -60.68
N LYS F 17 24.93 -34.23 -61.39
CA LYS F 17 24.98 -34.32 -62.83
C LYS F 17 25.94 -33.25 -63.36
N LYS F 18 26.69 -33.62 -64.38
CA LYS F 18 27.65 -32.71 -64.98
C LYS F 18 27.02 -31.47 -65.60
N THR F 19 27.74 -30.35 -65.53
CA THR F 19 27.28 -29.11 -66.08
C THR F 19 27.96 -28.76 -67.38
N ALA F 20 28.88 -29.62 -67.83
CA ALA F 20 29.63 -29.35 -69.07
C ALA F 20 28.72 -29.08 -70.28
N ARG F 21 29.08 -28.04 -71.04
CA ARG F 21 28.32 -27.65 -72.21
C ARG F 21 28.73 -28.53 -73.38
N PRO F 22 27.94 -28.53 -74.46
CA PRO F 22 28.24 -29.32 -75.65
C PRO F 22 29.62 -29.06 -76.25
N ASP F 23 30.12 -27.84 -76.07
CA ASP F 23 31.43 -27.45 -76.60
C ASP F 23 32.55 -27.47 -75.56
N PHE F 24 32.33 -28.20 -74.48
CA PHE F 24 33.33 -28.32 -73.41
C PHE F 24 34.68 -28.82 -73.94
N SER F 25 34.67 -29.95 -74.65
CA SER F 25 35.93 -30.47 -75.18
C SER F 25 36.53 -29.51 -76.19
N ASP F 26 35.71 -28.99 -77.10
CA ASP F 26 36.23 -28.04 -78.10
C ASP F 26 36.91 -26.81 -77.48
N PHE F 27 36.34 -26.30 -76.40
CA PHE F 27 36.93 -25.15 -75.74
C PHE F 27 38.36 -25.45 -75.28
N TRP F 28 38.57 -26.61 -74.66
CA TRP F 28 39.91 -26.97 -74.16
C TRP F 28 40.91 -27.28 -75.28
N LYS F 29 40.44 -27.80 -76.40
CA LYS F 29 41.33 -28.08 -77.52
C LYS F 29 41.89 -26.75 -77.99
N LYS F 30 40.98 -25.80 -78.16
CA LYS F 30 41.30 -24.46 -78.62
C LYS F 30 42.29 -23.75 -77.70
N SER F 31 42.05 -23.89 -76.40
CA SER F 31 42.91 -23.27 -75.40
C SER F 31 44.31 -23.89 -75.41
N LEU F 32 44.38 -25.22 -75.51
CA LEU F 32 45.69 -25.86 -75.55
C LEU F 32 46.44 -25.46 -76.81
N GLU F 33 45.71 -25.34 -77.92
CA GLU F 33 46.34 -24.93 -79.15
C GLU F 33 46.90 -23.50 -79.01
N GLU F 34 46.17 -22.61 -78.35
CA GLU F 34 46.68 -21.24 -78.19
C GLU F 34 47.94 -21.30 -77.34
N LEU F 35 47.94 -22.16 -76.32
CA LEU F 35 49.11 -22.31 -75.47
C LEU F 35 50.30 -22.75 -76.34
N ARG F 36 50.08 -23.81 -77.12
CA ARG F 36 51.14 -24.33 -77.99
C ARG F 36 51.79 -23.27 -78.87
N GLN F 37 51.02 -22.24 -79.23
CA GLN F 37 51.51 -21.18 -80.10
C GLN F 37 52.52 -20.28 -79.41
N VAL F 38 52.63 -20.43 -78.09
CA VAL F 38 53.57 -19.64 -77.31
C VAL F 38 54.80 -20.49 -76.92
N GLU F 39 55.96 -20.10 -77.42
CA GLU F 39 57.20 -20.80 -77.13
C GLU F 39 57.58 -20.63 -75.67
N ALA F 40 57.76 -21.73 -74.96
CA ALA F 40 58.13 -21.69 -73.54
C ALA F 40 59.31 -20.79 -73.13
N GLU F 41 60.41 -20.82 -73.90
CA GLU F 41 61.60 -20.00 -73.60
C GLU F 41 61.92 -19.93 -72.10
N PRO F 42 62.01 -21.10 -71.42
CA PRO F 42 62.30 -21.08 -69.98
C PRO F 42 63.69 -20.60 -69.58
N THR F 43 63.80 -19.94 -68.44
CA THR F 43 65.12 -19.53 -67.97
C THR F 43 65.35 -20.16 -66.59
N LEU F 44 66.61 -20.39 -66.24
CA LEU F 44 66.95 -20.95 -64.95
C LEU F 44 68.08 -20.16 -64.32
N GLU F 45 67.86 -19.69 -63.09
CA GLU F 45 68.87 -18.93 -62.36
C GLU F 45 69.05 -19.57 -61.00
N SER F 46 70.29 -19.84 -60.62
CA SER F 46 70.57 -20.44 -59.32
C SER F 46 70.03 -19.52 -58.23
N TYR F 47 69.60 -20.11 -57.12
CA TYR F 47 69.08 -19.31 -56.03
C TYR F 47 69.69 -19.81 -54.73
N ASP F 48 70.39 -18.94 -54.02
CA ASP F 48 71.03 -19.34 -52.77
C ASP F 48 70.02 -19.69 -51.69
N TYR F 49 70.29 -20.79 -50.99
CA TYR F 49 69.41 -21.23 -49.92
C TYR F 49 70.24 -21.99 -48.91
N PRO F 50 69.92 -21.85 -47.61
CA PRO F 50 70.68 -22.54 -46.57
C PRO F 50 70.36 -24.03 -46.40
N VAL F 51 70.78 -24.86 -47.34
CA VAL F 51 70.51 -26.29 -47.21
C VAL F 51 71.60 -27.06 -47.93
N LYS F 52 71.88 -28.27 -47.43
CA LYS F 52 72.89 -29.11 -48.00
C LYS F 52 72.26 -30.25 -48.80
N GLY F 53 72.75 -30.51 -50.01
CA GLY F 53 72.21 -31.63 -50.78
C GLY F 53 71.05 -31.32 -51.71
N VAL F 54 70.81 -30.04 -51.91
CA VAL F 54 69.74 -29.59 -52.80
C VAL F 54 70.19 -28.28 -53.43
N LYS F 55 69.96 -28.16 -54.73
CA LYS F 55 70.29 -26.96 -55.48
C LYS F 55 68.93 -26.34 -55.77
N VAL F 56 68.87 -25.01 -55.72
CA VAL F 56 67.62 -24.30 -55.94
C VAL F 56 67.76 -23.32 -57.10
N TYR F 57 66.67 -23.17 -57.86
CA TYR F 57 66.63 -22.24 -58.99
C TYR F 57 65.32 -21.50 -59.04
N ARG F 58 65.37 -20.36 -59.72
CA ARG F 58 64.18 -19.56 -59.95
C ARG F 58 63.95 -19.88 -61.43
N LEU F 59 62.88 -20.61 -61.71
CA LEU F 59 62.52 -21.00 -63.07
C LEU F 59 61.44 -20.09 -63.61
N THR F 60 61.53 -19.71 -64.88
CA THR F 60 60.50 -18.90 -65.50
C THR F 60 60.22 -19.50 -66.87
N TYR F 61 59.03 -19.26 -67.40
CA TYR F 61 58.69 -19.75 -68.72
C TYR F 61 57.50 -18.96 -69.28
N GLN F 62 57.35 -18.96 -70.60
CA GLN F 62 56.26 -18.23 -71.25
C GLN F 62 55.06 -19.15 -71.43
N SER F 63 53.86 -18.60 -71.19
CA SER F 63 52.63 -19.38 -71.29
C SER F 63 51.56 -18.57 -72.00
N PHE F 64 50.33 -19.09 -71.92
CA PHE F 64 49.15 -18.48 -72.51
C PHE F 64 49.18 -16.96 -72.35
N GLY F 65 48.80 -16.24 -73.42
CA GLY F 65 48.80 -14.80 -73.38
C GLY F 65 50.19 -14.19 -73.25
N HIS F 66 51.22 -15.00 -73.52
CA HIS F 66 52.60 -14.57 -73.42
C HIS F 66 52.89 -14.05 -72.00
N SER F 67 52.36 -14.75 -71.01
CA SER F 67 52.57 -14.35 -69.62
C SER F 67 53.77 -15.11 -69.11
N LYS F 68 54.61 -14.45 -68.32
CA LYS F 68 55.79 -15.08 -67.78
C LYS F 68 55.46 -15.71 -66.42
N ILE F 69 55.50 -17.02 -66.36
CA ILE F 69 55.19 -17.74 -65.14
C ILE F 69 56.52 -18.09 -64.47
N GLU F 70 56.53 -18.04 -63.14
CA GLU F 70 57.74 -18.31 -62.36
C GLU F 70 57.47 -19.16 -61.15
N GLY F 71 58.56 -19.59 -60.51
CA GLY F 71 58.44 -20.37 -59.31
C GLY F 71 59.78 -20.98 -58.97
N PHE F 72 59.93 -21.41 -57.72
CA PHE F 72 61.17 -22.04 -57.32
C PHE F 72 61.22 -23.49 -57.77
N TYR F 73 62.40 -23.93 -58.22
CA TYR F 73 62.60 -25.31 -58.68
C TYR F 73 63.81 -25.80 -57.89
N ALA F 74 63.59 -26.80 -57.05
CA ALA F 74 64.66 -27.32 -56.23
C ALA F 74 64.94 -28.74 -56.67
N VAL F 75 66.23 -29.02 -56.86
CA VAL F 75 66.70 -30.34 -57.32
C VAL F 75 67.64 -31.07 -56.33
N PRO F 76 67.42 -32.37 -56.10
CA PRO F 76 68.33 -33.07 -55.17
C PRO F 76 69.74 -32.95 -55.77
N ASP F 77 70.73 -32.63 -54.95
CA ASP F 77 72.10 -32.47 -55.42
C ASP F 77 72.78 -33.82 -55.60
N GLN F 78 72.31 -34.59 -56.58
CA GLN F 78 72.86 -35.92 -56.86
C GLN F 78 72.49 -36.32 -58.28
N THR F 79 73.25 -37.26 -58.85
CA THR F 79 72.97 -37.72 -60.21
C THR F 79 71.59 -38.38 -60.30
N GLY F 80 70.87 -38.03 -61.35
CA GLY F 80 69.54 -38.58 -61.55
C GLY F 80 69.57 -39.67 -62.60
N PRO F 81 68.54 -39.76 -63.46
CA PRO F 81 67.35 -38.89 -63.48
C PRO F 81 66.64 -38.89 -62.13
N HIS F 82 65.71 -37.95 -61.94
CA HIS F 82 64.99 -37.84 -60.68
C HIS F 82 63.46 -37.87 -60.84
N PRO F 83 62.74 -38.46 -59.88
CA PRO F 83 61.29 -38.40 -60.10
C PRO F 83 61.03 -36.89 -59.86
N ALA F 84 59.87 -36.36 -60.22
CA ALA F 84 59.68 -34.93 -60.03
C ALA F 84 58.24 -34.60 -59.62
N LEU F 85 58.07 -33.38 -59.11
CA LEU F 85 56.76 -32.92 -58.69
C LEU F 85 56.49 -31.47 -59.04
N VAL F 86 55.26 -31.17 -59.44
CA VAL F 86 54.91 -29.78 -59.66
C VAL F 86 53.88 -29.54 -58.54
N ARG F 87 54.19 -28.58 -57.67
CA ARG F 87 53.34 -28.27 -56.52
C ARG F 87 52.57 -26.99 -56.72
N PHE F 88 51.25 -27.05 -56.57
CA PHE F 88 50.40 -25.87 -56.74
C PHE F 88 49.91 -25.35 -55.39
N HIS F 89 49.93 -24.03 -55.18
CA HIS F 89 49.55 -23.46 -53.90
C HIS F 89 48.11 -22.99 -53.76
N GLY F 90 47.71 -22.75 -52.51
CA GLY F 90 46.35 -22.32 -52.25
C GLY F 90 46.05 -20.88 -52.63
N TYR F 91 44.75 -20.59 -52.68
CA TYR F 91 44.22 -19.28 -53.06
C TYR F 91 44.76 -18.19 -52.14
N ASN F 92 45.50 -17.23 -52.68
CA ASN F 92 46.05 -16.14 -51.89
C ASN F 92 46.85 -16.66 -50.71
N ALA F 93 47.36 -17.90 -50.80
CA ALA F 93 48.10 -18.51 -49.68
C ALA F 93 49.58 -18.84 -49.91
N SER F 94 50.25 -18.06 -50.73
CA SER F 94 51.65 -18.29 -51.00
C SER F 94 52.55 -17.23 -50.39
N TYR F 95 53.41 -17.65 -49.48
CA TYR F 95 54.34 -16.76 -48.80
C TYR F 95 55.77 -17.00 -49.30
N ASP F 96 56.39 -15.98 -49.88
CA ASP F 96 57.76 -16.13 -50.35
C ASP F 96 57.93 -17.38 -51.22
N GLY F 97 56.94 -17.60 -52.06
CA GLY F 97 56.96 -18.72 -52.98
C GLY F 97 56.89 -20.12 -52.40
N GLY F 98 56.60 -20.26 -51.10
CA GLY F 98 56.56 -21.60 -50.50
C GLY F 98 57.90 -22.31 -50.64
N ILE F 99 58.98 -21.53 -50.73
CA ILE F 99 60.32 -22.07 -50.92
C ILE F 99 60.73 -23.14 -49.92
N HIS F 100 60.39 -22.94 -48.65
CA HIS F 100 60.77 -23.90 -47.62
C HIS F 100 60.14 -25.27 -47.88
N ASP F 101 58.89 -25.30 -48.33
CA ASP F 101 58.27 -26.59 -48.60
C ASP F 101 58.80 -27.18 -49.88
N ILE F 102 59.21 -26.32 -50.81
CA ILE F 102 59.73 -26.78 -52.09
C ILE F 102 61.06 -27.49 -51.86
N VAL F 103 61.90 -26.88 -51.01
CA VAL F 103 63.20 -27.43 -50.68
C VAL F 103 63.01 -28.76 -49.99
N ASN F 104 62.09 -28.82 -49.03
CA ASN F 104 61.89 -30.07 -48.32
C ASN F 104 61.47 -31.20 -49.26
N TRP F 105 60.58 -30.92 -50.21
CA TRP F 105 60.17 -31.95 -51.17
C TRP F 105 61.42 -32.47 -51.88
N ALA F 106 62.30 -31.55 -52.29
CA ALA F 106 63.56 -31.93 -52.95
C ALA F 106 64.38 -32.83 -52.01
N LEU F 107 64.33 -32.55 -50.72
CA LEU F 107 65.05 -33.36 -49.74
C LEU F 107 64.48 -34.79 -49.62
N HIS F 108 63.18 -34.95 -49.91
CA HIS F 108 62.56 -36.27 -49.88
C HIS F 108 62.88 -37.03 -51.17
N GLY F 109 63.64 -36.39 -52.05
CA GLY F 109 64.04 -37.00 -53.31
C GLY F 109 63.35 -36.57 -54.59
N TYR F 110 62.61 -35.47 -54.55
CA TYR F 110 61.89 -35.03 -55.74
C TYR F 110 62.32 -33.70 -56.34
N ALA F 111 62.58 -33.69 -57.66
CA ALA F 111 62.91 -32.45 -58.36
C ALA F 111 61.54 -31.75 -58.34
N THR F 112 61.46 -30.67 -57.57
CA THR F 112 60.20 -29.97 -57.34
C THR F 112 60.07 -28.53 -57.81
N PHE F 113 58.98 -28.26 -58.52
CA PHE F 113 58.68 -26.91 -58.99
C PHE F 113 57.39 -26.38 -58.36
N GLY F 114 57.47 -25.24 -57.68
CA GLY F 114 56.27 -24.67 -57.08
C GLY F 114 55.77 -23.58 -58.00
N MET F 115 54.82 -23.90 -58.87
CA MET F 115 54.27 -22.91 -59.81
C MET F 115 53.45 -21.87 -59.05
N LEU F 116 53.81 -20.60 -59.24
CA LEU F 116 53.12 -19.51 -58.57
C LEU F 116 51.94 -19.13 -59.46
N VAL F 117 50.77 -19.01 -58.85
CA VAL F 117 49.56 -18.72 -59.60
C VAL F 117 49.41 -17.25 -59.96
N ARG F 118 49.25 -17.01 -61.25
CA ARG F 118 49.09 -15.67 -61.80
C ARG F 118 48.60 -14.59 -60.85
N GLY F 119 49.46 -13.62 -60.55
CA GLY F 119 49.07 -12.52 -59.69
C GLY F 119 48.86 -12.78 -58.23
N GLN F 120 48.96 -14.04 -57.80
CA GLN F 120 48.80 -14.38 -56.39
C GLN F 120 50.16 -14.51 -55.72
N GLY F 121 50.70 -15.73 -55.74
CA GLY F 121 52.00 -15.95 -55.11
C GLY F 121 53.10 -15.38 -55.96
N GLY F 122 52.76 -15.07 -57.21
CA GLY F 122 53.74 -14.53 -58.15
C GLY F 122 53.22 -14.75 -59.55
N SER F 123 54.12 -14.66 -60.53
CA SER F 123 53.80 -14.81 -61.96
C SER F 123 53.03 -13.61 -62.50
N GLU F 124 53.28 -13.26 -63.76
CA GLU F 124 52.62 -12.16 -64.43
C GLU F 124 51.30 -12.68 -65.04
N ASP F 125 50.32 -11.79 -65.18
CA ASP F 125 49.04 -12.17 -65.78
C ASP F 125 48.67 -11.09 -66.80
N THR F 126 48.83 -11.40 -68.08
CA THR F 126 48.57 -10.46 -69.14
C THR F 126 47.09 -10.26 -69.45
N SER F 127 46.25 -11.17 -68.97
CA SER F 127 44.84 -11.06 -69.26
C SER F 127 44.26 -9.76 -68.71
N VAL F 128 43.54 -9.08 -69.59
CA VAL F 128 42.89 -7.81 -69.26
C VAL F 128 41.72 -8.11 -68.34
N THR F 129 41.24 -7.10 -67.63
CA THR F 129 40.07 -7.31 -66.78
C THR F 129 38.97 -6.75 -67.69
N PRO F 130 38.04 -7.60 -68.13
CA PRO F 130 36.96 -7.17 -69.02
C PRO F 130 35.99 -6.15 -68.43
N GLY F 131 35.67 -6.32 -67.15
CA GLY F 131 34.74 -5.41 -66.52
C GLY F 131 34.73 -5.57 -65.02
N GLY F 132 33.68 -5.07 -64.37
CA GLY F 132 33.64 -5.17 -62.93
C GLY F 132 33.45 -6.58 -62.41
N HIS F 133 34.11 -6.85 -61.29
CA HIS F 133 34.00 -8.14 -60.63
C HIS F 133 34.10 -7.91 -59.11
N ALA F 134 33.83 -8.94 -58.31
CA ALA F 134 33.92 -8.78 -56.86
C ALA F 134 35.37 -8.93 -56.40
N LEU F 135 35.66 -8.30 -55.26
CA LEU F 135 37.00 -8.35 -54.68
C LEU F 135 37.51 -9.78 -54.80
N GLY F 136 38.71 -9.94 -55.35
CA GLY F 136 39.32 -11.27 -55.51
C GLY F 136 39.56 -11.67 -56.97
N TRP F 137 40.02 -12.90 -57.17
CA TRP F 137 40.27 -13.41 -58.52
C TRP F 137 39.14 -14.31 -59.02
N MET F 138 38.30 -14.83 -58.12
CA MET F 138 37.21 -15.73 -58.50
C MET F 138 36.24 -15.30 -59.59
N THR F 139 35.95 -14.01 -59.67
CA THR F 139 35.02 -13.53 -60.68
C THR F 139 35.66 -12.66 -61.75
N LYS F 140 37.00 -12.68 -61.82
CA LYS F 140 37.67 -11.88 -62.84
C LYS F 140 37.46 -12.51 -64.22
N GLY F 141 36.74 -11.78 -65.08
CA GLY F 141 36.48 -12.23 -66.44
C GLY F 141 35.46 -13.33 -66.52
N ILE F 142 34.64 -13.43 -65.48
CA ILE F 142 33.63 -14.47 -65.35
C ILE F 142 32.51 -14.45 -66.40
N LEU F 143 32.40 -13.39 -67.19
CA LEU F 143 31.35 -13.37 -68.19
C LEU F 143 31.67 -14.11 -69.50
N SER F 144 32.87 -14.66 -69.61
CA SER F 144 33.22 -15.44 -70.78
C SER F 144 34.29 -16.47 -70.45
N LYS F 145 34.12 -17.68 -71.01
CA LYS F 145 35.06 -18.76 -70.78
C LYS F 145 36.45 -18.40 -71.33
N ASP F 146 36.47 -17.56 -72.36
CA ASP F 146 37.74 -17.17 -72.96
C ASP F 146 38.54 -16.17 -72.09
N THR F 147 37.82 -15.36 -71.33
CA THR F 147 38.44 -14.32 -70.49
C THR F 147 38.60 -14.68 -69.01
N TYR F 148 37.93 -15.75 -68.58
CA TYR F 148 37.97 -16.18 -67.17
C TYR F 148 39.37 -16.44 -66.63
N TYR F 149 39.61 -15.90 -65.43
CA TYR F 149 40.87 -16.00 -64.74
C TYR F 149 41.57 -17.34 -64.73
N TYR F 150 40.84 -18.41 -64.46
CA TYR F 150 41.45 -19.74 -64.39
C TYR F 150 41.78 -20.37 -65.74
N ARG F 151 41.41 -19.71 -66.83
CA ARG F 151 41.71 -20.27 -68.13
C ARG F 151 43.24 -20.17 -68.26
N GLY F 152 43.79 -18.98 -68.01
CA GLY F 152 45.23 -18.82 -68.06
C GLY F 152 45.97 -19.70 -67.05
N VAL F 153 45.46 -19.79 -65.83
CA VAL F 153 46.11 -20.59 -64.80
C VAL F 153 46.15 -22.07 -65.15
N TYR F 154 45.05 -22.62 -65.64
CA TYR F 154 45.04 -24.04 -65.97
C TYR F 154 46.07 -24.31 -67.05
N LEU F 155 46.11 -23.45 -68.06
CA LEU F 155 47.07 -23.62 -69.15
C LEU F 155 48.51 -23.51 -68.59
N ASP F 156 48.70 -22.62 -67.61
CA ASP F 156 50.03 -22.47 -67.00
C ASP F 156 50.47 -23.77 -66.33
N ALA F 157 49.51 -24.47 -65.73
CA ALA F 157 49.84 -25.73 -65.05
C ALA F 157 50.25 -26.77 -66.09
N VAL F 158 49.63 -26.72 -67.27
CA VAL F 158 49.98 -27.67 -68.31
C VAL F 158 51.39 -27.33 -68.81
N ARG F 159 51.64 -26.06 -69.11
CA ARG F 159 52.97 -25.66 -69.57
C ARG F 159 54.05 -26.01 -68.56
N ALA F 160 53.73 -25.96 -67.27
CA ALA F 160 54.71 -26.28 -66.24
C ALA F 160 55.19 -27.70 -66.41
N LEU F 161 54.22 -28.61 -66.61
CA LEU F 161 54.52 -30.02 -66.81
C LEU F 161 55.34 -30.20 -68.09
N GLU F 162 54.95 -29.51 -69.16
CA GLU F 162 55.69 -29.62 -70.42
C GLU F 162 57.12 -29.10 -70.27
N VAL F 163 57.33 -28.11 -69.41
CA VAL F 163 58.67 -27.57 -69.20
C VAL F 163 59.52 -28.46 -68.32
N ILE F 164 58.98 -28.90 -67.19
CA ILE F 164 59.72 -29.76 -66.26
C ILE F 164 60.13 -31.06 -66.91
N GLN F 165 59.21 -31.63 -67.68
CA GLN F 165 59.45 -32.87 -68.38
C GLN F 165 60.66 -32.78 -69.34
N SER F 166 60.88 -31.61 -69.93
CA SER F 166 61.98 -31.40 -70.87
C SER F 166 63.36 -31.34 -70.18
N PHE F 167 63.38 -31.29 -68.86
CA PHE F 167 64.66 -31.22 -68.19
C PHE F 167 65.37 -32.56 -68.24
N PRO F 168 66.70 -32.53 -68.40
CA PRO F 168 67.50 -33.74 -68.46
C PRO F 168 67.53 -34.54 -67.16
N GLU F 169 67.64 -33.84 -66.03
CA GLU F 169 67.70 -34.47 -64.72
C GLU F 169 66.37 -34.99 -64.18
N VAL F 170 65.31 -34.91 -65.00
CA VAL F 170 63.98 -35.38 -64.61
C VAL F 170 63.55 -36.63 -65.43
N ASP F 171 62.98 -37.62 -64.76
CA ASP F 171 62.49 -38.85 -65.42
C ASP F 171 61.06 -38.51 -65.81
N GLU F 172 60.86 -38.18 -67.07
CA GLU F 172 59.54 -37.79 -67.56
C GLU F 172 58.42 -38.80 -67.23
N HIS F 173 58.79 -40.04 -66.96
CA HIS F 173 57.76 -41.04 -66.65
C HIS F 173 57.47 -41.11 -65.17
N ARG F 174 58.07 -40.20 -64.39
CA ARG F 174 57.86 -40.19 -62.96
C ARG F 174 57.57 -38.81 -62.41
N ILE F 175 56.55 -38.17 -62.97
CA ILE F 175 56.19 -36.85 -62.52
C ILE F 175 54.82 -36.90 -61.83
N GLY F 176 54.68 -36.15 -60.75
CA GLY F 176 53.41 -36.12 -60.05
C GLY F 176 52.98 -34.68 -59.91
N VAL F 177 51.68 -34.44 -59.77
CA VAL F 177 51.13 -33.10 -59.55
C VAL F 177 50.42 -33.13 -58.18
N ILE F 178 50.76 -32.20 -57.29
CA ILE F 178 50.18 -32.17 -55.95
C ILE F 178 49.74 -30.78 -55.53
N GLY F 179 48.86 -30.72 -54.54
CA GLY F 179 48.39 -29.44 -54.05
C GLY F 179 47.15 -29.53 -53.20
N GLY F 180 46.88 -28.49 -52.42
CA GLY F 180 45.67 -28.52 -51.61
C GLY F 180 44.73 -27.38 -51.96
N SER F 181 43.43 -27.69 -52.00
CA SER F 181 42.38 -26.73 -52.29
C SER F 181 42.56 -26.18 -53.72
N GLN F 182 42.80 -24.88 -53.86
CA GLN F 182 43.05 -24.34 -55.21
C GLN F 182 44.14 -25.22 -55.89
N GLY F 183 45.20 -25.49 -55.14
CA GLY F 183 46.30 -26.30 -55.65
C GLY F 183 45.91 -27.74 -55.97
N GLY F 184 44.99 -28.30 -55.18
CA GLY F 184 44.54 -29.65 -55.45
C GLY F 184 43.71 -29.61 -56.74
N ALA F 185 43.07 -28.46 -56.98
CA ALA F 185 42.25 -28.28 -58.19
C ALA F 185 43.14 -28.18 -59.42
N LEU F 186 44.25 -27.44 -59.30
CA LEU F 186 45.19 -27.30 -60.41
C LEU F 186 45.78 -28.66 -60.72
N ALA F 187 46.07 -29.43 -59.68
CA ALA F 187 46.65 -30.76 -59.85
C ALA F 187 45.74 -31.61 -60.74
N ILE F 188 44.49 -31.73 -60.32
CA ILE F 188 43.49 -32.50 -61.04
C ILE F 188 43.32 -31.96 -62.46
N ALA F 189 43.06 -30.65 -62.59
CA ALA F 189 42.88 -30.04 -63.89
C ALA F 189 44.06 -30.34 -64.82
N ALA F 190 45.29 -30.18 -64.33
CA ALA F 190 46.45 -30.48 -65.16
C ALA F 190 46.45 -31.98 -65.62
N ALA F 191 46.17 -32.90 -64.71
CA ALA F 191 46.13 -34.32 -65.04
C ALA F 191 45.03 -34.63 -66.06
N ALA F 192 43.95 -33.86 -65.98
CA ALA F 192 42.82 -34.04 -66.89
C ALA F 192 43.18 -33.51 -68.28
N LEU F 193 43.96 -32.43 -68.31
CA LEU F 193 44.34 -31.81 -69.58
C LEU F 193 45.62 -32.33 -70.24
N SER F 194 46.43 -33.05 -69.48
CA SER F 194 47.69 -33.58 -69.96
C SER F 194 47.99 -34.96 -69.41
N ASP F 195 48.60 -35.81 -70.24
CA ASP F 195 48.94 -37.14 -69.81
C ASP F 195 50.37 -37.15 -69.31
N ILE F 196 50.96 -35.97 -69.11
CA ILE F 196 52.34 -35.94 -68.63
C ILE F 196 52.50 -36.50 -67.20
N PRO F 197 51.64 -36.07 -66.26
CA PRO F 197 51.83 -36.62 -64.92
C PRO F 197 51.46 -38.10 -64.77
N LYS F 198 52.16 -38.78 -63.88
CA LYS F 198 51.89 -40.19 -63.65
C LYS F 198 50.82 -40.30 -62.58
N VAL F 199 50.95 -39.49 -61.52
CA VAL F 199 49.98 -39.55 -60.43
C VAL F 199 49.52 -38.19 -59.93
N VAL F 200 48.45 -38.19 -59.14
CA VAL F 200 47.87 -36.95 -58.60
C VAL F 200 47.53 -37.04 -57.11
N VAL F 201 47.90 -36.01 -56.33
CA VAL F 201 47.55 -35.93 -54.91
C VAL F 201 46.85 -34.58 -54.70
N ALA F 202 45.58 -34.62 -54.33
CA ALA F 202 44.81 -33.38 -54.14
C ALA F 202 44.13 -33.26 -52.79
N ASP F 203 44.62 -32.39 -51.92
CA ASP F 203 43.98 -32.21 -50.61
C ASP F 203 42.72 -31.36 -50.82
N TYR F 204 41.58 -31.79 -50.28
CA TYR F 204 40.32 -31.02 -50.36
C TYR F 204 40.25 -29.97 -51.49
N PRO F 205 40.30 -30.46 -52.75
CA PRO F 205 40.27 -29.64 -53.96
C PRO F 205 39.11 -28.62 -54.06
N TYR F 206 39.45 -27.44 -54.56
CA TYR F 206 38.56 -26.31 -54.74
C TYR F 206 38.01 -26.35 -56.17
N LEU F 207 37.29 -25.29 -56.58
CA LEU F 207 36.70 -25.15 -57.93
C LEU F 207 35.88 -26.37 -58.37
N SER F 208 35.06 -26.88 -57.47
CA SER F 208 34.28 -28.06 -57.76
C SER F 208 32.80 -27.92 -57.38
N ASN F 209 31.90 -28.26 -58.32
CA ASN F 209 30.46 -28.21 -58.08
C ASN F 209 30.05 -26.79 -57.66
N PHE F 210 30.47 -25.80 -58.44
CA PHE F 210 30.20 -24.39 -58.17
C PHE F 210 28.74 -24.07 -57.80
N GLU F 211 27.79 -24.69 -58.49
CA GLU F 211 26.38 -24.43 -58.19
C GLU F 211 25.96 -24.83 -56.77
N ARG F 212 26.58 -25.86 -56.21
CA ARG F 212 26.24 -26.23 -54.84
C ARG F 212 27.10 -25.40 -53.91
N ALA F 213 28.36 -25.23 -54.31
CA ALA F 213 29.31 -24.48 -53.54
C ALA F 213 28.76 -23.16 -52.98
N VAL F 214 28.14 -22.36 -53.84
CA VAL F 214 27.62 -21.06 -53.42
C VAL F 214 26.45 -21.12 -52.43
N ASP F 215 25.84 -22.30 -52.29
CA ASP F 215 24.74 -22.46 -51.36
C ASP F 215 25.18 -23.20 -50.08
N VAL F 216 26.36 -23.80 -50.06
CA VAL F 216 26.78 -24.49 -48.85
C VAL F 216 28.00 -23.91 -48.12
N ALA F 217 28.90 -23.31 -48.88
CA ALA F 217 30.11 -22.71 -48.30
C ALA F 217 29.80 -21.64 -47.24
N LEU F 218 30.56 -21.66 -46.15
CA LEU F 218 30.36 -20.69 -45.07
C LEU F 218 31.47 -19.65 -44.94
N GLU F 219 32.53 -19.81 -45.71
CA GLU F 219 33.65 -18.87 -45.71
C GLU F 219 34.16 -18.64 -47.13
N GLN F 220 35.10 -17.71 -47.27
CA GLN F 220 35.67 -17.38 -48.57
C GLN F 220 36.54 -18.56 -49.05
N PRO F 221 36.87 -18.61 -50.34
CA PRO F 221 36.52 -17.67 -51.42
C PRO F 221 35.38 -18.06 -52.37
N TYR F 222 34.67 -19.15 -52.11
CA TYR F 222 33.54 -19.49 -53.00
C TYR F 222 32.57 -18.32 -52.95
N LEU F 223 32.45 -17.73 -51.78
CA LEU F 223 31.51 -16.65 -51.58
C LEU F 223 31.77 -15.38 -52.38
N GLU F 224 32.92 -15.31 -53.07
CA GLU F 224 33.16 -14.15 -53.91
C GLU F 224 32.14 -14.18 -55.05
N ILE F 225 31.63 -15.36 -55.36
CA ILE F 225 30.66 -15.49 -56.44
C ILE F 225 29.35 -14.87 -56.01
N ASN F 226 28.99 -15.12 -54.75
CA ASN F 226 27.77 -14.55 -54.21
C ASN F 226 27.94 -13.03 -54.17
N SER F 227 29.12 -12.59 -53.78
CA SER F 227 29.37 -11.16 -53.71
C SER F 227 29.21 -10.51 -55.09
N TYR F 228 29.67 -11.22 -56.11
CA TYR F 228 29.58 -10.77 -57.50
C TYR F 228 28.12 -10.61 -57.93
N PHE F 229 27.27 -11.60 -57.64
CA PHE F 229 25.85 -11.50 -57.99
C PHE F 229 25.17 -10.36 -57.26
N ARG F 230 25.58 -10.10 -56.03
CA ARG F 230 24.94 -9.00 -55.31
C ARG F 230 25.19 -7.67 -56.01
N ARG F 231 26.40 -7.50 -56.55
CA ARG F 231 26.80 -6.26 -57.22
C ARG F 231 26.38 -6.13 -58.69
N ASN F 232 25.92 -7.23 -59.26
CA ASN F 232 25.51 -7.28 -60.66
C ASN F 232 24.28 -8.13 -60.70
N SER F 233 23.13 -7.51 -60.41
CA SER F 233 21.84 -8.19 -60.29
C SER F 233 21.11 -8.70 -61.55
N ASP F 234 21.61 -8.44 -62.74
CA ASP F 234 20.96 -8.95 -63.94
C ASP F 234 20.83 -10.47 -63.84
N PRO F 235 19.61 -11.02 -63.94
CA PRO F 235 19.40 -12.47 -63.87
C PRO F 235 20.23 -13.17 -64.94
N LYS F 236 20.38 -12.52 -66.09
CA LYS F 236 21.17 -13.11 -67.18
C LYS F 236 22.66 -13.18 -66.83
N VAL F 237 23.11 -12.30 -65.95
CA VAL F 237 24.51 -12.28 -65.52
C VAL F 237 24.80 -13.53 -64.68
N GLU F 238 23.84 -13.95 -63.87
CA GLU F 238 24.03 -15.13 -63.06
C GLU F 238 24.03 -16.35 -63.98
N GLU F 239 23.15 -16.36 -64.97
CA GLU F 239 23.09 -17.50 -65.88
C GLU F 239 24.41 -17.67 -66.64
N LYS F 240 24.96 -16.56 -67.12
CA LYS F 240 26.19 -16.63 -67.89
C LYS F 240 27.39 -17.00 -67.02
N ALA F 241 27.42 -16.45 -65.82
CA ALA F 241 28.49 -16.71 -64.88
C ALA F 241 28.63 -18.20 -64.64
N PHE F 242 27.49 -18.87 -64.43
CA PHE F 242 27.55 -20.29 -64.17
C PHE F 242 27.94 -21.07 -65.39
N GLU F 243 27.56 -20.58 -66.56
CA GLU F 243 27.95 -21.25 -67.78
C GLU F 243 29.48 -21.13 -67.92
N THR F 244 30.02 -19.95 -67.63
CA THR F 244 31.47 -19.81 -67.73
C THR F 244 32.18 -20.75 -66.78
N LEU F 245 31.72 -20.79 -65.54
CA LEU F 245 32.36 -21.62 -64.54
C LEU F 245 32.34 -23.11 -64.86
N SER F 246 31.31 -23.57 -65.56
CA SER F 246 31.21 -24.99 -65.88
C SER F 246 32.42 -25.52 -66.63
N TYR F 247 33.10 -24.67 -67.38
CA TYR F 247 34.25 -25.08 -68.19
C TYR F 247 35.49 -25.39 -67.35
N PHE F 248 35.52 -24.88 -66.13
CA PHE F 248 36.67 -25.09 -65.24
C PHE F 248 36.37 -25.97 -64.02
N ASP F 249 35.11 -26.34 -63.85
CA ASP F 249 34.63 -27.14 -62.71
C ASP F 249 35.14 -28.58 -62.72
N LEU F 250 35.72 -29.01 -61.60
CA LEU F 250 36.24 -30.37 -61.50
C LEU F 250 35.23 -31.50 -61.75
N ILE F 251 33.94 -31.28 -61.51
CA ILE F 251 32.99 -32.35 -61.77
C ILE F 251 32.93 -32.70 -63.25
N ASN F 252 33.34 -31.73 -64.10
CA ASN F 252 33.33 -31.90 -65.57
C ASN F 252 34.69 -32.34 -66.13
N LEU F 253 35.75 -32.02 -65.41
CA LEU F 253 37.12 -32.34 -65.79
C LEU F 253 37.60 -33.68 -65.27
N ALA F 254 37.10 -34.06 -64.09
CA ALA F 254 37.49 -35.28 -63.43
C ALA F 254 37.44 -36.48 -64.34
N GLY F 255 36.40 -36.56 -65.16
CA GLY F 255 36.22 -37.70 -66.04
C GLY F 255 37.37 -37.93 -66.99
N TRP F 256 38.22 -36.92 -67.16
CA TRP F 256 39.35 -37.03 -68.07
C TRP F 256 40.62 -37.56 -67.42
N VAL F 257 40.62 -37.67 -66.10
CA VAL F 257 41.79 -38.14 -65.38
C VAL F 257 41.93 -39.67 -65.37
N LYS F 258 43.06 -40.18 -65.85
CA LYS F 258 43.27 -41.62 -65.84
C LYS F 258 44.44 -42.01 -64.94
N GLN F 259 45.03 -41.03 -64.29
CA GLN F 259 46.15 -41.26 -63.38
C GLN F 259 45.71 -41.68 -61.99
N PRO F 260 46.51 -42.54 -61.31
CA PRO F 260 46.13 -42.94 -59.95
C PRO F 260 46.01 -41.60 -59.21
N THR F 261 44.95 -41.45 -58.43
CA THR F 261 44.65 -40.20 -57.72
C THR F 261 44.34 -40.44 -56.23
N LEU F 262 44.97 -39.66 -55.37
CA LEU F 262 44.76 -39.76 -53.91
C LEU F 262 44.19 -38.42 -53.40
N MET F 263 43.05 -38.48 -52.73
CA MET F 263 42.43 -37.24 -52.21
C MET F 263 42.14 -37.25 -50.71
N ALA F 264 41.86 -36.07 -50.16
CA ALA F 264 41.60 -35.94 -48.74
C ALA F 264 40.50 -34.93 -48.45
N ILE F 265 39.67 -35.22 -47.45
CA ILE F 265 38.63 -34.26 -47.05
C ILE F 265 38.41 -34.33 -45.53
N GLY F 266 38.21 -33.16 -44.92
CA GLY F 266 37.92 -33.08 -43.51
C GLY F 266 36.43 -32.82 -43.43
N LEU F 267 35.73 -33.46 -42.50
CA LEU F 267 34.29 -33.30 -42.47
C LEU F 267 33.82 -31.94 -41.93
N ILE F 268 34.70 -31.19 -41.28
CA ILE F 268 34.28 -29.88 -40.80
C ILE F 268 34.87 -28.73 -41.63
N ASP F 269 35.24 -29.03 -42.86
CA ASP F 269 35.80 -28.02 -43.75
C ASP F 269 34.69 -27.04 -44.20
N LYS F 270 34.82 -25.77 -43.82
CA LYS F 270 33.82 -24.76 -44.22
C LYS F 270 34.21 -24.01 -45.50
N ILE F 271 35.43 -24.22 -45.95
CA ILE F 271 35.92 -23.53 -47.15
C ILE F 271 35.65 -24.38 -48.38
N THR F 272 36.04 -25.65 -48.35
CA THR F 272 35.73 -26.57 -49.44
C THR F 272 34.81 -27.63 -48.82
N PRO F 273 33.50 -27.34 -48.77
CA PRO F 273 32.50 -28.24 -48.20
C PRO F 273 32.72 -29.71 -48.60
N PRO F 274 32.51 -30.64 -47.66
CA PRO F 274 32.73 -32.04 -48.02
C PRO F 274 31.97 -32.49 -49.27
N SER F 275 30.73 -32.03 -49.42
CA SER F 275 29.96 -32.45 -50.59
C SER F 275 30.61 -31.99 -51.88
N THR F 276 31.18 -30.80 -51.88
CA THR F 276 31.81 -30.31 -53.11
C THR F 276 33.04 -31.16 -53.46
N VAL F 277 33.74 -31.65 -52.43
CA VAL F 277 34.92 -32.48 -52.67
C VAL F 277 34.49 -33.89 -53.09
N PHE F 278 33.47 -34.45 -52.41
CA PHE F 278 32.98 -35.78 -52.79
C PHE F 278 32.46 -35.76 -54.24
N ALA F 279 31.84 -34.65 -54.63
CA ALA F 279 31.32 -34.52 -55.98
C ALA F 279 32.45 -34.69 -56.98
N ALA F 280 33.58 -34.07 -56.69
CA ALA F 280 34.73 -34.19 -57.57
C ALA F 280 35.21 -35.64 -57.58
N TYR F 281 35.44 -36.19 -56.40
CA TYR F 281 35.90 -37.58 -56.28
C TYR F 281 34.99 -38.61 -56.96
N ASN F 282 33.69 -38.47 -56.81
CA ASN F 282 32.78 -39.45 -57.42
C ASN F 282 32.66 -39.38 -58.94
N HIS F 283 33.22 -38.34 -59.53
CA HIS F 283 33.20 -38.20 -60.99
C HIS F 283 34.51 -38.70 -61.59
N LEU F 284 35.46 -39.12 -60.76
CA LEU F 284 36.71 -39.65 -61.30
C LEU F 284 36.49 -41.15 -61.59
N GLU F 285 37.05 -41.65 -62.70
CA GLU F 285 36.93 -43.08 -63.02
C GLU F 285 38.35 -43.53 -63.32
N THR F 286 39.08 -43.79 -62.25
CA THR F 286 40.50 -44.15 -62.29
C THR F 286 40.86 -44.85 -60.99
N ASP F 287 42.13 -45.21 -60.82
CA ASP F 287 42.54 -45.84 -59.56
C ASP F 287 42.46 -44.67 -58.57
N LYS F 288 41.55 -44.75 -57.61
CA LYS F 288 41.37 -43.64 -56.69
C LYS F 288 41.11 -43.99 -55.24
N ASP F 289 41.41 -43.05 -54.35
CA ASP F 289 41.18 -43.24 -52.93
C ASP F 289 40.97 -41.88 -52.31
N LEU F 290 40.02 -41.82 -51.38
CA LEU F 290 39.67 -40.61 -50.68
C LEU F 290 39.74 -40.91 -49.20
N LYS F 291 40.64 -40.21 -48.51
CA LYS F 291 40.83 -40.36 -47.08
C LYS F 291 39.91 -39.31 -46.46
N VAL F 292 39.04 -39.75 -45.55
CA VAL F 292 38.08 -38.89 -44.89
C VAL F 292 38.50 -38.71 -43.42
N TYR F 293 38.50 -37.47 -42.96
CA TYR F 293 38.94 -37.14 -41.61
C TYR F 293 37.88 -36.36 -40.85
N ARG F 294 37.15 -37.06 -40.01
CA ARG F 294 36.07 -36.48 -39.21
C ARG F 294 36.36 -35.17 -38.45
N TYR F 295 37.50 -35.10 -37.78
CA TYR F 295 37.86 -33.97 -36.95
C TYR F 295 38.67 -32.83 -37.55
N PHE F 296 38.92 -32.89 -38.86
CA PHE F 296 39.67 -31.84 -39.50
C PHE F 296 38.85 -31.04 -40.52
N GLY F 297 39.33 -29.84 -40.80
CA GLY F 297 38.70 -28.99 -41.78
C GLY F 297 39.72 -28.62 -42.85
N HIS F 298 39.63 -27.39 -43.35
CA HIS F 298 40.53 -26.87 -44.38
C HIS F 298 41.84 -26.53 -43.68
N GLU F 299 42.71 -27.52 -43.52
CA GLU F 299 43.94 -27.26 -42.82
C GLU F 299 44.91 -28.42 -43.03
N PHE F 300 46.12 -28.27 -42.51
CA PHE F 300 47.11 -29.35 -42.64
C PHE F 300 46.63 -30.52 -41.82
N ILE F 301 46.51 -31.69 -42.45
CA ILE F 301 46.06 -32.91 -41.77
C ILE F 301 47.28 -33.83 -41.60
N PRO F 302 47.83 -33.90 -40.37
CA PRO F 302 49.01 -34.74 -40.13
C PRO F 302 48.94 -36.17 -40.67
N ALA F 303 47.84 -36.86 -40.37
CA ALA F 303 47.69 -38.23 -40.83
C ALA F 303 47.72 -38.38 -42.35
N PHE F 304 47.19 -37.39 -43.07
CA PHE F 304 47.20 -37.49 -44.53
C PHE F 304 48.59 -37.20 -45.14
N GLN F 305 49.46 -36.54 -44.38
CA GLN F 305 50.81 -36.29 -44.89
C GLN F 305 51.53 -37.63 -45.02
N THR F 306 51.33 -38.54 -44.06
CA THR F 306 51.96 -39.85 -44.12
C THR F 306 51.40 -40.61 -45.33
N GLU F 307 50.09 -40.45 -45.54
CA GLU F 307 49.42 -41.12 -46.65
C GLU F 307 50.01 -40.62 -47.98
N LYS F 308 50.09 -39.30 -48.10
CA LYS F 308 50.61 -38.62 -49.28
C LYS F 308 52.04 -39.02 -49.60
N LEU F 309 52.87 -39.10 -48.56
CA LEU F 309 54.27 -39.47 -48.74
C LEU F 309 54.42 -40.93 -49.18
N SER F 310 53.57 -41.80 -48.64
CA SER F 310 53.61 -43.22 -48.98
C SER F 310 53.18 -43.45 -50.41
N PHE F 311 52.17 -42.69 -50.82
CA PHE F 311 51.61 -42.77 -52.16
C PHE F 311 52.64 -42.29 -53.21
N LEU F 312 53.31 -41.17 -52.95
CA LEU F 312 54.32 -40.65 -53.87
C LEU F 312 55.54 -41.60 -53.91
N GLN F 313 55.90 -42.16 -52.77
CA GLN F 313 57.04 -43.06 -52.75
C GLN F 313 56.77 -44.31 -53.57
N LYS F 314 55.57 -44.87 -53.41
CA LYS F 314 55.21 -46.08 -54.13
C LYS F 314 55.12 -45.92 -55.64
N HIS F 315 54.63 -44.76 -56.11
CA HIS F 315 54.45 -44.51 -57.55
C HIS F 315 55.61 -43.80 -58.22
N LEU F 316 56.45 -43.11 -57.43
CA LEU F 316 57.52 -42.32 -58.02
C LEU F 316 58.95 -42.61 -57.61
N LEU F 317 59.28 -42.40 -56.34
CA LEU F 317 60.64 -42.62 -55.87
C LEU F 317 61.13 -44.07 -55.91
N LEU F 318 60.24 -45.00 -55.54
CA LEU F 318 60.61 -46.42 -55.51
C LEU F 318 59.94 -47.31 -56.57
N SER F 319 59.70 -46.78 -57.77
CA SER F 319 59.09 -47.59 -58.82
C SER F 319 59.27 -47.04 -60.23
N THR F 320 58.33 -47.42 -61.10
CA THR F 320 58.31 -47.03 -62.51
C THR F 320 59.66 -46.60 -63.06
N GLN G 2 -18.88 13.32 26.02
CA GLN G 2 -18.27 13.64 24.69
C GLN G 2 -17.69 15.05 24.72
N LEU G 3 -16.77 15.34 23.80
CA LEU G 3 -16.12 16.65 23.71
C LEU G 3 -17.15 17.77 23.58
N PHE G 4 -16.81 18.98 24.02
CA PHE G 4 -17.75 20.09 23.96
C PHE G 4 -17.11 21.48 23.94
N ASP G 5 -15.90 21.56 24.48
CA ASP G 5 -15.18 22.83 24.59
C ASP G 5 -14.37 23.14 23.31
N LEU G 6 -13.41 24.06 23.42
CA LEU G 6 -12.52 24.43 22.32
C LEU G 6 -11.74 23.20 21.86
N SER G 7 -11.31 23.20 20.61
CA SER G 7 -10.54 22.08 20.09
C SER G 7 -9.17 22.06 20.78
N LEU G 8 -8.54 20.89 20.81
CA LEU G 8 -7.23 20.78 21.44
C LEU G 8 -6.28 21.82 20.89
N GLU G 9 -6.19 21.91 19.57
CA GLU G 9 -5.31 22.89 18.93
C GLU G 9 -5.62 24.32 19.42
N GLU G 10 -6.91 24.65 19.57
CA GLU G 10 -7.26 25.98 20.06
C GLU G 10 -6.99 26.11 21.56
N LEU G 11 -7.30 25.06 22.33
CA LEU G 11 -7.06 25.09 23.77
C LEU G 11 -5.62 25.44 24.13
N LYS G 12 -4.68 24.81 23.43
CA LYS G 12 -3.27 25.01 23.70
C LYS G 12 -2.81 26.43 23.43
N LYS G 13 -3.65 27.22 22.78
CA LYS G 13 -3.28 28.59 22.47
C LYS G 13 -4.17 29.59 23.19
N TYR G 14 -5.10 29.07 24.00
CA TYR G 14 -6.03 29.93 24.73
C TYR G 14 -5.44 30.59 25.96
N LYS G 15 -5.12 31.87 25.83
CA LYS G 15 -4.52 32.64 26.92
C LYS G 15 -5.33 33.91 27.08
N PRO G 16 -6.41 33.86 27.87
CA PRO G 16 -7.23 35.06 28.05
C PRO G 16 -6.45 36.18 28.73
N LYS G 17 -6.70 37.41 28.33
CA LYS G 17 -5.99 38.55 28.92
C LYS G 17 -6.35 38.63 30.40
N LYS G 18 -5.34 38.97 31.21
CA LYS G 18 -5.51 39.08 32.65
C LYS G 18 -6.57 40.12 32.99
N THR G 19 -7.33 39.83 34.03
CA THR G 19 -8.41 40.70 34.49
C THR G 19 -8.00 41.43 35.77
N ALA G 20 -6.82 41.10 36.28
CA ALA G 20 -6.32 41.71 37.51
C ALA G 20 -6.41 43.22 37.50
N ARG G 21 -6.83 43.78 38.63
CA ARG G 21 -6.94 45.22 38.76
C ARG G 21 -5.58 45.83 39.11
N PRO G 22 -5.44 47.16 38.96
CA PRO G 22 -4.17 47.82 39.27
C PRO G 22 -3.70 47.57 40.72
N ASP G 23 -4.63 47.57 41.65
CA ASP G 23 -4.33 47.36 43.07
C ASP G 23 -4.40 45.87 43.46
N PHE G 24 -4.17 44.99 42.49
CA PHE G 24 -4.22 43.54 42.72
C PHE G 24 -3.21 43.06 43.78
N SER G 25 -1.94 43.30 43.48
CA SER G 25 -0.84 42.89 44.35
C SER G 25 -0.89 43.60 45.70
N ASP G 26 -1.58 44.74 45.75
CA ASP G 26 -1.71 45.50 46.99
C ASP G 26 -2.73 44.82 47.88
N PHE G 27 -3.84 44.40 47.27
CA PHE G 27 -4.89 43.72 47.99
C PHE G 27 -4.32 42.49 48.70
N TRP G 28 -3.46 41.75 48.02
CA TRP G 28 -2.85 40.57 48.57
C TRP G 28 -1.77 40.87 49.62
N LYS G 29 -1.08 41.99 49.42
CA LYS G 29 -0.05 42.41 50.36
C LYS G 29 -0.72 42.77 51.68
N LYS G 30 -1.88 43.42 51.56
CA LYS G 30 -2.64 43.84 52.74
C LYS G 30 -3.36 42.66 53.39
N SER G 31 -3.80 41.71 52.57
CA SER G 31 -4.50 40.54 53.10
C SER G 31 -3.55 39.65 53.89
N LEU G 32 -2.33 39.47 53.38
CA LEU G 32 -1.36 38.65 54.07
C LEU G 32 -0.91 39.36 55.35
N GLU G 33 -0.88 40.68 55.31
CA GLU G 33 -0.49 41.45 56.47
C GLU G 33 -1.52 41.22 57.57
N GLU G 34 -2.80 41.18 57.18
CA GLU G 34 -3.86 40.96 58.15
C GLU G 34 -3.81 39.57 58.75
N LEU G 35 -3.20 38.63 58.03
CA LEU G 35 -3.07 37.24 58.49
C LEU G 35 -2.00 37.15 59.60
N ARG G 36 -0.86 37.79 59.35
CA ARG G 36 0.26 37.82 60.28
C ARG G 36 -0.20 38.34 61.63
N GLN G 37 -1.05 39.35 61.60
CA GLN G 37 -1.59 39.94 62.82
C GLN G 37 -2.08 38.81 63.72
N VAL G 38 -2.75 37.82 63.15
CA VAL G 38 -3.27 36.70 63.91
C VAL G 38 -2.21 35.65 64.24
N GLU G 39 -2.03 35.34 65.52
CA GLU G 39 -1.04 34.34 65.90
C GLU G 39 -1.64 32.96 65.65
N ALA G 40 -0.84 32.10 65.02
CA ALA G 40 -1.29 30.76 64.67
C ALA G 40 -1.80 29.95 65.85
N GLU G 41 -1.05 29.91 66.95
CA GLU G 41 -1.46 29.16 68.14
C GLU G 41 -1.95 27.74 67.82
N PRO G 42 -1.17 26.98 67.06
CA PRO G 42 -1.61 25.62 66.71
C PRO G 42 -1.72 24.65 67.91
N THR G 43 -2.56 23.64 67.77
CA THR G 43 -2.73 22.60 68.78
C THR G 43 -2.61 21.26 68.05
N LEU G 44 -2.08 20.25 68.71
CA LEU G 44 -1.92 18.93 68.11
C LEU G 44 -2.52 17.94 69.08
N GLU G 45 -3.34 17.03 68.56
CA GLU G 45 -4.02 16.03 69.39
C GLU G 45 -3.94 14.64 68.76
N SER G 46 -3.60 13.64 69.56
CA SER G 46 -3.49 12.26 69.07
C SER G 46 -4.83 11.75 68.55
N TYR G 47 -4.79 11.02 67.46
CA TYR G 47 -6.02 10.46 66.89
C TYR G 47 -5.72 9.02 66.47
N ASP G 48 -6.41 8.06 67.08
CA ASP G 48 -6.20 6.64 66.76
C ASP G 48 -6.75 6.34 65.37
N TYR G 49 -6.04 5.50 64.65
CA TYR G 49 -6.45 5.09 63.31
C TYR G 49 -5.77 3.75 63.07
N PRO G 50 -6.49 2.76 62.51
CA PRO G 50 -5.98 1.42 62.23
C PRO G 50 -4.94 1.35 61.12
N VAL G 51 -3.73 1.83 61.42
CA VAL G 51 -2.64 1.82 60.47
C VAL G 51 -1.31 1.67 61.21
N LYS G 52 -0.42 0.89 60.61
CA LYS G 52 0.91 0.66 61.18
C LYS G 52 1.93 1.47 60.41
N GLY G 53 2.87 2.07 61.12
CA GLY G 53 3.91 2.86 60.47
C GLY G 53 3.56 4.31 60.28
N VAL G 54 2.46 4.75 60.89
CA VAL G 54 2.01 6.14 60.79
C VAL G 54 1.29 6.63 62.04
N LYS G 55 1.60 7.85 62.45
CA LYS G 55 0.94 8.46 63.59
C LYS G 55 0.04 9.57 63.04
N VAL G 56 -1.22 9.57 63.46
CA VAL G 56 -2.19 10.54 62.99
C VAL G 56 -2.65 11.51 64.10
N TYR G 57 -2.87 12.76 63.72
CA TYR G 57 -3.30 13.76 64.68
C TYR G 57 -4.34 14.70 64.09
N ARG G 58 -4.97 15.48 64.97
CA ARG G 58 -5.93 16.49 64.56
C ARG G 58 -5.18 17.81 64.80
N LEU G 59 -5.03 18.60 63.73
CA LEU G 59 -4.32 19.86 63.83
C LEU G 59 -5.27 21.03 63.69
N THR G 60 -5.06 22.04 64.52
CA THR G 60 -5.85 23.25 64.45
C THR G 60 -4.86 24.40 64.55
N TYR G 61 -5.29 25.55 64.05
CA TYR G 61 -4.48 26.76 64.11
C TYR G 61 -5.39 27.93 63.83
N GLN G 62 -4.98 29.10 64.29
CA GLN G 62 -5.76 30.31 64.08
C GLN G 62 -5.35 30.90 62.75
N SER G 63 -6.30 31.54 62.07
CA SER G 63 -6.05 32.12 60.76
C SER G 63 -6.80 33.43 60.59
N PHE G 64 -6.73 33.98 59.37
CA PHE G 64 -7.41 35.23 59.01
C PHE G 64 -8.75 35.35 59.76
N GLY G 65 -9.02 36.51 60.33
CA GLY G 65 -10.26 36.71 61.06
C GLY G 65 -10.34 35.94 62.37
N HIS G 66 -9.21 35.44 62.86
CA HIS G 66 -9.19 34.68 64.09
C HIS G 66 -10.15 33.50 63.95
N SER G 67 -10.02 32.80 62.83
CA SER G 67 -10.85 31.64 62.52
C SER G 67 -10.01 30.42 62.84
N LYS G 68 -10.64 29.41 63.44
CA LYS G 68 -9.91 28.18 63.77
C LYS G 68 -10.04 27.20 62.62
N ILE G 69 -8.91 26.92 61.98
CA ILE G 69 -8.84 26.01 60.84
C ILE G 69 -8.32 24.67 61.32
N GLU G 70 -8.89 23.60 60.80
CA GLU G 70 -8.54 22.25 61.22
C GLU G 70 -8.29 21.28 60.09
N GLY G 71 -7.92 20.06 60.45
CA GLY G 71 -7.67 19.04 59.45
C GLY G 71 -6.80 17.96 60.03
N PHE G 72 -6.82 16.78 59.44
CA PHE G 72 -6.01 15.67 59.93
C PHE G 72 -4.58 15.82 59.46
N TYR G 73 -3.64 15.38 60.30
CA TYR G 73 -2.21 15.44 59.98
C TYR G 73 -1.60 14.08 60.31
N ALA G 74 -1.10 13.40 59.27
CA ALA G 74 -0.50 12.08 59.43
C ALA G 74 0.98 12.10 59.10
N VAL G 75 1.80 11.63 60.05
CA VAL G 75 3.24 11.62 59.88
C VAL G 75 3.79 10.21 59.91
N PRO G 76 4.78 9.91 59.07
CA PRO G 76 5.36 8.56 59.08
C PRO G 76 5.94 8.28 60.48
N ASP G 77 5.76 7.05 60.95
CA ASP G 77 6.22 6.63 62.27
C ASP G 77 7.71 6.24 62.24
N GLN G 78 8.57 7.21 62.00
CA GLN G 78 9.99 6.95 61.96
C GLN G 78 10.76 8.24 62.14
N THR G 79 12.08 8.17 62.06
CA THR G 79 12.89 9.37 62.23
C THR G 79 12.78 10.29 61.03
N GLY G 80 12.63 11.58 61.31
CA GLY G 80 12.54 12.59 60.27
C GLY G 80 13.91 13.22 60.10
N PRO G 81 14.00 14.42 59.50
CA PRO G 81 12.91 15.23 58.94
C PRO G 81 12.24 14.49 57.80
N HIS G 82 11.01 14.88 57.51
CA HIS G 82 10.23 14.25 56.46
C HIS G 82 9.75 15.23 55.40
N PRO G 83 9.65 14.79 54.14
CA PRO G 83 9.15 15.79 53.19
C PRO G 83 7.67 15.88 53.58
N ALA G 84 6.97 16.95 53.22
CA ALA G 84 5.58 17.07 53.61
C ALA G 84 4.65 17.55 52.51
N LEU G 85 3.35 17.42 52.75
CA LEU G 85 2.32 17.82 51.81
C LEU G 85 1.12 18.43 52.51
N VAL G 86 0.57 19.46 51.89
CA VAL G 86 -0.65 20.05 52.40
C VAL G 86 -1.61 19.66 51.29
N ARG G 87 -2.63 18.87 51.64
CA ARG G 87 -3.64 18.43 50.67
C ARG G 87 -4.89 19.28 50.76
N PHE G 88 -5.37 19.78 49.63
CA PHE G 88 -6.57 20.59 49.62
C PHE G 88 -7.70 19.80 48.92
N HIS G 89 -8.86 19.75 49.55
CA HIS G 89 -10.01 19.00 49.02
C HIS G 89 -10.92 19.75 48.05
N GLY G 90 -11.78 18.97 47.40
CA GLY G 90 -12.73 19.53 46.43
C GLY G 90 -13.92 20.25 47.05
N TYR G 91 -14.60 21.06 46.24
CA TYR G 91 -15.75 21.83 46.68
C TYR G 91 -16.88 20.95 47.23
N ASN G 92 -17.13 21.06 48.53
CA ASN G 92 -18.19 20.29 49.21
C ASN G 92 -17.97 18.79 49.01
N ALA G 93 -16.72 18.41 48.81
CA ALA G 93 -16.42 17.01 48.54
C ALA G 93 -15.59 16.27 49.59
N SER G 94 -15.56 16.79 50.81
CA SER G 94 -14.80 16.14 51.86
C SER G 94 -15.67 15.32 52.82
N TYR G 95 -15.34 14.03 52.91
CA TYR G 95 -16.05 13.09 53.78
C TYR G 95 -15.17 12.64 54.93
N ASP G 96 -15.58 12.96 56.15
CA ASP G 96 -14.81 12.59 57.32
C ASP G 96 -13.35 13.03 57.21
N GLY G 97 -13.15 14.25 56.73
CA GLY G 97 -11.81 14.81 56.59
C GLY G 97 -10.84 14.17 55.64
N GLY G 98 -11.31 13.29 54.76
CA GLY G 98 -10.44 12.62 53.82
C GLY G 98 -9.30 11.94 54.57
N ILE G 99 -9.62 11.42 55.76
CA ILE G 99 -8.63 10.79 56.61
C ILE G 99 -7.95 9.60 55.97
N HIS G 100 -8.71 8.77 55.26
CA HIS G 100 -8.09 7.60 54.64
C HIS G 100 -7.04 7.99 53.62
N ASP G 101 -7.30 9.03 52.83
CA ASP G 101 -6.34 9.44 51.83
C ASP G 101 -5.13 10.13 52.45
N ILE G 102 -5.34 10.83 53.57
CA ILE G 102 -4.23 11.52 54.22
C ILE G 102 -3.29 10.51 54.83
N VAL G 103 -3.86 9.44 55.37
CA VAL G 103 -3.06 8.38 55.96
C VAL G 103 -2.28 7.69 54.83
N ASN G 104 -2.93 7.39 53.71
CA ASN G 104 -2.22 6.73 52.62
C ASN G 104 -1.05 7.58 52.09
N TRP G 105 -1.19 8.91 52.11
CA TRP G 105 -0.08 9.77 51.65
C TRP G 105 1.10 9.61 52.60
N ALA G 106 0.84 9.57 53.91
CA ALA G 106 1.91 9.38 54.89
C ALA G 106 2.60 8.04 54.62
N LEU G 107 1.82 7.01 54.29
CA LEU G 107 2.40 5.69 54.02
C LEU G 107 3.32 5.70 52.81
N HIS G 108 3.13 6.68 51.94
CA HIS G 108 3.97 6.84 50.76
C HIS G 108 5.20 7.60 51.24
N GLY G 109 5.13 8.10 52.48
CA GLY G 109 6.26 8.80 53.06
C GLY G 109 6.20 10.29 53.33
N TYR G 110 5.04 10.91 53.14
CA TYR G 110 4.90 12.34 53.36
C TYR G 110 4.11 12.71 54.62
N ALA G 111 4.68 13.62 55.43
CA ALA G 111 3.97 14.12 56.60
C ALA G 111 2.90 14.97 55.93
N THR G 112 1.66 14.47 55.88
CA THR G 112 0.55 15.12 55.19
C THR G 112 -0.56 15.79 56.02
N PHE G 113 -0.88 17.03 55.67
CA PHE G 113 -1.96 17.75 56.33
C PHE G 113 -3.07 18.01 55.34
N GLY G 114 -4.27 17.55 55.65
CA GLY G 114 -5.41 17.77 54.79
C GLY G 114 -6.24 18.92 55.31
N MET G 115 -5.93 20.13 54.85
CA MET G 115 -6.65 21.32 55.33
C MET G 115 -8.12 21.31 54.95
N LEU G 116 -8.99 21.54 55.94
CA LEU G 116 -10.41 21.59 55.67
C LEU G 116 -10.83 23.04 55.41
N VAL G 117 -11.46 23.24 54.25
CA VAL G 117 -11.91 24.54 53.78
C VAL G 117 -13.14 25.08 54.51
N ARG G 118 -12.93 26.21 55.19
CA ARG G 118 -13.97 26.86 55.99
C ARG G 118 -15.39 26.45 55.65
N GLY G 119 -16.06 25.82 56.60
CA GLY G 119 -17.47 25.47 56.45
C GLY G 119 -17.82 24.28 55.58
N GLN G 120 -16.87 23.78 54.81
CA GLN G 120 -17.15 22.63 53.94
C GLN G 120 -16.84 21.32 54.68
N GLY G 121 -15.61 20.83 54.54
CA GLY G 121 -15.26 19.59 55.22
C GLY G 121 -15.03 19.78 56.72
N GLY G 122 -14.78 21.02 57.11
CA GLY G 122 -14.53 21.35 58.50
C GLY G 122 -14.05 22.80 58.59
N SER G 123 -13.46 23.17 59.71
CA SER G 123 -12.95 24.53 59.91
C SER G 123 -14.03 25.58 60.11
N GLU G 124 -13.76 26.50 61.03
CA GLU G 124 -14.67 27.59 61.37
C GLU G 124 -14.46 28.73 60.37
N ASP G 125 -15.50 29.51 60.13
CA ASP G 125 -15.40 30.65 59.23
C ASP G 125 -16.09 31.80 59.95
N THR G 126 -15.27 32.71 60.46
CA THR G 126 -15.78 33.85 61.22
C THR G 126 -16.31 34.98 60.35
N SER G 127 -16.08 34.91 59.04
CA SER G 127 -16.55 35.97 58.16
C SER G 127 -18.07 36.09 58.08
N VAL G 128 -18.56 37.31 58.25
CA VAL G 128 -19.99 37.58 58.22
C VAL G 128 -20.50 37.46 56.78
N THR G 129 -21.82 37.26 56.64
CA THR G 129 -22.42 37.17 55.31
C THR G 129 -23.07 38.53 55.14
N PRO G 130 -22.43 39.41 54.34
CA PRO G 130 -22.89 40.78 54.06
C PRO G 130 -24.32 40.93 53.54
N GLY G 131 -24.66 40.15 52.53
CA GLY G 131 -25.99 40.26 51.97
C GLY G 131 -26.45 38.96 51.37
N GLY G 132 -27.45 39.02 50.51
CA GLY G 132 -27.95 37.82 49.88
C GLY G 132 -27.00 37.23 48.85
N HIS G 133 -27.08 35.93 48.65
CA HIS G 133 -26.26 35.28 47.64
C HIS G 133 -26.89 33.96 47.23
N ALA G 134 -26.37 33.35 46.17
CA ALA G 134 -26.92 32.09 45.71
C ALA G 134 -26.52 30.98 46.68
N LEU G 135 -27.32 29.91 46.67
CA LEU G 135 -27.07 28.74 47.52
C LEU G 135 -25.64 28.29 47.22
N GLY G 136 -24.84 28.17 48.27
CA GLY G 136 -23.46 27.77 48.08
C GLY G 136 -22.51 28.80 48.65
N TRP G 137 -21.21 28.57 48.47
CA TRP G 137 -20.17 29.46 48.97
C TRP G 137 -19.61 30.36 47.88
N MET G 138 -19.77 29.97 46.60
CA MET G 138 -19.22 30.74 45.49
C MET G 138 -19.50 32.23 45.47
N THR G 139 -20.68 32.65 45.91
CA THR G 139 -20.99 34.07 45.91
C THR G 139 -21.15 34.70 47.30
N LYS G 140 -20.68 34.00 48.32
CA LYS G 140 -20.76 34.53 49.68
C LYS G 140 -19.76 35.70 49.79
N GLY G 141 -20.28 36.91 49.99
CA GLY G 141 -19.47 38.12 50.13
C GLY G 141 -18.91 38.69 48.84
N ILE G 142 -19.46 38.22 47.71
CA ILE G 142 -18.97 38.59 46.39
C ILE G 142 -18.94 40.07 45.95
N LEU G 143 -19.66 40.95 46.64
CA LEU G 143 -19.65 42.35 46.25
C LEU G 143 -18.42 43.11 46.78
N SER G 144 -17.45 42.38 47.31
CA SER G 144 -16.22 42.99 47.81
C SER G 144 -15.07 42.00 48.00
N LYS G 145 -13.90 42.36 47.49
CA LYS G 145 -12.72 41.51 47.61
C LYS G 145 -12.39 41.33 49.09
N ASP G 146 -12.80 42.27 49.92
CA ASP G 146 -12.51 42.15 51.34
C ASP G 146 -13.47 41.19 52.05
N THR G 147 -14.68 41.06 51.54
CA THR G 147 -15.67 40.17 52.16
C THR G 147 -15.85 38.82 51.49
N TYR G 148 -15.23 38.62 50.34
CA TYR G 148 -15.39 37.37 49.59
C TYR G 148 -14.93 36.07 50.28
N TYR G 149 -15.71 35.00 50.11
CA TYR G 149 -15.44 33.68 50.72
C TYR G 149 -14.00 33.18 50.55
N TYR G 150 -13.50 33.14 49.32
CA TYR G 150 -12.15 32.66 49.13
C TYR G 150 -11.02 33.52 49.68
N ARG G 151 -11.29 34.69 50.22
CA ARG G 151 -10.17 35.46 50.77
C ARG G 151 -9.62 34.71 51.99
N GLY G 152 -10.51 34.35 52.91
CA GLY G 152 -10.07 33.66 54.10
C GLY G 152 -9.44 32.33 53.76
N VAL G 153 -10.07 31.62 52.83
CA VAL G 153 -9.62 30.32 52.39
C VAL G 153 -8.21 30.37 51.79
N TYR G 154 -7.93 31.34 50.91
CA TYR G 154 -6.57 31.40 50.35
C TYR G 154 -5.60 31.68 51.50
N LEU G 155 -6.00 32.59 52.38
CA LEU G 155 -5.16 32.93 53.53
C LEU G 155 -4.95 31.70 54.40
N ASP G 156 -6.01 30.90 54.59
CA ASP G 156 -5.89 29.68 55.40
C ASP G 156 -4.84 28.75 54.82
N ALA G 157 -4.86 28.54 53.50
CA ALA G 157 -3.87 27.68 52.86
C ALA G 157 -2.45 28.17 53.08
N VAL G 158 -2.24 29.48 53.02
CA VAL G 158 -0.91 30.03 53.23
C VAL G 158 -0.50 29.78 54.69
N ARG G 159 -1.38 30.08 55.64
CA ARG G 159 -1.07 29.85 57.05
C ARG G 159 -0.81 28.35 57.26
N ALA G 160 -1.51 27.50 56.51
CA ALA G 160 -1.33 26.05 56.60
C ALA G 160 0.13 25.66 56.35
N LEU G 161 0.74 26.23 55.33
CA LEU G 161 2.14 25.91 55.02
C LEU G 161 3.08 26.47 56.10
N GLU G 162 2.74 27.64 56.63
CA GLU G 162 3.57 28.27 57.66
C GLU G 162 3.59 27.41 58.91
N VAL G 163 2.48 26.78 59.25
CA VAL G 163 2.41 25.94 60.44
C VAL G 163 3.16 24.63 60.26
N ILE G 164 3.01 24.02 59.09
CA ILE G 164 3.67 22.74 58.83
C ILE G 164 5.17 22.92 58.69
N GLN G 165 5.58 24.05 58.12
CA GLN G 165 7.00 24.37 57.95
C GLN G 165 7.68 24.51 59.31
N SER G 166 6.91 24.90 60.32
CA SER G 166 7.44 25.10 61.68
C SER G 166 7.57 23.83 62.50
N PHE G 167 7.15 22.69 61.96
CA PHE G 167 7.26 21.45 62.70
C PHE G 167 8.69 20.94 62.57
N PRO G 168 9.29 20.52 63.69
CA PRO G 168 10.66 20.01 63.71
C PRO G 168 10.90 18.76 62.86
N GLU G 169 9.91 17.89 62.76
CA GLU G 169 10.06 16.67 61.98
C GLU G 169 9.82 16.86 60.48
N VAL G 170 9.57 18.11 60.08
CA VAL G 170 9.34 18.40 58.67
C VAL G 170 10.55 19.08 58.00
N ASP G 171 10.98 18.52 56.88
CA ASP G 171 12.11 19.05 56.12
C ASP G 171 11.53 20.21 55.31
N GLU G 172 11.67 21.43 55.83
CA GLU G 172 11.13 22.65 55.20
C GLU G 172 11.48 22.90 53.73
N HIS G 173 12.50 22.23 53.22
CA HIS G 173 12.90 22.42 51.84
C HIS G 173 12.19 21.42 50.96
N ARG G 174 11.30 20.63 51.54
CA ARG G 174 10.60 19.64 50.76
C ARG G 174 9.11 19.54 51.09
N ILE G 175 8.42 20.65 50.86
CA ILE G 175 6.98 20.74 51.09
C ILE G 175 6.31 20.93 49.72
N GLY G 176 5.26 20.15 49.48
CA GLY G 176 4.52 20.26 48.24
C GLY G 176 3.05 20.54 48.54
N VAL G 177 2.35 21.08 47.54
CA VAL G 177 0.93 21.37 47.69
C VAL G 177 0.19 20.69 46.54
N ILE G 178 -0.81 19.89 46.88
CA ILE G 178 -1.56 19.15 45.89
C ILE G 178 -3.06 19.20 46.12
N GLY G 179 -3.83 18.89 45.08
CA GLY G 179 -5.28 18.91 45.20
C GLY G 179 -5.99 18.85 43.86
N GLY G 180 -7.30 18.57 43.88
CA GLY G 180 -8.10 18.52 42.65
C GLY G 180 -9.24 19.53 42.61
N SER G 181 -9.42 20.20 41.46
CA SER G 181 -10.45 21.22 41.27
C SER G 181 -10.29 22.36 42.30
N GLN G 182 -11.19 22.47 43.28
CA GLN G 182 -11.02 23.49 44.31
C GLN G 182 -9.63 23.26 44.94
N GLY G 183 -9.28 21.99 45.13
CA GLY G 183 -8.00 21.63 45.73
C GLY G 183 -6.78 22.05 44.94
N GLY G 184 -6.89 22.05 43.61
CA GLY G 184 -5.78 22.44 42.76
C GLY G 184 -5.69 23.95 42.71
N ALA G 185 -6.82 24.61 42.86
CA ALA G 185 -6.85 26.05 42.84
C ALA G 185 -6.19 26.58 44.12
N LEU G 186 -6.55 26.00 45.26
CA LEU G 186 -5.95 26.44 46.52
C LEU G 186 -4.44 26.16 46.49
N ALA G 187 -4.08 25.05 45.82
CA ALA G 187 -2.69 24.66 45.68
C ALA G 187 -1.93 25.70 44.89
N ILE G 188 -2.45 26.10 43.73
CA ILE G 188 -1.75 27.10 42.93
C ILE G 188 -1.76 28.46 43.63
N ALA G 189 -2.87 28.81 44.26
CA ALA G 189 -2.97 30.09 44.96
C ALA G 189 -1.93 30.14 46.09
N ALA G 190 -1.71 29.02 46.77
CA ALA G 190 -0.76 28.98 47.87
C ALA G 190 0.68 29.22 47.39
N ALA G 191 1.07 28.50 46.34
CA ALA G 191 2.39 28.63 45.77
C ALA G 191 2.62 30.06 45.32
N ALA G 192 1.59 30.63 44.70
CA ALA G 192 1.67 31.99 44.19
C ALA G 192 1.85 33.04 45.29
N LEU G 193 1.24 32.78 46.44
CA LEU G 193 1.26 33.69 47.59
C LEU G 193 2.36 33.39 48.60
N SER G 194 2.92 32.19 48.52
CA SER G 194 3.97 31.78 49.44
C SER G 194 5.11 31.06 48.74
N ASP G 195 6.32 31.24 49.26
CA ASP G 195 7.46 30.56 48.65
C ASP G 195 7.76 29.26 49.39
N ILE G 196 7.02 29.01 50.45
CA ILE G 196 7.24 27.80 51.23
C ILE G 196 7.13 26.55 50.38
N PRO G 197 6.11 26.46 49.50
CA PRO G 197 5.96 25.27 48.67
C PRO G 197 7.14 25.11 47.69
N LYS G 198 7.55 23.88 47.44
CA LYS G 198 8.64 23.63 46.52
C LYS G 198 8.07 23.14 45.21
N VAL G 199 7.00 22.35 45.29
CA VAL G 199 6.39 21.82 44.10
C VAL G 199 4.89 21.93 44.20
N VAL G 200 4.23 21.85 43.04
CA VAL G 200 2.78 21.97 42.95
C VAL G 200 2.19 20.88 42.03
N VAL G 201 1.08 20.29 42.45
CA VAL G 201 0.38 19.29 41.64
C VAL G 201 -1.09 19.64 41.72
N ALA G 202 -1.66 20.02 40.58
CA ALA G 202 -3.06 20.42 40.54
C ALA G 202 -3.89 19.71 39.47
N ASP G 203 -4.82 18.86 39.90
CA ASP G 203 -5.71 18.18 38.96
C ASP G 203 -6.79 19.18 38.59
N TYR G 204 -7.07 19.30 37.29
CA TYR G 204 -8.11 20.19 36.79
C TYR G 204 -8.58 21.30 37.76
N PRO G 205 -7.72 22.30 38.01
CA PRO G 205 -8.04 23.42 38.91
C PRO G 205 -9.29 24.23 38.60
N TYR G 206 -9.95 24.65 39.67
CA TYR G 206 -11.17 25.46 39.68
C TYR G 206 -10.77 26.95 39.83
N LEU G 207 -11.73 27.83 40.05
CA LEU G 207 -11.46 29.26 40.24
C LEU G 207 -10.56 29.84 39.14
N SER G 208 -10.88 29.55 37.89
CA SER G 208 -10.04 29.99 36.79
C SER G 208 -10.79 30.60 35.60
N ASN G 209 -10.38 31.81 35.22
CA ASN G 209 -10.96 32.52 34.09
C ASN G 209 -12.48 32.50 34.28
N PHE G 210 -12.93 33.18 35.34
CA PHE G 210 -14.35 33.25 35.71
C PHE G 210 -15.30 33.73 34.65
N GLU G 211 -14.85 34.68 33.85
CA GLU G 211 -15.73 35.22 32.83
C GLU G 211 -16.06 34.23 31.72
N ARG G 212 -15.10 33.36 31.40
CA ARG G 212 -15.37 32.35 30.40
C ARG G 212 -16.09 31.17 31.07
N ALA G 213 -15.69 30.85 32.30
CA ALA G 213 -16.31 29.74 33.03
C ALA G 213 -17.84 29.84 33.13
N VAL G 214 -18.40 31.01 33.46
CA VAL G 214 -19.86 31.13 33.58
C VAL G 214 -20.58 30.90 32.26
N ASP G 215 -19.86 31.06 31.17
CA ASP G 215 -20.45 30.87 29.85
C ASP G 215 -20.22 29.48 29.25
N VAL G 216 -19.38 28.65 29.86
CA VAL G 216 -19.09 27.33 29.30
C VAL G 216 -19.37 26.09 30.16
N ALA G 217 -19.31 26.23 31.48
CA ALA G 217 -19.57 25.11 32.38
C ALA G 217 -21.01 24.61 32.24
N LEU G 218 -21.22 23.30 32.34
CA LEU G 218 -22.56 22.76 32.23
C LEU G 218 -22.97 22.12 33.53
N GLU G 219 -22.15 22.34 34.56
CA GLU G 219 -22.42 21.76 35.86
C GLU G 219 -22.03 22.69 36.97
N GLN G 220 -22.51 22.39 38.17
CA GLN G 220 -22.18 23.17 39.34
C GLN G 220 -20.70 22.91 39.61
N PRO G 221 -20.03 23.79 40.39
CA PRO G 221 -20.56 25.00 41.03
C PRO G 221 -20.31 26.39 40.37
N TYR G 222 -19.66 26.44 39.20
CA TYR G 222 -19.42 27.74 38.54
C TYR G 222 -20.74 28.44 38.29
N LEU G 223 -21.77 27.65 38.04
CA LEU G 223 -23.08 28.20 37.74
C LEU G 223 -23.77 28.91 38.90
N GLU G 224 -23.22 28.80 40.10
CA GLU G 224 -23.77 29.50 41.26
C GLU G 224 -23.67 30.98 40.92
N ILE G 225 -22.62 31.34 40.17
CA ILE G 225 -22.47 32.74 39.79
C ILE G 225 -23.68 33.18 38.94
N ASN G 226 -24.07 32.34 37.98
CA ASN G 226 -25.21 32.63 37.12
C ASN G 226 -26.48 32.77 37.99
N SER G 227 -26.60 31.90 38.98
CA SER G 227 -27.78 31.90 39.87
C SER G 227 -27.83 33.18 40.68
N TYR G 228 -26.66 33.67 41.06
CA TYR G 228 -26.59 34.89 41.85
C TYR G 228 -27.11 36.07 40.99
N PHE G 229 -26.64 36.12 39.74
CA PHE G 229 -27.04 37.14 38.80
C PHE G 229 -28.52 37.08 38.49
N ARG G 230 -29.09 35.88 38.49
CA ARG G 230 -30.52 35.72 38.23
C ARG G 230 -31.31 36.34 39.37
N ARG G 231 -30.82 36.12 40.59
CA ARG G 231 -31.47 36.62 41.79
C ARG G 231 -31.16 38.07 42.10
N ASN G 232 -30.14 38.61 41.43
CA ASN G 232 -29.73 40.00 41.64
C ASN G 232 -29.36 40.55 40.26
N SER G 233 -30.37 41.04 39.56
CA SER G 233 -30.24 41.54 38.19
C SER G 233 -29.60 42.88 37.94
N ASP G 234 -29.33 43.68 38.97
CA ASP G 234 -28.71 44.98 38.74
C ASP G 234 -27.42 44.84 37.96
N PRO G 235 -27.38 45.45 36.76
CA PRO G 235 -26.19 45.38 35.91
C PRO G 235 -24.90 45.68 36.67
N LYS G 236 -24.96 46.69 37.55
CA LYS G 236 -23.80 47.08 38.34
C LYS G 236 -23.37 45.95 39.29
N VAL G 237 -24.30 45.09 39.66
CA VAL G 237 -24.01 43.97 40.54
C VAL G 237 -23.11 42.97 39.81
N GLU G 238 -23.45 42.66 38.57
CA GLU G 238 -22.65 41.72 37.80
C GLU G 238 -21.26 42.29 37.57
N GLU G 239 -21.19 43.57 37.24
CA GLU G 239 -19.89 44.17 37.01
C GLU G 239 -19.05 44.08 38.27
N LYS G 240 -19.62 44.49 39.41
CA LYS G 240 -18.88 44.46 40.67
C LYS G 240 -18.48 43.03 41.04
N ALA G 241 -19.35 42.06 40.83
CA ALA G 241 -18.99 40.69 41.16
C ALA G 241 -17.73 40.28 40.42
N PHE G 242 -17.71 40.46 39.10
CA PHE G 242 -16.53 40.07 38.34
C PHE G 242 -15.23 40.81 38.76
N GLU G 243 -15.35 42.03 39.28
CA GLU G 243 -14.19 42.77 39.79
C GLU G 243 -13.65 41.96 40.97
N THR G 244 -14.55 41.64 41.88
CA THR G 244 -14.22 40.87 43.07
C THR G 244 -13.60 39.53 42.70
N LEU G 245 -14.17 38.90 41.68
CA LEU G 245 -13.67 37.60 41.25
C LEU G 245 -12.26 37.59 40.65
N SER G 246 -11.84 38.70 40.05
CA SER G 246 -10.51 38.77 39.46
C SER G 246 -9.35 38.67 40.46
N TYR G 247 -9.56 39.15 41.70
CA TYR G 247 -8.49 39.09 42.70
C TYR G 247 -8.18 37.66 43.12
N PHE G 248 -9.09 36.73 42.82
CA PHE G 248 -8.91 35.36 43.23
C PHE G 248 -8.75 34.41 42.07
N ASP G 249 -8.93 34.93 40.86
CA ASP G 249 -8.83 34.15 39.64
C ASP G 249 -7.41 33.65 39.35
N LEU G 250 -7.27 32.36 39.09
CA LEU G 250 -5.95 31.80 38.80
C LEU G 250 -5.23 32.42 37.61
N ILE G 251 -5.96 32.83 36.57
CA ILE G 251 -5.29 33.44 35.43
C ILE G 251 -4.53 34.71 35.88
N ASN G 252 -4.89 35.25 37.03
CA ASN G 252 -4.25 36.42 37.60
C ASN G 252 -3.12 36.06 38.59
N LEU G 253 -3.31 34.99 39.35
CA LEU G 253 -2.30 34.53 40.32
C LEU G 253 -1.18 33.70 39.71
N ALA G 254 -1.52 32.87 38.73
CA ALA G 254 -0.55 31.97 38.10
C ALA G 254 0.85 32.51 37.79
N GLY G 255 0.92 33.78 37.40
CA GLY G 255 2.20 34.39 37.09
C GLY G 255 3.14 34.47 38.27
N TRP G 256 2.58 34.53 39.49
CA TRP G 256 3.42 34.58 40.69
C TRP G 256 4.03 33.22 41.04
N VAL G 257 3.59 32.15 40.39
CA VAL G 257 4.10 30.81 40.67
C VAL G 257 5.46 30.57 40.02
N LYS G 258 6.47 30.25 40.83
CA LYS G 258 7.80 30.02 40.29
C LYS G 258 8.30 28.64 40.64
N GLN G 259 7.43 27.85 41.27
CA GLN G 259 7.77 26.48 41.64
C GLN G 259 7.38 25.56 40.50
N PRO G 260 8.03 24.39 40.39
CA PRO G 260 7.69 23.47 39.30
C PRO G 260 6.26 22.96 39.56
N THR G 261 5.47 22.89 38.49
CA THR G 261 4.06 22.50 38.62
C THR G 261 3.57 21.39 37.66
N LEU G 262 2.72 20.52 38.18
CA LEU G 262 2.18 19.42 37.39
C LEU G 262 0.65 19.58 37.42
N MET G 263 0.03 19.63 36.24
CA MET G 263 -1.40 19.81 36.15
C MET G 263 -1.99 18.72 35.27
N ALA G 264 -3.29 18.49 35.40
CA ALA G 264 -3.98 17.48 34.61
C ALA G 264 -5.35 18.01 34.13
N ILE G 265 -5.81 17.49 33.01
CA ILE G 265 -7.12 17.89 32.48
C ILE G 265 -7.76 16.81 31.59
N GLY G 266 -9.05 16.58 31.79
CA GLY G 266 -9.82 15.62 31.02
C GLY G 266 -10.70 16.39 30.06
N LEU G 267 -10.55 16.10 28.77
CA LEU G 267 -11.29 16.79 27.72
C LEU G 267 -12.80 16.72 27.76
N ILE G 268 -13.39 15.85 28.58
CA ILE G 268 -14.85 15.81 28.64
C ILE G 268 -15.36 16.32 29.97
N ASP G 269 -14.49 17.06 30.67
CA ASP G 269 -14.79 17.64 31.98
C ASP G 269 -15.78 18.81 31.85
N LYS G 270 -16.94 18.65 32.46
CA LYS G 270 -18.00 19.66 32.40
C LYS G 270 -18.08 20.61 33.60
N ILE G 271 -17.34 20.27 34.66
CA ILE G 271 -17.31 21.04 35.90
C ILE G 271 -16.25 22.13 35.78
N THR G 272 -15.04 21.71 35.44
CA THR G 272 -13.94 22.63 35.21
C THR G 272 -13.58 22.39 33.74
N PRO G 273 -14.27 23.11 32.84
CA PRO G 273 -14.04 22.99 31.40
C PRO G 273 -12.58 23.12 31.02
N PRO G 274 -12.14 22.33 30.02
CA PRO G 274 -10.74 22.37 29.59
C PRO G 274 -10.22 23.79 29.32
N SER G 275 -11.01 24.63 28.67
CA SER G 275 -10.55 25.98 28.35
C SER G 275 -10.12 26.73 29.61
N THR G 276 -10.92 26.62 30.67
CA THR G 276 -10.59 27.31 31.91
C THR G 276 -9.28 26.82 32.54
N VAL G 277 -8.99 25.52 32.42
CA VAL G 277 -7.78 24.94 32.97
C VAL G 277 -6.54 25.31 32.12
N PHE G 278 -6.67 25.21 30.79
CA PHE G 278 -5.59 25.59 29.89
C PHE G 278 -5.30 27.09 30.12
N ALA G 279 -6.34 27.87 30.43
CA ALA G 279 -6.17 29.29 30.66
C ALA G 279 -5.19 29.57 31.82
N ALA G 280 -5.37 28.86 32.93
CA ALA G 280 -4.51 29.04 34.10
C ALA G 280 -3.11 28.52 33.79
N TYR G 281 -3.05 27.38 33.12
CA TYR G 281 -1.81 26.75 32.73
C TYR G 281 -0.99 27.67 31.82
N ASN G 282 -1.65 28.23 30.80
CA ASN G 282 -0.97 29.12 29.87
C ASN G 282 -0.56 30.45 30.45
N HIS G 283 -0.90 30.67 31.72
CA HIS G 283 -0.53 31.90 32.39
C HIS G 283 0.61 31.65 33.38
N LEU G 284 1.04 30.40 33.51
CA LEU G 284 2.15 30.07 34.39
C LEU G 284 3.43 30.33 33.62
N GLU G 285 4.48 30.69 34.33
CA GLU G 285 5.79 30.93 33.75
C GLU G 285 6.79 30.29 34.72
N THR G 286 6.88 28.95 34.64
CA THR G 286 7.73 28.15 35.52
C THR G 286 7.97 26.77 34.88
N ASP G 287 8.63 25.87 35.60
CA ASP G 287 8.87 24.51 35.12
C ASP G 287 7.49 23.87 35.24
N LYS G 288 6.79 23.74 34.12
CA LYS G 288 5.44 23.20 34.14
C LYS G 288 5.16 22.14 33.08
N ASP G 289 4.09 21.39 33.30
CA ASP G 289 3.67 20.38 32.36
C ASP G 289 2.19 20.03 32.59
N LEU G 290 1.43 19.94 31.50
CA LEU G 290 0.00 19.62 31.60
C LEU G 290 -0.30 18.28 30.92
N LYS G 291 -0.80 17.33 31.71
CA LYS G 291 -1.15 16.02 31.20
C LYS G 291 -2.59 16.11 30.69
N VAL G 292 -2.85 15.72 29.44
CA VAL G 292 -4.19 15.80 28.86
C VAL G 292 -4.80 14.39 28.65
N TYR G 293 -6.01 14.20 29.17
CA TYR G 293 -6.71 12.93 29.11
C TYR G 293 -8.04 13.04 28.35
N ARG G 294 -8.00 12.63 27.08
CA ARG G 294 -9.15 12.66 26.15
C ARG G 294 -10.47 12.04 26.63
N TYR G 295 -10.38 10.86 27.22
CA TYR G 295 -11.57 10.13 27.64
C TYR G 295 -12.00 10.32 29.10
N PHE G 296 -11.40 11.28 29.81
CA PHE G 296 -11.79 11.51 31.20
C PHE G 296 -12.36 12.89 31.40
N GLY G 297 -13.12 13.03 32.49
CA GLY G 297 -13.76 14.28 32.85
C GLY G 297 -13.34 14.62 34.26
N HIS G 298 -14.21 15.30 35.00
CA HIS G 298 -13.93 15.71 36.37
C HIS G 298 -14.00 14.49 37.30
N GLU G 299 -12.91 13.74 37.41
CA GLU G 299 -12.92 12.54 38.23
C GLU G 299 -11.51 12.03 38.50
N PHE G 300 -11.42 10.91 39.22
CA PHE G 300 -10.13 10.29 39.47
C PHE G 300 -9.51 9.78 38.16
N ILE G 301 -8.33 10.27 37.78
CA ILE G 301 -7.67 9.81 36.54
C ILE G 301 -6.47 8.94 36.96
N PRO G 302 -6.60 7.60 36.82
CA PRO G 302 -5.58 6.62 37.18
C PRO G 302 -4.18 6.92 36.64
N ALA G 303 -4.05 7.11 35.33
CA ALA G 303 -2.76 7.34 34.73
C ALA G 303 -2.11 8.61 35.26
N PHE G 304 -2.92 9.57 35.71
CA PHE G 304 -2.32 10.78 36.24
C PHE G 304 -1.78 10.56 37.65
N GLN G 305 -2.36 9.60 38.37
CA GLN G 305 -1.91 9.29 39.72
C GLN G 305 -0.47 8.81 39.62
N THR G 306 -0.20 7.99 38.60
CA THR G 306 1.15 7.47 38.36
C THR G 306 2.14 8.61 38.10
N GLU G 307 1.70 9.59 37.30
CA GLU G 307 2.54 10.76 36.98
C GLU G 307 2.74 11.53 38.26
N LYS G 308 1.62 11.75 38.96
CA LYS G 308 1.60 12.50 40.21
C LYS G 308 2.66 12.03 41.20
N LEU G 309 2.63 10.73 41.49
CA LEU G 309 3.55 10.08 42.41
C LEU G 309 4.97 10.11 41.91
N SER G 310 5.11 10.02 40.60
CA SER G 310 6.41 10.00 39.96
C SER G 310 7.06 11.36 40.13
N PHE G 311 6.23 12.39 40.08
CA PHE G 311 6.67 13.77 40.20
C PHE G 311 7.03 14.13 41.63
N LEU G 312 6.10 13.85 42.54
CA LEU G 312 6.31 14.17 43.95
C LEU G 312 7.56 13.47 44.47
N GLN G 313 7.86 12.30 43.93
CA GLN G 313 9.03 11.53 44.33
C GLN G 313 10.31 12.20 43.81
N LYS G 314 10.29 12.58 42.54
CA LYS G 314 11.40 13.24 41.88
C LYS G 314 11.88 14.49 42.61
N HIS G 315 10.93 15.33 43.03
CA HIS G 315 11.31 16.57 43.70
C HIS G 315 11.27 16.54 45.22
N LEU G 316 10.58 15.56 45.81
CA LEU G 316 10.48 15.54 47.27
C LEU G 316 11.01 14.32 48.01
N LEU G 317 10.75 13.13 47.49
CA LEU G 317 11.19 11.88 48.13
C LEU G 317 12.70 11.65 48.13
N LEU G 318 13.46 12.57 47.53
CA LEU G 318 14.91 12.45 47.48
C LEU G 318 15.46 11.36 48.41
N GLN H 2 -27.81 27.28 29.75
CA GLN H 2 -26.52 27.84 29.23
C GLN H 2 -26.64 28.23 27.74
N LEU H 3 -25.80 29.18 27.30
CA LEU H 3 -25.80 29.67 25.91
C LEU H 3 -25.81 28.57 24.86
N PHE H 4 -26.48 28.83 23.73
CA PHE H 4 -26.55 27.81 22.69
C PHE H 4 -26.88 28.30 21.27
N ASP H 5 -27.46 29.49 21.15
CA ASP H 5 -27.85 30.03 19.83
C ASP H 5 -26.72 30.84 19.21
N LEU H 6 -27.08 31.80 18.35
CA LEU H 6 -26.09 32.66 17.71
C LEU H 6 -25.56 33.58 18.80
N SER H 7 -24.36 34.09 18.64
CA SER H 7 -23.81 35.00 19.66
C SER H 7 -24.58 36.33 19.58
N LEU H 8 -24.51 37.12 20.64
CA LEU H 8 -25.23 38.39 20.68
C LEU H 8 -25.05 39.22 19.41
N GLU H 9 -23.81 39.45 19.00
CA GLU H 9 -23.55 40.26 17.80
C GLU H 9 -24.32 39.71 16.60
N GLU H 10 -24.06 38.46 16.23
CA GLU H 10 -24.75 37.86 15.09
C GLU H 10 -26.27 37.94 15.19
N LEU H 11 -26.79 37.88 16.41
CA LEU H 11 -28.24 37.95 16.62
C LEU H 11 -28.74 39.35 16.30
N LYS H 12 -27.91 40.34 16.61
CA LYS H 12 -28.27 41.73 16.37
C LYS H 12 -28.45 41.94 14.88
N LYS H 13 -27.69 41.20 14.08
CA LYS H 13 -27.81 41.34 12.64
C LYS H 13 -28.71 40.30 12.00
N TYR H 14 -29.23 39.37 12.82
CA TYR H 14 -30.09 38.32 12.27
C TYR H 14 -31.43 38.82 11.77
N LYS H 15 -31.64 38.71 10.46
CA LYS H 15 -32.85 39.19 9.84
C LYS H 15 -33.15 38.36 8.61
N PRO H 16 -33.73 37.17 8.82
CA PRO H 16 -34.09 36.26 7.72
C PRO H 16 -35.01 36.91 6.70
N LYS H 17 -34.89 36.47 5.46
CA LYS H 17 -35.72 37.01 4.40
C LYS H 17 -37.17 36.62 4.64
N LYS H 18 -38.06 37.58 4.49
CA LYS H 18 -39.47 37.34 4.70
C LYS H 18 -39.94 36.16 3.83
N THR H 19 -40.82 35.35 4.39
CA THR H 19 -41.33 34.18 3.66
C THR H 19 -42.73 34.46 3.09
N ALA H 20 -43.20 35.69 3.23
CA ALA H 20 -44.50 36.08 2.76
C ALA H 20 -44.78 35.77 1.28
N ARG H 21 -45.95 35.20 1.03
CA ARG H 21 -46.39 34.88 -0.31
C ARG H 21 -47.02 36.15 -0.88
N PRO H 22 -47.16 36.20 -2.21
CA PRO H 22 -47.74 37.38 -2.84
C PRO H 22 -49.16 37.76 -2.36
N ASP H 23 -49.95 36.75 -2.02
CA ASP H 23 -51.33 36.94 -1.58
C ASP H 23 -51.47 37.14 -0.07
N PHE H 24 -50.34 37.41 0.58
CA PHE H 24 -50.29 37.62 2.03
C PHE H 24 -51.25 38.72 2.49
N SER H 25 -51.09 39.89 1.90
CA SER H 25 -51.95 41.01 2.27
C SER H 25 -53.43 40.66 2.07
N ASP H 26 -53.77 40.14 0.90
CA ASP H 26 -55.15 39.78 0.58
C ASP H 26 -55.73 38.72 1.51
N PHE H 27 -54.89 37.80 1.97
CA PHE H 27 -55.36 36.76 2.88
C PHE H 27 -55.89 37.40 4.17
N TRP H 28 -55.14 38.32 4.74
CA TRP H 28 -55.61 38.93 5.97
C TRP H 28 -56.79 39.88 5.71
N LYS H 29 -56.82 40.48 4.53
CA LYS H 29 -57.92 41.37 4.20
C LYS H 29 -59.22 40.55 4.18
N LYS H 30 -59.19 39.40 3.51
CA LYS H 30 -60.36 38.54 3.43
C LYS H 30 -60.79 37.99 4.78
N SER H 31 -59.81 37.65 5.61
CA SER H 31 -60.10 37.09 6.92
C SER H 31 -60.70 38.14 7.84
N LEU H 32 -60.20 39.37 7.76
CA LEU H 32 -60.74 40.43 8.60
C LEU H 32 -62.12 40.79 8.07
N GLU H 33 -62.40 40.40 6.83
CA GLU H 33 -63.69 40.69 6.22
C GLU H 33 -64.67 39.65 6.71
N GLU H 34 -64.26 38.38 6.66
CA GLU H 34 -65.10 37.29 7.14
C GLU H 34 -65.38 37.53 8.61
N LEU H 35 -64.42 38.10 9.34
CA LEU H 35 -64.62 38.39 10.75
C LEU H 35 -65.69 39.47 10.91
N ARG H 36 -65.60 40.50 10.10
CA ARG H 36 -66.56 41.60 10.19
C ARG H 36 -68.00 41.12 10.03
N GLN H 37 -68.20 40.02 9.29
CA GLN H 37 -69.55 39.50 9.07
C GLN H 37 -70.22 38.82 10.27
N VAL H 38 -69.48 38.74 11.38
CA VAL H 38 -70.00 38.12 12.60
C VAL H 38 -70.16 39.19 13.68
N GLU H 39 -71.40 39.53 14.01
CA GLU H 39 -71.65 40.54 15.04
C GLU H 39 -71.04 40.10 16.36
N ALA H 40 -70.35 41.00 17.03
CA ALA H 40 -69.72 40.68 18.31
C ALA H 40 -70.70 40.14 19.35
N GLU H 41 -71.84 40.81 19.50
CA GLU H 41 -72.84 40.41 20.46
C GLU H 41 -72.20 39.97 21.78
N PRO H 42 -71.34 40.82 22.36
CA PRO H 42 -70.65 40.55 23.62
C PRO H 42 -71.58 40.54 24.83
N THR H 43 -71.28 39.65 25.79
CA THR H 43 -72.06 39.52 27.03
C THR H 43 -71.16 39.72 28.24
N LEU H 44 -71.70 40.32 29.30
CA LEU H 44 -70.95 40.54 30.53
C LEU H 44 -71.73 40.05 31.74
N GLU H 45 -71.06 39.26 32.59
CA GLU H 45 -71.66 38.73 33.82
C GLU H 45 -70.72 39.04 35.00
N SER H 46 -71.24 39.74 36.00
CA SER H 46 -70.43 40.07 37.16
C SER H 46 -69.90 38.79 37.79
N TYR H 47 -68.63 38.81 38.18
CA TYR H 47 -67.98 37.64 38.76
C TYR H 47 -67.31 37.99 40.09
N ASP H 48 -67.74 37.36 41.17
CA ASP H 48 -67.16 37.63 42.49
C ASP H 48 -65.72 37.15 42.66
N TYR H 49 -64.90 38.03 43.23
CA TYR H 49 -63.50 37.75 43.47
C TYR H 49 -63.15 38.54 44.73
N PRO H 50 -62.32 37.98 45.62
CA PRO H 50 -61.96 38.68 46.85
C PRO H 50 -60.92 39.79 46.73
N VAL H 51 -61.34 40.95 46.25
CA VAL H 51 -60.46 42.10 46.10
C VAL H 51 -61.24 43.40 46.32
N LYS H 52 -60.55 44.42 46.84
CA LYS H 52 -61.20 45.70 47.05
C LYS H 52 -60.72 46.68 45.97
N GLY H 53 -61.64 47.47 45.43
CA GLY H 53 -61.28 48.44 44.42
C GLY H 53 -61.31 48.01 42.97
N VAL H 54 -61.84 46.81 42.71
CA VAL H 54 -61.91 46.29 41.33
C VAL H 54 -63.17 45.42 41.09
N LYS H 55 -63.82 45.62 39.94
CA LYS H 55 -65.00 44.84 39.59
C LYS H 55 -64.66 43.88 38.46
N VAL H 56 -64.84 42.59 38.70
CA VAL H 56 -64.51 41.56 37.72
C VAL H 56 -65.76 40.99 37.07
N TYR H 57 -65.66 40.64 35.79
CA TYR H 57 -66.79 40.07 35.08
C TYR H 57 -66.32 38.91 34.18
N ARG H 58 -67.28 38.16 33.65
CA ARG H 58 -66.97 37.10 32.71
C ARG H 58 -67.41 37.75 31.41
N LEU H 59 -66.45 38.00 30.52
CA LEU H 59 -66.73 38.63 29.24
C LEU H 59 -66.78 37.60 28.12
N THR H 60 -67.73 37.75 27.20
CA THR H 60 -67.80 36.83 26.06
C THR H 60 -68.16 37.61 24.82
N TYR H 61 -67.90 37.00 23.67
CA TYR H 61 -68.21 37.59 22.38
C TYR H 61 -68.09 36.60 21.22
N GLN H 62 -68.76 36.94 20.13
CA GLN H 62 -68.75 36.12 18.94
C GLN H 62 -67.61 36.55 18.03
N SER H 63 -66.93 35.58 17.44
CA SER H 63 -65.82 35.90 16.57
C SER H 63 -65.83 35.02 15.35
N PHE H 64 -64.74 35.04 14.59
CA PHE H 64 -64.61 34.23 13.38
C PHE H 64 -65.23 32.85 13.51
N GLY H 65 -65.94 32.45 12.45
CA GLY H 65 -66.58 31.14 12.44
C GLY H 65 -67.69 30.99 13.45
N HIS H 66 -68.14 32.12 13.99
CA HIS H 66 -69.21 32.17 14.98
C HIS H 66 -68.82 31.43 16.25
N SER H 67 -67.62 31.73 16.74
CA SER H 67 -67.13 31.11 17.96
C SER H 67 -67.32 32.05 19.14
N LYS H 68 -67.70 31.48 20.28
CA LYS H 68 -67.89 32.27 21.46
C LYS H 68 -66.53 32.31 22.16
N ILE H 69 -65.96 33.51 22.28
CA ILE H 69 -64.67 33.70 22.93
C ILE H 69 -64.97 34.30 24.30
N GLU H 70 -64.21 33.87 25.31
CA GLU H 70 -64.38 34.35 26.68
C GLU H 70 -63.11 34.70 27.40
N GLY H 71 -63.27 35.17 28.64
CA GLY H 71 -62.12 35.54 29.46
C GLY H 71 -62.52 36.54 30.54
N PHE H 72 -61.69 36.69 31.56
CA PHE H 72 -62.03 37.64 32.61
C PHE H 72 -61.74 39.08 32.22
N TYR H 73 -62.62 39.97 32.67
CA TYR H 73 -62.50 41.39 32.42
C TYR H 73 -62.62 42.03 33.80
N ALA H 74 -61.58 42.71 34.24
CA ALA H 74 -61.56 43.35 35.54
C ALA H 74 -61.38 44.84 35.34
N VAL H 75 -62.22 45.62 36.02
CA VAL H 75 -62.20 47.07 35.88
C VAL H 75 -61.93 47.77 37.20
N PRO H 76 -61.12 48.84 37.17
CA PRO H 76 -60.82 49.58 38.41
C PRO H 76 -62.14 50.12 38.94
N ASP H 77 -62.40 49.99 40.23
CA ASP H 77 -63.65 50.47 40.81
C ASP H 77 -63.57 51.97 41.10
N GLN H 78 -63.71 52.78 40.06
CA GLN H 78 -63.66 54.23 40.17
C GLN H 78 -64.13 54.81 38.85
N THR H 79 -64.21 56.14 38.76
CA THR H 79 -64.65 56.77 37.52
C THR H 79 -63.52 56.82 36.51
N GLY H 80 -63.85 56.57 35.25
CA GLY H 80 -62.87 56.59 34.18
C GLY H 80 -63.02 57.85 33.35
N PRO H 81 -62.78 57.80 32.02
CA PRO H 81 -62.40 56.63 31.22
C PRO H 81 -61.15 55.98 31.80
N HIS H 82 -60.85 54.77 31.36
CA HIS H 82 -59.68 54.08 31.86
C HIS H 82 -58.83 53.59 30.71
N PRO H 83 -57.51 53.52 30.92
CA PRO H 83 -56.67 53.01 29.84
C PRO H 83 -56.84 51.51 30.07
N ALA H 84 -56.82 50.70 29.01
CA ALA H 84 -57.02 49.26 29.19
C ALA H 84 -56.00 48.37 28.49
N LEU H 85 -55.96 47.10 28.91
CA LEU H 85 -55.04 46.12 28.35
C LEU H 85 -55.74 44.84 27.92
N VAL H 86 -55.30 44.28 26.80
CA VAL H 86 -55.79 43.01 26.32
C VAL H 86 -54.56 42.14 26.52
N ARG H 87 -54.65 41.16 27.41
CA ARG H 87 -53.52 40.31 27.71
C ARG H 87 -53.76 38.93 27.16
N PHE H 88 -52.75 38.36 26.51
CA PHE H 88 -52.87 37.02 25.92
C PHE H 88 -51.92 36.06 26.62
N HIS H 89 -52.43 34.86 26.94
CA HIS H 89 -51.68 33.84 27.66
C HIS H 89 -50.80 32.90 26.82
N GLY H 90 -49.89 32.21 27.51
CA GLY H 90 -48.99 31.28 26.86
C GLY H 90 -49.64 30.00 26.36
N TYR H 91 -48.92 29.26 25.54
CA TYR H 91 -49.38 28.03 24.93
C TYR H 91 -49.70 26.99 25.98
N ASN H 92 -50.98 26.61 26.08
CA ASN H 92 -51.37 25.59 27.06
C ASN H 92 -51.02 26.03 28.47
N ALA H 93 -50.76 27.31 28.69
CA ALA H 93 -50.38 27.71 30.03
C ALA H 93 -51.40 28.55 30.82
N SER H 94 -52.69 28.34 30.54
CA SER H 94 -53.74 29.11 31.25
C SER H 94 -54.42 28.30 32.35
N TYR H 95 -54.30 28.78 33.59
CA TYR H 95 -54.92 28.13 34.74
C TYR H 95 -56.05 29.00 35.28
N ASP H 96 -57.27 28.49 35.23
CA ASP H 96 -58.41 29.25 35.74
C ASP H 96 -58.43 30.67 35.19
N GLY H 97 -58.19 30.78 33.88
CA GLY H 97 -58.20 32.07 33.19
C GLY H 97 -57.18 33.14 33.58
N GLY H 98 -56.22 32.80 34.43
CA GLY H 98 -55.25 33.80 34.83
C GLY H 98 -55.94 34.96 35.54
N ILE H 99 -57.04 34.67 36.21
CA ILE H 99 -57.81 35.71 36.92
C ILE H 99 -57.04 36.50 37.98
N HIS H 100 -56.06 35.88 38.62
CA HIS H 100 -55.30 36.59 39.66
C HIS H 100 -54.36 37.60 39.06
N ASP H 101 -53.88 37.30 37.86
CA ASP H 101 -52.99 38.18 37.13
C ASP H 101 -53.80 39.34 36.56
N ILE H 102 -54.97 39.03 35.99
CA ILE H 102 -55.86 40.03 35.41
C ILE H 102 -56.31 41.04 36.45
N VAL H 103 -56.65 40.56 37.63
CA VAL H 103 -57.09 41.42 38.73
C VAL H 103 -55.99 42.38 39.13
N ASN H 104 -54.77 41.86 39.31
CA ASN H 104 -53.63 42.68 39.67
C ASN H 104 -53.45 43.79 38.66
N TRP H 105 -53.56 43.44 37.38
CA TRP H 105 -53.42 44.44 36.33
C TRP H 105 -54.42 45.59 36.53
N ALA H 106 -55.67 45.25 36.85
CA ALA H 106 -56.69 46.28 37.09
C ALA H 106 -56.32 47.07 38.33
N LEU H 107 -55.75 46.39 39.33
CA LEU H 107 -55.33 47.08 40.55
C LEU H 107 -54.24 48.08 40.23
N HIS H 108 -53.54 47.88 39.11
CA HIS H 108 -52.50 48.79 38.68
C HIS H 108 -53.13 49.95 37.90
N GLY H 109 -54.45 49.89 37.72
CA GLY H 109 -55.14 50.96 37.02
C GLY H 109 -55.61 50.66 35.62
N TYR H 110 -55.58 49.38 35.24
CA TYR H 110 -55.98 49.00 33.88
C TYR H 110 -57.24 48.15 33.75
N ALA H 111 -58.12 48.55 32.84
CA ALA H 111 -59.33 47.77 32.57
C ALA H 111 -58.71 46.66 31.73
N THR H 112 -58.58 45.46 32.29
CA THR H 112 -57.94 44.38 31.58
C THR H 112 -58.76 43.15 31.23
N PHE H 113 -58.59 42.71 29.98
CA PHE H 113 -59.28 41.52 29.48
C PHE H 113 -58.26 40.45 29.11
N GLY H 114 -58.44 39.25 29.67
CA GLY H 114 -57.54 38.16 29.37
C GLY H 114 -58.24 37.20 28.43
N MET H 115 -58.13 37.47 27.13
CA MET H 115 -58.76 36.61 26.13
C MET H 115 -58.24 35.18 26.21
N LEU H 116 -59.13 34.20 26.29
CA LEU H 116 -58.71 32.80 26.36
C LEU H 116 -58.63 32.26 24.94
N VAL H 117 -57.44 31.74 24.60
CA VAL H 117 -57.17 31.19 23.27
C VAL H 117 -57.91 29.86 22.99
N ARG H 118 -58.68 29.86 21.91
CA ARG H 118 -59.47 28.72 21.45
C ARG H 118 -59.01 27.38 21.99
N GLY H 119 -59.91 26.69 22.70
CA GLY H 119 -59.59 25.37 23.22
C GLY H 119 -58.53 25.24 24.31
N GLN H 120 -57.75 26.29 24.56
CA GLN H 120 -56.71 26.22 25.58
C GLN H 120 -57.20 26.63 26.97
N GLY H 121 -57.08 27.91 27.29
CA GLY H 121 -57.52 28.35 28.59
C GLY H 121 -59.04 28.48 28.68
N GLY H 122 -59.67 28.39 27.52
CA GLY H 122 -61.12 28.51 27.42
C GLY H 122 -61.48 28.91 26.00
N SER H 123 -62.74 29.32 25.81
CA SER H 123 -63.25 29.74 24.50
C SER H 123 -63.57 28.58 23.57
N GLU H 124 -64.57 28.80 22.72
CA GLU H 124 -65.02 27.78 21.78
C GLU H 124 -64.30 27.87 20.42
N ASP H 125 -64.07 26.73 19.79
CA ASP H 125 -63.41 26.71 18.48
C ASP H 125 -64.28 25.84 17.56
N THR H 126 -65.06 26.50 16.71
CA THR H 126 -65.96 25.82 15.78
C THR H 126 -65.24 25.35 14.51
N SER H 127 -63.98 25.75 14.35
CA SER H 127 -63.22 25.34 13.17
C SER H 127 -63.00 23.82 13.24
N VAL H 128 -63.24 23.15 12.12
CA VAL H 128 -63.10 21.69 12.03
C VAL H 128 -61.66 21.23 11.90
N THR H 129 -61.39 19.98 12.25
CA THR H 129 -60.04 19.41 12.09
C THR H 129 -60.10 18.70 10.74
N PRO H 130 -59.49 19.30 9.70
CA PRO H 130 -59.45 18.76 8.34
C PRO H 130 -58.87 17.35 8.19
N GLY H 131 -57.88 17.03 8.99
CA GLY H 131 -57.28 15.71 8.89
C GLY H 131 -56.35 15.45 10.04
N GLY H 132 -55.44 14.51 9.83
CA GLY H 132 -54.49 14.16 10.86
C GLY H 132 -53.45 15.22 11.12
N HIS H 133 -53.04 15.32 12.39
CA HIS H 133 -52.01 16.25 12.80
C HIS H 133 -51.34 15.69 14.05
N ALA H 134 -50.19 16.24 14.41
CA ALA H 134 -49.47 15.78 15.59
C ALA H 134 -50.16 16.32 16.86
N LEU H 135 -50.02 15.60 17.97
CA LEU H 135 -50.62 16.01 19.24
C LEU H 135 -50.34 17.50 19.51
N GLY H 136 -51.40 18.27 19.71
CA GLY H 136 -51.23 19.70 19.97
C GLY H 136 -51.97 20.55 18.96
N TRP H 137 -51.95 21.86 19.17
CA TRP H 137 -52.62 22.83 18.29
C TRP H 137 -51.74 23.36 17.14
N MET H 138 -50.43 23.23 17.27
CA MET H 138 -49.49 23.73 16.24
C MET H 138 -49.74 23.26 14.82
N THR H 139 -50.24 22.04 14.67
CA THR H 139 -50.46 21.54 13.32
C THR H 139 -51.91 21.26 12.92
N LYS H 140 -52.86 21.70 13.73
CA LYS H 140 -54.28 21.49 13.39
C LYS H 140 -54.60 22.36 12.18
N GLY H 141 -55.04 21.72 11.08
CA GLY H 141 -55.36 22.46 9.86
C GLY H 141 -54.18 23.11 9.17
N ILE H 142 -52.98 22.58 9.40
CA ILE H 142 -51.77 23.17 8.82
C ILE H 142 -51.63 23.06 7.30
N LEU H 143 -52.43 22.22 6.65
CA LEU H 143 -52.28 22.14 5.21
C LEU H 143 -53.02 23.23 4.44
N SER H 144 -53.56 24.21 5.15
CA SER H 144 -54.26 25.32 4.51
C SER H 144 -54.29 26.57 5.36
N LYS H 145 -53.91 27.68 4.76
CA LYS H 145 -53.91 28.95 5.48
C LYS H 145 -55.33 29.29 5.95
N ASP H 146 -56.35 28.73 5.29
CA ASP H 146 -57.75 29.00 5.63
C ASP H 146 -58.28 28.16 6.79
N THR H 147 -57.71 26.97 6.98
CA THR H 147 -58.14 26.07 8.06
C THR H 147 -57.25 26.09 9.30
N TYR H 148 -56.07 26.68 9.17
CA TYR H 148 -55.10 26.69 10.26
C TYR H 148 -55.55 27.29 11.60
N TYR H 149 -55.14 26.64 12.68
CA TYR H 149 -55.50 27.03 14.04
C TYR H 149 -55.37 28.51 14.39
N TYR H 150 -54.22 29.08 14.10
CA TYR H 150 -54.00 30.47 14.47
C TYR H 150 -54.76 31.50 13.65
N ARG H 151 -55.48 31.06 12.62
CA ARG H 151 -56.23 32.01 11.83
C ARG H 151 -57.35 32.54 12.71
N GLY H 152 -58.12 31.61 13.29
CA GLY H 152 -59.22 31.96 14.16
C GLY H 152 -58.76 32.78 15.35
N VAL H 153 -57.73 32.26 16.02
CA VAL H 153 -57.15 32.93 17.17
C VAL H 153 -56.68 34.35 16.85
N TYR H 154 -56.01 34.52 15.72
CA TYR H 154 -55.51 35.84 15.31
C TYR H 154 -56.70 36.77 15.15
N LEU H 155 -57.78 36.27 14.55
CA LEU H 155 -58.96 37.11 14.39
C LEU H 155 -59.60 37.37 15.75
N ASP H 156 -59.55 36.37 16.64
CA ASP H 156 -60.13 36.53 17.97
C ASP H 156 -59.49 37.68 18.74
N ALA H 157 -58.20 37.89 18.51
CA ALA H 157 -57.45 38.95 19.17
C ALA H 157 -57.89 40.31 18.63
N VAL H 158 -58.07 40.37 17.31
CA VAL H 158 -58.49 41.62 16.69
C VAL H 158 -59.86 42.00 17.23
N ARG H 159 -60.77 41.03 17.29
CA ARG H 159 -62.11 41.26 17.80
C ARG H 159 -62.06 41.73 19.26
N ALA H 160 -61.19 41.14 20.06
CA ALA H 160 -61.04 41.54 21.46
C ALA H 160 -60.84 43.06 21.56
N LEU H 161 -60.05 43.61 20.64
CA LEU H 161 -59.74 45.04 20.59
C LEU H 161 -60.98 45.87 20.23
N GLU H 162 -61.78 45.37 19.31
CA GLU H 162 -62.99 46.07 18.89
C GLU H 162 -64.05 46.10 20.00
N VAL H 163 -64.23 44.96 20.66
CA VAL H 163 -65.21 44.88 21.74
C VAL H 163 -64.79 45.71 22.95
N ILE H 164 -63.49 45.73 23.23
CA ILE H 164 -62.97 46.48 24.37
C ILE H 164 -62.98 47.98 24.15
N GLN H 165 -62.66 48.41 22.94
CA GLN H 165 -62.64 49.84 22.67
C GLN H 165 -64.04 50.43 22.62
N SER H 166 -65.04 49.55 22.61
CA SER H 166 -66.44 49.97 22.57
C SER H 166 -67.02 50.10 23.97
N PHE H 167 -66.21 49.83 24.98
CA PHE H 167 -66.69 49.93 26.35
C PHE H 167 -66.67 51.36 26.86
N PRO H 168 -67.85 51.88 27.30
CA PRO H 168 -67.96 53.24 27.82
C PRO H 168 -66.89 53.68 28.82
N GLU H 169 -66.49 52.79 29.73
CA GLU H 169 -65.47 53.16 30.71
C GLU H 169 -64.04 53.07 30.17
N VAL H 170 -63.90 52.66 28.92
CA VAL H 170 -62.59 52.53 28.28
C VAL H 170 -62.18 53.73 27.41
N ASP H 171 -60.97 54.23 27.62
CA ASP H 171 -60.47 55.35 26.82
C ASP H 171 -59.78 54.73 25.60
N GLU H 172 -60.53 54.58 24.51
CA GLU H 172 -60.04 53.98 23.28
C GLU H 172 -58.67 54.42 22.76
N HIS H 173 -58.22 55.61 23.13
CA HIS H 173 -56.93 56.10 22.66
C HIS H 173 -55.76 55.62 23.53
N ARG H 174 -56.06 54.86 24.57
CA ARG H 174 -54.99 54.37 25.44
C ARG H 174 -55.13 52.88 25.77
N ILE H 175 -55.26 52.07 24.72
CA ILE H 175 -55.38 50.62 24.87
C ILE H 175 -54.05 49.98 24.47
N GLY H 176 -53.68 48.91 25.18
CA GLY H 176 -52.44 48.22 24.87
C GLY H 176 -52.63 46.71 24.84
N VAL H 177 -51.76 46.00 24.12
CA VAL H 177 -51.81 44.55 24.04
C VAL H 177 -50.51 43.96 24.57
N ILE H 178 -50.63 43.07 25.54
CA ILE H 178 -49.49 42.47 26.21
C ILE H 178 -49.56 40.94 26.27
N GLY H 179 -48.39 40.32 26.42
CA GLY H 179 -48.34 38.89 26.54
C GLY H 179 -46.96 38.33 26.36
N GLY H 180 -46.77 37.09 26.81
CA GLY H 180 -45.50 36.43 26.66
C GLY H 180 -45.62 35.16 25.84
N SER H 181 -44.61 34.90 25.01
CA SER H 181 -44.53 33.72 24.15
C SER H 181 -45.70 33.71 23.15
N GLN H 182 -46.62 32.77 23.32
CA GLN H 182 -47.78 32.73 22.43
C GLN H 182 -48.50 34.07 22.64
N GLY H 183 -48.56 34.50 23.89
CA GLY H 183 -49.21 35.75 24.22
C GLY H 183 -48.52 36.91 23.52
N GLY H 184 -47.19 36.86 23.46
CA GLY H 184 -46.43 37.93 22.80
C GLY H 184 -46.69 37.91 21.31
N ALA H 185 -46.81 36.71 20.75
CA ALA H 185 -47.08 36.53 19.33
C ALA H 185 -48.43 37.13 19.02
N LEU H 186 -49.40 36.91 19.90
CA LEU H 186 -50.76 37.44 19.70
C LEU H 186 -50.76 38.96 19.80
N ALA H 187 -50.01 39.48 20.77
CA ALA H 187 -49.91 40.91 20.98
C ALA H 187 -49.36 41.61 19.74
N ILE H 188 -48.28 41.06 19.19
CA ILE H 188 -47.68 41.59 17.98
C ILE H 188 -48.62 41.42 16.77
N ALA H 189 -49.23 40.23 16.68
CA ALA H 189 -50.15 39.94 15.58
C ALA H 189 -51.33 40.93 15.57
N ALA H 190 -51.94 41.15 16.73
CA ALA H 190 -53.09 42.05 16.84
C ALA H 190 -52.77 43.49 16.42
N ALA H 191 -51.61 43.99 16.86
CA ALA H 191 -51.18 45.35 16.53
C ALA H 191 -50.93 45.50 15.03
N ALA H 192 -50.40 44.44 14.41
CA ALA H 192 -50.11 44.46 12.98
C ALA H 192 -51.38 44.43 12.18
N LEU H 193 -52.42 43.82 12.74
CA LEU H 193 -53.71 43.71 12.05
C LEU H 193 -54.72 44.79 12.43
N SER H 194 -54.49 45.49 13.55
CA SER H 194 -55.42 46.52 14.01
C SER H 194 -54.71 47.79 14.49
N ASP H 195 -55.27 48.96 14.17
CA ASP H 195 -54.63 50.20 14.61
C ASP H 195 -55.21 50.65 15.96
N ILE H 196 -55.96 49.76 16.59
CA ILE H 196 -56.56 50.06 17.89
C ILE H 196 -55.56 50.12 19.05
N PRO H 197 -54.63 49.16 19.12
CA PRO H 197 -53.66 49.15 20.22
C PRO H 197 -52.78 50.39 20.12
N LYS H 198 -52.44 50.97 21.26
CA LYS H 198 -51.56 52.15 21.24
C LYS H 198 -50.12 51.69 21.27
N VAL H 199 -49.83 50.79 22.22
CA VAL H 199 -48.49 50.25 22.38
C VAL H 199 -48.53 48.72 22.46
N VAL H 200 -47.36 48.09 22.42
CA VAL H 200 -47.27 46.63 22.47
C VAL H 200 -46.13 46.17 23.36
N VAL H 201 -46.37 45.14 24.16
CA VAL H 201 -45.33 44.58 25.00
C VAL H 201 -45.34 43.07 24.80
N ALA H 202 -44.29 42.52 24.19
CA ALA H 202 -44.28 41.08 24.01
C ALA H 202 -43.03 40.45 24.58
N ASP H 203 -43.24 39.55 25.55
CA ASP H 203 -42.13 38.84 26.17
C ASP H 203 -41.76 37.69 25.22
N TYR H 204 -40.48 37.49 24.95
CA TYR H 204 -40.05 36.37 24.07
C TYR H 204 -41.17 35.80 23.20
N PRO H 205 -41.57 36.52 22.16
CA PRO H 205 -42.66 36.05 21.29
C PRO H 205 -42.46 34.74 20.54
N TYR H 206 -43.55 33.99 20.47
CA TYR H 206 -43.61 32.71 19.79
C TYR H 206 -44.01 32.89 18.31
N LEU H 207 -44.28 31.80 17.59
CA LEU H 207 -44.69 31.82 16.18
C LEU H 207 -43.83 32.78 15.35
N SER H 208 -42.53 32.52 15.31
CA SER H 208 -41.64 33.40 14.58
C SER H 208 -40.48 32.66 13.94
N ASN H 209 -40.29 32.91 12.63
CA ASN H 209 -39.21 32.32 11.88
C ASN H 209 -39.29 30.80 11.94
N PHE H 210 -40.47 30.28 11.63
CA PHE H 210 -40.77 28.84 11.62
C PHE H 210 -39.72 27.93 10.99
N GLU H 211 -39.17 28.33 9.84
CA GLU H 211 -38.21 27.44 9.20
C GLU H 211 -36.92 27.28 9.98
N ARG H 212 -36.60 28.26 10.83
CA ARG H 212 -35.40 28.11 11.63
C ARG H 212 -35.78 27.48 12.98
N ALA H 213 -36.91 27.90 13.54
CA ALA H 213 -37.37 27.37 14.82
C ALA H 213 -37.27 25.84 14.92
N VAL H 214 -37.77 25.14 13.91
CA VAL H 214 -37.75 23.69 13.96
C VAL H 214 -36.37 23.07 13.92
N ASP H 215 -35.36 23.84 13.49
CA ASP H 215 -33.99 23.34 13.40
C ASP H 215 -33.15 23.72 14.61
N VAL H 216 -33.70 24.59 15.45
CA VAL H 216 -32.95 25.07 16.61
C VAL H 216 -33.67 24.83 17.95
N ALA H 217 -34.99 24.88 17.93
CA ALA H 217 -35.77 24.66 19.15
C ALA H 217 -35.38 23.34 19.78
N LEU H 218 -35.27 23.34 21.10
CA LEU H 218 -34.87 22.15 21.85
C LEU H 218 -36.01 21.59 22.66
N GLU H 219 -37.09 22.34 22.74
CA GLU H 219 -38.26 21.90 23.49
C GLU H 219 -39.55 22.26 22.79
N GLN H 220 -40.62 21.67 23.27
CA GLN H 220 -41.96 21.91 22.75
C GLN H 220 -42.23 23.39 22.95
N PRO H 221 -43.21 23.95 22.21
CA PRO H 221 -44.08 23.31 21.22
C PRO H 221 -43.73 23.44 19.74
N TYR H 222 -42.65 24.14 19.40
CA TYR H 222 -42.28 24.27 17.99
C TYR H 222 -42.10 22.88 17.37
N LEU H 223 -41.52 21.97 18.14
CA LEU H 223 -41.26 20.59 17.69
C LEU H 223 -42.48 19.76 17.31
N GLU H 224 -43.70 20.28 17.56
CA GLU H 224 -44.89 19.55 17.16
C GLU H 224 -44.89 19.47 15.62
N ILE H 225 -44.31 20.50 15.00
CA ILE H 225 -44.22 20.57 13.55
C ILE H 225 -43.29 19.42 13.12
N ASN H 226 -42.13 19.30 13.78
CA ASN H 226 -41.20 18.21 13.43
C ASN H 226 -41.94 16.89 13.58
N SER H 227 -42.74 16.78 14.65
CA SER H 227 -43.50 15.56 14.90
C SER H 227 -44.51 15.30 13.79
N TYR H 228 -45.12 16.37 13.29
CA TYR H 228 -46.09 16.29 12.22
C TYR H 228 -45.39 15.77 10.96
N PHE H 229 -44.15 16.19 10.75
CA PHE H 229 -43.46 15.70 9.56
C PHE H 229 -43.07 14.24 9.70
N ARG H 230 -42.78 13.80 10.92
CA ARG H 230 -42.43 12.40 11.10
C ARG H 230 -43.63 11.48 10.75
N ARG H 231 -44.83 11.93 11.09
CA ARG H 231 -46.04 11.15 10.84
C ARG H 231 -46.63 11.29 9.43
N ASN H 232 -46.19 12.32 8.70
CA ASN H 232 -46.65 12.58 7.34
C ASN H 232 -45.40 12.97 6.53
N SER H 233 -44.76 11.95 5.96
CA SER H 233 -43.49 12.11 5.22
C SER H 233 -43.55 12.50 3.75
N ASP H 234 -44.75 12.68 3.21
CA ASP H 234 -44.88 13.12 1.83
C ASP H 234 -44.13 14.46 1.75
N PRO H 235 -43.07 14.53 0.93
CA PRO H 235 -42.34 15.80 0.84
C PRO H 235 -43.19 17.03 0.52
N LYS H 236 -44.32 16.84 -0.16
CA LYS H 236 -45.18 17.99 -0.46
C LYS H 236 -45.88 18.54 0.78
N VAL H 237 -46.06 17.67 1.78
CA VAL H 237 -46.70 18.05 3.02
C VAL H 237 -45.85 19.10 3.74
N GLU H 238 -44.54 18.89 3.77
CA GLU H 238 -43.64 19.83 4.41
C GLU H 238 -43.67 21.16 3.65
N GLU H 239 -43.65 21.07 2.33
CA GLU H 239 -43.71 22.25 1.48
C GLU H 239 -44.96 23.08 1.75
N LYS H 240 -46.11 22.42 1.73
CA LYS H 240 -47.40 23.09 1.97
C LYS H 240 -47.49 23.64 3.37
N ALA H 241 -47.05 22.83 4.34
CA ALA H 241 -47.10 23.23 5.73
C ALA H 241 -46.37 24.55 5.93
N PHE H 242 -45.14 24.61 5.46
CA PHE H 242 -44.39 25.85 5.63
C PHE H 242 -45.02 27.02 4.86
N GLU H 243 -45.72 26.73 3.77
CA GLU H 243 -46.40 27.81 3.06
C GLU H 243 -47.54 28.31 3.95
N THR H 244 -48.30 27.40 4.57
CA THR H 244 -49.39 27.81 5.46
C THR H 244 -48.84 28.64 6.63
N LEU H 245 -47.79 28.14 7.26
CA LEU H 245 -47.19 28.81 8.40
C LEU H 245 -46.70 30.24 8.10
N SER H 246 -46.23 30.49 6.88
CA SER H 246 -45.71 31.81 6.52
C SER H 246 -46.72 32.94 6.70
N TYR H 247 -48.00 32.61 6.54
CA TYR H 247 -49.05 33.60 6.65
C TYR H 247 -49.28 34.10 8.04
N PHE H 248 -48.79 33.35 9.04
CA PHE H 248 -48.96 33.72 10.45
C PHE H 248 -47.65 33.99 11.18
N ASP H 249 -46.53 33.84 10.49
CA ASP H 249 -45.17 34.03 11.02
C ASP H 249 -44.89 35.51 11.31
N LEU H 250 -44.40 35.81 12.51
CA LEU H 250 -44.14 37.20 12.88
C LEU H 250 -43.14 37.94 11.98
N ILE H 251 -42.19 37.25 11.37
CA ILE H 251 -41.24 37.99 10.52
C ILE H 251 -41.92 38.60 9.29
N ASN H 252 -43.13 38.15 9.03
CA ASN H 252 -43.89 38.66 7.91
C ASN H 252 -44.90 39.70 8.35
N LEU H 253 -45.36 39.57 9.59
CA LEU H 253 -46.35 40.49 10.14
C LEU H 253 -45.68 41.67 10.82
N ALA H 254 -44.46 41.44 11.29
CA ALA H 254 -43.69 42.48 11.98
C ALA H 254 -43.86 43.83 11.30
N GLY H 255 -43.45 43.88 10.04
CA GLY H 255 -43.50 45.10 9.24
C GLY H 255 -44.80 45.87 9.13
N TRP H 256 -45.86 45.40 9.77
CA TRP H 256 -47.12 46.14 9.71
C TRP H 256 -47.35 46.89 11.02
N VAL H 257 -46.58 46.55 12.06
CA VAL H 257 -46.75 47.19 13.36
C VAL H 257 -46.25 48.64 13.39
N LYS H 258 -47.12 49.56 13.77
CA LYS H 258 -46.75 50.98 13.82
C LYS H 258 -46.74 51.53 15.24
N GLN H 259 -47.04 50.68 16.21
CA GLN H 259 -47.09 51.08 17.61
C GLN H 259 -45.74 50.97 18.31
N PRO H 260 -45.48 51.86 19.28
CA PRO H 260 -44.18 51.72 19.95
C PRO H 260 -44.19 50.28 20.49
N THR H 261 -43.06 49.59 20.43
CA THR H 261 -43.03 48.21 20.90
C THR H 261 -41.89 47.86 21.85
N LEU H 262 -42.22 47.06 22.87
CA LEU H 262 -41.22 46.61 23.83
C LEU H 262 -41.18 45.08 23.87
N MET H 263 -39.99 44.51 23.71
CA MET H 263 -39.82 43.06 23.72
C MET H 263 -38.72 42.60 24.68
N ALA H 264 -38.81 41.35 25.11
CA ALA H 264 -37.81 40.77 26.00
C ALA H 264 -37.31 39.43 25.42
N ILE H 265 -36.08 39.06 25.75
CA ILE H 265 -35.50 37.79 25.34
C ILE H 265 -34.39 37.34 26.29
N GLY H 266 -34.46 36.08 26.70
CA GLY H 266 -33.44 35.53 27.57
C GLY H 266 -32.53 34.73 26.64
N LEU H 267 -31.21 34.86 26.80
CA LEU H 267 -30.31 34.18 25.88
C LEU H 267 -30.16 32.67 26.00
N ILE H 268 -30.74 32.08 27.05
CA ILE H 268 -30.67 30.62 27.20
C ILE H 268 -32.08 30.05 27.10
N ASP H 269 -32.94 30.74 26.34
CA ASP H 269 -34.32 30.35 26.11
C ASP H 269 -34.36 29.20 25.09
N LYS H 270 -34.77 28.02 25.54
CA LYS H 270 -34.82 26.86 24.65
C LYS H 270 -36.17 26.62 24.00
N ILE H 271 -37.19 27.37 24.41
CA ILE H 271 -38.53 27.22 23.86
C ILE H 271 -38.71 28.18 22.67
N THR H 272 -38.44 29.46 22.90
CA THR H 272 -38.48 30.47 21.84
C THR H 272 -37.03 30.93 21.78
N PRO H 273 -36.22 30.29 20.92
CA PRO H 273 -34.79 30.56 20.70
C PRO H 273 -34.48 32.03 20.43
N PRO H 274 -33.39 32.55 21.04
CA PRO H 274 -33.04 33.95 20.81
C PRO H 274 -33.05 34.34 19.34
N SER H 275 -32.65 33.43 18.46
CA SER H 275 -32.64 33.73 17.03
C SER H 275 -34.04 34.04 16.47
N THR H 276 -35.03 33.23 16.85
CA THR H 276 -36.41 33.43 16.40
C THR H 276 -37.00 34.77 16.89
N VAL H 277 -36.60 35.22 18.08
CA VAL H 277 -37.10 36.48 18.61
C VAL H 277 -36.39 37.69 17.99
N PHE H 278 -35.08 37.56 17.75
CA PHE H 278 -34.34 38.65 17.13
C PHE H 278 -34.85 38.83 15.70
N ALA H 279 -35.20 37.71 15.06
CA ALA H 279 -35.71 37.70 13.69
C ALA H 279 -36.94 38.60 13.55
N ALA H 280 -37.85 38.47 14.50
CA ALA H 280 -39.08 39.26 14.49
C ALA H 280 -38.83 40.72 14.86
N TYR H 281 -37.95 40.94 15.83
CA TYR H 281 -37.62 42.29 16.28
C TYR H 281 -36.91 43.05 15.18
N ASN H 282 -36.09 42.36 14.41
CA ASN H 282 -35.36 43.02 13.35
C ASN H 282 -36.24 43.30 12.12
N HIS H 283 -37.45 42.77 12.12
CA HIS H 283 -38.37 43.01 11.02
C HIS H 283 -39.35 44.12 11.36
N LEU H 284 -39.29 44.60 12.60
CA LEU H 284 -40.15 45.71 13.03
C LEU H 284 -39.59 47.04 12.53
N GLU H 285 -40.47 47.88 12.01
CA GLU H 285 -40.11 49.21 11.52
C GLU H 285 -41.00 50.14 12.33
N THR H 286 -40.61 50.42 13.56
CA THR H 286 -41.41 51.27 14.45
C THR H 286 -40.53 51.65 15.64
N ASP H 287 -41.09 52.43 16.57
CA ASP H 287 -40.34 52.82 17.76
C ASP H 287 -40.25 51.56 18.62
N LYS H 288 -39.05 50.98 18.68
CA LYS H 288 -38.86 49.73 19.41
C LYS H 288 -37.66 49.62 20.37
N ASP H 289 -37.73 48.61 21.23
CA ASP H 289 -36.67 48.36 22.20
C ASP H 289 -36.72 46.88 22.55
N LEU H 290 -35.56 46.23 22.49
CA LEU H 290 -35.44 44.80 22.79
C LEU H 290 -34.55 44.59 24.01
N LYS H 291 -35.13 44.12 25.11
CA LYS H 291 -34.37 43.89 26.33
C LYS H 291 -33.83 42.44 26.40
N VAL H 292 -32.51 42.31 26.43
CA VAL H 292 -31.85 41.01 26.47
C VAL H 292 -31.38 40.70 27.89
N TYR H 293 -31.65 39.49 28.35
CA TYR H 293 -31.26 39.04 29.69
C TYR H 293 -30.42 37.77 29.54
N ARG H 294 -29.10 37.93 29.61
CA ARG H 294 -28.16 36.83 29.44
C ARG H 294 -28.46 35.59 30.27
N TYR H 295 -28.84 35.80 31.53
CA TYR H 295 -29.09 34.69 32.43
C TYR H 295 -30.50 34.10 32.57
N PHE H 296 -31.43 34.52 31.71
CA PHE H 296 -32.78 33.96 31.77
C PHE H 296 -33.17 33.22 30.48
N GLY H 297 -34.23 32.44 30.59
CA GLY H 297 -34.74 31.69 29.47
C GLY H 297 -36.22 32.00 29.33
N HIS H 298 -37.00 30.96 29.06
CA HIS H 298 -38.45 31.09 28.88
C HIS H 298 -39.11 31.14 30.26
N GLU H 299 -39.07 32.31 30.89
CA GLU H 299 -39.62 32.41 32.23
C GLU H 299 -39.94 33.86 32.59
N PHE H 300 -40.46 34.05 33.80
CA PHE H 300 -40.77 35.38 34.29
C PHE H 300 -39.42 36.01 34.55
N ILE H 301 -39.20 37.19 33.96
CA ILE H 301 -37.93 37.90 34.13
C ILE H 301 -38.23 39.13 34.97
N PRO H 302 -37.93 39.06 36.27
CA PRO H 302 -38.17 40.17 37.19
C PRO H 302 -37.76 41.53 36.65
N ALA H 303 -36.49 41.65 36.25
CA ALA H 303 -35.99 42.92 35.72
C ALA H 303 -36.84 43.49 34.58
N PHE H 304 -37.40 42.64 33.74
CA PHE H 304 -38.20 43.11 32.62
C PHE H 304 -39.58 43.60 33.06
N GLN H 305 -40.08 43.06 34.17
CA GLN H 305 -41.39 43.43 34.67
C GLN H 305 -41.43 44.90 35.05
N THR H 306 -40.29 45.43 35.47
CA THR H 306 -40.21 46.83 35.84
C THR H 306 -40.20 47.66 34.56
N GLU H 307 -39.47 47.18 33.56
CA GLU H 307 -39.41 47.89 32.29
C GLU H 307 -40.82 47.88 31.69
N LYS H 308 -41.46 46.72 31.74
CA LYS H 308 -42.82 46.56 31.24
C LYS H 308 -43.78 47.54 31.94
N LEU H 309 -43.70 47.61 33.27
CA LEU H 309 -44.60 48.49 34.02
C LEU H 309 -44.34 49.97 33.77
N SER H 310 -43.07 50.29 33.54
CA SER H 310 -42.62 51.65 33.28
C SER H 310 -43.10 52.10 31.91
N PHE H 311 -43.01 51.18 30.95
CA PHE H 311 -43.40 51.46 29.57
C PHE H 311 -44.90 51.74 29.42
N LEU H 312 -45.72 50.83 29.91
CA LEU H 312 -47.16 50.98 29.82
C LEU H 312 -47.60 52.19 30.65
N GLN H 313 -46.75 52.61 31.58
CA GLN H 313 -47.09 53.75 32.43
C GLN H 313 -46.95 55.02 31.58
N LYS H 314 -45.77 55.17 30.97
CA LYS H 314 -45.50 56.33 30.15
C LYS H 314 -46.51 56.50 29.03
N HIS H 315 -46.81 55.41 28.35
CA HIS H 315 -47.72 55.46 27.22
C HIS H 315 -49.21 55.41 27.52
N LEU H 316 -49.57 54.88 28.68
CA LEU H 316 -50.98 54.74 29.04
C LEU H 316 -51.45 55.51 30.25
N LEU H 317 -51.20 54.94 31.44
CA LEU H 317 -51.63 55.54 32.70
C LEU H 317 -51.20 57.00 32.84
N LEU H 318 -49.90 57.22 32.88
CA LEU H 318 -49.35 58.58 33.02
C LEU H 318 -49.76 59.44 31.83
N GLN I 2 -32.50 16.56 17.81
CA GLN I 2 -32.26 17.77 16.98
C GLN I 2 -30.93 17.64 16.25
N LEU I 3 -30.68 18.50 15.26
CA LEU I 3 -29.43 18.44 14.49
C LEU I 3 -28.23 18.58 15.41
N PHE I 4 -27.13 17.91 15.04
CA PHE I 4 -25.90 17.97 15.84
C PHE I 4 -24.59 17.68 15.09
N ASP I 5 -24.68 16.93 13.99
CA ASP I 5 -23.47 16.57 13.22
C ASP I 5 -23.18 17.60 12.13
N LEU I 6 -22.38 17.21 11.14
CA LEU I 6 -22.03 18.10 10.04
C LEU I 6 -23.30 18.52 9.28
N SER I 7 -23.22 19.66 8.60
CA SER I 7 -24.34 20.16 7.82
C SER I 7 -24.51 19.24 6.63
N LEU I 8 -25.72 19.21 6.08
CA LEU I 8 -26.01 18.37 4.94
C LEU I 8 -25.00 18.61 3.82
N GLU I 9 -24.63 19.86 3.61
CA GLU I 9 -23.66 20.22 2.57
C GLU I 9 -22.30 19.62 2.86
N GLU I 10 -21.94 19.59 4.14
CA GLU I 10 -20.66 19.04 4.55
C GLU I 10 -20.65 17.49 4.47
N LEU I 11 -21.77 16.89 4.84
CA LEU I 11 -21.90 15.42 4.84
C LEU I 11 -21.73 14.84 3.45
N LYS I 12 -22.32 15.52 2.46
CA LYS I 12 -22.24 15.10 1.09
C LYS I 12 -20.81 14.96 0.61
N LYS I 13 -19.93 15.84 1.09
CA LYS I 13 -18.52 15.85 0.68
C LYS I 13 -17.54 15.13 1.60
N TYR I 14 -18.04 14.62 2.73
CA TYR I 14 -17.16 13.95 3.71
C TYR I 14 -16.74 12.52 3.33
N LYS I 15 -15.46 12.37 3.00
CA LYS I 15 -14.90 11.08 2.62
C LYS I 15 -13.51 11.01 3.23
N PRO I 16 -13.43 10.59 4.52
CA PRO I 16 -12.14 10.49 5.22
C PRO I 16 -11.17 9.52 4.53
N LYS I 17 -9.87 9.77 4.62
CA LYS I 17 -8.95 8.84 3.97
C LYS I 17 -9.00 7.50 4.69
N LYS I 18 -8.86 6.44 3.91
CA LYS I 18 -8.91 5.07 4.41
C LYS I 18 -7.87 4.80 5.49
N THR I 19 -8.19 3.88 6.39
CA THR I 19 -7.25 3.55 7.46
C THR I 19 -6.70 2.14 7.27
N ALA I 20 -7.06 1.50 6.16
CA ALA I 20 -6.60 0.14 5.89
C ALA I 20 -5.09 0.02 5.97
N ARG I 21 -4.62 -1.02 6.66
CA ARG I 21 -3.19 -1.24 6.81
C ARG I 21 -2.72 -1.93 5.53
N PRO I 22 -1.42 -2.06 5.34
CA PRO I 22 -0.88 -2.71 4.13
C PRO I 22 -1.46 -4.10 3.82
N ASP I 23 -1.66 -4.90 4.87
CA ASP I 23 -2.16 -6.25 4.70
C ASP I 23 -3.67 -6.45 4.79
N PHE I 24 -4.43 -5.38 4.60
CA PHE I 24 -5.89 -5.43 4.67
C PHE I 24 -6.51 -6.57 3.85
N SER I 25 -6.22 -6.54 2.55
CA SER I 25 -6.77 -7.55 1.63
C SER I 25 -6.27 -8.93 1.98
N ASP I 26 -5.02 -9.00 2.44
CA ASP I 26 -4.40 -10.28 2.76
C ASP I 26 -5.05 -10.88 3.99
N PHE I 27 -5.39 -10.03 4.94
CA PHE I 27 -6.02 -10.48 6.16
C PHE I 27 -7.34 -11.16 5.84
N TRP I 28 -8.12 -10.56 4.94
CA TRP I 28 -9.40 -11.16 4.60
C TRP I 28 -9.21 -12.41 3.74
N LYS I 29 -8.25 -12.37 2.83
CA LYS I 29 -7.97 -13.55 2.02
C LYS I 29 -7.70 -14.73 2.97
N LYS I 30 -6.84 -14.54 3.96
CA LYS I 30 -6.54 -15.64 4.89
C LYS I 30 -7.72 -16.02 5.79
N SER I 31 -8.48 -15.02 6.24
CA SER I 31 -9.64 -15.29 7.08
C SER I 31 -10.66 -16.08 6.28
N LEU I 32 -10.82 -15.75 5.01
CA LEU I 32 -11.75 -16.49 4.17
C LEU I 32 -11.24 -17.92 3.92
N GLU I 33 -9.92 -18.09 3.89
CA GLU I 33 -9.36 -19.43 3.68
C GLU I 33 -9.62 -20.30 4.91
N GLU I 34 -9.50 -19.71 6.10
CA GLU I 34 -9.74 -20.49 7.31
C GLU I 34 -11.20 -20.92 7.35
N LEU I 35 -12.10 -20.02 6.94
CA LEU I 35 -13.53 -20.28 6.89
C LEU I 35 -13.80 -21.47 5.95
N ARG I 36 -13.16 -21.44 4.78
CA ARG I 36 -13.32 -22.51 3.79
C ARG I 36 -12.90 -23.85 4.40
N GLN I 37 -11.91 -23.82 5.28
CA GLN I 37 -11.42 -25.03 5.94
C GLN I 37 -12.50 -25.69 6.81
N VAL I 38 -13.58 -24.97 7.08
CA VAL I 38 -14.67 -25.51 7.90
C VAL I 38 -15.88 -25.93 7.07
N GLU I 39 -16.21 -27.22 7.12
CA GLU I 39 -17.36 -27.75 6.42
C GLU I 39 -18.63 -27.19 7.08
N ALA I 40 -19.53 -26.64 6.26
CA ALA I 40 -20.78 -26.05 6.76
C ALA I 40 -21.77 -27.05 7.38
N GLU I 41 -21.89 -28.23 6.78
CA GLU I 41 -22.79 -29.25 7.29
C GLU I 41 -24.07 -28.62 7.87
N PRO I 42 -24.81 -27.90 7.03
CA PRO I 42 -26.05 -27.24 7.46
C PRO I 42 -27.14 -28.25 7.80
N THR I 43 -28.01 -27.87 8.72
CA THR I 43 -29.15 -28.71 9.13
C THR I 43 -30.43 -27.88 9.08
N LEU I 44 -31.50 -28.52 8.65
CA LEU I 44 -32.78 -27.86 8.55
C LEU I 44 -33.75 -28.63 9.43
N GLU I 45 -34.52 -27.91 10.24
CA GLU I 45 -35.50 -28.50 11.14
C GLU I 45 -36.82 -27.71 11.07
N SER I 46 -37.90 -28.40 10.74
CA SER I 46 -39.22 -27.79 10.65
C SER I 46 -39.60 -27.07 11.96
N TYR I 47 -40.13 -25.85 11.82
CA TYR I 47 -40.50 -25.05 12.97
C TYR I 47 -41.93 -24.53 12.80
N ASP I 48 -42.85 -25.00 13.64
CA ASP I 48 -44.25 -24.60 13.56
C ASP I 48 -44.41 -23.09 13.78
N TYR I 49 -45.29 -22.48 12.98
CA TYR I 49 -45.58 -21.05 13.06
C TYR I 49 -46.97 -20.83 12.51
N PRO I 50 -47.77 -19.97 13.15
CA PRO I 50 -49.13 -19.73 12.67
C PRO I 50 -49.26 -18.84 11.42
N VAL I 51 -48.77 -19.30 10.27
CA VAL I 51 -48.86 -18.53 9.04
C VAL I 51 -49.21 -19.43 7.87
N LYS I 52 -50.07 -18.94 7.00
CA LYS I 52 -50.48 -19.70 5.83
C LYS I 52 -49.63 -19.26 4.65
N GLY I 53 -49.12 -20.23 3.90
CA GLY I 53 -48.32 -19.89 2.73
C GLY I 53 -46.82 -19.72 2.92
N VAL I 54 -46.34 -20.05 4.11
CA VAL I 54 -44.91 -19.96 4.40
C VAL I 54 -44.49 -21.16 5.27
N LYS I 55 -43.37 -21.78 4.91
CA LYS I 55 -42.81 -22.90 5.68
C LYS I 55 -41.60 -22.34 6.42
N VAL I 56 -41.54 -22.57 7.73
CA VAL I 56 -40.43 -22.09 8.55
C VAL I 56 -39.58 -23.25 9.09
N TYR I 57 -38.28 -22.99 9.20
CA TYR I 57 -37.36 -23.99 9.71
C TYR I 57 -36.30 -23.27 10.50
N ARG I 58 -35.61 -24.04 11.32
CA ARG I 58 -34.50 -23.54 12.11
C ARG I 58 -33.33 -24.07 11.30
N LEU I 59 -32.40 -23.17 10.96
CA LEU I 59 -31.23 -23.52 10.20
C LEU I 59 -29.97 -23.37 11.04
N THR I 60 -29.04 -24.29 10.86
CA THR I 60 -27.76 -24.20 11.55
C THR I 60 -26.67 -24.56 10.55
N TYR I 61 -25.48 -24.00 10.76
CA TYR I 61 -24.33 -24.30 9.93
C TYR I 61 -23.06 -24.04 10.73
N GLN I 62 -22.00 -24.74 10.34
CA GLN I 62 -20.69 -24.61 10.96
C GLN I 62 -19.93 -23.52 10.23
N SER I 63 -19.25 -22.64 10.97
CA SER I 63 -18.51 -21.52 10.38
C SER I 63 -17.14 -21.38 11.03
N PHE I 64 -16.54 -20.21 10.85
CA PHE I 64 -15.22 -19.93 11.45
C PHE I 64 -15.11 -20.44 12.88
N GLY I 65 -13.95 -21.02 13.21
CA GLY I 65 -13.68 -21.54 14.55
C GLY I 65 -14.51 -22.73 14.97
N HIS I 66 -15.23 -23.33 14.03
CA HIS I 66 -16.11 -24.47 14.29
C HIS I 66 -17.31 -24.03 15.14
N SER I 67 -17.72 -22.78 14.97
CA SER I 67 -18.86 -22.23 15.70
C SER I 67 -20.14 -22.56 14.94
N LYS I 68 -21.15 -23.03 15.67
CA LYS I 68 -22.41 -23.37 15.02
C LYS I 68 -23.31 -22.15 15.01
N ILE I 69 -23.58 -21.64 13.81
CA ILE I 69 -24.43 -20.47 13.61
C ILE I 69 -25.88 -20.92 13.32
N GLU I 70 -26.85 -20.11 13.75
CA GLU I 70 -28.27 -20.43 13.60
C GLU I 70 -29.15 -19.23 13.29
N GLY I 71 -30.40 -19.52 12.95
CA GLY I 71 -31.37 -18.47 12.66
C GLY I 71 -32.61 -19.08 12.04
N PHE I 72 -33.70 -18.33 11.97
CA PHE I 72 -34.88 -18.87 11.32
C PHE I 72 -34.74 -18.71 9.80
N TYR I 73 -35.32 -19.65 9.06
CA TYR I 73 -35.29 -19.60 7.59
C TYR I 73 -36.73 -19.77 7.16
N ALA I 74 -37.27 -18.76 6.47
CA ALA I 74 -38.65 -18.79 6.01
C ALA I 74 -38.72 -18.79 4.48
N VAL I 75 -39.45 -19.76 3.93
CA VAL I 75 -39.61 -19.94 2.46
C VAL I 75 -41.07 -19.88 1.97
N PRO I 76 -41.32 -19.21 0.83
CA PRO I 76 -42.69 -19.12 0.30
C PRO I 76 -43.21 -20.53 -0.01
N ASP I 77 -44.40 -20.87 0.48
CA ASP I 77 -44.96 -22.20 0.28
C ASP I 77 -45.51 -22.40 -1.13
N GLN I 78 -44.62 -22.49 -2.11
CA GLN I 78 -45.00 -22.67 -3.50
C GLN I 78 -43.73 -23.10 -4.24
N THR I 79 -43.87 -23.68 -5.44
CA THR I 79 -42.69 -24.14 -6.18
C THR I 79 -41.70 -23.04 -6.47
N GLY I 80 -40.42 -23.39 -6.40
CA GLY I 80 -39.35 -22.43 -6.67
C GLY I 80 -38.97 -22.42 -8.13
N PRO I 81 -37.85 -21.77 -8.50
CA PRO I 81 -36.93 -21.06 -7.61
C PRO I 81 -37.52 -19.78 -6.99
N HIS I 82 -36.92 -19.33 -5.87
CA HIS I 82 -37.38 -18.11 -5.20
C HIS I 82 -36.20 -17.18 -4.99
N PRO I 83 -36.44 -15.87 -4.99
CA PRO I 83 -35.33 -14.95 -4.77
C PRO I 83 -35.08 -15.13 -3.25
N ALA I 84 -33.94 -14.68 -2.74
CA ALA I 84 -33.69 -14.87 -1.33
C ALA I 84 -33.06 -13.65 -0.62
N LEU I 85 -33.15 -13.68 0.71
CA LEU I 85 -32.57 -12.61 1.50
C LEU I 85 -31.92 -13.14 2.76
N VAL I 86 -30.78 -12.57 3.08
CA VAL I 86 -30.14 -12.88 4.34
C VAL I 86 -30.30 -11.52 5.02
N ARG I 87 -30.95 -11.56 6.17
CA ARG I 87 -31.22 -10.37 6.98
C ARG I 87 -30.43 -10.45 8.27
N PHE I 88 -29.70 -9.38 8.56
CA PHE I 88 -28.87 -9.31 9.78
C PHE I 88 -29.48 -8.36 10.80
N HIS I 89 -29.45 -8.76 12.08
CA HIS I 89 -30.05 -7.97 13.14
C HIS I 89 -29.15 -6.94 13.78
N GLY I 90 -29.77 -5.98 14.47
CA GLY I 90 -29.00 -4.94 15.12
C GLY I 90 -28.32 -5.41 16.39
N TYR I 91 -27.40 -4.58 16.87
CA TYR I 91 -26.61 -4.84 18.08
C TYR I 91 -27.49 -5.09 19.29
N ASN I 92 -27.41 -6.28 19.86
CA ASN I 92 -28.18 -6.62 21.07
C ASN I 92 -29.65 -6.29 20.92
N ALA I 93 -30.15 -6.38 19.70
CA ALA I 93 -31.53 -6.02 19.40
C ALA I 93 -32.34 -7.16 18.79
N SER I 94 -31.95 -8.39 19.07
CA SER I 94 -32.67 -9.54 18.54
C SER I 94 -33.59 -10.19 19.59
N TYR I 95 -34.89 -10.16 19.34
CA TYR I 95 -35.88 -10.79 20.20
C TYR I 95 -36.49 -12.05 19.56
N ASP I 96 -36.31 -13.20 20.21
CA ASP I 96 -36.86 -14.45 19.71
C ASP I 96 -36.48 -14.72 18.23
N GLY I 97 -35.24 -14.35 17.89
CA GLY I 97 -34.74 -14.54 16.53
C GLY I 97 -35.35 -13.72 15.41
N GLY I 98 -36.06 -12.65 15.76
CA GLY I 98 -36.70 -11.83 14.74
C GLY I 98 -37.61 -12.67 13.86
N ILE I 99 -38.15 -13.76 14.40
CA ILE I 99 -38.99 -14.65 13.62
C ILE I 99 -40.17 -14.00 12.90
N HIS I 100 -40.82 -13.03 13.55
CA HIS I 100 -41.97 -12.36 12.95
C HIS I 100 -41.64 -11.54 11.71
N ASP I 101 -40.46 -10.92 11.72
CA ASP I 101 -40.00 -10.13 10.58
C ASP I 101 -39.57 -11.09 9.46
N ILE I 102 -38.93 -12.18 9.84
CA ILE I 102 -38.46 -13.18 8.89
C ILE I 102 -39.61 -13.77 8.10
N VAL I 103 -40.69 -14.15 8.80
CA VAL I 103 -41.89 -14.71 8.17
C VAL I 103 -42.54 -13.69 7.26
N ASN I 104 -42.62 -12.43 7.68
CA ASN I 104 -43.23 -11.42 6.83
C ASN I 104 -42.42 -11.32 5.52
N TRP I 105 -41.11 -11.37 5.63
CA TRP I 105 -40.26 -11.30 4.45
C TRP I 105 -40.59 -12.42 3.49
N ALA I 106 -40.74 -13.64 4.01
CA ALA I 106 -41.09 -14.78 3.17
C ALA I 106 -42.44 -14.51 2.50
N LEU I 107 -43.35 -13.85 3.23
CA LEU I 107 -44.68 -13.53 2.68
C LEU I 107 -44.55 -12.54 1.52
N HIS I 108 -43.52 -11.71 1.58
CA HIS I 108 -43.28 -10.76 0.50
C HIS I 108 -42.69 -11.49 -0.74
N GLY I 109 -42.44 -12.80 -0.60
CA GLY I 109 -41.93 -13.64 -1.69
C GLY I 109 -40.46 -14.07 -1.66
N TYR I 110 -39.79 -13.78 -0.56
CA TYR I 110 -38.37 -14.10 -0.41
C TYR I 110 -38.07 -15.26 0.52
N ALA I 111 -37.23 -16.19 0.07
CA ALA I 111 -36.80 -17.25 0.98
C ALA I 111 -35.82 -16.44 1.84
N THR I 112 -36.14 -16.24 3.11
CA THR I 112 -35.32 -15.43 4.01
C THR I 112 -34.71 -16.12 5.22
N PHE I 113 -33.43 -15.83 5.47
CA PHE I 113 -32.68 -16.35 6.61
C PHE I 113 -32.23 -15.16 7.48
N GLY I 114 -32.58 -15.23 8.75
CA GLY I 114 -32.21 -14.19 9.69
C GLY I 114 -31.06 -14.73 10.51
N MET I 115 -29.83 -14.47 10.08
CA MET I 115 -28.65 -14.95 10.80
C MET I 115 -28.57 -14.32 12.18
N LEU I 116 -28.32 -15.15 13.20
CA LEU I 116 -28.19 -14.63 14.55
C LEU I 116 -26.69 -14.44 14.81
N VAL I 117 -26.35 -13.22 15.21
CA VAL I 117 -24.98 -12.80 15.45
C VAL I 117 -24.43 -13.38 16.75
N ARG I 118 -23.29 -14.05 16.64
CA ARG I 118 -22.60 -14.69 17.78
C ARG I 118 -22.83 -14.14 19.17
N GLY I 119 -23.41 -14.95 20.05
CA GLY I 119 -23.66 -14.50 21.42
C GLY I 119 -24.74 -13.45 21.61
N GLN I 120 -25.25 -12.87 20.53
CA GLN I 120 -26.30 -11.87 20.67
C GLN I 120 -27.68 -12.49 20.57
N GLY I 121 -28.23 -12.51 19.36
CA GLY I 121 -29.55 -13.07 19.13
C GLY I 121 -29.49 -14.57 19.17
N GLY I 122 -28.27 -15.10 19.24
CA GLY I 122 -28.11 -16.53 19.26
C GLY I 122 -26.79 -16.86 18.62
N SER I 123 -26.64 -18.12 18.24
CA SER I 123 -25.43 -18.63 17.62
C SER I 123 -24.30 -18.77 18.61
N GLU I 124 -23.50 -19.81 18.38
CA GLU I 124 -22.36 -20.09 19.25
C GLU I 124 -21.16 -19.22 18.86
N ASP I 125 -20.31 -18.88 19.82
CA ASP I 125 -19.09 -18.12 19.53
C ASP I 125 -17.95 -18.87 20.22
N THR I 126 -17.18 -19.65 19.46
CA THR I 126 -16.08 -20.39 20.07
C THR I 126 -14.84 -19.52 20.31
N SER I 127 -14.85 -18.28 19.84
CA SER I 127 -13.68 -17.43 20.03
C SER I 127 -13.42 -17.14 21.49
N VAL I 128 -12.16 -17.22 21.88
CA VAL I 128 -11.71 -16.98 23.24
C VAL I 128 -11.63 -15.49 23.52
N THR I 129 -11.74 -15.11 24.79
CA THR I 129 -11.61 -13.71 25.20
C THR I 129 -10.16 -13.62 25.66
N PRO I 130 -9.29 -13.01 24.83
CA PRO I 130 -7.87 -12.86 25.15
C PRO I 130 -7.55 -12.12 26.44
N GLY I 131 -8.28 -11.02 26.68
CA GLY I 131 -8.03 -10.24 27.86
C GLY I 131 -9.23 -9.43 28.30
N GLY I 132 -8.98 -8.42 29.11
CA GLY I 132 -10.06 -7.58 29.60
C GLY I 132 -10.63 -6.66 28.52
N HIS I 133 -11.92 -6.37 28.61
CA HIS I 133 -12.53 -5.46 27.65
C HIS I 133 -13.72 -4.79 28.32
N ALA I 134 -14.25 -3.74 27.71
CA ALA I 134 -15.38 -3.03 28.30
C ALA I 134 -16.64 -3.87 28.10
N LEU I 135 -17.61 -3.68 28.98
CA LEU I 135 -18.87 -4.40 28.90
C LEU I 135 -19.39 -4.26 27.48
N GLY I 136 -19.72 -5.39 26.86
CA GLY I 136 -20.19 -5.38 25.49
C GLY I 136 -19.34 -6.27 24.61
N TRP I 137 -19.67 -6.32 23.34
CA TRP I 137 -18.94 -7.14 22.38
C TRP I 137 -18.01 -6.28 21.51
N MET I 138 -18.22 -4.97 21.53
CA MET I 138 -17.43 -4.05 20.71
C MET I 138 -15.92 -4.11 20.88
N THR I 139 -15.46 -4.37 22.09
CA THR I 139 -14.04 -4.41 22.34
C THR I 139 -13.50 -5.78 22.74
N LYS I 140 -14.29 -6.83 22.49
CA LYS I 140 -13.82 -8.19 22.79
C LYS I 140 -12.73 -8.55 21.78
N GLY I 141 -11.53 -8.88 22.27
CA GLY I 141 -10.42 -9.27 21.40
C GLY I 141 -9.89 -8.15 20.51
N ILE I 142 -10.09 -6.93 20.96
CA ILE I 142 -9.71 -5.77 20.17
C ILE I 142 -8.20 -5.52 19.97
N LEU I 143 -7.35 -6.20 20.74
CA LEU I 143 -5.90 -5.99 20.57
C LEU I 143 -5.27 -6.80 19.41
N SER I 144 -6.12 -7.39 18.58
CA SER I 144 -5.64 -8.14 17.43
C SER I 144 -6.74 -8.43 16.41
N LYS I 145 -6.42 -8.17 15.14
CA LYS I 145 -7.34 -8.47 14.06
C LYS I 145 -7.76 -9.93 14.12
N ASP I 146 -6.85 -10.79 14.52
CA ASP I 146 -7.16 -12.20 14.56
C ASP I 146 -8.14 -12.66 15.63
N THR I 147 -8.19 -11.93 16.74
CA THR I 147 -9.06 -12.28 17.84
C THR I 147 -10.30 -11.41 17.96
N TYR I 148 -10.42 -10.38 17.11
CA TYR I 148 -11.57 -9.47 17.22
C TYR I 148 -12.94 -10.06 16.96
N TYR I 149 -13.88 -9.68 17.80
CA TYR I 149 -15.26 -10.16 17.72
C TYR I 149 -15.85 -10.24 16.33
N TYR I 150 -15.74 -9.16 15.55
CA TYR I 150 -16.37 -9.15 14.24
C TYR I 150 -15.71 -9.98 13.14
N ARG I 151 -14.53 -10.52 13.41
CA ARG I 151 -13.91 -11.38 12.39
C ARG I 151 -14.84 -12.59 12.20
N GLY I 152 -15.13 -13.28 13.30
CA GLY I 152 -15.99 -14.44 13.21
C GLY I 152 -17.36 -14.07 12.64
N VAL I 153 -17.95 -12.98 13.13
CA VAL I 153 -19.26 -12.51 12.66
C VAL I 153 -19.30 -12.27 11.14
N TYR I 154 -18.34 -11.51 10.62
CA TYR I 154 -18.26 -11.22 9.18
C TYR I 154 -18.13 -12.52 8.35
N LEU I 155 -17.36 -13.47 8.84
CA LEU I 155 -17.21 -14.75 8.13
C LEU I 155 -18.50 -15.55 8.21
N ASP I 156 -19.21 -15.44 9.33
CA ASP I 156 -20.48 -16.14 9.46
C ASP I 156 -21.43 -15.58 8.38
N ALA I 157 -21.40 -14.27 8.19
CA ALA I 157 -22.26 -13.61 7.22
C ALA I 157 -21.98 -14.16 5.82
N VAL I 158 -20.70 -14.34 5.51
CA VAL I 158 -20.29 -14.91 4.22
C VAL I 158 -20.77 -16.36 4.09
N ARG I 159 -20.60 -17.15 5.15
CA ARG I 159 -21.05 -18.54 5.10
C ARG I 159 -22.59 -18.61 4.96
N ALA I 160 -23.32 -17.67 5.55
CA ALA I 160 -24.78 -17.71 5.41
C ALA I 160 -25.15 -17.72 3.92
N LEU I 161 -24.52 -16.83 3.16
CA LEU I 161 -24.80 -16.74 1.74
C LEU I 161 -24.43 -18.07 1.04
N GLU I 162 -23.22 -18.56 1.31
CA GLU I 162 -22.78 -19.82 0.71
C GLU I 162 -23.81 -20.89 1.00
N VAL I 163 -24.34 -20.93 2.22
CA VAL I 163 -25.35 -21.92 2.56
C VAL I 163 -26.69 -21.74 1.82
N ILE I 164 -27.28 -20.54 1.93
CA ILE I 164 -28.57 -20.22 1.29
C ILE I 164 -28.48 -20.53 -0.21
N GLN I 165 -27.38 -20.09 -0.79
CA GLN I 165 -27.12 -20.27 -2.20
C GLN I 165 -27.12 -21.74 -2.63
N SER I 166 -26.72 -22.63 -1.73
CA SER I 166 -26.65 -24.07 -2.04
C SER I 166 -28.00 -24.76 -2.12
N PHE I 167 -29.04 -24.18 -1.48
CA PHE I 167 -30.38 -24.75 -1.48
C PHE I 167 -30.97 -24.74 -2.88
N PRO I 168 -31.58 -25.84 -3.30
CA PRO I 168 -32.17 -25.94 -4.65
C PRO I 168 -33.37 -25.01 -4.85
N GLU I 169 -34.07 -24.73 -3.76
CA GLU I 169 -35.25 -23.88 -3.79
C GLU I 169 -34.89 -22.42 -4.02
N VAL I 170 -33.63 -22.08 -3.76
CA VAL I 170 -33.14 -20.70 -3.91
C VAL I 170 -32.48 -20.42 -5.25
N ASP I 171 -32.82 -19.27 -5.84
CA ASP I 171 -32.21 -18.84 -7.11
C ASP I 171 -30.94 -18.07 -6.77
N GLU I 172 -29.79 -18.73 -6.95
CA GLU I 172 -28.48 -18.15 -6.66
C GLU I 172 -28.25 -16.76 -7.26
N HIS I 173 -28.92 -16.45 -8.37
CA HIS I 173 -28.79 -15.17 -9.07
C HIS I 173 -29.65 -14.03 -8.52
N ARG I 174 -30.51 -14.33 -7.55
CA ARG I 174 -31.39 -13.32 -6.97
C ARG I 174 -31.38 -13.34 -5.43
N ILE I 175 -30.23 -13.00 -4.86
CA ILE I 175 -30.06 -12.97 -3.42
C ILE I 175 -29.71 -11.57 -2.95
N GLY I 176 -30.26 -11.15 -1.82
CA GLY I 176 -29.92 -9.84 -1.34
C GLY I 176 -29.49 -9.92 0.12
N VAL I 177 -28.74 -8.92 0.56
CA VAL I 177 -28.38 -8.84 1.96
C VAL I 177 -28.99 -7.55 2.46
N ILE I 178 -29.63 -7.62 3.62
CA ILE I 178 -30.27 -6.43 4.17
C ILE I 178 -30.10 -6.40 5.69
N GLY I 179 -30.12 -5.20 6.24
CA GLY I 179 -29.99 -5.05 7.68
C GLY I 179 -29.92 -3.59 8.10
N GLY I 180 -30.14 -3.34 9.38
CA GLY I 180 -30.07 -1.98 9.87
C GLY I 180 -29.02 -1.89 10.97
N SER I 181 -28.28 -0.78 10.98
CA SER I 181 -27.20 -0.51 11.95
C SER I 181 -26.15 -1.62 11.92
N GLN I 182 -26.04 -2.43 12.98
CA GLN I 182 -25.08 -3.54 12.95
C GLN I 182 -25.41 -4.41 11.75
N GLY I 183 -26.70 -4.64 11.50
CA GLY I 183 -27.10 -5.47 10.37
C GLY I 183 -26.78 -4.73 9.07
N GLY I 184 -26.80 -3.41 9.14
CA GLY I 184 -26.47 -2.63 7.96
C GLY I 184 -25.03 -2.90 7.54
N ALA I 185 -24.12 -2.92 8.52
CA ALA I 185 -22.70 -3.17 8.26
C ALA I 185 -22.42 -4.62 7.85
N LEU I 186 -23.16 -5.57 8.42
CA LEU I 186 -22.98 -6.97 8.06
C LEU I 186 -23.39 -7.18 6.61
N ALA I 187 -24.46 -6.51 6.16
CA ALA I 187 -24.87 -6.65 4.77
C ALA I 187 -23.75 -6.08 3.87
N ILE I 188 -23.26 -4.88 4.19
CA ILE I 188 -22.21 -4.26 3.40
C ILE I 188 -20.90 -5.07 3.42
N ALA I 189 -20.49 -5.56 4.60
CA ALA I 189 -19.28 -6.37 4.69
C ALA I 189 -19.43 -7.67 3.89
N ALA I 190 -20.59 -8.32 4.02
CA ALA I 190 -20.85 -9.56 3.30
C ALA I 190 -20.70 -9.36 1.82
N ALA I 191 -21.29 -8.27 1.31
CA ALA I 191 -21.23 -8.00 -0.11
C ALA I 191 -19.82 -7.61 -0.56
N ALA I 192 -19.07 -6.98 0.34
CA ALA I 192 -17.69 -6.58 0.03
C ALA I 192 -16.78 -7.80 -0.04
N LEU I 193 -17.12 -8.82 0.74
CA LEU I 193 -16.32 -10.04 0.81
C LEU I 193 -16.77 -11.18 -0.10
N SER I 194 -17.98 -11.08 -0.62
CA SER I 194 -18.54 -12.13 -1.46
C SER I 194 -19.32 -11.60 -2.66
N ASP I 195 -19.18 -12.26 -3.81
CA ASP I 195 -19.90 -11.83 -4.99
C ASP I 195 -21.28 -12.51 -5.06
N ILE I 196 -21.60 -13.30 -4.05
CA ILE I 196 -22.89 -14.00 -4.05
C ILE I 196 -24.13 -13.06 -4.05
N PRO I 197 -24.18 -12.09 -3.13
CA PRO I 197 -25.35 -11.19 -3.12
C PRO I 197 -25.47 -10.38 -4.39
N LYS I 198 -26.69 -10.15 -4.85
CA LYS I 198 -26.86 -9.34 -6.05
C LYS I 198 -27.03 -7.89 -5.67
N VAL I 199 -27.72 -7.64 -4.56
CA VAL I 199 -27.94 -6.26 -4.11
C VAL I 199 -27.78 -6.08 -2.61
N VAL I 200 -27.77 -4.82 -2.17
CA VAL I 200 -27.57 -4.51 -0.76
C VAL I 200 -28.46 -3.36 -0.31
N VAL I 201 -29.03 -3.50 0.89
CA VAL I 201 -29.85 -2.46 1.49
C VAL I 201 -29.36 -2.37 2.93
N ALA I 202 -28.97 -1.18 3.35
CA ALA I 202 -28.46 -1.01 4.71
C ALA I 202 -28.97 0.30 5.22
N ASP I 203 -29.76 0.24 6.31
CA ASP I 203 -30.28 1.44 6.94
C ASP I 203 -29.17 1.88 7.92
N TYR I 204 -28.80 3.16 7.92
CA TYR I 204 -27.80 3.70 8.83
C TYR I 204 -26.78 2.68 9.36
N PRO I 205 -25.93 2.14 8.48
CA PRO I 205 -24.90 1.16 8.82
C PRO I 205 -23.97 1.57 9.98
N TYR I 206 -23.64 0.59 10.82
CA TYR I 206 -22.78 0.76 11.98
C TYR I 206 -21.37 0.33 11.56
N LEU I 207 -20.44 0.29 12.52
CA LEU I 207 -19.05 -0.12 12.26
C LEU I 207 -18.36 0.67 11.14
N SER I 208 -18.54 1.98 11.15
CA SER I 208 -17.99 2.83 10.11
C SER I 208 -17.30 4.09 10.62
N ASN I 209 -16.07 4.29 10.16
CA ASN I 209 -15.27 5.45 10.51
C ASN I 209 -15.11 5.57 12.05
N PHE I 210 -14.67 4.48 12.66
CA PHE I 210 -14.43 4.36 14.10
C PHE I 210 -13.72 5.54 14.75
N GLU I 211 -12.71 6.08 14.08
CA GLU I 211 -11.96 7.17 14.65
C GLU I 211 -12.77 8.45 14.83
N ARG I 212 -13.74 8.70 13.94
CA ARG I 212 -14.60 9.87 14.12
C ARG I 212 -15.77 9.49 15.03
N ALA I 213 -16.28 8.27 14.86
CA ALA I 213 -17.40 7.76 15.65
C ALA I 213 -17.20 7.90 17.17
N VAL I 214 -16.05 7.49 17.70
CA VAL I 214 -15.85 7.64 19.13
C VAL I 214 -15.82 9.12 19.57
N ASP I 215 -15.61 10.04 18.62
CA ASP I 215 -15.58 11.47 18.97
C ASP I 215 -16.89 12.23 18.75
N VAL I 216 -17.85 11.62 18.06
CA VAL I 216 -19.11 12.27 17.74
C VAL I 216 -20.39 11.59 18.26
N ALA I 217 -20.38 10.26 18.36
CA ALA I 217 -21.53 9.51 18.82
C ALA I 217 -21.92 9.93 20.25
N LEU I 218 -23.24 10.02 20.49
CA LEU I 218 -23.74 10.45 21.81
C LEU I 218 -24.44 9.35 22.61
N GLU I 219 -24.39 8.13 22.13
CA GLU I 219 -25.02 7.03 22.81
C GLU I 219 -24.27 5.75 22.48
N GLN I 220 -24.61 4.68 23.20
CA GLN I 220 -24.00 3.38 22.95
C GLN I 220 -24.47 2.99 21.53
N PRO I 221 -23.77 2.04 20.89
CA PRO I 221 -22.61 1.33 21.42
C PRO I 221 -21.18 1.67 21.01
N TYR I 222 -20.99 2.68 20.16
CA TYR I 222 -19.61 3.09 19.77
C TYR I 222 -18.79 3.47 21.02
N LEU I 223 -19.49 4.05 21.99
CA LEU I 223 -18.88 4.52 23.22
C LEU I 223 -18.28 3.44 24.10
N GLU I 224 -18.52 2.19 23.72
CA GLU I 224 -17.95 1.05 24.41
C GLU I 224 -16.45 1.10 24.18
N ILE I 225 -16.07 1.73 23.08
CA ILE I 225 -14.66 1.87 22.72
C ILE I 225 -14.04 2.87 23.65
N ASN I 226 -14.76 3.96 23.90
CA ASN I 226 -14.26 4.97 24.80
C ASN I 226 -14.11 4.37 26.19
N SER I 227 -15.06 3.52 26.57
CA SER I 227 -15.03 2.90 27.88
C SER I 227 -13.79 2.04 28.03
N TYR I 228 -13.49 1.30 26.98
CA TYR I 228 -12.33 0.43 26.95
C TYR I 228 -11.07 1.26 27.19
N PHE I 229 -10.97 2.43 26.56
CA PHE I 229 -9.78 3.27 26.74
C PHE I 229 -9.64 3.86 28.13
N ARG I 230 -10.77 4.13 28.77
CA ARG I 230 -10.75 4.66 30.13
C ARG I 230 -10.19 3.57 31.03
N ARG I 231 -10.51 2.32 30.72
CA ARG I 231 -10.07 1.17 31.53
C ARG I 231 -8.68 0.61 31.23
N ASN I 232 -8.10 0.97 30.08
CA ASN I 232 -6.77 0.52 29.67
C ASN I 232 -6.08 1.79 29.16
N SER I 233 -5.46 2.53 30.08
CA SER I 233 -4.85 3.82 29.76
C SER I 233 -3.58 3.85 28.95
N ASP I 234 -3.02 2.69 28.64
CA ASP I 234 -1.79 2.65 27.85
C ASP I 234 -1.98 3.26 26.44
N PRO I 235 -1.20 4.31 26.10
CA PRO I 235 -1.33 4.92 24.78
C PRO I 235 -1.16 3.89 23.69
N LYS I 236 -0.22 2.96 23.89
CA LYS I 236 -0.01 1.92 22.90
C LYS I 236 -1.30 1.08 22.70
N VAL I 237 -2.12 0.99 23.74
CA VAL I 237 -3.36 0.24 23.64
C VAL I 237 -4.36 0.91 22.71
N GLU I 238 -4.37 2.24 22.70
CA GLU I 238 -5.29 2.96 21.82
C GLU I 238 -4.88 2.78 20.34
N GLU I 239 -3.59 2.92 20.07
CA GLU I 239 -3.09 2.75 18.72
C GLU I 239 -3.45 1.36 18.23
N LYS I 240 -3.18 0.36 19.07
CA LYS I 240 -3.46 -1.02 18.73
C LYS I 240 -4.96 -1.27 18.47
N ALA I 241 -5.81 -0.76 19.36
CA ALA I 241 -7.24 -0.92 19.22
C ALA I 241 -7.71 -0.41 17.84
N PHE I 242 -7.34 0.82 17.48
CA PHE I 242 -7.71 1.39 16.19
C PHE I 242 -7.05 0.67 14.99
N GLU I 243 -5.87 0.08 15.22
CA GLU I 243 -5.21 -0.68 14.18
C GLU I 243 -6.14 -1.84 13.86
N THR I 244 -6.57 -2.55 14.91
CA THR I 244 -7.45 -3.70 14.76
C THR I 244 -8.78 -3.33 14.13
N LEU I 245 -9.41 -2.27 14.63
CA LEU I 245 -10.73 -1.86 14.12
C LEU I 245 -10.71 -1.49 12.63
N SER I 246 -9.58 -0.99 12.12
CA SER I 246 -9.50 -0.61 10.71
C SER I 246 -9.77 -1.77 9.75
N TYR I 247 -9.50 -3.01 10.17
CA TYR I 247 -9.75 -4.19 9.34
C TYR I 247 -11.25 -4.50 9.15
N PHE I 248 -12.09 -3.93 10.01
CA PHE I 248 -13.52 -4.17 9.99
C PHE I 248 -14.36 -2.94 9.62
N ASP I 249 -13.67 -1.81 9.51
CA ASP I 249 -14.29 -0.52 9.19
C ASP I 249 -14.87 -0.46 7.79
N LEU I 250 -16.14 -0.07 7.68
CA LEU I 250 -16.81 0.03 6.39
C LEU I 250 -16.14 1.01 5.43
N ILE I 251 -15.42 2.01 5.94
CA ILE I 251 -14.80 2.92 4.99
C ILE I 251 -13.70 2.19 4.23
N ASN I 252 -13.18 1.10 4.80
CA ASN I 252 -12.16 0.33 4.12
C ASN I 252 -12.71 -0.81 3.25
N LEU I 253 -13.85 -1.36 3.64
CA LEU I 253 -14.49 -2.47 2.91
C LEU I 253 -15.43 -1.98 1.81
N ALA I 254 -15.95 -0.77 1.96
CA ALA I 254 -16.90 -0.22 0.99
C ALA I 254 -16.40 -0.27 -0.45
N GLY I 255 -15.12 0.04 -0.66
CA GLY I 255 -14.56 0.05 -2.00
C GLY I 255 -14.65 -1.25 -2.77
N TRP I 256 -14.87 -2.37 -2.06
CA TRP I 256 -14.98 -3.69 -2.69
C TRP I 256 -16.39 -4.08 -3.13
N VAL I 257 -17.38 -3.28 -2.74
CA VAL I 257 -18.77 -3.55 -3.09
C VAL I 257 -19.09 -3.23 -4.56
N LYS I 258 -19.51 -4.24 -5.30
CA LYS I 258 -19.82 -4.10 -6.72
C LYS I 258 -21.30 -4.21 -7.05
N GLN I 259 -22.11 -4.48 -6.04
CA GLN I 259 -23.56 -4.68 -6.16
C GLN I 259 -24.35 -3.38 -5.98
N PRO I 260 -25.52 -3.25 -6.63
CA PRO I 260 -26.31 -2.03 -6.46
C PRO I 260 -26.63 -1.91 -4.97
N THR I 261 -26.43 -0.72 -4.40
CA THR I 261 -26.66 -0.52 -2.97
C THR I 261 -27.60 0.63 -2.59
N LEU I 262 -28.52 0.35 -1.68
CA LEU I 262 -29.46 1.38 -1.19
C LEU I 262 -29.21 1.57 0.30
N MET I 263 -29.01 2.82 0.72
CA MET I 263 -28.76 3.14 2.11
C MET I 263 -29.68 4.25 2.63
N ALA I 264 -29.79 4.34 3.95
CA ALA I 264 -30.61 5.36 4.61
C ALA I 264 -29.85 5.95 5.77
N ILE I 265 -30.23 7.18 6.13
CA ILE I 265 -29.64 7.86 7.27
C ILE I 265 -30.62 8.94 7.73
N GLY I 266 -30.81 9.03 9.04
CA GLY I 266 -31.68 10.05 9.63
C GLY I 266 -30.71 11.11 10.15
N LEU I 267 -31.01 12.39 9.92
CA LEU I 267 -30.11 13.48 10.34
C LEU I 267 -29.98 13.74 11.83
N ILE I 268 -30.86 13.14 12.62
CA ILE I 268 -30.75 13.33 14.05
C ILE I 268 -30.34 12.04 14.75
N ASP I 269 -29.72 11.13 14.00
CA ASP I 269 -29.26 9.83 14.53
C ASP I 269 -28.06 10.06 15.48
N LYS I 270 -28.20 9.68 16.75
CA LYS I 270 -27.10 9.86 17.72
C LYS I 270 -26.30 8.56 17.94
N ILE I 271 -26.78 7.45 17.38
CA ILE I 271 -26.13 6.16 17.56
C ILE I 271 -25.17 5.90 16.41
N THR I 272 -25.64 6.09 15.18
CA THR I 272 -24.77 5.96 14.03
C THR I 272 -24.83 7.37 13.45
N PRO I 273 -24.01 8.30 13.98
CA PRO I 273 -24.01 9.68 13.48
C PRO I 273 -23.99 9.77 11.99
N PRO I 274 -24.64 10.80 11.44
CA PRO I 274 -24.71 11.03 9.99
C PRO I 274 -23.37 11.01 9.28
N SER I 275 -22.37 11.69 9.84
CA SER I 275 -21.03 11.74 9.25
C SER I 275 -20.41 10.34 9.03
N THR I 276 -20.59 9.42 9.98
CA THR I 276 -20.05 8.07 9.85
C THR I 276 -20.78 7.24 8.76
N VAL I 277 -22.07 7.52 8.53
CA VAL I 277 -22.80 6.79 7.50
C VAL I 277 -22.44 7.42 6.12
N PHE I 278 -22.33 8.74 6.07
CA PHE I 278 -21.96 9.39 4.79
C PHE I 278 -20.54 8.95 4.38
N ALA I 279 -19.66 8.76 5.35
CA ALA I 279 -18.29 8.34 5.09
C ALA I 279 -18.28 7.02 4.32
N ALA I 280 -19.02 6.04 4.82
CA ALA I 280 -19.08 4.72 4.15
C ALA I 280 -19.74 4.85 2.78
N TYR I 281 -20.82 5.62 2.71
CA TYR I 281 -21.50 5.81 1.42
C TYR I 281 -20.57 6.42 0.38
N ASN I 282 -19.78 7.41 0.81
CA ASN I 282 -18.90 8.10 -0.11
C ASN I 282 -17.66 7.32 -0.52
N HIS I 283 -17.46 6.16 0.10
CA HIS I 283 -16.33 5.27 -0.22
C HIS I 283 -16.85 4.11 -1.04
N LEU I 284 -18.12 4.19 -1.44
CA LEU I 284 -18.72 3.17 -2.29
C LEU I 284 -18.52 3.66 -3.72
N GLU I 285 -18.20 2.75 -4.62
CA GLU I 285 -18.03 3.06 -6.03
C GLU I 285 -18.82 1.92 -6.64
N THR I 286 -20.13 2.12 -6.77
CA THR I 286 -21.02 1.10 -7.32
C THR I 286 -22.32 1.85 -7.62
N ASP I 287 -23.35 1.16 -8.05
CA ASP I 287 -24.63 1.85 -8.28
C ASP I 287 -25.14 2.07 -6.85
N LYS I 288 -25.24 3.31 -6.43
CA LYS I 288 -25.67 3.58 -5.09
C LYS I 288 -26.66 4.72 -4.97
N ASP I 289 -27.25 4.82 -3.80
CA ASP I 289 -28.20 5.88 -3.55
C ASP I 289 -28.32 5.96 -2.04
N LEU I 290 -28.33 7.17 -1.52
CA LEU I 290 -28.49 7.35 -0.08
C LEU I 290 -29.72 8.20 0.12
N LYS I 291 -30.67 7.67 0.89
CA LYS I 291 -31.90 8.39 1.16
C LYS I 291 -31.70 9.05 2.51
N VAL I 292 -31.86 10.37 2.55
CA VAL I 292 -31.67 11.16 3.74
C VAL I 292 -33.01 11.60 4.32
N TYR I 293 -33.16 11.41 5.63
CA TYR I 293 -34.39 11.74 6.38
C TYR I 293 -34.08 12.71 7.50
N ARG I 294 -34.41 13.97 7.25
CA ARG I 294 -34.15 15.04 8.18
C ARG I 294 -34.72 14.89 9.59
N TYR I 295 -35.95 14.40 9.69
CA TYR I 295 -36.58 14.31 11.00
C TYR I 295 -36.50 13.01 11.76
N PHE I 296 -35.75 12.04 11.23
CA PHE I 296 -35.63 10.74 11.89
C PHE I 296 -34.26 10.51 12.43
N GLY I 297 -34.18 9.57 13.37
CA GLY I 297 -32.92 9.22 14.00
C GLY I 297 -32.63 7.74 13.80
N HIS I 298 -32.12 7.07 14.83
CA HIS I 298 -31.78 5.64 14.76
C HIS I 298 -33.04 4.85 15.08
N GLU I 299 -33.91 4.66 14.08
CA GLU I 299 -35.19 4.01 14.31
C GLU I 299 -35.79 3.60 12.96
N PHE I 300 -36.95 2.97 13.01
CA PHE I 300 -37.66 2.56 11.82
C PHE I 300 -38.16 3.81 11.09
N ILE I 301 -37.79 3.93 9.81
CA ILE I 301 -38.17 5.06 8.99
C ILE I 301 -39.18 4.59 7.96
N PRO I 302 -40.47 4.89 8.17
CA PRO I 302 -41.52 4.46 7.23
C PRO I 302 -41.29 4.69 5.74
N ALA I 303 -40.87 5.90 5.37
CA ALA I 303 -40.66 6.21 3.96
C ALA I 303 -39.54 5.36 3.39
N PHE I 304 -38.56 5.02 4.21
CA PHE I 304 -37.48 4.22 3.66
C PHE I 304 -37.94 2.79 3.45
N GLN I 305 -38.97 2.37 4.18
CA GLN I 305 -39.45 0.99 4.01
C GLN I 305 -40.02 0.83 2.61
N THR I 306 -40.67 1.87 2.10
CA THR I 306 -41.23 1.78 0.77
C THR I 306 -40.07 1.75 -0.24
N GLU I 307 -39.05 2.59 0.00
CA GLU I 307 -37.91 2.67 -0.90
C GLU I 307 -37.24 1.31 -0.94
N LYS I 308 -37.07 0.73 0.25
CA LYS I 308 -36.45 -0.57 0.41
C LYS I 308 -37.19 -1.66 -0.33
N LEU I 309 -38.49 -1.78 -0.09
CA LEU I 309 -39.27 -2.82 -0.75
C LEU I 309 -39.24 -2.67 -2.28
N SER I 310 -39.36 -1.43 -2.75
CA SER I 310 -39.36 -1.13 -4.17
C SER I 310 -38.06 -1.57 -4.85
N PHE I 311 -36.95 -1.23 -4.21
CA PHE I 311 -35.62 -1.58 -4.70
C PHE I 311 -35.41 -3.10 -4.75
N LEU I 312 -35.84 -3.80 -3.69
CA LEU I 312 -35.69 -5.26 -3.63
C LEU I 312 -36.55 -5.88 -4.75
N GLN I 313 -37.80 -5.40 -4.85
CA GLN I 313 -38.73 -5.89 -5.85
C GLN I 313 -38.12 -5.79 -7.27
N LYS I 314 -37.61 -4.60 -7.59
CA LYS I 314 -36.99 -4.32 -8.87
C LYS I 314 -35.85 -5.27 -9.25
N HIS I 315 -34.96 -5.50 -8.30
CA HIS I 315 -33.78 -6.34 -8.54
C HIS I 315 -33.89 -7.83 -8.27
N LEU I 316 -34.87 -8.25 -7.49
CA LEU I 316 -35.00 -9.66 -7.13
C LEU I 316 -36.34 -10.34 -7.41
N LEU I 317 -37.43 -9.59 -7.32
CA LEU I 317 -38.77 -10.15 -7.54
C LEU I 317 -39.18 -10.08 -9.00
N LEU I 318 -38.98 -8.91 -9.60
CA LEU I 318 -39.31 -8.66 -10.99
C LEU I 318 -38.28 -9.33 -11.88
N GLN J 2 -33.21 7.84 48.23
CA GLN J 2 -34.15 7.64 49.36
C GLN J 2 -34.42 6.16 49.61
N LEU J 3 -34.94 5.84 50.78
CA LEU J 3 -35.25 4.45 51.15
C LEU J 3 -36.27 3.84 50.17
N PHE J 4 -36.02 2.60 49.74
CA PHE J 4 -36.91 1.96 48.77
C PHE J 4 -37.16 0.46 48.97
N ASP J 5 -36.28 -0.22 49.69
CA ASP J 5 -36.41 -1.68 49.93
C ASP J 5 -37.25 -1.97 51.17
N LEU J 6 -37.06 -3.17 51.74
CA LEU J 6 -37.74 -3.58 52.97
C LEU J 6 -37.27 -2.66 54.08
N SER J 7 -38.06 -2.51 55.14
CA SER J 7 -37.66 -1.67 56.26
C SER J 7 -36.53 -2.39 56.98
N LEU J 8 -35.73 -1.63 57.73
CA LEU J 8 -34.60 -2.22 58.44
C LEU J 8 -35.07 -3.35 59.33
N GLU J 9 -36.21 -3.15 59.97
CA GLU J 9 -36.81 -4.15 60.85
C GLU J 9 -36.99 -5.45 60.06
N GLU J 10 -37.64 -5.34 58.90
CA GLU J 10 -37.88 -6.50 58.04
C GLU J 10 -36.58 -7.02 57.45
N LEU J 11 -35.70 -6.11 57.04
CA LEU J 11 -34.42 -6.52 56.46
C LEU J 11 -33.71 -7.45 57.42
N LYS J 12 -33.69 -7.12 58.71
CA LYS J 12 -33.02 -7.94 59.71
C LYS J 12 -33.54 -9.36 59.83
N LYS J 13 -34.76 -9.58 59.41
CA LYS J 13 -35.33 -10.91 59.51
C LYS J 13 -35.37 -11.63 58.18
N TYR J 14 -34.86 -10.98 57.14
CA TYR J 14 -34.91 -11.58 55.82
C TYR J 14 -33.90 -12.68 55.55
N LYS J 15 -34.39 -13.92 55.46
CA LYS J 15 -33.57 -15.11 55.22
C LYS J 15 -34.40 -16.01 54.29
N PRO J 16 -34.41 -15.69 52.99
CA PRO J 16 -35.21 -16.49 52.06
C PRO J 16 -34.85 -17.98 51.96
N LYS J 17 -35.82 -18.79 51.62
CA LYS J 17 -35.56 -20.22 51.50
C LYS J 17 -34.47 -20.48 50.46
N LYS J 18 -33.57 -21.40 50.75
CA LYS J 18 -32.50 -21.72 49.82
C LYS J 18 -33.06 -22.28 48.50
N THR J 19 -32.37 -21.98 47.39
CA THR J 19 -32.77 -22.46 46.07
C THR J 19 -31.83 -23.59 45.60
N ALA J 20 -30.90 -23.98 46.45
CA ALA J 20 -29.94 -25.04 46.12
C ALA J 20 -30.61 -26.33 45.65
N ARG J 21 -30.18 -26.83 44.51
CA ARG J 21 -30.71 -28.09 43.98
C ARG J 21 -30.05 -29.25 44.72
N PRO J 22 -30.60 -30.45 44.57
CA PRO J 22 -30.03 -31.62 45.24
C PRO J 22 -28.56 -31.93 44.91
N ASP J 23 -28.06 -31.44 43.79
CA ASP J 23 -26.68 -31.73 43.39
C ASP J 23 -25.73 -30.54 43.54
N PHE J 24 -26.13 -29.53 44.31
CA PHE J 24 -25.31 -28.34 44.54
C PHE J 24 -23.88 -28.66 45.03
N SER J 25 -23.78 -29.43 46.11
CA SER J 25 -22.46 -29.77 46.62
C SER J 25 -21.63 -30.59 45.62
N ASP J 26 -22.25 -31.56 44.96
CA ASP J 26 -21.49 -32.37 44.00
C ASP J 26 -21.02 -31.56 42.79
N PHE J 27 -21.77 -30.54 42.42
CA PHE J 27 -21.39 -29.67 41.29
C PHE J 27 -20.09 -28.94 41.63
N TRP J 28 -19.97 -28.43 42.85
CA TRP J 28 -18.77 -27.71 43.21
C TRP J 28 -17.57 -28.64 43.37
N LYS J 29 -17.79 -29.84 43.91
CA LYS J 29 -16.68 -30.79 44.04
C LYS J 29 -16.17 -31.15 42.64
N LYS J 30 -17.12 -31.39 41.74
CA LYS J 30 -16.77 -31.73 40.36
C LYS J 30 -16.00 -30.61 39.68
N SER J 31 -16.41 -29.36 39.95
CA SER J 31 -15.75 -28.19 39.37
C SER J 31 -14.40 -27.93 40.05
N LEU J 32 -14.31 -28.21 41.35
CA LEU J 32 -13.03 -28.01 42.04
C LEU J 32 -12.01 -29.04 41.53
N GLU J 33 -12.49 -30.22 41.12
CA GLU J 33 -11.59 -31.26 40.59
C GLU J 33 -11.09 -30.90 39.19
N GLU J 34 -11.92 -30.23 38.40
CA GLU J 34 -11.48 -29.82 37.06
C GLU J 34 -10.42 -28.75 37.22
N LEU J 35 -10.54 -27.93 38.25
CA LEU J 35 -9.55 -26.90 38.50
C LEU J 35 -8.24 -27.58 38.91
N ARG J 36 -8.33 -28.60 39.75
CA ARG J 36 -7.11 -29.30 40.20
C ARG J 36 -6.31 -29.88 39.03
N GLN J 37 -7.01 -30.36 38.00
CA GLN J 37 -6.35 -30.95 36.82
C GLN J 37 -5.51 -29.96 36.05
N VAL J 38 -5.66 -28.68 36.39
CA VAL J 38 -4.86 -27.64 35.74
C VAL J 38 -3.72 -27.22 36.65
N GLU J 39 -2.48 -27.50 36.24
CA GLU J 39 -1.29 -27.08 37.01
C GLU J 39 -1.22 -25.56 36.92
N ALA J 40 -1.08 -24.90 38.05
CA ALA J 40 -1.05 -23.44 38.05
C ALA J 40 0.07 -22.75 37.27
N GLU J 41 1.25 -23.37 37.20
CA GLU J 41 2.38 -22.77 36.49
C GLU J 41 2.39 -21.25 36.60
N PRO J 42 2.46 -20.72 37.84
CA PRO J 42 2.48 -19.27 38.06
C PRO J 42 3.74 -18.53 37.59
N THR J 43 3.56 -17.28 37.16
CA THR J 43 4.69 -16.47 36.70
C THR J 43 4.63 -15.09 37.33
N LEU J 44 5.80 -14.54 37.65
CA LEU J 44 5.90 -13.21 38.22
C LEU J 44 6.86 -12.38 37.39
N GLU J 45 6.65 -11.07 37.38
CA GLU J 45 7.51 -10.17 36.62
C GLU J 45 7.53 -8.81 37.28
N SER J 46 8.72 -8.34 37.61
CA SER J 46 8.91 -7.04 38.24
C SER J 46 8.16 -5.97 37.49
N TYR J 47 7.39 -5.15 38.19
CA TYR J 47 6.62 -4.10 37.53
C TYR J 47 7.00 -2.78 38.21
N ASP J 48 7.54 -1.84 37.45
CA ASP J 48 7.95 -0.57 38.04
C ASP J 48 6.78 0.35 38.41
N TYR J 49 6.86 0.93 39.59
CA TYR J 49 5.83 1.81 40.12
C TYR J 49 6.48 2.80 41.08
N PRO J 50 6.11 4.09 41.00
CA PRO J 50 6.66 5.12 41.85
C PRO J 50 6.29 5.06 43.33
N VAL J 51 6.78 4.03 44.00
CA VAL J 51 6.47 3.90 45.41
C VAL J 51 7.69 3.37 46.14
N LYS J 52 7.84 3.80 47.39
CA LYS J 52 8.96 3.41 48.23
C LYS J 52 8.46 2.44 49.28
N GLY J 53 9.17 1.33 49.45
CA GLY J 53 8.81 0.34 50.46
C GLY J 53 8.00 -0.85 49.98
N VAL J 54 7.61 -0.82 48.72
CA VAL J 54 6.82 -1.91 48.17
C VAL J 54 7.39 -2.38 46.84
N LYS J 55 7.34 -3.70 46.63
CA LYS J 55 7.79 -4.29 45.37
C LYS J 55 6.54 -4.70 44.59
N VAL J 56 6.41 -4.25 43.35
CA VAL J 56 5.24 -4.62 42.57
C VAL J 56 5.58 -5.56 41.43
N TYR J 57 4.67 -6.49 41.16
CA TYR J 57 4.86 -7.47 40.11
C TYR J 57 3.58 -7.75 39.34
N ARG J 58 3.75 -8.34 38.18
CA ARG J 58 2.63 -8.78 37.37
C ARG J 58 2.65 -10.29 37.60
N LEU J 59 1.55 -10.83 38.08
CA LEU J 59 1.42 -12.25 38.36
C LEU J 59 0.42 -12.90 37.40
N THR J 60 0.74 -14.10 36.93
CA THR J 60 -0.16 -14.81 36.04
C THR J 60 -0.16 -16.24 36.48
N TYR J 61 -1.23 -16.95 36.15
CA TYR J 61 -1.35 -18.36 36.49
C TYR J 61 -2.44 -19.04 35.66
N GLN J 62 -2.35 -20.36 35.56
CA GLN J 62 -3.33 -21.13 34.80
C GLN J 62 -4.44 -21.59 35.72
N SER J 63 -5.67 -21.50 35.24
CA SER J 63 -6.81 -21.91 36.04
C SER J 63 -7.74 -22.71 35.15
N PHE J 64 -8.94 -22.96 35.66
CA PHE J 64 -10.00 -23.69 34.95
C PHE J 64 -10.05 -23.35 33.46
N GLY J 65 -10.24 -24.38 32.62
CA GLY J 65 -10.31 -24.16 31.19
C GLY J 65 -8.97 -23.76 30.58
N HIS J 66 -7.92 -23.86 31.38
CA HIS J 66 -6.59 -23.50 30.92
C HIS J 66 -6.51 -22.01 30.60
N SER J 67 -7.32 -21.24 31.31
CA SER J 67 -7.35 -19.80 31.11
C SER J 67 -6.20 -19.20 31.90
N LYS J 68 -5.50 -18.26 31.29
CA LYS J 68 -4.40 -17.57 31.96
C LYS J 68 -4.98 -16.37 32.69
N ILE J 69 -4.96 -16.43 34.02
CA ILE J 69 -5.49 -15.37 34.87
C ILE J 69 -4.34 -14.45 35.31
N GLU J 70 -4.61 -13.15 35.46
CA GLU J 70 -3.58 -12.20 35.84
C GLU J 70 -4.01 -11.12 36.84
N GLY J 71 -3.05 -10.28 37.21
CA GLY J 71 -3.30 -9.21 38.15
C GLY J 71 -2.01 -8.72 38.78
N PHE J 72 -2.04 -7.56 39.42
CA PHE J 72 -0.82 -7.06 40.07
C PHE J 72 -0.69 -7.63 41.49
N TYR J 73 0.54 -7.83 41.92
CA TYR J 73 0.83 -8.36 43.25
C TYR J 73 1.86 -7.43 43.88
N ALA J 74 1.50 -6.81 45.00
CA ALA J 74 2.38 -5.88 45.69
C ALA J 74 2.82 -6.48 47.02
N VAL J 75 4.12 -6.44 47.28
CA VAL J 75 4.72 -7.02 48.50
C VAL J 75 5.51 -6.00 49.33
N PRO J 76 5.31 -5.98 50.67
CA PRO J 76 6.05 -5.04 51.50
C PRO J 76 7.53 -5.32 51.28
N ASP J 77 8.34 -4.29 51.13
CA ASP J 77 9.75 -4.51 50.86
C ASP J 77 10.62 -4.81 52.08
N GLN J 78 10.13 -5.70 52.92
CA GLN J 78 10.86 -6.10 54.12
C GLN J 78 10.79 -7.61 54.29
N THR J 79 11.74 -8.17 55.02
CA THR J 79 11.73 -9.61 55.22
C THR J 79 10.39 -10.02 55.81
N GLY J 80 9.76 -10.99 55.19
CA GLY J 80 8.48 -11.48 55.68
C GLY J 80 8.72 -12.58 56.69
N PRO J 81 7.82 -13.57 56.79
CA PRO J 81 6.59 -13.68 55.98
C PRO J 81 5.64 -12.51 56.19
N HIS J 82 4.74 -12.30 55.24
CA HIS J 82 3.78 -11.21 55.33
C HIS J 82 2.34 -11.69 55.30
N PRO J 83 1.43 -10.96 55.99
CA PRO J 83 0.04 -11.40 55.93
C PRO J 83 -0.32 -11.07 54.48
N ALA J 84 -1.34 -11.71 53.92
CA ALA J 84 -1.66 -11.45 52.52
C ALA J 84 -3.13 -11.18 52.31
N LEU J 85 -3.45 -10.58 51.16
CA LEU J 85 -4.80 -10.28 50.82
C LEU J 85 -5.07 -10.60 49.35
N VAL J 86 -6.27 -11.08 49.06
CA VAL J 86 -6.67 -11.35 47.70
C VAL J 86 -7.86 -10.41 47.56
N ARG J 87 -7.70 -9.43 46.68
CA ARG J 87 -8.71 -8.40 46.43
C ARG J 87 -9.42 -8.62 45.11
N PHE J 88 -10.74 -8.64 45.10
CA PHE J 88 -11.47 -8.87 43.85
C PHE J 88 -12.13 -7.55 43.48
N HIS J 89 -12.25 -7.25 42.19
CA HIS J 89 -12.85 -5.97 41.78
C HIS J 89 -14.32 -6.02 41.36
N GLY J 90 -14.97 -4.85 41.36
CA GLY J 90 -16.37 -4.78 40.99
C GLY J 90 -16.65 -5.07 39.52
N TYR J 91 -17.90 -5.40 39.21
CA TYR J 91 -18.36 -5.70 37.85
C TYR J 91 -18.03 -4.58 36.88
N ASN J 92 -17.21 -4.88 35.87
CA ASN J 92 -16.81 -3.90 34.85
C ASN J 92 -16.21 -2.63 35.46
N ALA J 93 -15.61 -2.74 36.65
CA ALA J 93 -15.10 -1.54 37.30
C ALA J 93 -13.61 -1.50 37.58
N SER J 94 -12.83 -2.27 36.84
CA SER J 94 -11.40 -2.24 37.09
C SER J 94 -10.71 -1.38 36.05
N TYR J 95 -9.97 -0.38 36.52
CA TYR J 95 -9.22 0.53 35.68
C TYR J 95 -7.74 0.31 35.89
N ASP J 96 -7.03 0.06 34.79
CA ASP J 96 -5.59 -0.16 34.86
C ASP J 96 -5.21 -1.17 35.93
N GLY J 97 -6.05 -2.18 36.09
CA GLY J 97 -5.80 -3.23 37.07
C GLY J 97 -5.95 -2.89 38.55
N GLY J 98 -6.51 -1.74 38.86
CA GLY J 98 -6.65 -1.36 40.26
C GLY J 98 -5.29 -1.26 40.94
N ILE J 99 -4.23 -0.96 40.19
CA ILE J 99 -2.88 -0.89 40.75
C ILE J 99 -2.66 0.11 41.90
N HIS J 100 -3.25 1.30 41.81
CA HIS J 100 -3.05 2.26 42.88
C HIS J 100 -3.51 1.74 44.25
N ASP J 101 -4.68 1.12 44.26
CA ASP J 101 -5.24 0.55 45.49
C ASP J 101 -4.45 -0.66 45.99
N ILE J 102 -3.96 -1.50 45.07
CA ILE J 102 -3.21 -2.71 45.44
C ILE J 102 -1.91 -2.30 46.12
N VAL J 103 -1.25 -1.32 45.52
CA VAL J 103 0.00 -0.80 46.05
C VAL J 103 -0.25 -0.22 47.43
N ASN J 104 -1.38 0.44 47.61
CA ASN J 104 -1.69 1.02 48.91
C ASN J 104 -1.90 -0.09 49.96
N TRP J 105 -2.58 -1.17 49.60
CA TRP J 105 -2.78 -2.29 50.53
C TRP J 105 -1.41 -2.84 50.99
N ALA J 106 -0.46 -2.91 50.05
CA ALA J 106 0.88 -3.37 50.38
C ALA J 106 1.55 -2.41 51.38
N LEU J 107 1.30 -1.10 51.23
CA LEU J 107 1.86 -0.11 52.14
C LEU J 107 1.24 -0.32 53.52
N HIS J 108 0.00 -0.78 53.55
CA HIS J 108 -0.63 -1.02 54.83
C HIS J 108 -0.03 -2.26 55.51
N GLY J 109 0.89 -2.93 54.80
CA GLY J 109 1.57 -4.10 55.33
C GLY J 109 1.16 -5.47 54.80
N TYR J 110 0.34 -5.50 53.74
CA TYR J 110 -0.18 -6.75 53.19
C TYR J 110 0.30 -7.13 51.78
N ALA J 111 0.75 -8.37 51.60
CA ALA J 111 1.12 -8.84 50.27
C ALA J 111 -0.27 -8.95 49.62
N THR J 112 -0.53 -8.12 48.62
CA THR J 112 -1.84 -8.03 47.97
C THR J 112 -1.89 -8.33 46.47
N PHE J 113 -2.73 -9.30 46.10
CA PHE J 113 -2.92 -9.68 44.69
C PHE J 113 -4.33 -9.22 44.23
N GLY J 114 -4.38 -8.44 43.16
CA GLY J 114 -5.66 -7.99 42.65
C GLY J 114 -6.05 -8.84 41.44
N MET J 115 -6.78 -9.93 41.69
CA MET J 115 -7.16 -10.83 40.62
C MET J 115 -8.10 -10.13 39.66
N LEU J 116 -7.75 -10.15 38.39
CA LEU J 116 -8.57 -9.49 37.38
C LEU J 116 -9.57 -10.54 36.90
N VAL J 117 -10.86 -10.17 36.92
CA VAL J 117 -11.95 -11.08 36.54
C VAL J 117 -12.06 -11.27 35.02
N ARG J 118 -11.99 -12.53 34.62
CA ARG J 118 -12.08 -12.95 33.22
C ARG J 118 -12.77 -11.99 32.24
N GLY J 119 -12.00 -11.45 31.31
CA GLY J 119 -12.59 -10.55 30.33
C GLY J 119 -13.00 -9.15 30.77
N GLN J 120 -12.96 -8.84 32.06
CA GLN J 120 -13.33 -7.50 32.49
C GLN J 120 -12.09 -6.65 32.61
N GLY J 121 -11.47 -6.64 33.79
CA GLY J 121 -10.26 -5.84 34.00
C GLY J 121 -9.02 -6.51 33.43
N GLY J 122 -9.20 -7.78 33.04
CA GLY J 122 -8.10 -8.55 32.48
C GLY J 122 -8.36 -10.03 32.52
N SER J 123 -7.30 -10.82 32.37
CA SER J 123 -7.36 -12.28 32.40
C SER J 123 -8.12 -12.87 31.21
N GLU J 124 -7.62 -13.99 30.74
CA GLU J 124 -8.21 -14.69 29.61
C GLU J 124 -9.40 -15.53 30.04
N ASP J 125 -10.34 -15.71 29.13
CA ASP J 125 -11.52 -16.53 29.38
C ASP J 125 -11.70 -17.44 28.19
N THR J 126 -11.23 -18.68 28.32
CA THR J 126 -11.34 -19.67 27.25
C THR J 126 -12.71 -20.33 27.14
N SER J 127 -13.61 -20.05 28.08
CA SER J 127 -14.96 -20.64 28.01
C SER J 127 -15.75 -20.07 26.84
N VAL J 128 -16.34 -20.96 26.04
CA VAL J 128 -17.11 -20.57 24.85
C VAL J 128 -18.50 -19.98 25.19
N THR J 129 -19.02 -19.14 24.30
CA THR J 129 -20.35 -18.56 24.48
C THR J 129 -21.27 -19.56 23.77
N PRO J 130 -22.04 -20.33 24.53
CA PRO J 130 -22.92 -21.32 23.91
C PRO J 130 -24.00 -20.80 23.00
N GLY J 131 -24.58 -19.65 23.34
CA GLY J 131 -25.65 -19.15 22.52
C GLY J 131 -25.91 -17.70 22.83
N GLY J 132 -27.06 -17.22 22.40
CA GLY J 132 -27.37 -15.82 22.61
C GLY J 132 -27.53 -15.48 24.07
N HIS J 133 -27.23 -14.22 24.41
CA HIS J 133 -27.40 -13.74 25.75
C HIS J 133 -27.54 -12.23 25.73
N ALA J 134 -27.89 -11.63 26.86
CA ALA J 134 -28.03 -10.19 26.93
C ALA J 134 -26.67 -9.52 27.04
N LEU J 135 -26.61 -8.27 26.58
CA LEU J 135 -25.37 -7.51 26.65
C LEU J 135 -24.75 -7.58 28.06
N GLY J 136 -23.50 -8.04 28.12
CA GLY J 136 -22.85 -8.16 29.41
C GLY J 136 -22.40 -9.59 29.70
N TRP J 137 -21.89 -9.82 30.91
CA TRP J 137 -21.40 -11.15 31.33
C TRP J 137 -22.42 -11.97 32.15
N MET J 138 -23.38 -11.29 32.74
CA MET J 138 -24.38 -11.91 33.59
C MET J 138 -25.15 -13.12 33.06
N THR J 139 -25.37 -13.18 31.75
CA THR J 139 -26.12 -14.29 31.21
C THR J 139 -25.33 -15.18 30.23
N LYS J 140 -24.03 -14.98 30.15
CA LYS J 140 -23.21 -15.78 29.23
C LYS J 140 -23.19 -17.22 29.73
N GLY J 141 -23.68 -18.14 28.90
CA GLY J 141 -23.69 -19.55 29.26
C GLY J 141 -24.73 -19.86 30.32
N ILE J 142 -25.66 -18.94 30.51
CA ILE J 142 -26.69 -19.10 31.54
C ILE J 142 -27.63 -20.33 31.46
N LEU J 143 -27.69 -21.02 30.33
CA LEU J 143 -28.57 -22.18 30.25
C LEU J 143 -27.96 -23.47 30.83
N SER J 144 -26.81 -23.36 31.47
CA SER J 144 -26.15 -24.51 32.10
C SER J 144 -25.13 -24.12 33.16
N LYS J 145 -25.22 -24.77 34.31
CA LYS J 145 -24.29 -24.55 35.41
C LYS J 145 -22.84 -24.77 34.97
N ASP J 146 -22.63 -25.69 34.03
CA ASP J 146 -21.28 -26.01 33.56
C ASP J 146 -20.69 -24.96 32.66
N THR J 147 -21.55 -24.24 31.97
CA THR J 147 -21.11 -23.22 31.03
C THR J 147 -21.17 -21.80 31.58
N TYR J 148 -21.92 -21.59 32.67
CA TYR J 148 -22.09 -20.26 33.23
C TYR J 148 -20.80 -19.47 33.51
N TYR J 149 -20.80 -18.21 33.09
CA TYR J 149 -19.66 -17.31 33.23
C TYR J 149 -18.98 -17.35 34.61
N TYR J 150 -19.77 -17.32 35.68
CA TYR J 150 -19.19 -17.30 37.02
C TYR J 150 -18.61 -18.61 37.55
N ARG J 151 -18.81 -19.72 36.84
CA ARG J 151 -18.21 -20.99 37.28
C ARG J 151 -16.69 -20.81 37.18
N GLY J 152 -16.24 -20.32 36.01
CA GLY J 152 -14.82 -20.11 35.78
C GLY J 152 -14.25 -19.14 36.78
N VAL J 153 -14.91 -17.99 36.92
CA VAL J 153 -14.50 -16.94 37.85
C VAL J 153 -14.33 -17.39 39.29
N TYR J 154 -15.34 -18.10 39.82
CA TYR J 154 -15.26 -18.58 41.20
C TYR J 154 -14.05 -19.51 41.29
N LEU J 155 -13.90 -20.40 40.32
CA LEU J 155 -12.75 -21.30 40.37
C LEU J 155 -11.45 -20.51 40.34
N ASP J 156 -11.40 -19.46 39.53
CA ASP J 156 -10.21 -18.61 39.44
C ASP J 156 -9.90 -18.03 40.84
N ALA J 157 -10.95 -17.61 41.56
CA ALA J 157 -10.79 -17.04 42.89
C ALA J 157 -10.11 -18.05 43.80
N VAL J 158 -10.57 -19.30 43.75
CA VAL J 158 -9.97 -20.33 44.59
C VAL J 158 -8.49 -20.56 44.23
N ARG J 159 -8.19 -20.65 42.94
CA ARG J 159 -6.81 -20.87 42.49
C ARG J 159 -5.89 -19.72 42.90
N ALA J 160 -6.46 -18.53 43.00
CA ALA J 160 -5.73 -17.33 43.41
C ALA J 160 -5.20 -17.58 44.82
N LEU J 161 -6.08 -18.09 45.68
CA LEU J 161 -5.71 -18.37 47.06
C LEU J 161 -4.65 -19.47 47.13
N GLU J 162 -4.79 -20.47 46.27
CA GLU J 162 -3.84 -21.56 46.25
C GLU J 162 -2.44 -21.11 45.83
N VAL J 163 -2.36 -20.13 44.94
CA VAL J 163 -1.07 -19.63 44.45
C VAL J 163 -0.39 -18.68 45.42
N ILE J 164 -1.17 -17.84 46.07
CA ILE J 164 -0.59 -16.90 47.01
C ILE J 164 -0.04 -17.59 48.25
N GLN J 165 -0.71 -18.63 48.72
CA GLN J 165 -0.25 -19.32 49.91
C GLN J 165 1.02 -20.10 49.59
N SER J 166 1.25 -20.37 48.31
CA SER J 166 2.42 -21.13 47.89
C SER J 166 3.70 -20.30 48.00
N PHE J 167 3.54 -18.96 47.94
CA PHE J 167 4.69 -18.08 48.03
C PHE J 167 5.32 -18.13 49.42
N PRO J 168 6.65 -18.32 49.47
CA PRO J 168 7.40 -18.41 50.73
C PRO J 168 7.33 -17.14 51.58
N GLU J 169 7.22 -15.99 50.92
CA GLU J 169 7.17 -14.73 51.67
C GLU J 169 5.76 -14.39 52.15
N VAL J 170 4.86 -15.35 52.03
CA VAL J 170 3.46 -15.19 52.48
C VAL J 170 3.12 -16.14 53.65
N ASP J 171 2.59 -15.60 54.75
CA ASP J 171 2.20 -16.44 55.88
C ASP J 171 0.83 -17.04 55.59
N GLU J 172 0.82 -18.29 55.14
CA GLU J 172 -0.41 -19.01 54.77
C GLU J 172 -1.49 -19.03 55.85
N HIS J 173 -1.13 -18.71 57.09
CA HIS J 173 -2.12 -18.72 58.16
C HIS J 173 -2.76 -17.35 58.39
N ARG J 174 -2.31 -16.36 57.62
CA ARG J 174 -2.84 -15.02 57.74
C ARG J 174 -3.21 -14.41 56.40
N ILE J 175 -4.10 -15.09 55.68
CA ILE J 175 -4.58 -14.65 54.37
C ILE J 175 -6.03 -14.16 54.46
N GLY J 176 -6.38 -13.16 53.66
CA GLY J 176 -7.73 -12.65 53.67
C GLY J 176 -8.24 -12.41 52.25
N VAL J 177 -9.56 -12.35 52.07
CA VAL J 177 -10.16 -12.10 50.76
C VAL J 177 -11.11 -10.95 50.98
N ILE J 178 -10.94 -9.89 50.20
CA ILE J 178 -11.78 -8.71 50.34
C ILE J 178 -12.32 -8.28 48.97
N GLY J 179 -13.42 -7.53 48.99
CA GLY J 179 -14.03 -7.06 47.77
C GLY J 179 -15.36 -6.36 47.98
N GLY J 180 -15.77 -5.57 47.00
CA GLY J 180 -17.04 -4.89 47.08
C GLY J 180 -17.90 -5.30 45.88
N SER J 181 -19.19 -5.52 46.14
CA SER J 181 -20.17 -5.94 45.12
C SER J 181 -19.74 -7.28 44.47
N GLN J 182 -19.44 -7.29 43.18
CA GLN J 182 -18.98 -8.54 42.56
C GLN J 182 -17.78 -9.04 43.37
N GLY J 183 -16.95 -8.12 43.83
CA GLY J 183 -15.78 -8.47 44.63
C GLY J 183 -16.17 -9.11 45.95
N GLY J 184 -17.24 -8.60 46.56
CA GLY J 184 -17.72 -9.15 47.80
C GLY J 184 -18.22 -10.56 47.57
N ALA J 185 -18.86 -10.81 46.43
CA ALA J 185 -19.36 -12.16 46.14
C ALA J 185 -18.17 -13.10 45.91
N LEU J 186 -17.19 -12.67 45.14
CA LEU J 186 -16.02 -13.53 44.89
C LEU J 186 -15.29 -13.84 46.21
N ALA J 187 -15.19 -12.86 47.10
CA ALA J 187 -14.52 -13.10 48.37
C ALA J 187 -15.32 -14.12 49.19
N ILE J 188 -16.64 -13.97 49.18
CA ILE J 188 -17.50 -14.90 49.90
C ILE J 188 -17.49 -16.28 49.25
N ALA J 189 -17.56 -16.31 47.92
CA ALA J 189 -17.58 -17.58 47.22
C ALA J 189 -16.27 -18.32 47.42
N ALA J 190 -15.17 -17.59 47.45
CA ALA J 190 -13.85 -18.20 47.65
C ALA J 190 -13.71 -18.85 49.04
N ALA J 191 -14.20 -18.17 50.07
CA ALA J 191 -14.11 -18.70 51.44
C ALA J 191 -15.04 -19.88 51.60
N ALA J 192 -16.17 -19.85 50.90
CA ALA J 192 -17.14 -20.93 50.95
C ALA J 192 -16.51 -22.16 50.31
N LEU J 193 -15.71 -21.95 49.26
CA LEU J 193 -15.08 -23.05 48.55
C LEU J 193 -13.70 -23.49 49.06
N SER J 194 -13.00 -22.60 49.75
CA SER J 194 -11.66 -22.90 50.24
C SER J 194 -11.40 -22.53 51.70
N ASP J 195 -10.65 -23.38 52.41
CA ASP J 195 -10.33 -23.08 53.80
C ASP J 195 -9.02 -22.28 53.89
N ILE J 196 -8.50 -21.84 52.76
CA ILE J 196 -7.27 -21.07 52.76
C ILE J 196 -7.45 -19.69 53.43
N PRO J 197 -8.46 -18.91 53.01
CA PRO J 197 -8.63 -17.60 53.64
C PRO J 197 -8.92 -17.69 55.14
N LYS J 198 -8.36 -16.77 55.91
CA LYS J 198 -8.60 -16.73 57.35
C LYS J 198 -9.87 -15.94 57.64
N VAL J 199 -9.98 -14.78 57.00
CA VAL J 199 -11.15 -13.94 57.20
C VAL J 199 -11.71 -13.44 55.85
N VAL J 200 -12.89 -12.82 55.91
CA VAL J 200 -13.58 -12.28 54.73
C VAL J 200 -14.15 -10.90 55.02
N VAL J 201 -14.07 -10.00 54.02
CA VAL J 201 -14.64 -8.67 54.12
C VAL J 201 -15.34 -8.45 52.78
N ALA J 202 -16.62 -8.15 52.82
CA ALA J 202 -17.39 -7.96 51.61
C ALA J 202 -18.35 -6.79 51.68
N ASP J 203 -18.09 -5.76 50.87
CA ASP J 203 -18.97 -4.60 50.81
C ASP J 203 -20.12 -4.96 49.90
N TYR J 204 -21.34 -4.69 50.36
CA TYR J 204 -22.55 -4.93 49.59
C TYR J 204 -22.35 -5.94 48.47
N PRO J 205 -22.15 -7.21 48.84
CA PRO J 205 -21.94 -8.26 47.82
C PRO J 205 -23.07 -8.47 46.81
N TYR J 206 -22.66 -8.84 45.60
CA TYR J 206 -23.50 -9.09 44.44
C TYR J 206 -23.81 -10.59 44.32
N LEU J 207 -24.47 -10.98 43.23
CA LEU J 207 -24.77 -12.40 43.00
C LEU J 207 -25.45 -13.06 44.20
N SER J 208 -26.47 -12.39 44.74
CA SER J 208 -27.19 -12.89 45.92
C SER J 208 -28.71 -12.77 45.83
N ASN J 209 -29.40 -13.88 46.14
CA ASN J 209 -30.88 -13.94 46.11
C ASN J 209 -31.39 -13.46 44.76
N PHE J 210 -30.87 -14.05 43.69
CA PHE J 210 -31.24 -13.66 42.33
C PHE J 210 -32.73 -13.49 42.05
N GLU J 211 -33.57 -14.38 42.55
CA GLU J 211 -34.99 -14.29 42.25
C GLU J 211 -35.61 -13.02 42.78
N ARG J 212 -35.16 -12.56 43.93
CA ARG J 212 -35.73 -11.32 44.42
C ARG J 212 -35.00 -10.15 43.74
N ALA J 213 -33.71 -10.32 43.47
CA ALA J 213 -32.90 -9.29 42.82
C ALA J 213 -33.53 -8.74 41.54
N VAL J 214 -34.00 -9.62 40.66
CA VAL J 214 -34.55 -9.12 39.40
C VAL J 214 -35.84 -8.32 39.53
N ASP J 215 -36.49 -8.42 40.69
CA ASP J 215 -37.75 -7.71 40.94
C ASP J 215 -37.57 -6.44 41.75
N VAL J 216 -36.41 -6.28 42.36
CA VAL J 216 -36.18 -5.10 43.19
C VAL J 216 -35.07 -4.15 42.72
N ALA J 217 -34.03 -4.68 42.10
CA ALA J 217 -32.96 -3.83 41.61
C ALA J 217 -33.52 -2.81 40.62
N LEU J 218 -33.03 -1.58 40.70
CA LEU J 218 -33.51 -0.54 39.78
C LEU J 218 -32.37 -0.09 38.86
N GLU J 219 -31.19 -0.67 39.05
CA GLU J 219 -30.08 -0.31 38.21
C GLU J 219 -29.34 -1.55 37.76
N GLN J 220 -28.44 -1.42 36.80
CA GLN J 220 -27.65 -2.56 36.32
C GLN J 220 -26.71 -2.98 37.46
N PRO J 221 -26.15 -4.19 37.40
CA PRO J 221 -26.33 -5.19 36.34
C PRO J 221 -27.26 -6.38 36.57
N TYR J 222 -27.99 -6.41 37.68
CA TYR J 222 -28.89 -7.56 37.87
C TYR J 222 -29.89 -7.59 36.74
N LEU J 223 -30.29 -6.41 36.29
CA LEU J 223 -31.28 -6.28 35.24
C LEU J 223 -30.89 -6.87 33.89
N GLU J 224 -29.66 -7.35 33.76
CA GLU J 224 -29.24 -7.99 32.51
C GLU J 224 -30.00 -9.30 32.37
N ILE J 225 -30.39 -9.87 33.51
CA ILE J 225 -31.16 -11.11 33.51
C ILE J 225 -32.56 -10.80 32.95
N ASN J 226 -33.12 -9.66 33.34
CA ASN J 226 -34.43 -9.27 32.82
C ASN J 226 -34.33 -9.08 31.31
N SER J 227 -33.24 -8.44 30.86
CA SER J 227 -33.03 -8.19 29.45
C SER J 227 -32.93 -9.51 28.72
N TYR J 228 -32.26 -10.48 29.33
CA TYR J 228 -32.12 -11.80 28.73
C TYR J 228 -33.50 -12.43 28.48
N PHE J 229 -34.37 -12.41 29.50
CA PHE J 229 -35.72 -12.99 29.38
C PHE J 229 -36.54 -12.22 28.36
N ARG J 230 -36.35 -10.92 28.27
CA ARG J 230 -37.10 -10.18 27.27
C ARG J 230 -36.71 -10.70 25.87
N ARG J 231 -35.44 -11.05 25.69
CA ARG J 231 -34.96 -11.51 24.37
C ARG J 231 -35.20 -12.99 24.05
N ASN J 232 -35.43 -13.79 25.08
CA ASN J 232 -35.71 -15.21 24.90
C ASN J 232 -36.87 -15.51 25.83
N SER J 233 -38.08 -15.45 25.29
CA SER J 233 -39.34 -15.60 26.03
C SER J 233 -39.90 -16.99 26.33
N ASP J 234 -39.21 -18.05 25.91
CA ASP J 234 -39.73 -19.37 26.23
C ASP J 234 -39.76 -19.49 27.75
N PRO J 235 -40.92 -19.85 28.33
CA PRO J 235 -40.96 -19.97 29.79
C PRO J 235 -39.92 -20.96 30.33
N LYS J 236 -39.62 -21.98 29.54
CA LYS J 236 -38.64 -22.98 29.95
C LYS J 236 -37.28 -22.34 30.15
N VAL J 237 -36.99 -21.33 29.35
CA VAL J 237 -35.72 -20.64 29.46
C VAL J 237 -35.59 -19.90 30.77
N GLU J 238 -36.68 -19.31 31.27
CA GLU J 238 -36.61 -18.61 32.55
C GLU J 238 -36.34 -19.63 33.65
N GLU J 239 -37.09 -20.74 33.62
CA GLU J 239 -36.91 -21.81 34.61
C GLU J 239 -35.47 -22.33 34.63
N LYS J 240 -34.92 -22.63 33.46
CA LYS J 240 -33.56 -23.13 33.36
C LYS J 240 -32.53 -22.09 33.79
N ALA J 241 -32.76 -20.81 33.47
CA ALA J 241 -31.80 -19.77 33.85
C ALA J 241 -31.70 -19.66 35.37
N PHE J 242 -32.83 -19.62 36.06
CA PHE J 242 -32.80 -19.52 37.53
C PHE J 242 -32.23 -20.78 38.14
N GLU J 243 -32.39 -21.89 37.42
CA GLU J 243 -31.84 -23.15 37.88
C GLU J 243 -30.33 -22.96 37.90
N THR J 244 -29.76 -22.46 36.80
CA THR J 244 -28.30 -22.23 36.72
C THR J 244 -27.79 -21.28 37.78
N LEU J 245 -28.47 -20.14 37.93
CA LEU J 245 -28.07 -19.14 38.91
C LEU J 245 -27.98 -19.63 40.37
N SER J 246 -28.86 -20.55 40.76
CA SER J 246 -28.86 -21.06 42.13
C SER J 246 -27.50 -21.62 42.55
N TYR J 247 -26.79 -22.23 41.61
CA TYR J 247 -25.49 -22.82 41.90
C TYR J 247 -24.42 -21.79 42.26
N PHE J 248 -24.66 -20.51 41.97
CA PHE J 248 -23.66 -19.45 42.24
C PHE J 248 -24.21 -18.38 43.18
N ASP J 249 -25.44 -18.58 43.62
CA ASP J 249 -26.12 -17.61 44.50
C ASP J 249 -25.55 -17.67 45.91
N LEU J 250 -25.26 -16.50 46.49
CA LEU J 250 -24.67 -16.44 47.82
C LEU J 250 -25.56 -16.98 48.92
N ILE J 251 -26.88 -17.03 48.71
CA ILE J 251 -27.74 -17.57 49.77
C ILE J 251 -27.53 -19.08 49.93
N ASN J 252 -27.02 -19.73 48.89
CA ASN J 252 -26.79 -21.17 48.91
C ASN J 252 -25.33 -21.49 49.27
N LEU J 253 -24.42 -20.57 49.03
CA LEU J 253 -23.02 -20.79 49.34
C LEU J 253 -22.64 -20.27 50.74
N ALA J 254 -23.37 -19.28 51.23
CA ALA J 254 -23.05 -18.67 52.52
C ALA J 254 -22.88 -19.65 53.66
N GLY J 255 -23.68 -20.72 53.66
CA GLY J 255 -23.63 -21.70 54.73
C GLY J 255 -22.34 -22.51 54.87
N TRP J 256 -21.43 -22.39 53.91
CA TRP J 256 -20.17 -23.12 53.95
C TRP J 256 -19.05 -22.28 54.55
N VAL J 257 -19.28 -20.98 54.64
CA VAL J 257 -18.29 -20.07 55.17
C VAL J 257 -18.10 -20.26 56.67
N LYS J 258 -16.88 -20.59 57.07
CA LYS J 258 -16.59 -20.78 58.49
C LYS J 258 -15.65 -19.71 59.03
N GLN J 259 -15.22 -18.78 58.17
CA GLN J 259 -14.29 -17.71 58.55
C GLN J 259 -14.97 -16.47 59.12
N PRO J 260 -14.29 -15.73 60.02
CA PRO J 260 -14.98 -14.52 60.52
C PRO J 260 -15.19 -13.63 59.28
N THR J 261 -16.37 -13.05 59.18
CA THR J 261 -16.73 -12.24 58.04
C THR J 261 -17.31 -10.89 58.47
N LEU J 262 -16.91 -9.85 57.75
CA LEU J 262 -17.38 -8.49 57.99
C LEU J 262 -18.03 -8.01 56.69
N MET J 263 -19.24 -7.47 56.77
CA MET J 263 -19.95 -6.98 55.57
C MET J 263 -20.55 -5.61 55.81
N ALA J 264 -20.89 -4.90 54.73
CA ALA J 264 -21.49 -3.58 54.84
C ALA J 264 -22.63 -3.50 53.86
N ILE J 265 -23.54 -2.56 54.10
CA ILE J 265 -24.68 -2.34 53.23
C ILE J 265 -25.25 -0.93 53.50
N GLY J 266 -25.50 -0.21 52.41
CA GLY J 266 -26.06 1.13 52.53
C GLY J 266 -27.53 0.99 52.18
N LEU J 267 -28.42 1.53 53.00
CA LEU J 267 -29.86 1.37 52.75
C LEU J 267 -30.44 2.03 51.49
N ILE J 268 -29.67 2.83 50.77
CA ILE J 268 -30.26 3.40 49.57
C ILE J 268 -29.64 2.79 48.31
N ASP J 269 -28.97 1.65 48.49
CA ASP J 269 -28.30 0.95 47.39
C ASP J 269 -29.26 0.44 46.32
N LYS J 270 -29.19 1.01 45.11
CA LYS J 270 -30.07 0.58 44.04
C LYS J 270 -29.53 -0.57 43.18
N ILE J 271 -28.24 -0.85 43.31
CA ILE J 271 -27.56 -1.90 42.53
C ILE J 271 -27.58 -3.31 43.19
N THR J 272 -27.20 -3.34 44.45
CA THR J 272 -27.21 -4.55 45.27
C THR J 272 -28.18 -4.11 46.39
N PRO J 273 -29.49 -4.23 46.18
CA PRO J 273 -30.55 -3.87 47.13
C PRO J 273 -30.31 -4.42 48.52
N PRO J 274 -30.62 -3.65 49.58
CA PRO J 274 -30.39 -4.11 50.94
C PRO J 274 -30.96 -5.50 51.22
N SER J 275 -32.14 -5.81 50.71
CA SER J 275 -32.71 -7.12 50.96
C SER J 275 -31.80 -8.23 50.43
N THR J 276 -31.20 -8.04 49.27
CA THR J 276 -30.38 -9.12 48.76
C THR J 276 -29.13 -9.33 49.59
N VAL J 277 -28.55 -8.26 50.13
CA VAL J 277 -27.34 -8.41 50.93
C VAL J 277 -27.69 -8.98 52.30
N PHE J 278 -28.77 -8.48 52.92
CA PHE J 278 -29.18 -9.04 54.21
C PHE J 278 -29.49 -10.53 54.06
N ALA J 279 -30.02 -10.90 52.90
CA ALA J 279 -30.34 -12.31 52.67
C ALA J 279 -29.10 -13.17 52.75
N ALA J 280 -27.99 -12.67 52.18
CA ALA J 280 -26.74 -13.43 52.20
C ALA J 280 -26.14 -13.44 53.61
N TYR J 281 -26.11 -12.27 54.25
CA TYR J 281 -25.59 -12.14 55.60
C TYR J 281 -26.28 -13.10 56.58
N ASN J 282 -27.61 -13.14 56.51
CA ASN J 282 -28.40 -14.01 57.39
C ASN J 282 -28.26 -15.50 57.12
N HIS J 283 -27.66 -15.87 55.99
CA HIS J 283 -27.46 -17.28 55.67
C HIS J 283 -26.07 -17.69 56.14
N LEU J 284 -25.27 -16.73 56.62
CA LEU J 284 -23.94 -17.05 57.15
C LEU J 284 -24.13 -17.60 58.58
N GLU J 285 -23.44 -18.71 58.88
CA GLU J 285 -23.44 -19.33 60.21
C GLU J 285 -21.96 -19.29 60.55
N THR J 286 -21.51 -18.18 61.10
CA THR J 286 -20.08 -18.01 61.40
C THR J 286 -19.92 -16.75 62.24
N ASP J 287 -18.68 -16.45 62.62
CA ASP J 287 -18.38 -15.25 63.37
C ASP J 287 -18.62 -14.14 62.35
N LYS J 288 -19.58 -13.24 62.60
CA LYS J 288 -19.88 -12.22 61.60
C LYS J 288 -20.45 -10.90 62.14
N ASP J 289 -20.45 -9.90 61.27
CA ASP J 289 -20.97 -8.59 61.58
C ASP J 289 -21.40 -7.88 60.30
N LEU J 290 -22.56 -7.24 60.34
CA LEU J 290 -23.04 -6.49 59.20
C LEU J 290 -23.14 -5.04 59.61
N LYS J 291 -22.36 -4.18 58.96
CA LYS J 291 -22.40 -2.75 59.26
C LYS J 291 -23.43 -2.11 58.33
N VAL J 292 -24.37 -1.40 58.92
CA VAL J 292 -25.42 -0.76 58.14
C VAL J 292 -25.21 0.73 58.05
N TYR J 293 -25.41 1.26 56.85
CA TYR J 293 -25.24 2.70 56.59
C TYR J 293 -26.48 3.28 55.91
N ARG J 294 -27.30 3.96 56.72
CA ARG J 294 -28.56 4.55 56.27
C ARG J 294 -28.46 5.48 55.07
N TYR J 295 -27.49 6.39 55.10
CA TYR J 295 -27.34 7.38 54.07
C TYR J 295 -26.45 7.08 52.87
N PHE J 296 -25.96 5.85 52.75
CA PHE J 296 -25.12 5.51 51.61
C PHE J 296 -25.74 4.43 50.73
N GLY J 297 -25.27 4.39 49.48
CA GLY J 297 -25.72 3.40 48.53
C GLY J 297 -24.54 2.55 48.05
N HIS J 298 -24.46 2.33 46.73
CA HIS J 298 -23.41 1.50 46.16
C HIS J 298 -22.21 2.37 45.89
N GLU J 299 -21.41 2.64 46.93
CA GLU J 299 -20.26 3.51 46.77
C GLU J 299 -19.28 3.30 47.91
N PHE J 300 -18.16 3.98 47.85
CA PHE J 300 -17.16 3.88 48.90
C PHE J 300 -17.82 4.46 50.13
N ILE J 301 -17.80 3.71 51.23
CA ILE J 301 -18.38 4.20 52.48
C ILE J 301 -17.21 4.43 53.44
N PRO J 302 -16.84 5.70 53.65
CA PRO J 302 -15.72 6.08 54.53
C PRO J 302 -15.67 5.38 55.90
N ALA J 303 -16.79 5.37 56.61
CA ALA J 303 -16.85 4.77 57.93
C ALA J 303 -16.54 3.27 57.89
N PHE J 304 -16.91 2.61 56.79
CA PHE J 304 -16.63 1.18 56.71
C PHE J 304 -15.15 0.86 56.44
N GLN J 305 -14.42 1.83 55.88
CA GLN J 305 -13.02 1.62 55.61
C GLN J 305 -12.29 1.48 56.94
N THR J 306 -12.71 2.28 57.92
CA THR J 306 -12.08 2.22 59.25
C THR J 306 -12.41 0.85 59.85
N GLU J 307 -13.67 0.44 59.70
CA GLU J 307 -14.12 -0.83 60.22
C GLU J 307 -13.32 -1.96 59.58
N LYS J 308 -13.20 -1.88 58.26
CA LYS J 308 -12.50 -2.87 57.47
C LYS J 308 -11.03 -2.96 57.83
N LEU J 309 -10.37 -1.82 57.94
CA LEU J 309 -8.97 -1.84 58.30
C LEU J 309 -8.79 -2.39 59.72
N SER J 310 -9.61 -1.94 60.66
CA SER J 310 -9.53 -2.41 62.04
C SER J 310 -9.64 -3.94 62.11
N PHE J 311 -10.54 -4.48 61.28
CA PHE J 311 -10.81 -5.92 61.21
C PHE J 311 -9.66 -6.74 60.62
N LEU J 312 -9.01 -6.22 59.58
CA LEU J 312 -7.90 -6.93 58.96
C LEU J 312 -6.69 -6.87 59.89
N GLN J 313 -6.51 -5.72 60.53
CA GLN J 313 -5.40 -5.54 61.46
C GLN J 313 -5.55 -6.60 62.57
N LYS J 314 -6.70 -6.56 63.22
CA LYS J 314 -7.05 -7.50 64.27
C LYS J 314 -6.81 -8.96 63.91
N HIS J 315 -7.23 -9.37 62.73
CA HIS J 315 -7.08 -10.76 62.31
C HIS J 315 -5.84 -11.14 61.53
N LEU J 316 -5.24 -10.21 60.81
CA LEU J 316 -4.06 -10.58 60.01
C LEU J 316 -2.74 -9.89 60.32
N LEU J 317 -2.74 -8.57 60.22
CA LEU J 317 -1.53 -7.77 60.44
C LEU J 317 -0.87 -7.97 61.80
N LEU J 318 -1.65 -7.78 62.85
CA LEU J 318 -1.16 -7.92 64.22
C LEU J 318 -1.25 -9.36 64.71
N MET K 1 -44.51 13.32 38.26
CA MET K 1 -44.70 12.80 39.64
C MET K 1 -46.13 12.29 39.77
N GLN K 2 -46.35 11.50 40.81
CA GLN K 2 -47.65 10.90 41.08
C GLN K 2 -47.74 10.76 42.60
N LEU K 3 -48.86 10.29 43.12
CA LEU K 3 -48.99 10.07 44.56
C LEU K 3 -47.76 9.26 45.02
N PHE K 4 -47.35 9.43 46.28
CA PHE K 4 -46.20 8.69 46.78
C PHE K 4 -46.16 8.56 48.31
N ASP K 5 -46.81 9.50 49.01
CA ASP K 5 -46.82 9.50 50.46
C ASP K 5 -47.98 8.68 51.01
N LEU K 6 -48.28 8.87 52.29
CA LEU K 6 -49.38 8.17 52.96
C LEU K 6 -50.69 8.46 52.25
N SER K 7 -51.70 7.63 52.46
CA SER K 7 -52.98 7.86 51.81
C SER K 7 -53.60 9.07 52.49
N LEU K 8 -54.59 9.67 51.85
CA LEU K 8 -55.23 10.83 52.45
C LEU K 8 -55.80 10.51 53.83
N GLU K 9 -56.50 9.38 53.94
CA GLU K 9 -57.06 8.97 55.22
C GLU K 9 -55.95 8.88 56.28
N GLU K 10 -54.83 8.27 55.92
CA GLU K 10 -53.71 8.15 56.85
C GLU K 10 -53.16 9.53 57.22
N LEU K 11 -53.01 10.39 56.22
CA LEU K 11 -52.46 11.73 56.41
C LEU K 11 -53.22 12.52 57.46
N LYS K 12 -54.56 12.40 57.44
CA LYS K 12 -55.45 13.09 58.38
C LYS K 12 -55.26 12.63 59.82
N LYS K 13 -54.76 11.43 59.98
CA LYS K 13 -54.55 10.86 61.31
C LYS K 13 -53.09 10.96 61.71
N TYR K 14 -52.25 11.47 60.82
CA TYR K 14 -50.84 11.56 61.13
C TYR K 14 -50.48 12.72 62.05
N LYS K 15 -50.06 12.37 63.27
CA LYS K 15 -49.65 13.35 64.28
C LYS K 15 -48.49 12.73 65.08
N PRO K 16 -47.27 12.77 64.52
CA PRO K 16 -46.11 12.19 65.21
C PRO K 16 -45.85 12.83 66.56
N LYS K 17 -45.22 12.08 67.47
CA LYS K 17 -44.90 12.57 68.81
C LYS K 17 -43.94 13.77 68.78
N LYS K 18 -44.21 14.77 69.60
CA LYS K 18 -43.33 15.93 69.64
C LYS K 18 -41.94 15.47 70.07
N THR K 19 -40.91 16.11 69.52
CA THR K 19 -39.52 15.80 69.83
C THR K 19 -38.94 16.90 70.72
N ALA K 20 -39.80 17.83 71.14
CA ALA K 20 -39.34 18.92 71.99
C ALA K 20 -38.57 18.42 73.24
N ARG K 21 -37.39 18.97 73.46
CA ARG K 21 -36.56 18.62 74.61
C ARG K 21 -37.18 19.29 75.83
N PRO K 22 -36.69 18.94 77.03
CA PRO K 22 -37.26 19.57 78.21
C PRO K 22 -36.99 21.06 78.29
N ASP K 23 -35.85 21.50 77.77
CA ASP K 23 -35.48 22.92 77.83
C ASP K 23 -35.97 23.72 76.63
N PHE K 24 -36.97 23.18 75.94
CA PHE K 24 -37.53 23.82 74.77
C PHE K 24 -37.97 25.24 75.11
N SER K 25 -38.96 25.36 75.98
CA SER K 25 -39.49 26.67 76.35
C SER K 25 -38.41 27.67 76.76
N ASP K 26 -37.49 27.24 77.64
CA ASP K 26 -36.44 28.14 78.09
C ASP K 26 -35.51 28.54 76.95
N PHE K 27 -35.28 27.65 75.99
CA PHE K 27 -34.41 27.99 74.87
C PHE K 27 -34.96 29.22 74.18
N TRP K 28 -36.25 29.23 73.89
CA TRP K 28 -36.84 30.37 73.18
C TRP K 28 -36.95 31.63 74.05
N LYS K 29 -37.15 31.44 75.35
CA LYS K 29 -37.25 32.60 76.24
C LYS K 29 -35.87 33.26 76.22
N LYS K 30 -34.83 32.45 76.31
CA LYS K 30 -33.46 32.95 76.30
C LYS K 30 -33.17 33.61 74.95
N SER K 31 -33.68 33.02 73.88
CA SER K 31 -33.44 33.57 72.55
C SER K 31 -34.15 34.92 72.35
N LEU K 32 -35.41 35.00 72.73
CA LEU K 32 -36.15 36.27 72.57
C LEU K 32 -35.58 37.34 73.46
N GLU K 33 -34.97 36.93 74.57
CA GLU K 33 -34.36 37.88 75.49
C GLU K 33 -33.14 38.51 74.82
N GLU K 34 -32.32 37.69 74.18
CA GLU K 34 -31.13 38.18 73.49
C GLU K 34 -31.56 39.10 72.35
N LEU K 35 -32.70 38.80 71.74
CA LEU K 35 -33.23 39.62 70.65
C LEU K 35 -33.63 41.01 71.16
N ARG K 36 -34.22 41.02 72.36
CA ARG K 36 -34.69 42.26 72.99
C ARG K 36 -33.53 43.20 73.30
N GLN K 37 -32.36 42.64 73.59
CA GLN K 37 -31.20 43.45 73.92
C GLN K 37 -30.63 44.22 72.74
N VAL K 38 -31.18 43.97 71.56
CA VAL K 38 -30.74 44.65 70.35
C VAL K 38 -31.85 45.61 69.95
N GLU K 39 -31.56 46.91 69.96
CA GLU K 39 -32.56 47.90 69.57
C GLU K 39 -32.82 47.82 68.08
N ALA K 40 -34.09 47.69 67.70
CA ALA K 40 -34.48 47.59 66.29
C ALA K 40 -33.80 48.67 65.46
N GLU K 41 -33.90 49.90 65.93
CA GLU K 41 -33.27 51.03 65.25
C GLU K 41 -33.58 51.01 63.75
N PRO K 42 -34.86 50.82 63.38
CA PRO K 42 -35.31 50.75 61.98
C PRO K 42 -35.01 51.97 61.12
N THR K 43 -34.80 51.70 59.83
CA THR K 43 -34.51 52.74 58.84
C THR K 43 -35.46 52.58 57.64
N LEU K 44 -35.83 53.70 57.02
CA LEU K 44 -36.76 53.68 55.90
C LEU K 44 -36.38 54.69 54.82
N GLU K 45 -36.14 54.18 53.60
CA GLU K 45 -35.77 55.03 52.48
C GLU K 45 -36.62 54.78 51.23
N SER K 46 -37.15 55.85 50.66
CA SER K 46 -38.00 55.79 49.46
C SER K 46 -37.34 55.00 48.35
N TYR K 47 -38.14 54.27 47.60
CA TYR K 47 -37.62 53.44 46.51
C TYR K 47 -38.53 53.57 45.31
N ASP K 48 -38.03 54.21 44.25
CA ASP K 48 -38.83 54.41 43.04
C ASP K 48 -39.33 53.10 42.43
N TYR K 49 -40.64 53.02 42.17
CA TYR K 49 -41.23 51.84 41.55
C TYR K 49 -42.34 52.37 40.66
N PRO K 50 -42.46 51.79 39.45
CA PRO K 50 -43.47 52.16 38.44
C PRO K 50 -44.91 51.79 38.77
N VAL K 51 -45.41 52.29 39.89
CA VAL K 51 -46.77 51.99 40.29
C VAL K 51 -47.51 53.22 40.79
N LYS K 52 -48.82 53.21 40.65
CA LYS K 52 -49.65 54.31 41.12
C LYS K 52 -50.55 53.81 42.23
N GLY K 53 -50.65 54.57 43.31
CA GLY K 53 -51.49 54.18 44.42
C GLY K 53 -50.77 53.38 45.49
N VAL K 54 -49.44 53.36 45.44
CA VAL K 54 -48.65 52.62 46.42
C VAL K 54 -47.25 53.22 46.59
N LYS K 55 -46.85 53.38 47.84
CA LYS K 55 -45.53 53.92 48.17
C LYS K 55 -44.58 52.80 48.64
N VAL K 56 -43.40 52.73 48.03
CA VAL K 56 -42.42 51.70 48.39
C VAL K 56 -41.20 52.29 49.04
N TYR K 57 -40.64 51.55 50.00
CA TYR K 57 -39.43 51.97 50.69
C TYR K 57 -38.56 50.75 50.99
N ARG K 58 -37.28 51.02 51.22
CA ARG K 58 -36.34 49.96 51.55
C ARG K 58 -36.25 50.03 53.07
N LEU K 59 -36.66 48.94 53.72
CA LEU K 59 -36.64 48.88 55.18
C LEU K 59 -35.50 48.03 55.72
N THR K 60 -34.87 48.51 56.80
CA THR K 60 -33.79 47.77 57.45
C THR K 60 -34.02 47.90 58.94
N TYR K 61 -33.41 47.01 59.71
CA TYR K 61 -33.52 47.05 61.16
C TYR K 61 -32.50 46.09 61.74
N GLN K 62 -32.11 46.32 62.99
CA GLN K 62 -31.13 45.49 63.67
C GLN K 62 -31.85 44.36 64.38
N SER K 63 -31.23 43.18 64.40
CA SER K 63 -31.87 42.03 65.00
C SER K 63 -30.85 41.18 65.70
N PHE K 64 -31.26 39.99 66.12
CA PHE K 64 -30.39 39.06 66.82
C PHE K 64 -28.96 39.07 66.29
N GLY K 65 -28.01 39.12 67.22
CA GLY K 65 -26.60 39.14 66.83
C GLY K 65 -26.19 40.43 66.15
N HIS K 66 -26.99 41.47 66.36
CA HIS K 66 -26.75 42.78 65.76
C HIS K 66 -26.60 42.62 64.24
N SER K 67 -27.51 41.85 63.65
CA SER K 67 -27.51 41.62 62.19
C SER K 67 -28.50 42.57 61.53
N LYS K 68 -28.04 43.23 60.48
CA LYS K 68 -28.90 44.19 59.78
C LYS K 68 -29.82 43.47 58.80
N ILE K 69 -31.10 43.40 59.16
CA ILE K 69 -32.09 42.73 58.33
C ILE K 69 -32.75 43.75 57.39
N GLU K 70 -33.05 43.33 56.17
CA GLU K 70 -33.65 44.21 55.18
C GLU K 70 -34.77 43.61 54.34
N GLY K 71 -35.38 44.47 53.54
CA GLY K 71 -36.46 44.08 52.65
C GLY K 71 -37.30 45.27 52.17
N PHE K 72 -38.17 45.03 51.19
CA PHE K 72 -39.05 46.08 50.66
C PHE K 72 -40.34 46.19 51.45
N TYR K 73 -40.77 47.43 51.65
CA TYR K 73 -42.00 47.75 52.36
C TYR K 73 -42.82 48.62 51.42
N ALA K 74 -44.01 48.18 51.05
CA ALA K 74 -44.85 48.98 50.17
C ALA K 74 -46.13 49.30 50.93
N VAL K 75 -46.56 50.55 50.85
CA VAL K 75 -47.75 51.01 51.57
C VAL K 75 -48.78 51.68 50.69
N PRO K 76 -50.07 51.32 50.84
CA PRO K 76 -51.16 51.91 50.05
C PRO K 76 -51.05 53.44 50.12
N ASP K 77 -51.24 54.11 48.98
CA ASP K 77 -51.14 55.57 48.90
C ASP K 77 -52.46 56.23 49.31
N GLN K 78 -52.88 56.00 50.55
CA GLN K 78 -54.10 56.55 51.12
C GLN K 78 -53.96 56.58 52.64
N THR K 79 -54.96 57.13 53.33
CA THR K 79 -54.94 57.21 54.78
C THR K 79 -55.43 55.93 55.42
N GLY K 80 -54.76 55.50 56.48
CA GLY K 80 -55.16 54.28 57.16
C GLY K 80 -55.91 54.57 58.45
N PRO K 81 -55.53 53.93 59.57
CA PRO K 81 -54.41 52.96 59.66
C PRO K 81 -54.61 51.80 58.71
N HIS K 82 -53.52 51.19 58.27
CA HIS K 82 -53.60 50.09 57.32
C HIS K 82 -53.37 48.72 57.94
N PRO K 83 -54.10 47.70 57.49
CA PRO K 83 -53.86 46.37 58.06
C PRO K 83 -52.52 46.03 57.43
N ALA K 84 -51.70 45.22 58.09
CA ALA K 84 -50.40 44.90 57.51
C ALA K 84 -50.16 43.42 57.29
N LEU K 85 -49.13 43.15 56.48
CA LEU K 85 -48.69 41.79 56.13
C LEU K 85 -47.16 41.68 56.11
N VAL K 86 -46.64 40.64 56.76
CA VAL K 86 -45.21 40.40 56.70
C VAL K 86 -45.15 39.13 55.85
N ARG K 87 -44.54 39.24 54.67
CA ARG K 87 -44.41 38.11 53.73
C ARG K 87 -43.02 37.48 53.80
N PHE K 88 -42.97 36.16 53.97
CA PHE K 88 -41.68 35.47 54.06
C PHE K 88 -41.45 34.64 52.79
N HIS K 89 -40.26 34.77 52.19
CA HIS K 89 -39.95 34.08 50.94
C HIS K 89 -39.41 32.66 51.06
N GLY K 90 -39.42 31.95 49.94
CA GLY K 90 -38.94 30.57 49.89
C GLY K 90 -37.44 30.37 49.96
N TYR K 91 -37.05 29.16 50.35
CA TYR K 91 -35.65 28.80 50.47
C TYR K 91 -34.93 29.05 49.15
N ASN K 92 -34.01 30.01 49.15
CA ASN K 92 -33.21 30.37 47.98
C ASN K 92 -34.07 30.74 46.76
N ALA K 93 -35.26 31.25 47.01
CA ALA K 93 -36.19 31.58 45.92
C ALA K 93 -36.56 33.07 45.81
N SER K 94 -35.68 33.92 46.31
CA SER K 94 -35.93 35.35 46.26
C SER K 94 -35.19 36.06 45.14
N TYR K 95 -35.95 36.63 44.22
CA TYR K 95 -35.39 37.36 43.08
C TYR K 95 -35.68 38.84 43.17
N ASP K 96 -34.63 39.62 43.40
CA ASP K 96 -34.77 41.07 43.50
C ASP K 96 -35.75 41.47 44.63
N GLY K 97 -35.64 40.77 45.76
CA GLY K 97 -36.49 41.03 46.92
C GLY K 97 -37.98 40.78 46.78
N GLY K 98 -38.41 40.13 45.70
CA GLY K 98 -39.83 39.85 45.51
C GLY K 98 -40.65 41.12 45.48
N ILE K 99 -40.02 42.22 45.09
CA ILE K 99 -40.69 43.52 45.05
C ILE K 99 -42.04 43.56 44.31
N HIS K 100 -42.15 42.87 43.18
CA HIS K 100 -43.39 42.91 42.39
C HIS K 100 -44.59 42.32 43.13
N ASP K 101 -44.36 41.30 43.94
CA ASP K 101 -45.45 40.68 44.73
C ASP K 101 -45.74 41.54 45.97
N ILE K 102 -44.70 42.13 46.55
CA ILE K 102 -44.86 43.00 47.72
C ILE K 102 -45.76 44.19 47.33
N VAL K 103 -45.45 44.84 46.21
CA VAL K 103 -46.24 45.96 45.72
C VAL K 103 -47.67 45.50 45.44
N ASN K 104 -47.81 44.34 44.80
CA ASN K 104 -49.15 43.82 44.52
C ASN K 104 -49.94 43.63 45.82
N TRP K 105 -49.28 43.18 46.87
CA TRP K 105 -50.00 43.02 48.11
C TRP K 105 -50.44 44.42 48.55
N ALA K 106 -49.58 45.41 48.34
CA ALA K 106 -49.92 46.80 48.72
C ALA K 106 -51.18 47.24 48.00
N LEU K 107 -51.27 46.91 46.71
CA LEU K 107 -52.44 47.26 45.92
C LEU K 107 -53.70 46.60 46.44
N HIS K 108 -53.55 45.45 47.09
CA HIS K 108 -54.70 44.75 47.65
C HIS K 108 -55.15 45.44 48.93
N GLY K 109 -54.41 46.49 49.31
CA GLY K 109 -54.74 47.27 50.50
C GLY K 109 -54.02 46.92 51.78
N TYR K 110 -52.89 46.23 51.69
CA TYR K 110 -52.14 45.81 52.88
C TYR K 110 -50.74 46.42 52.95
N ALA K 111 -50.40 47.13 54.04
CA ALA K 111 -49.04 47.67 54.15
C ALA K 111 -48.25 46.36 54.27
N THR K 112 -47.40 46.09 53.27
CA THR K 112 -46.66 44.83 53.16
C THR K 112 -45.13 44.87 53.25
N PHE K 113 -44.57 44.07 54.14
CA PHE K 113 -43.11 43.99 54.30
C PHE K 113 -42.54 42.59 53.98
N GLY K 114 -41.77 42.49 52.91
CA GLY K 114 -41.19 41.20 52.55
C GLY K 114 -39.81 41.06 53.17
N MET K 115 -39.76 40.46 54.35
CA MET K 115 -38.47 40.28 55.03
C MET K 115 -37.52 39.38 54.24
N LEU K 116 -36.31 39.86 53.99
CA LEU K 116 -35.35 39.04 53.27
C LEU K 116 -34.61 38.16 54.28
N VAL K 117 -34.61 36.86 54.02
CA VAL K 117 -33.98 35.88 54.92
C VAL K 117 -32.45 35.88 54.86
N ARG K 118 -31.83 36.03 56.02
CA ARG K 118 -30.37 36.05 56.18
C ARG K 118 -29.54 35.34 55.13
N GLY K 119 -28.74 36.08 54.39
CA GLY K 119 -27.87 35.49 53.39
C GLY K 119 -28.49 34.91 52.13
N GLN K 120 -29.81 34.88 52.05
CA GLN K 120 -30.48 34.35 50.86
C GLN K 120 -30.91 35.46 49.92
N GLY K 121 -32.15 35.93 50.10
CA GLY K 121 -32.66 36.99 49.25
C GLY K 121 -32.01 38.31 49.61
N GLY K 122 -31.28 38.32 50.72
CA GLY K 122 -30.63 39.53 51.16
C GLY K 122 -30.54 39.50 52.67
N SER K 123 -30.15 40.63 53.26
CA SER K 123 -29.98 40.75 54.72
C SER K 123 -28.61 40.22 55.09
N GLU K 124 -28.05 40.78 56.18
CA GLU K 124 -26.76 40.39 56.70
C GLU K 124 -26.89 39.23 57.68
N ASP K 125 -25.85 38.39 57.78
CA ASP K 125 -25.86 37.29 58.73
C ASP K 125 -24.55 37.32 59.50
N THR K 126 -24.60 37.87 60.71
CA THR K 126 -23.42 37.97 61.55
C THR K 126 -23.06 36.64 62.22
N SER K 127 -23.97 35.68 62.21
CA SER K 127 -23.68 34.41 62.86
C SER K 127 -22.56 33.67 62.11
N VAL K 128 -21.51 33.33 62.85
CA VAL K 128 -20.36 32.65 62.29
C VAL K 128 -20.70 31.21 61.94
N THR K 129 -19.82 30.58 61.17
CA THR K 129 -19.98 29.18 60.76
C THR K 129 -19.11 28.41 61.73
N PRO K 130 -19.73 27.69 62.68
CA PRO K 130 -18.99 26.91 63.66
C PRO K 130 -18.05 25.86 63.08
N GLY K 131 -18.49 25.19 62.01
CA GLY K 131 -17.64 24.16 61.43
C GLY K 131 -18.18 23.65 60.11
N GLY K 132 -17.62 22.53 59.63
CA GLY K 132 -18.06 21.98 58.36
C GLY K 132 -19.52 21.63 58.22
N HIS K 133 -20.07 21.83 57.04
CA HIS K 133 -21.46 21.49 56.81
C HIS K 133 -21.74 21.28 55.32
N ALA K 134 -22.89 20.69 55.05
CA ALA K 134 -23.30 20.43 53.67
C ALA K 134 -23.65 21.73 52.95
N LEU K 135 -23.45 21.71 51.64
CA LEU K 135 -23.75 22.84 50.77
C LEU K 135 -25.17 23.32 51.08
N GLY K 136 -25.30 24.60 51.40
CA GLY K 136 -26.60 25.13 51.74
C GLY K 136 -26.64 25.72 53.14
N TRP K 137 -27.84 26.10 53.57
CA TRP K 137 -28.10 26.72 54.88
C TRP K 137 -28.71 25.77 55.92
N MET K 138 -29.33 24.68 55.46
CA MET K 138 -29.98 23.73 56.36
C MET K 138 -29.10 23.17 57.47
N THR K 139 -27.82 22.99 57.22
CA THR K 139 -26.99 22.44 58.27
C THR K 139 -25.94 23.39 58.83
N LYS K 140 -26.06 24.67 58.51
CA LYS K 140 -25.11 25.64 59.04
C LYS K 140 -25.29 25.71 60.55
N GLY K 141 -24.21 25.39 61.28
CA GLY K 141 -24.23 25.42 62.73
C GLY K 141 -25.27 24.51 63.38
N ILE K 142 -25.51 23.36 62.76
CA ILE K 142 -26.50 22.40 63.26
C ILE K 142 -26.10 21.63 64.52
N LEU K 143 -24.83 21.74 64.93
CA LEU K 143 -24.38 21.02 66.12
C LEU K 143 -24.77 21.66 67.46
N SER K 144 -25.48 22.80 67.39
CA SER K 144 -25.98 23.49 68.57
C SER K 144 -27.16 24.40 68.30
N LYS K 145 -28.20 24.29 69.12
CA LYS K 145 -29.37 25.12 68.98
C LYS K 145 -28.99 26.61 69.01
N ASP K 146 -27.99 26.95 69.81
CA ASP K 146 -27.59 28.35 69.90
C ASP K 146 -26.94 28.86 68.62
N THR K 147 -26.27 27.97 67.87
CA THR K 147 -25.59 28.38 66.63
C THR K 147 -26.30 28.11 65.31
N TYR K 148 -27.35 27.31 65.34
CA TYR K 148 -28.10 26.92 64.14
C TYR K 148 -28.63 28.10 63.35
N TYR K 149 -28.63 27.95 62.03
CA TYR K 149 -29.07 28.97 61.09
C TYR K 149 -30.44 29.58 61.35
N TYR K 150 -31.43 28.73 61.62
CA TYR K 150 -32.77 29.23 61.84
C TYR K 150 -33.02 29.93 63.18
N ARG K 151 -32.03 29.92 64.08
CA ARG K 151 -32.19 30.61 65.35
C ARG K 151 -32.32 32.07 64.98
N GLY K 152 -31.30 32.60 64.31
CA GLY K 152 -31.31 33.98 63.87
C GLY K 152 -32.49 34.36 62.98
N VAL K 153 -32.84 33.50 62.01
CA VAL K 153 -33.95 33.81 61.11
C VAL K 153 -35.30 33.92 61.82
N TYR K 154 -35.56 32.99 62.74
CA TYR K 154 -36.81 32.97 63.50
C TYR K 154 -36.96 34.24 64.35
N LEU K 155 -35.85 34.70 64.92
CA LEU K 155 -35.91 35.90 65.72
C LEU K 155 -36.09 37.12 64.81
N ASP K 156 -35.53 37.04 63.59
CA ASP K 156 -35.63 38.12 62.62
C ASP K 156 -37.09 38.29 62.22
N ALA K 157 -37.83 37.19 62.21
CA ALA K 157 -39.24 37.22 61.84
C ALA K 157 -40.07 37.90 62.94
N VAL K 158 -39.69 37.63 64.19
CA VAL K 158 -40.35 38.20 65.35
C VAL K 158 -40.12 39.71 65.34
N ARG K 159 -38.86 40.12 65.26
CA ARG K 159 -38.50 41.54 65.24
C ARG K 159 -39.22 42.27 64.10
N ALA K 160 -39.38 41.60 62.96
CA ALA K 160 -40.06 42.20 61.84
C ALA K 160 -41.44 42.67 62.28
N LEU K 161 -42.16 41.81 62.99
CA LEU K 161 -43.50 42.15 63.48
C LEU K 161 -43.47 43.31 64.49
N GLU K 162 -42.50 43.30 65.41
CA GLU K 162 -42.36 44.33 66.44
C GLU K 162 -42.00 45.67 65.83
N VAL K 163 -41.32 45.65 64.69
CA VAL K 163 -40.92 46.87 63.98
C VAL K 163 -42.09 47.43 63.19
N ILE K 164 -42.79 46.56 62.48
CA ILE K 164 -43.93 46.98 61.67
C ILE K 164 -45.13 47.39 62.53
N GLN K 165 -45.29 46.75 63.69
CA GLN K 165 -46.40 47.06 64.60
C GLN K 165 -46.24 48.48 65.18
N SER K 166 -45.06 49.05 65.02
CA SER K 166 -44.78 50.36 65.56
C SER K 166 -45.00 51.51 64.57
N PHE K 167 -45.11 51.20 63.29
CA PHE K 167 -45.32 52.28 62.31
C PHE K 167 -46.71 52.90 62.50
N PRO K 168 -46.77 54.25 62.43
CA PRO K 168 -47.99 55.03 62.59
C PRO K 168 -49.17 54.63 61.69
N GLU K 169 -48.88 54.42 60.41
CA GLU K 169 -49.91 54.06 59.44
C GLU K 169 -50.40 52.60 59.51
N VAL K 170 -49.92 51.84 60.49
CA VAL K 170 -50.33 50.43 60.61
C VAL K 170 -51.21 50.11 61.82
N ASP K 171 -52.32 49.41 61.58
CA ASP K 171 -53.20 49.02 62.67
C ASP K 171 -52.66 47.72 63.27
N GLU K 172 -52.05 47.83 64.45
CA GLU K 172 -51.46 46.67 65.11
C GLU K 172 -52.38 45.50 65.36
N HIS K 173 -53.69 45.69 65.21
CA HIS K 173 -54.65 44.60 65.44
C HIS K 173 -55.03 43.90 64.15
N ARG K 174 -54.45 44.33 63.05
CA ARG K 174 -54.78 43.72 61.76
C ARG K 174 -53.51 43.44 60.96
N ILE K 175 -52.65 42.65 61.58
CA ILE K 175 -51.37 42.26 61.00
C ILE K 175 -51.44 40.79 60.65
N GLY K 176 -50.91 40.45 59.49
CA GLY K 176 -50.92 39.07 59.07
C GLY K 176 -49.52 38.63 58.69
N VAL K 177 -49.27 37.33 58.84
CA VAL K 177 -47.98 36.74 58.48
C VAL K 177 -48.27 35.68 57.42
N ILE K 178 -47.61 35.81 56.26
CA ILE K 178 -47.83 34.87 55.19
C ILE K 178 -46.52 34.39 54.55
N GLY K 179 -46.60 33.27 53.85
CA GLY K 179 -45.42 32.75 53.19
C GLY K 179 -45.66 31.33 52.76
N GLY K 180 -44.79 30.83 51.90
CA GLY K 180 -44.92 29.46 51.44
C GLY K 180 -43.63 28.70 51.69
N SER K 181 -43.77 27.42 52.05
CA SER K 181 -42.62 26.56 52.32
C SER K 181 -41.72 27.12 53.42
N GLN K 182 -40.54 27.64 53.06
CA GLN K 182 -39.68 28.22 54.10
C GLN K 182 -40.42 29.41 54.70
N GLY K 183 -41.09 30.14 53.82
CA GLY K 183 -41.86 31.30 54.22
C GLY K 183 -43.04 30.93 55.08
N GLY K 184 -43.54 29.70 54.87
CA GLY K 184 -44.67 29.22 55.64
C GLY K 184 -44.26 28.85 57.05
N ALA K 185 -43.06 28.29 57.19
CA ALA K 185 -42.60 27.92 58.51
C ALA K 185 -42.25 29.19 59.29
N LEU K 186 -41.70 30.19 58.58
CA LEU K 186 -41.35 31.44 59.27
C LEU K 186 -42.62 32.15 59.75
N ALA K 187 -43.72 32.05 58.99
CA ALA K 187 -44.97 32.68 59.43
C ALA K 187 -45.51 31.94 60.66
N ILE K 188 -45.63 30.62 60.58
CA ILE K 188 -46.11 29.82 61.70
C ILE K 188 -45.23 30.05 62.94
N ALA K 189 -43.92 29.89 62.76
CA ALA K 189 -42.96 30.06 63.83
C ALA K 189 -43.15 31.41 64.54
N ALA K 190 -43.29 32.48 63.75
CA ALA K 190 -43.45 33.82 64.32
C ALA K 190 -44.77 33.96 65.08
N ALA K 191 -45.82 33.35 64.56
CA ALA K 191 -47.12 33.40 65.23
C ALA K 191 -47.01 32.65 66.56
N ALA K 192 -46.15 31.63 66.58
CA ALA K 192 -45.93 30.82 67.75
C ALA K 192 -45.11 31.54 68.81
N LEU K 193 -44.22 32.40 68.35
CA LEU K 193 -43.32 33.13 69.25
C LEU K 193 -43.74 34.55 69.58
N SER K 194 -44.60 35.12 68.75
CA SER K 194 -45.07 36.48 68.97
C SER K 194 -46.59 36.52 68.93
N ASP K 195 -47.16 37.49 69.64
CA ASP K 195 -48.59 37.63 69.67
C ASP K 195 -49.05 38.76 68.74
N ILE K 196 -48.10 39.47 68.14
CA ILE K 196 -48.46 40.57 67.22
C ILE K 196 -49.35 40.15 66.05
N PRO K 197 -49.12 38.96 65.47
CA PRO K 197 -49.94 38.49 64.34
C PRO K 197 -51.36 38.15 64.74
N LYS K 198 -52.31 38.52 63.88
CA LYS K 198 -53.72 38.22 64.13
C LYS K 198 -54.09 36.91 63.44
N VAL K 199 -53.56 36.69 62.23
CA VAL K 199 -53.85 35.47 61.47
C VAL K 199 -52.58 34.96 60.79
N VAL K 200 -52.59 33.70 60.36
CA VAL K 200 -51.45 33.08 59.69
C VAL K 200 -51.84 32.33 58.41
N VAL K 201 -51.11 32.55 57.32
CA VAL K 201 -51.36 31.84 56.07
C VAL K 201 -50.05 31.23 55.61
N ALA K 202 -50.03 29.90 55.49
CA ALA K 202 -48.83 29.21 55.08
C ALA K 202 -49.10 28.10 54.08
N ASP K 203 -48.47 28.20 52.91
CA ASP K 203 -48.61 27.19 51.87
C ASP K 203 -47.56 26.12 52.21
N TYR K 204 -47.93 24.85 52.07
CA TYR K 204 -47.02 23.73 52.30
C TYR K 204 -45.79 24.11 53.11
N PRO K 205 -45.95 24.31 54.44
CA PRO K 205 -44.81 24.69 55.26
C PRO K 205 -43.65 23.71 55.38
N TYR K 206 -42.45 24.28 55.38
CA TYR K 206 -41.17 23.60 55.49
C TYR K 206 -40.81 23.51 56.97
N LEU K 207 -39.64 22.95 57.26
CA LEU K 207 -39.12 22.82 58.62
C LEU K 207 -40.03 22.11 59.60
N SER K 208 -40.70 21.05 59.14
CA SER K 208 -41.64 20.27 59.93
C SER K 208 -41.35 18.75 59.91
N ASN K 209 -41.29 18.15 61.10
CA ASN K 209 -41.08 16.71 61.29
C ASN K 209 -39.85 16.23 60.54
N PHE K 210 -38.72 16.87 60.87
CA PHE K 210 -37.42 16.60 60.26
C PHE K 210 -37.05 15.13 60.20
N GLU K 211 -37.37 14.38 61.26
CA GLU K 211 -37.05 12.95 61.31
C GLU K 211 -37.76 12.13 60.23
N ARG K 212 -38.98 12.53 59.87
CA ARG K 212 -39.69 11.80 58.81
C ARG K 212 -39.25 12.34 57.46
N ALA K 213 -39.06 13.66 57.40
CA ALA K 213 -38.67 14.36 56.19
C ALA K 213 -37.43 13.85 55.48
N VAL K 214 -36.42 13.44 56.25
CA VAL K 214 -35.17 12.94 55.66
C VAL K 214 -35.32 11.55 55.06
N ASP K 215 -36.43 10.87 55.35
CA ASP K 215 -36.65 9.53 54.80
C ASP K 215 -37.75 9.50 53.75
N VAL K 216 -38.40 10.63 53.51
CA VAL K 216 -39.49 10.69 52.56
C VAL K 216 -39.36 11.71 51.43
N ALA K 217 -38.65 12.80 51.69
CA ALA K 217 -38.48 13.84 50.66
C ALA K 217 -37.64 13.28 49.53
N LEU K 218 -38.02 13.63 48.30
CA LEU K 218 -37.30 13.13 47.13
C LEU K 218 -36.60 14.26 46.37
N GLU K 219 -36.68 15.48 46.89
CA GLU K 219 -36.05 16.67 46.29
C GLU K 219 -35.50 17.58 47.40
N GLN K 220 -34.51 18.40 47.06
CA GLN K 220 -33.92 19.34 48.01
C GLN K 220 -35.00 20.21 48.67
N PRO K 221 -34.68 20.87 49.79
CA PRO K 221 -33.42 20.93 50.53
C PRO K 221 -33.40 20.15 51.86
N TYR K 222 -34.44 19.36 52.14
CA TYR K 222 -34.45 18.57 53.37
C TYR K 222 -33.26 17.62 53.28
N LEU K 223 -32.98 17.19 52.05
CA LEU K 223 -31.92 16.24 51.78
C LEU K 223 -30.52 16.81 52.03
N GLU K 224 -30.45 18.09 52.36
CA GLU K 224 -29.17 18.71 52.70
C GLU K 224 -28.73 18.08 54.02
N ILE K 225 -29.71 17.65 54.82
CA ILE K 225 -29.42 17.03 56.10
C ILE K 225 -28.82 15.67 55.84
N ASN K 226 -29.39 14.94 54.87
CA ASN K 226 -28.86 13.64 54.50
C ASN K 226 -27.42 13.79 54.02
N SER K 227 -27.16 14.86 53.28
CA SER K 227 -25.84 15.11 52.74
C SER K 227 -24.87 15.37 53.87
N TYR K 228 -25.36 16.08 54.88
CA TYR K 228 -24.54 16.41 56.05
C TYR K 228 -24.10 15.12 56.79
N PHE K 229 -25.01 14.15 56.93
CA PHE K 229 -24.65 12.91 57.62
C PHE K 229 -23.69 12.05 56.81
N ARG K 230 -23.79 12.12 55.48
CA ARG K 230 -22.88 11.36 54.62
C ARG K 230 -21.46 11.90 54.82
N ARG K 231 -21.36 13.21 54.99
CA ARG K 231 -20.07 13.86 55.15
C ARG K 231 -19.46 13.84 56.55
N ASN K 232 -20.31 13.67 57.57
CA ASN K 232 -19.88 13.60 58.96
C ASN K 232 -20.59 12.37 59.53
N SER K 233 -19.95 11.20 59.40
CA SER K 233 -20.55 9.92 59.79
C SER K 233 -20.63 9.51 61.25
N ASP K 234 -20.07 10.30 62.16
CA ASP K 234 -20.13 9.93 63.57
C ASP K 234 -21.58 9.85 64.00
N PRO K 235 -22.00 8.73 64.58
CA PRO K 235 -23.38 8.57 65.04
C PRO K 235 -23.79 9.67 66.01
N LYS K 236 -22.86 10.14 66.83
CA LYS K 236 -23.17 11.16 67.81
C LYS K 236 -23.56 12.47 67.11
N VAL K 237 -23.02 12.69 65.92
CA VAL K 237 -23.33 13.90 65.15
C VAL K 237 -24.78 13.82 64.67
N GLU K 238 -25.22 12.63 64.32
CA GLU K 238 -26.61 12.48 63.88
C GLU K 238 -27.57 12.78 65.03
N GLU K 239 -27.36 12.13 66.16
CA GLU K 239 -28.19 12.36 67.34
C GLU K 239 -28.17 13.87 67.68
N LYS K 240 -26.97 14.43 67.75
CA LYS K 240 -26.82 15.84 68.09
C LYS K 240 -27.52 16.73 67.05
N ALA K 241 -27.43 16.35 65.77
CA ALA K 241 -28.08 17.10 64.71
C ALA K 241 -29.59 17.14 64.92
N PHE K 242 -30.19 15.98 65.20
CA PHE K 242 -31.64 15.94 65.40
C PHE K 242 -32.12 16.64 66.69
N GLU K 243 -31.31 16.61 67.74
CA GLU K 243 -31.67 17.31 68.97
C GLU K 243 -31.75 18.81 68.66
N THR K 244 -30.77 19.31 67.90
CA THR K 244 -30.76 20.73 67.52
C THR K 244 -32.01 21.11 66.76
N LEU K 245 -32.28 20.34 65.71
CA LEU K 245 -33.42 20.56 64.84
C LEU K 245 -34.74 20.57 65.60
N SER K 246 -34.84 19.77 66.66
CA SER K 246 -36.10 19.69 67.42
C SER K 246 -36.56 21.06 67.93
N TYR K 247 -35.61 21.92 68.26
CA TYR K 247 -35.96 23.25 68.75
C TYR K 247 -36.62 24.14 67.69
N PHE K 248 -36.44 23.81 66.41
CA PHE K 248 -36.99 24.64 65.34
C PHE K 248 -38.15 23.97 64.59
N ASP K 249 -38.41 22.70 64.91
CA ASP K 249 -39.45 21.93 64.26
C ASP K 249 -40.88 22.43 64.48
N LEU K 250 -41.61 22.66 63.39
CA LEU K 250 -42.98 23.16 63.52
C LEU K 250 -43.89 22.25 64.34
N ILE K 251 -43.60 20.94 64.37
CA ILE K 251 -44.45 20.06 65.16
C ILE K 251 -44.34 20.42 66.64
N ASN K 252 -43.26 21.12 66.99
CA ASN K 252 -43.03 21.54 68.38
C ASN K 252 -43.50 22.97 68.65
N LEU K 253 -43.45 23.82 67.63
CA LEU K 253 -43.87 25.22 67.77
C LEU K 253 -45.35 25.40 67.47
N ALA K 254 -45.90 24.49 66.67
CA ALA K 254 -47.30 24.54 66.28
C ALA K 254 -48.18 24.77 67.50
N GLY K 255 -47.95 23.99 68.55
CA GLY K 255 -48.74 24.09 69.76
C GLY K 255 -48.89 25.49 70.33
N TRP K 256 -47.91 26.35 70.06
CA TRP K 256 -47.93 27.73 70.56
C TRP K 256 -48.80 28.74 69.80
N VAL K 257 -49.31 28.35 68.63
CA VAL K 257 -50.14 29.24 67.81
C VAL K 257 -51.60 29.35 68.24
N LYS K 258 -52.05 30.58 68.48
CA LYS K 258 -53.41 30.83 68.94
C LYS K 258 -54.21 31.66 67.94
N GLN K 259 -53.58 32.04 66.83
CA GLN K 259 -54.24 32.83 65.79
C GLN K 259 -54.90 31.95 64.72
N PRO K 260 -56.05 32.36 64.16
CA PRO K 260 -56.66 31.53 63.12
C PRO K 260 -55.60 31.29 62.02
N THR K 261 -55.49 30.04 61.58
CA THR K 261 -54.46 29.67 60.61
C THR K 261 -54.99 28.97 59.36
N LEU K 262 -54.52 29.40 58.20
CA LEU K 262 -54.92 28.81 56.91
C LEU K 262 -53.70 28.16 56.26
N MET K 263 -53.80 26.87 55.95
CA MET K 263 -52.69 26.15 55.32
C MET K 263 -53.13 25.47 54.02
N ALA K 264 -52.14 25.07 53.23
CA ALA K 264 -52.41 24.36 51.97
C ALA K 264 -51.35 23.26 51.75
N ILE K 265 -51.72 22.20 51.02
CA ILE K 265 -50.78 21.11 50.71
C ILE K 265 -51.13 20.42 49.39
N GLY K 266 -50.12 20.25 48.53
CA GLY K 266 -50.32 19.57 47.25
C GLY K 266 -50.04 18.11 47.53
N LEU K 267 -50.90 17.20 47.07
CA LEU K 267 -50.64 15.79 47.38
C LEU K 267 -49.46 15.17 46.65
N ILE K 268 -49.00 15.77 45.55
CA ILE K 268 -47.85 15.22 44.84
C ILE K 268 -46.54 16.00 45.12
N ASP K 269 -46.53 16.75 46.23
CA ASP K 269 -45.39 17.57 46.62
C ASP K 269 -44.22 16.70 47.08
N LYS K 270 -43.09 16.77 46.37
CA LYS K 270 -41.89 15.99 46.70
C LYS K 270 -40.92 16.80 47.56
N ILE K 271 -41.13 18.11 47.66
CA ILE K 271 -40.22 18.94 48.45
C ILE K 271 -40.66 19.07 49.90
N THR K 272 -41.93 19.38 50.10
CA THR K 272 -42.50 19.43 51.43
C THR K 272 -43.57 18.35 51.36
N PRO K 273 -43.18 17.09 51.63
CA PRO K 273 -44.10 15.93 51.59
C PRO K 273 -45.37 16.12 52.40
N PRO K 274 -46.52 15.71 51.84
CA PRO K 274 -47.80 15.83 52.52
C PRO K 274 -47.76 15.46 54.00
N SER K 275 -47.16 14.32 54.32
CA SER K 275 -47.08 13.88 55.70
C SER K 275 -46.43 14.90 56.62
N THR K 276 -45.36 15.55 56.16
CA THR K 276 -44.70 16.56 56.99
C THR K 276 -45.59 17.78 57.20
N VAL K 277 -46.34 18.18 56.19
CA VAL K 277 -47.23 19.32 56.35
C VAL K 277 -48.44 18.94 57.21
N PHE K 278 -48.97 17.73 57.03
CA PHE K 278 -50.11 17.31 57.85
C PHE K 278 -49.67 17.20 59.30
N ALA K 279 -48.41 16.85 59.51
CA ALA K 279 -47.88 16.72 60.87
C ALA K 279 -47.92 18.06 61.59
N ALA K 280 -47.63 19.15 60.88
CA ALA K 280 -47.66 20.49 61.49
C ALA K 280 -49.12 20.86 61.78
N TYR K 281 -49.99 20.59 60.80
CA TYR K 281 -51.41 20.91 60.93
C TYR K 281 -52.07 20.25 62.12
N ASN K 282 -51.85 18.94 62.27
CA ASN K 282 -52.48 18.20 63.34
C ASN K 282 -52.01 18.55 64.75
N HIS K 283 -50.89 19.26 64.85
CA HIS K 283 -50.36 19.68 66.14
C HIS K 283 -50.80 21.11 66.47
N LEU K 284 -51.59 21.72 65.59
CA LEU K 284 -52.11 23.07 65.79
C LEU K 284 -53.39 23.01 66.64
N GLU K 285 -53.49 23.85 67.65
CA GLU K 285 -54.68 23.91 68.49
C GLU K 285 -55.18 25.34 68.44
N THR K 286 -55.92 25.66 67.39
CA THR K 286 -56.46 27.00 67.17
C THR K 286 -57.50 26.88 66.06
N ASP K 287 -58.12 28.00 65.66
CA ASP K 287 -59.10 27.96 64.57
C ASP K 287 -58.29 27.78 63.29
N LYS K 288 -58.43 26.61 62.67
CA LYS K 288 -57.63 26.29 61.49
C LYS K 288 -58.35 25.60 60.33
N ASP K 289 -57.63 25.47 59.23
CA ASP K 289 -58.16 24.81 58.05
C ASP K 289 -57.03 24.47 57.13
N LEU K 290 -57.03 23.25 56.59
CA LEU K 290 -55.98 22.87 55.65
C LEU K 290 -56.66 22.52 54.34
N LYS K 291 -56.34 23.27 53.29
CA LYS K 291 -56.90 23.02 51.98
C LYS K 291 -55.97 22.02 51.28
N VAL K 292 -56.55 20.93 50.77
CA VAL K 292 -55.76 19.91 50.09
C VAL K 292 -55.99 19.91 48.59
N TYR K 293 -54.90 19.90 47.83
CA TYR K 293 -54.96 19.92 46.37
C TYR K 293 -54.30 18.66 45.77
N ARG K 294 -55.14 17.72 45.37
CA ARG K 294 -54.69 16.44 44.80
C ARG K 294 -53.70 16.53 43.66
N TYR K 295 -54.03 17.34 42.66
CA TYR K 295 -53.20 17.44 41.47
C TYR K 295 -52.06 18.45 41.44
N PHE K 296 -51.82 19.17 42.54
CA PHE K 296 -50.74 20.14 42.61
C PHE K 296 -49.60 19.71 43.52
N GLY K 297 -48.43 20.30 43.29
CA GLY K 297 -47.26 19.99 44.07
C GLY K 297 -46.76 21.22 44.82
N HIS K 298 -45.44 21.38 44.87
CA HIS K 298 -44.78 22.49 45.55
C HIS K 298 -44.73 23.60 44.49
N GLU K 299 -45.81 24.33 44.32
CA GLU K 299 -45.88 25.36 43.28
C GLU K 299 -47.02 26.30 43.60
N PHE K 300 -47.23 27.27 42.72
CA PHE K 300 -48.34 28.20 42.89
C PHE K 300 -49.62 27.41 42.68
N ILE K 301 -50.54 27.49 43.63
CA ILE K 301 -51.82 26.80 43.47
C ILE K 301 -52.91 27.87 43.34
N PRO K 302 -53.30 28.17 42.10
CA PRO K 302 -54.33 29.17 41.77
C PRO K 302 -55.53 29.19 42.72
N ALA K 303 -56.17 28.04 42.89
CA ALA K 303 -57.34 27.99 43.76
C ALA K 303 -57.03 28.46 45.19
N PHE K 304 -55.85 28.12 45.69
CA PHE K 304 -55.50 28.55 47.03
C PHE K 304 -55.23 30.05 47.13
N GLN K 305 -54.98 30.70 45.99
CA GLN K 305 -54.73 32.14 46.00
C GLN K 305 -56.04 32.83 46.36
N THR K 306 -57.14 32.24 45.89
CA THR K 306 -58.49 32.76 46.14
C THR K 306 -58.83 32.59 47.62
N GLU K 307 -58.56 31.39 48.14
CA GLU K 307 -58.83 31.08 49.55
C GLU K 307 -58.02 32.01 50.45
N LYS K 308 -56.78 32.24 50.06
CA LYS K 308 -55.86 33.10 50.79
C LYS K 308 -56.45 34.52 50.85
N LEU K 309 -56.69 35.12 49.69
CA LEU K 309 -57.25 36.48 49.63
C LEU K 309 -58.55 36.61 50.43
N SER K 310 -59.39 35.59 50.36
CA SER K 310 -60.67 35.60 51.09
C SER K 310 -60.45 35.58 52.62
N PHE K 311 -59.53 34.73 53.07
CA PHE K 311 -59.24 34.61 54.50
C PHE K 311 -58.70 35.93 55.03
N LEU K 312 -57.72 36.51 54.34
CA LEU K 312 -57.12 37.78 54.73
C LEU K 312 -58.09 38.95 54.62
N GLN K 313 -59.04 38.89 53.69
CA GLN K 313 -60.03 39.97 53.56
C GLN K 313 -60.91 39.93 54.81
N LYS K 314 -61.42 38.74 55.12
CA LYS K 314 -62.28 38.55 56.28
C LYS K 314 -61.66 39.00 57.60
N HIS K 315 -60.42 38.62 57.86
CA HIS K 315 -59.77 38.97 59.11
C HIS K 315 -58.97 40.27 59.21
N LEU K 316 -58.70 40.92 58.07
CA LEU K 316 -57.89 42.15 58.11
C LEU K 316 -58.44 43.35 57.37
N LEU K 317 -58.74 43.18 56.08
CA LEU K 317 -59.22 44.29 55.28
C LEU K 317 -60.55 44.85 55.77
N LEU K 318 -61.64 44.20 55.39
CA LEU K 318 -62.98 44.64 55.76
C LEU K 318 -63.15 44.58 57.27
N MET L 1 -37.66 0.45 33.89
CA MET L 1 -38.77 0.39 34.88
C MET L 1 -38.81 -0.99 35.55
N GLN L 2 -39.40 -1.01 36.73
CA GLN L 2 -39.50 -2.22 37.53
C GLN L 2 -40.97 -2.36 37.93
N LEU L 3 -41.34 -3.45 38.60
CA LEU L 3 -42.74 -3.64 39.03
C LEU L 3 -43.12 -2.42 39.85
N PHE L 4 -44.41 -2.04 39.81
CA PHE L 4 -44.85 -0.87 40.57
C PHE L 4 -46.33 -0.87 40.94
N ASP L 5 -47.15 -1.57 40.16
CA ASP L 5 -48.58 -1.61 40.40
C ASP L 5 -48.91 -2.73 41.40
N LEU L 6 -50.20 -3.05 41.52
CA LEU L 6 -50.66 -4.10 42.42
C LEU L 6 -49.92 -5.41 42.14
N SER L 7 -49.79 -6.24 43.16
CA SER L 7 -49.14 -7.54 43.00
C SER L 7 -50.02 -8.36 42.05
N LEU L 8 -49.42 -9.31 41.33
CA LEU L 8 -50.17 -10.14 40.39
C LEU L 8 -51.37 -10.81 41.03
N GLU L 9 -51.23 -11.21 42.28
CA GLU L 9 -52.32 -11.86 43.02
C GLU L 9 -53.51 -10.91 43.14
N GLU L 10 -53.21 -9.65 43.42
CA GLU L 10 -54.25 -8.63 43.58
C GLU L 10 -54.87 -8.22 42.25
N LEU L 11 -54.05 -8.19 41.20
CA LEU L 11 -54.51 -7.83 39.85
C LEU L 11 -55.57 -8.79 39.29
N LYS L 12 -55.31 -10.10 39.45
CA LYS L 12 -56.21 -11.15 38.99
C LYS L 12 -57.59 -10.98 39.62
N LYS L 13 -57.63 -10.41 40.81
CA LYS L 13 -58.92 -10.19 41.49
C LYS L 13 -59.51 -8.78 41.27
N TYR L 14 -58.72 -7.86 40.75
CA TYR L 14 -59.19 -6.48 40.58
C TYR L 14 -60.35 -6.26 39.60
N LYS L 15 -61.51 -5.95 40.15
CA LYS L 15 -62.72 -5.72 39.37
C LYS L 15 -63.49 -4.58 40.02
N PRO L 16 -63.04 -3.35 39.78
CA PRO L 16 -63.69 -2.18 40.36
C PRO L 16 -65.16 -2.02 39.94
N LYS L 17 -66.00 -1.64 40.90
CA LYS L 17 -67.41 -1.43 40.60
C LYS L 17 -67.56 -0.52 39.38
N LYS L 18 -68.58 -0.83 38.56
CA LYS L 18 -68.86 -0.08 37.35
C LYS L 18 -69.24 1.34 37.69
N THR L 19 -68.88 2.29 36.83
CA THR L 19 -69.19 3.71 37.04
C THR L 19 -70.27 4.18 36.06
N ALA L 20 -70.89 3.24 35.36
CA ALA L 20 -71.94 3.59 34.40
C ALA L 20 -73.15 4.25 35.06
N ARG L 21 -73.58 5.38 34.49
CA ARG L 21 -74.75 6.12 34.99
C ARG L 21 -76.03 5.40 34.53
N PRO L 22 -77.18 5.75 35.12
CA PRO L 22 -78.44 5.10 34.73
C PRO L 22 -78.74 5.10 33.23
N ASP L 23 -78.40 6.19 32.54
CA ASP L 23 -78.67 6.33 31.10
C ASP L 23 -77.55 5.82 30.17
N PHE L 24 -76.66 5.01 30.69
CA PHE L 24 -75.55 4.47 29.89
C PHE L 24 -76.05 3.78 28.63
N SER L 25 -76.95 2.81 28.79
CA SER L 25 -77.50 2.08 27.66
C SER L 25 -78.18 3.02 26.67
N ASP L 26 -78.99 3.94 27.20
CA ASP L 26 -79.72 4.88 26.39
C ASP L 26 -78.81 5.81 25.59
N PHE L 27 -77.72 6.27 26.21
CA PHE L 27 -76.77 7.17 25.56
C PHE L 27 -76.20 6.54 24.29
N TRP L 28 -75.79 5.28 24.41
CA TRP L 28 -75.25 4.58 23.27
C TRP L 28 -76.30 4.25 22.22
N LYS L 29 -77.51 3.91 22.67
CA LYS L 29 -78.59 3.61 21.73
C LYS L 29 -78.85 4.85 20.88
N LYS L 30 -78.97 5.99 21.55
CA LYS L 30 -79.22 7.24 20.85
C LYS L 30 -78.04 7.60 19.93
N SER L 31 -76.82 7.45 20.44
CA SER L 31 -75.63 7.77 19.65
C SER L 31 -75.56 6.93 18.38
N LEU L 32 -75.89 5.64 18.50
CA LEU L 32 -75.87 4.79 17.32
C LEU L 32 -76.96 5.20 16.34
N GLU L 33 -78.01 5.83 16.86
CA GLU L 33 -79.09 6.29 15.98
C GLU L 33 -78.58 7.48 15.17
N GLU L 34 -77.87 8.39 15.82
CA GLU L 34 -77.33 9.54 15.10
C GLU L 34 -76.34 9.09 14.03
N LEU L 35 -75.62 8.01 14.28
CA LEU L 35 -74.69 7.53 13.26
C LEU L 35 -75.52 7.04 12.06
N ARG L 36 -76.47 6.16 12.33
CA ARG L 36 -77.33 5.60 11.28
C ARG L 36 -77.97 6.70 10.43
N GLN L 37 -78.02 7.91 10.97
CA GLN L 37 -78.61 9.03 10.24
C GLN L 37 -77.69 9.52 9.12
N VAL L 38 -76.45 9.05 9.12
CA VAL L 38 -75.49 9.46 8.09
C VAL L 38 -75.20 8.33 7.13
N GLU L 39 -75.38 8.60 5.84
CA GLU L 39 -75.12 7.63 4.78
C GLU L 39 -73.60 7.44 4.63
N ALA L 40 -73.14 6.22 4.79
CA ALA L 40 -71.71 5.94 4.66
C ALA L 40 -71.08 6.51 3.39
N GLU L 41 -71.73 6.32 2.24
CA GLU L 41 -71.21 6.80 0.95
C GLU L 41 -69.72 6.52 0.82
N PRO L 42 -69.30 5.26 1.01
CA PRO L 42 -67.89 4.86 0.92
C PRO L 42 -67.23 5.10 -0.43
N THR L 43 -65.95 5.46 -0.44
CA THR L 43 -65.22 5.63 -1.70
C THR L 43 -63.91 4.87 -1.62
N LEU L 44 -63.49 4.27 -2.74
CA LEU L 44 -62.25 3.52 -2.80
C LEU L 44 -61.38 3.94 -3.99
N GLU L 45 -60.10 4.21 -3.73
CA GLU L 45 -59.18 4.60 -4.78
C GLU L 45 -57.93 3.76 -4.63
N SER L 46 -57.48 3.19 -5.75
CA SER L 46 -56.30 2.36 -5.77
C SER L 46 -55.11 3.16 -5.22
N TYR L 47 -54.19 2.47 -4.54
CA TYR L 47 -53.02 3.13 -3.95
C TYR L 47 -51.84 2.21 -4.22
N ASP L 48 -50.91 2.65 -5.07
CA ASP L 48 -49.73 1.86 -5.45
C ASP L 48 -48.80 1.57 -4.27
N TYR L 49 -48.42 0.31 -4.13
CA TYR L 49 -47.51 -0.13 -3.07
C TYR L 49 -46.62 -1.27 -3.63
N PRO L 50 -45.32 -1.23 -3.34
CA PRO L 50 -44.43 -2.27 -3.85
C PRO L 50 -44.62 -3.63 -3.18
N VAL L 51 -45.68 -4.33 -3.57
CA VAL L 51 -45.93 -5.64 -3.01
C VAL L 51 -46.64 -6.54 -4.01
N LYS L 52 -46.31 -7.83 -3.98
CA LYS L 52 -46.89 -8.84 -4.86
C LYS L 52 -47.98 -9.59 -4.12
N GLY L 53 -49.11 -9.82 -4.78
CA GLY L 53 -50.21 -10.55 -4.14
C GLY L 53 -51.15 -9.75 -3.26
N VAL L 54 -50.96 -8.43 -3.19
CA VAL L 54 -51.86 -7.62 -2.38
C VAL L 54 -52.23 -6.34 -3.10
N LYS L 55 -53.52 -6.01 -3.08
CA LYS L 55 -54.00 -4.79 -3.69
C LYS L 55 -54.32 -3.81 -2.57
N VAL L 56 -53.84 -2.57 -2.68
CA VAL L 56 -54.10 -1.59 -1.65
C VAL L 56 -54.99 -0.45 -2.15
N TYR L 57 -55.81 0.08 -1.25
CA TYR L 57 -56.69 1.18 -1.59
C TYR L 57 -56.74 2.18 -0.46
N ARG L 58 -57.24 3.36 -0.77
CA ARG L 58 -57.44 4.38 0.22
C ARG L 58 -58.97 4.36 0.32
N LEU L 59 -59.47 4.08 1.52
CA LEU L 59 -60.91 4.05 1.76
C LEU L 59 -61.33 5.26 2.60
N THR L 60 -62.51 5.81 2.29
CA THR L 60 -63.07 6.92 3.03
C THR L 60 -64.55 6.60 3.16
N TYR L 61 -65.20 7.22 4.14
CA TYR L 61 -66.63 7.07 4.37
C TYR L 61 -67.08 8.18 5.30
N GLN L 62 -68.39 8.42 5.34
CA GLN L 62 -68.98 9.43 6.20
C GLN L 62 -69.42 8.71 7.47
N SER L 63 -69.33 9.42 8.60
CA SER L 63 -69.67 8.87 9.90
C SER L 63 -70.28 9.99 10.75
N PHE L 64 -70.36 9.72 12.05
CA PHE L 64 -70.91 10.66 13.01
C PHE L 64 -70.50 12.09 12.74
N GLY L 65 -71.49 12.98 12.82
CA GLY L 65 -71.27 14.39 12.59
C GLY L 65 -70.88 14.71 11.16
N HIS L 66 -71.19 13.82 10.24
CA HIS L 66 -70.85 14.01 8.83
C HIS L 66 -69.34 14.16 8.61
N SER L 67 -68.58 13.45 9.44
CA SER L 67 -67.12 13.46 9.38
C SER L 67 -66.61 12.47 8.35
N LYS L 68 -65.66 12.90 7.53
CA LYS L 68 -65.08 12.01 6.53
C LYS L 68 -63.94 11.21 7.19
N ILE L 69 -64.13 9.90 7.29
CA ILE L 69 -63.15 9.02 7.93
C ILE L 69 -62.34 8.29 6.86
N GLU L 70 -61.04 8.06 7.12
CA GLU L 70 -60.19 7.38 6.14
C GLU L 70 -59.19 6.35 6.68
N GLY L 71 -58.58 5.63 5.75
CA GLY L 71 -57.60 4.62 6.13
C GLY L 71 -57.28 3.75 4.93
N PHE L 72 -56.14 3.08 4.96
CA PHE L 72 -55.80 2.20 3.84
C PHE L 72 -56.51 0.88 4.04
N TYR L 73 -56.88 0.26 2.94
CA TYR L 73 -57.54 -1.03 2.96
C TYR L 73 -56.71 -1.89 2.03
N ALA L 74 -56.16 -2.99 2.51
CA ALA L 74 -55.34 -3.86 1.66
C ALA L 74 -56.03 -5.20 1.54
N VAL L 75 -56.06 -5.73 0.31
CA VAL L 75 -56.72 -7.01 0.02
C VAL L 75 -55.80 -8.02 -0.60
N PRO L 76 -55.88 -9.29 -0.16
CA PRO L 76 -55.05 -10.34 -0.73
C PRO L 76 -55.42 -10.43 -2.20
N ASP L 77 -54.43 -10.43 -3.08
CA ASP L 77 -54.70 -10.51 -4.51
C ASP L 77 -54.98 -11.94 -4.91
N GLN L 78 -56.19 -12.39 -4.66
CA GLN L 78 -56.61 -13.75 -4.99
C GLN L 78 -58.11 -13.85 -4.70
N THR L 79 -58.75 -14.90 -5.17
CA THR L 79 -60.19 -15.06 -4.98
C THR L 79 -60.63 -15.35 -3.53
N GLY L 80 -61.56 -14.54 -3.03
CA GLY L 80 -62.07 -14.71 -1.69
C GLY L 80 -63.36 -15.51 -1.70
N PRO L 81 -64.34 -15.20 -0.83
CA PRO L 81 -64.32 -14.14 0.19
C PRO L 81 -63.15 -14.31 1.15
N HIS L 82 -62.66 -13.20 1.69
CA HIS L 82 -61.53 -13.25 2.61
C HIS L 82 -61.92 -12.92 4.04
N PRO L 83 -61.12 -13.39 5.00
CA PRO L 83 -61.46 -13.06 6.39
C PRO L 83 -61.00 -11.61 6.42
N ALA L 84 -61.52 -10.83 7.37
CA ALA L 84 -61.18 -9.43 7.42
C ALA L 84 -60.80 -8.96 8.79
N LEU L 85 -60.09 -7.83 8.83
CA LEU L 85 -59.66 -7.24 10.08
C LEU L 85 -59.75 -5.71 10.04
N VAL L 86 -60.32 -5.12 11.11
CA VAL L 86 -60.32 -3.66 11.23
C VAL L 86 -59.23 -3.45 12.28
N ARG L 87 -58.17 -2.74 11.91
CA ARG L 87 -57.04 -2.46 12.79
C ARG L 87 -57.10 -1.04 13.31
N PHE L 88 -56.99 -0.89 14.63
CA PHE L 88 -57.02 0.44 15.24
C PHE L 88 -55.65 0.80 15.81
N HIS L 89 -55.18 2.01 15.51
CA HIS L 89 -53.85 2.48 15.92
C HIS L 89 -53.79 3.15 17.28
N GLY L 90 -52.57 3.22 17.83
CA GLY L 90 -52.38 3.85 19.14
C GLY L 90 -52.48 5.37 19.14
N TYR L 91 -52.69 5.95 20.33
CA TYR L 91 -52.81 7.39 20.53
C TYR L 91 -51.62 8.15 19.94
N ASN L 92 -51.87 9.01 18.95
CA ASN L 92 -50.79 9.82 18.37
C ASN L 92 -49.66 8.94 17.84
N ALA L 93 -49.95 7.65 17.61
CA ALA L 93 -48.95 6.68 17.16
C ALA L 93 -49.05 6.20 15.72
N SER L 94 -49.82 6.90 14.89
CA SER L 94 -49.96 6.49 13.50
C SER L 94 -49.00 7.25 12.57
N TYR L 95 -48.13 6.50 11.89
CA TYR L 95 -47.15 7.05 10.95
C TYR L 95 -47.51 6.62 9.53
N ASP L 96 -47.70 7.57 8.62
CA ASP L 96 -48.07 7.28 7.23
C ASP L 96 -49.21 6.24 7.08
N GLY L 97 -50.25 6.38 7.90
CA GLY L 97 -51.38 5.46 7.85
C GLY L 97 -51.15 4.04 8.34
N GLY L 98 -49.94 3.74 8.81
CA GLY L 98 -49.63 2.39 9.28
C GLY L 98 -49.69 1.41 8.11
N ILE L 99 -49.46 1.94 6.91
CA ILE L 99 -49.54 1.15 5.67
C ILE L 99 -48.73 -0.14 5.62
N HIS L 100 -47.48 -0.11 6.06
CA HIS L 100 -46.65 -1.31 6.01
C HIS L 100 -47.26 -2.45 6.81
N ASP L 101 -47.82 -2.14 7.97
CA ASP L 101 -48.44 -3.14 8.82
C ASP L 101 -49.75 -3.64 8.22
N ILE L 102 -50.51 -2.73 7.63
CA ILE L 102 -51.78 -3.08 7.01
C ILE L 102 -51.54 -4.10 5.88
N VAL L 103 -50.55 -3.81 5.05
CA VAL L 103 -50.18 -4.67 3.92
C VAL L 103 -49.72 -6.01 4.44
N ASN L 104 -48.92 -6.00 5.50
CA ASN L 104 -48.42 -7.24 6.05
C ASN L 104 -49.59 -8.11 6.52
N TRP L 105 -50.61 -7.49 7.10
CA TRP L 105 -51.79 -8.23 7.55
C TRP L 105 -52.49 -8.88 6.35
N ALA L 106 -52.66 -8.13 5.27
CA ALA L 106 -53.29 -8.67 4.06
C ALA L 106 -52.44 -9.83 3.52
N LEU L 107 -51.11 -9.72 3.63
CA LEU L 107 -50.28 -10.82 3.13
C LEU L 107 -50.56 -12.07 3.95
N HIS L 108 -50.94 -11.89 5.21
CA HIS L 108 -51.28 -13.03 6.08
C HIS L 108 -52.63 -13.67 5.69
N GLY L 109 -53.38 -13.00 4.80
CA GLY L 109 -54.64 -13.55 4.33
C GLY L 109 -55.90 -12.82 4.74
N TYR L 110 -55.73 -11.65 5.36
CA TYR L 110 -56.88 -10.86 5.82
C TYR L 110 -57.09 -9.56 5.09
N ALA L 111 -58.31 -9.31 4.62
CA ALA L 111 -58.58 -8.00 3.99
C ALA L 111 -58.55 -7.09 5.23
N THR L 112 -57.62 -6.16 5.24
CA THR L 112 -57.44 -5.30 6.40
C THR L 112 -57.60 -3.80 6.20
N PHE L 113 -58.40 -3.20 7.07
CA PHE L 113 -58.64 -1.77 7.03
C PHE L 113 -58.08 -1.11 8.29
N GLY L 114 -57.19 -0.14 8.11
CA GLY L 114 -56.60 0.54 9.25
C GLY L 114 -57.27 1.88 9.47
N MET L 115 -58.32 1.91 10.29
CA MET L 115 -59.02 3.17 10.52
C MET L 115 -58.14 4.23 11.19
N LEU L 116 -58.10 5.40 10.58
CA LEU L 116 -57.33 6.50 11.14
C LEU L 116 -58.24 7.26 12.10
N VAL L 117 -57.81 7.40 13.35
CA VAL L 117 -58.59 8.07 14.38
C VAL L 117 -58.61 9.60 14.20
N ARG L 118 -59.81 10.17 14.12
CA ARG L 118 -60.04 11.61 13.94
C ARG L 118 -58.91 12.52 14.42
N GLY L 119 -58.35 13.32 13.51
CA GLY L 119 -57.30 14.26 13.86
C GLY L 119 -55.93 13.74 14.26
N GLN L 120 -55.82 12.43 14.46
CA GLN L 120 -54.54 11.83 14.82
C GLN L 120 -53.87 11.34 13.55
N GLY L 121 -54.05 10.05 13.26
CA GLY L 121 -53.45 9.46 12.09
C GLY L 121 -54.01 9.99 10.78
N GLY L 122 -55.22 10.52 10.84
CA GLY L 122 -55.88 11.07 9.67
C GLY L 122 -57.35 11.25 9.99
N SER L 123 -58.17 11.43 8.96
CA SER L 123 -59.62 11.62 9.09
C SER L 123 -59.99 12.99 9.67
N GLU L 124 -61.19 13.43 9.30
CA GLU L 124 -61.78 14.69 9.71
C GLU L 124 -62.57 14.53 11.02
N ASP L 125 -62.57 15.57 11.84
CA ASP L 125 -63.33 15.55 13.09
C ASP L 125 -64.11 16.87 13.03
N THR L 126 -65.35 16.81 12.56
CA THR L 126 -66.22 17.98 12.45
C THR L 126 -66.71 18.46 13.79
N SER L 127 -66.37 17.76 14.87
CA SER L 127 -66.84 18.16 16.19
C SER L 127 -66.12 19.39 16.72
N VAL L 128 -66.90 20.38 17.11
CA VAL L 128 -66.37 21.61 17.65
C VAL L 128 -65.74 21.44 19.03
N THR L 129 -64.90 22.38 19.42
CA THR L 129 -64.27 22.37 20.72
C THR L 129 -65.14 23.32 21.55
N PRO L 130 -65.95 22.77 22.49
CA PRO L 130 -66.85 23.56 23.35
C PRO L 130 -66.16 24.59 24.23
N GLY L 131 -64.97 24.26 24.73
CA GLY L 131 -64.25 25.16 25.60
C GLY L 131 -62.81 24.71 25.87
N GLY L 132 -62.24 25.23 26.96
CA GLY L 132 -60.87 24.91 27.30
C GLY L 132 -60.58 23.45 27.64
N HIS L 133 -59.34 23.03 27.40
CA HIS L 133 -58.91 21.68 27.69
C HIS L 133 -57.38 21.60 27.67
N ALA L 134 -56.81 20.53 28.23
CA ALA L 134 -55.37 20.36 28.27
C ALA L 134 -54.86 19.87 26.93
N LEU L 135 -53.61 20.19 26.60
CA LEU L 135 -53.03 19.75 25.33
C LEU L 135 -53.32 18.26 25.07
N GLY L 136 -53.82 17.96 23.89
CA GLY L 136 -54.16 16.59 23.54
C GLY L 136 -55.62 16.41 23.14
N TRP L 137 -56.01 15.16 22.99
CA TRP L 137 -57.38 14.83 22.60
C TRP L 137 -58.20 14.31 23.78
N MET L 138 -57.52 13.79 24.79
CA MET L 138 -58.13 13.20 25.99
C MET L 138 -59.23 14.03 26.67
N THR L 139 -59.04 15.35 26.72
CA THR L 139 -60.02 16.21 27.40
C THR L 139 -60.82 17.19 26.54
N LYS L 140 -60.83 16.96 25.23
CA LYS L 140 -61.56 17.79 24.28
C LYS L 140 -63.06 17.46 24.40
N GLY L 141 -63.85 18.46 24.79
CA GLY L 141 -65.28 18.31 24.96
C GLY L 141 -65.67 17.42 26.12
N ILE L 142 -64.77 17.24 27.08
CA ILE L 142 -65.04 16.37 28.20
C ILE L 142 -66.13 16.80 29.20
N LEU L 143 -66.67 18.01 29.05
CA LEU L 143 -67.72 18.42 29.97
C LEU L 143 -69.11 17.94 29.57
N SER L 144 -69.17 17.01 28.63
CA SER L 144 -70.44 16.45 28.17
C SER L 144 -70.23 15.22 27.31
N LYS L 145 -70.92 14.14 27.65
CA LYS L 145 -70.85 12.89 26.91
C LYS L 145 -71.16 13.13 25.44
N ASP L 146 -71.99 14.13 25.17
CA ASP L 146 -72.40 14.43 23.80
C ASP L 146 -71.31 15.07 22.98
N THR L 147 -70.43 15.81 23.64
CA THR L 147 -69.35 16.53 22.99
C THR L 147 -67.99 15.84 23.07
N TYR L 148 -67.87 14.83 23.92
CA TYR L 148 -66.59 14.16 24.11
C TYR L 148 -65.97 13.56 22.86
N TYR L 149 -64.68 13.84 22.69
CA TYR L 149 -63.86 13.36 21.57
C TYR L 149 -64.06 11.91 21.17
N TYR L 150 -64.08 10.99 22.14
CA TYR L 150 -64.21 9.57 21.83
C TYR L 150 -65.59 9.09 21.42
N ARG L 151 -66.59 9.95 21.55
CA ARG L 151 -67.93 9.55 21.16
C ARG L 151 -67.86 9.35 19.65
N GLY L 152 -67.30 10.35 18.97
CA GLY L 152 -67.17 10.26 17.52
C GLY L 152 -66.29 9.08 17.16
N VAL L 153 -65.12 9.00 17.78
CA VAL L 153 -64.17 7.92 17.51
C VAL L 153 -64.85 6.56 17.61
N TYR L 154 -65.51 6.24 18.74
CA TYR L 154 -66.19 4.94 18.86
C TYR L 154 -67.19 4.71 17.71
N LEU L 155 -68.02 5.71 17.44
CA LEU L 155 -69.00 5.58 16.37
C LEU L 155 -68.31 5.37 15.01
N ASP L 156 -67.14 5.96 14.83
CA ASP L 156 -66.39 5.77 13.59
C ASP L 156 -65.97 4.31 13.48
N ALA L 157 -65.61 3.74 14.63
CA ALA L 157 -65.16 2.35 14.66
C ALA L 157 -66.32 1.42 14.28
N VAL L 158 -67.53 1.73 14.77
CA VAL L 158 -68.66 0.89 14.42
C VAL L 158 -68.96 1.01 12.92
N ARG L 159 -68.91 2.23 12.41
CA ARG L 159 -69.20 2.44 11.00
C ARG L 159 -68.21 1.69 10.13
N ALA L 160 -66.94 1.68 10.54
CA ALA L 160 -65.90 0.97 9.79
C ALA L 160 -66.31 -0.48 9.58
N LEU L 161 -66.89 -1.08 10.60
CA LEU L 161 -67.30 -2.46 10.49
C LEU L 161 -68.46 -2.59 9.51
N GLU L 162 -69.39 -1.63 9.56
CA GLU L 162 -70.54 -1.69 8.66
C GLU L 162 -70.08 -1.61 7.23
N VAL L 163 -69.15 -0.71 6.96
CA VAL L 163 -68.64 -0.54 5.60
C VAL L 163 -67.85 -1.77 5.17
N ILE L 164 -66.88 -2.18 5.98
CA ILE L 164 -66.05 -3.33 5.62
C ILE L 164 -66.87 -4.59 5.43
N GLN L 165 -67.91 -4.74 6.25
CA GLN L 165 -68.75 -5.94 6.15
C GLN L 165 -69.53 -6.02 4.84
N SER L 166 -69.76 -4.86 4.21
CA SER L 166 -70.51 -4.78 2.97
C SER L 166 -69.71 -5.13 1.71
N PHE L 167 -68.38 -5.20 1.80
CA PHE L 167 -67.60 -5.51 0.61
C PHE L 167 -67.82 -6.97 0.19
N PRO L 168 -68.05 -7.21 -1.11
CA PRO L 168 -68.27 -8.59 -1.57
C PRO L 168 -67.12 -9.55 -1.28
N GLU L 169 -65.89 -9.04 -1.41
CA GLU L 169 -64.71 -9.87 -1.18
C GLU L 169 -64.47 -10.23 0.28
N VAL L 170 -65.30 -9.70 1.19
CA VAL L 170 -65.13 -10.01 2.61
C VAL L 170 -66.19 -10.96 3.18
N ASP L 171 -65.75 -11.93 3.96
CA ASP L 171 -66.65 -12.87 4.60
C ASP L 171 -67.14 -12.20 5.88
N GLU L 172 -68.34 -11.64 5.82
CA GLU L 172 -68.94 -10.93 6.94
C GLU L 172 -69.02 -11.68 8.26
N HIS L 173 -68.88 -13.00 8.22
CA HIS L 173 -68.94 -13.77 9.45
C HIS L 173 -67.53 -14.05 9.97
N ARG L 174 -66.54 -13.49 9.28
CA ARG L 174 -65.15 -13.68 9.69
C ARG L 174 -64.40 -12.34 9.72
N ILE L 175 -64.88 -11.45 10.57
CA ILE L 175 -64.25 -10.14 10.73
C ILE L 175 -63.71 -10.04 12.16
N GLY L 176 -62.46 -9.60 12.29
CA GLY L 176 -61.91 -9.44 13.62
C GLY L 176 -61.57 -7.98 13.83
N VAL L 177 -61.50 -7.54 15.09
CA VAL L 177 -61.11 -6.15 15.36
C VAL L 177 -59.85 -6.26 16.23
N ILE L 178 -58.81 -5.50 15.88
CA ILE L 178 -57.54 -5.57 16.61
C ILE L 178 -56.92 -4.21 16.82
N GLY L 179 -56.02 -4.15 17.79
CA GLY L 179 -55.31 -2.92 18.09
C GLY L 179 -54.64 -3.03 19.44
N GLY L 180 -53.71 -2.12 19.69
CA GLY L 180 -53.02 -2.05 20.96
C GLY L 180 -53.24 -0.66 21.57
N SER L 181 -53.45 -0.64 22.88
CA SER L 181 -53.67 0.58 23.67
C SER L 181 -54.95 1.29 23.23
N GLN L 182 -54.86 2.52 22.72
CA GLN L 182 -56.08 3.18 22.25
C GLN L 182 -56.69 2.18 21.24
N GLY L 183 -55.84 1.58 20.41
CA GLY L 183 -56.32 0.60 19.44
C GLY L 183 -57.01 -0.61 20.09
N GLY L 184 -56.49 -1.04 21.23
CA GLY L 184 -57.11 -2.16 21.93
C GLY L 184 -58.46 -1.73 22.47
N ALA L 185 -58.58 -0.47 22.89
CA ALA L 185 -59.85 0.02 23.44
C ALA L 185 -60.90 0.17 22.34
N LEU L 186 -60.49 0.62 21.16
CA LEU L 186 -61.45 0.79 20.08
C LEU L 186 -61.97 -0.58 19.64
N ALA L 187 -61.09 -1.58 19.68
CA ALA L 187 -61.46 -2.93 19.30
C ALA L 187 -62.55 -3.44 20.25
N ILE L 188 -62.30 -3.30 21.54
CA ILE L 188 -63.24 -3.75 22.54
C ILE L 188 -64.52 -2.92 22.47
N ALA L 189 -64.38 -1.60 22.36
CA ALA L 189 -65.54 -0.71 22.28
C ALA L 189 -66.34 -1.04 21.02
N ALA L 190 -65.64 -1.39 19.93
CA ALA L 190 -66.34 -1.73 18.69
C ALA L 190 -67.21 -2.96 18.85
N ALA L 191 -66.66 -3.98 19.50
CA ALA L 191 -67.39 -5.22 19.71
C ALA L 191 -68.52 -5.09 20.72
N ALA L 192 -68.39 -4.16 21.64
CA ALA L 192 -69.43 -4.01 22.66
C ALA L 192 -70.65 -3.35 22.08
N LEU L 193 -70.41 -2.49 21.10
CA LEU L 193 -71.47 -1.74 20.44
C LEU L 193 -71.96 -2.38 19.16
N SER L 194 -71.26 -3.40 18.67
CA SER L 194 -71.66 -4.06 17.43
C SER L 194 -71.35 -5.54 17.40
N ASP L 195 -72.25 -6.32 16.83
CA ASP L 195 -72.03 -7.76 16.76
C ASP L 195 -71.37 -8.19 15.45
N ILE L 196 -70.94 -7.22 14.65
CA ILE L 196 -70.30 -7.56 13.38
C ILE L 196 -68.99 -8.34 13.58
N PRO L 197 -68.14 -7.90 14.54
CA PRO L 197 -66.88 -8.60 14.82
C PRO L 197 -67.08 -10.02 15.33
N LYS L 198 -66.30 -10.97 14.82
CA LYS L 198 -66.40 -12.33 15.32
C LYS L 198 -65.46 -12.53 16.50
N VAL L 199 -64.33 -11.82 16.50
CA VAL L 199 -63.35 -11.97 17.57
C VAL L 199 -62.64 -10.67 17.88
N VAL L 200 -62.04 -10.61 19.05
CA VAL L 200 -61.35 -9.41 19.48
C VAL L 200 -59.96 -9.71 20.03
N VAL L 201 -58.99 -8.88 19.64
CA VAL L 201 -57.62 -8.97 20.17
C VAL L 201 -57.25 -7.56 20.58
N ALA L 202 -56.85 -7.40 21.84
CA ALA L 202 -56.49 -6.10 22.36
C ALA L 202 -55.22 -6.11 23.22
N ASP L 203 -54.15 -5.53 22.68
CA ASP L 203 -52.90 -5.42 23.41
C ASP L 203 -53.12 -4.30 24.43
N TYR L 204 -52.74 -4.53 25.68
CA TYR L 204 -52.86 -3.51 26.73
C TYR L 204 -53.86 -2.37 26.46
N PRO L 205 -55.17 -2.68 26.49
CA PRO L 205 -56.21 -1.68 26.22
C PRO L 205 -56.16 -0.42 27.07
N TYR L 206 -56.37 0.72 26.40
CA TYR L 206 -56.36 2.06 26.98
C TYR L 206 -57.83 2.45 27.31
N LEU L 207 -58.06 3.67 27.81
CA LEU L 207 -59.42 4.15 28.13
C LEU L 207 -60.17 3.24 29.10
N SER L 208 -59.47 2.77 30.14
CA SER L 208 -60.05 1.85 31.11
C SER L 208 -59.84 2.24 32.58
N ASN L 209 -60.89 2.13 33.40
CA ASN L 209 -60.83 2.47 34.82
C ASN L 209 -60.14 3.84 35.02
N PHE L 210 -60.71 4.86 34.38
CA PHE L 210 -60.18 6.22 34.45
C PHE L 210 -59.90 6.78 35.84
N GLU L 211 -60.75 6.46 36.80
CA GLU L 211 -60.58 6.97 38.16
C GLU L 211 -59.31 6.43 38.81
N ARG L 212 -58.94 5.20 38.49
CA ARG L 212 -57.72 4.66 39.04
C ARG L 212 -56.56 5.11 38.16
N ALA L 213 -56.77 5.08 36.85
CA ALA L 213 -55.73 5.45 35.88
C ALA L 213 -55.03 6.80 36.17
N VAL L 214 -55.78 7.83 36.53
CA VAL L 214 -55.17 9.12 36.80
C VAL L 214 -54.37 9.13 38.11
N ASP L 215 -54.48 8.07 38.90
CA ASP L 215 -53.74 7.96 40.16
C ASP L 215 -52.54 7.01 40.11
N VAL L 216 -52.46 6.20 39.07
CA VAL L 216 -51.37 5.24 38.97
C VAL L 216 -50.48 5.37 37.73
N ALA L 217 -51.04 5.87 36.64
CA ALA L 217 -50.24 6.03 35.42
C ALA L 217 -49.06 6.95 35.68
N LEU L 218 -47.92 6.61 35.09
CA LEU L 218 -46.70 7.39 35.27
C LEU L 218 -46.25 8.13 34.01
N GLU L 219 -46.99 7.94 32.93
CA GLU L 219 -46.65 8.60 31.68
C GLU L 219 -47.95 9.02 31.01
N GLN L 220 -47.83 9.79 29.94
CA GLN L 220 -48.97 10.24 29.17
C GLN L 220 -49.50 8.97 28.50
N PRO L 221 -50.74 9.00 28.01
CA PRO L 221 -51.65 10.15 28.04
C PRO L 221 -52.80 10.20 29.05
N TYR L 222 -52.86 9.28 30.02
CA TYR L 222 -53.94 9.37 31.00
C TYR L 222 -53.76 10.67 31.78
N LEU L 223 -52.51 11.08 32.00
CA LEU L 223 -52.22 12.31 32.75
C LEU L 223 -52.67 13.63 32.10
N GLU L 224 -53.29 13.57 30.92
CA GLU L 224 -53.79 14.80 30.30
C GLU L 224 -54.98 15.21 31.17
N ILE L 225 -55.61 14.21 31.78
CA ILE L 225 -56.76 14.47 32.65
C ILE L 225 -56.28 15.22 33.89
N ASN L 226 -55.20 14.73 34.49
CA ASN L 226 -54.64 15.39 35.66
C ASN L 226 -54.32 16.84 35.26
N SER L 227 -53.74 16.98 34.07
CA SER L 227 -53.36 18.28 33.53
C SER L 227 -54.57 19.18 33.35
N TYR L 228 -55.68 18.57 32.95
CA TYR L 228 -56.92 19.31 32.73
C TYR L 228 -57.46 19.83 34.05
N PHE L 229 -57.42 19.00 35.09
CA PHE L 229 -57.90 19.43 36.39
C PHE L 229 -57.02 20.52 37.02
N ARG L 230 -55.72 20.51 36.69
CA ARG L 230 -54.80 21.52 37.21
C ARG L 230 -55.17 22.88 36.59
N ARG L 231 -55.61 22.87 35.34
CA ARG L 231 -55.97 24.11 34.66
C ARG L 231 -57.37 24.65 34.95
N ASN L 232 -58.26 23.77 35.39
CA ASN L 232 -59.64 24.13 35.73
C ASN L 232 -59.87 23.52 37.10
N SER L 233 -59.73 24.34 38.12
CA SER L 233 -59.85 23.89 39.51
C SER L 233 -61.25 23.72 40.10
N ASP L 234 -62.29 24.21 39.43
CA ASP L 234 -63.64 24.05 39.99
C ASP L 234 -63.85 22.57 40.30
N PRO L 235 -64.37 22.25 41.50
CA PRO L 235 -64.60 20.84 41.85
C PRO L 235 -65.68 20.17 40.98
N LYS L 236 -66.69 20.94 40.60
CA LYS L 236 -67.76 20.39 39.76
C LYS L 236 -67.23 19.97 38.39
N VAL L 237 -66.13 20.59 37.95
CA VAL L 237 -65.53 20.25 36.66
C VAL L 237 -65.02 18.82 36.76
N GLU L 238 -64.30 18.53 37.85
CA GLU L 238 -63.77 17.20 38.10
C GLU L 238 -64.87 16.15 38.11
N GLU L 239 -65.88 16.35 38.96
CA GLU L 239 -66.99 15.40 39.05
C GLU L 239 -67.68 15.21 37.69
N LYS L 240 -67.84 16.31 36.98
CA LYS L 240 -68.48 16.29 35.67
C LYS L 240 -67.63 15.53 34.65
N ALA L 241 -66.33 15.79 34.66
CA ALA L 241 -65.42 15.11 33.71
C ALA L 241 -65.45 13.59 33.86
N PHE L 242 -65.50 13.09 35.09
CA PHE L 242 -65.53 11.66 35.30
C PHE L 242 -66.89 11.12 34.92
N GLU L 243 -67.89 11.98 34.97
CA GLU L 243 -69.21 11.53 34.60
C GLU L 243 -69.17 11.28 33.11
N THR L 244 -68.57 12.20 32.35
CA THR L 244 -68.45 12.04 30.92
C THR L 244 -67.58 10.79 30.60
N LEU L 245 -66.46 10.66 31.29
CA LEU L 245 -65.57 9.54 31.06
C LEU L 245 -66.21 8.17 31.31
N SER L 246 -67.18 8.09 32.23
CA SER L 246 -67.83 6.82 32.52
C SER L 246 -68.52 6.20 31.31
N TYR L 247 -69.03 7.03 30.41
CA TYR L 247 -69.73 6.56 29.23
C TYR L 247 -68.82 5.82 28.21
N PHE L 248 -67.52 6.07 28.29
CA PHE L 248 -66.56 5.48 27.35
C PHE L 248 -65.59 4.49 27.98
N ASP L 249 -65.64 4.38 29.30
CA ASP L 249 -64.74 3.52 30.06
C ASP L 249 -64.97 2.03 29.75
N LEU L 250 -63.90 1.30 29.45
CA LEU L 250 -64.03 -0.11 29.13
C LEU L 250 -64.56 -0.96 30.26
N ILE L 251 -64.47 -0.49 31.51
CA ILE L 251 -64.98 -1.28 32.63
C ILE L 251 -66.50 -1.32 32.54
N ASN L 252 -67.08 -0.34 31.86
CA ASN L 252 -68.55 -0.27 31.71
C ASN L 252 -69.02 -0.86 30.38
N LEU L 253 -68.18 -0.79 29.37
CA LEU L 253 -68.55 -1.33 28.06
C LEU L 253 -68.19 -2.81 27.89
N ALA L 254 -67.19 -3.28 28.63
CA ALA L 254 -66.76 -4.67 28.51
C ALA L 254 -67.87 -5.72 28.64
N GLY L 255 -68.78 -5.50 29.57
CA GLY L 255 -69.87 -6.45 29.80
C GLY L 255 -70.77 -6.75 28.62
N TRP L 256 -70.71 -5.91 27.59
CA TRP L 256 -71.51 -6.10 26.38
C TRP L 256 -70.82 -6.93 25.28
N VAL L 257 -69.55 -7.27 25.49
CA VAL L 257 -68.77 -8.06 24.53
C VAL L 257 -69.12 -9.55 24.56
N LYS L 258 -69.58 -10.08 23.42
CA LYS L 258 -69.95 -11.48 23.39
C LYS L 258 -68.97 -12.31 22.56
N GLN L 259 -68.01 -11.65 21.92
CA GLN L 259 -67.04 -12.32 21.07
C GLN L 259 -65.81 -12.80 21.80
N PRO L 260 -65.25 -13.97 21.37
CA PRO L 260 -64.05 -14.47 22.05
C PRO L 260 -63.03 -13.34 22.05
N THR L 261 -62.37 -13.15 23.19
CA THR L 261 -61.42 -12.05 23.33
C THR L 261 -60.05 -12.44 23.87
N LEU L 262 -58.99 -11.96 23.22
CA LEU L 262 -57.61 -12.24 23.64
C LEU L 262 -56.94 -10.91 23.97
N MET L 263 -56.34 -10.84 25.16
CA MET L 263 -55.68 -9.62 25.60
C MET L 263 -54.27 -9.89 26.08
N ALA L 264 -53.50 -8.82 26.19
CA ALA L 264 -52.13 -8.90 26.64
C ALA L 264 -51.83 -7.75 27.57
N ILE L 265 -50.94 -8.00 28.51
CA ILE L 265 -50.49 -6.95 29.45
C ILE L 265 -49.08 -7.21 29.96
N GLY L 266 -48.25 -6.18 29.91
CA GLY L 266 -46.91 -6.26 30.44
C GLY L 266 -46.97 -5.73 31.87
N LEU L 267 -46.29 -6.39 32.80
CA LEU L 267 -46.36 -5.92 34.17
C LEU L 267 -45.57 -4.65 34.47
N ILE L 268 -44.74 -4.17 33.53
CA ILE L 268 -44.03 -2.91 33.85
C ILE L 268 -44.51 -1.71 33.00
N ASP L 269 -45.72 -1.85 32.46
CA ASP L 269 -46.35 -0.83 31.63
C ASP L 269 -46.70 0.41 32.46
N LYS L 270 -46.10 1.55 32.14
CA LYS L 270 -46.39 2.79 32.88
C LYS L 270 -47.46 3.66 32.23
N ILE L 271 -47.83 3.34 31.00
CA ILE L 271 -48.83 4.09 30.21
C ILE L 271 -50.24 3.55 30.43
N THR L 272 -50.39 2.24 30.31
CA THR L 272 -51.67 1.56 30.56
C THR L 272 -51.31 0.60 31.69
N PRO L 273 -51.31 1.09 32.95
CA PRO L 273 -50.97 0.30 34.12
C PRO L 273 -51.67 -1.07 34.16
N PRO L 274 -50.95 -2.10 34.61
CA PRO L 274 -51.54 -3.43 34.68
C PRO L 274 -52.94 -3.45 35.30
N SER L 275 -53.12 -2.75 36.44
CA SER L 275 -54.41 -2.71 37.14
C SER L 275 -55.56 -2.20 36.25
N THR L 276 -55.32 -1.21 35.40
CA THR L 276 -56.40 -0.72 34.54
C THR L 276 -56.75 -1.73 33.46
N VAL L 277 -55.76 -2.49 33.02
CA VAL L 277 -56.02 -3.49 31.99
C VAL L 277 -56.70 -4.73 32.59
N PHE L 278 -56.31 -5.15 33.79
CA PHE L 278 -56.95 -6.31 34.41
C PHE L 278 -58.42 -5.93 34.71
N ALA L 279 -58.63 -4.67 35.03
CA ALA L 279 -59.97 -4.19 35.37
C ALA L 279 -60.89 -4.41 34.18
N ALA L 280 -60.39 -4.11 32.98
CA ALA L 280 -61.17 -4.31 31.77
C ALA L 280 -61.36 -5.81 31.52
N TYR L 281 -60.27 -6.56 31.53
CA TYR L 281 -60.40 -7.98 31.31
C TYR L 281 -61.42 -8.60 32.28
N ASN L 282 -61.33 -8.23 33.56
CA ASN L 282 -62.22 -8.78 34.56
C ASN L 282 -63.68 -8.36 34.48
N HIS L 283 -64.02 -7.43 33.58
CA HIS L 283 -65.41 -7.02 33.46
C HIS L 283 -65.98 -7.71 32.22
N LEU L 284 -65.11 -8.40 31.49
CA LEU L 284 -65.55 -9.13 30.32
C LEU L 284 -66.26 -10.39 30.82
N GLU L 285 -67.31 -10.80 30.12
CA GLU L 285 -68.04 -12.03 30.44
C GLU L 285 -68.24 -12.69 29.07
N THR L 286 -67.18 -13.34 28.60
CA THR L 286 -67.16 -13.96 27.27
C THR L 286 -66.00 -14.98 27.22
N ASP L 287 -65.88 -15.76 26.15
CA ASP L 287 -64.74 -16.70 26.09
C ASP L 287 -63.54 -15.75 26.03
N LYS L 288 -62.67 -15.83 27.03
CA LYS L 288 -61.54 -14.88 27.12
C LYS L 288 -60.24 -15.43 27.71
N ASP L 289 -59.13 -14.77 27.40
CA ASP L 289 -57.84 -15.17 27.92
C ASP L 289 -56.96 -13.91 27.96
N LEU L 290 -56.20 -13.75 29.04
CA LEU L 290 -55.30 -12.62 29.22
C LEU L 290 -53.86 -13.13 29.32
N LYS L 291 -53.01 -12.66 28.42
CA LYS L 291 -51.61 -13.06 28.43
C LYS L 291 -50.80 -12.07 29.26
N VAL L 292 -50.05 -12.58 30.23
CA VAL L 292 -49.27 -11.72 31.10
C VAL L 292 -47.78 -11.87 30.89
N TYR L 293 -47.12 -10.74 30.64
CA TYR L 293 -45.68 -10.75 30.39
C TYR L 293 -44.98 -9.89 31.42
N ARG L 294 -44.31 -10.58 32.35
CA ARG L 294 -43.61 -9.93 33.44
C ARG L 294 -42.56 -8.90 33.07
N TYR L 295 -41.75 -9.22 32.06
CA TYR L 295 -40.66 -8.33 31.68
C TYR L 295 -40.91 -7.27 30.62
N PHE L 296 -42.17 -7.10 30.23
CA PHE L 296 -42.51 -6.14 29.20
C PHE L 296 -43.42 -5.02 29.66
N GLY L 297 -43.37 -3.90 28.92
CA GLY L 297 -44.19 -2.74 29.21
C GLY L 297 -45.07 -2.35 28.03
N HIS L 298 -45.16 -1.05 27.77
CA HIS L 298 -45.98 -0.53 26.68
C HIS L 298 -45.19 -0.62 25.39
N GLU L 299 -45.18 -1.80 24.79
CA GLU L 299 -44.36 -1.98 23.61
C GLU L 299 -44.76 -3.26 22.87
N PHE L 300 -44.06 -3.54 21.78
CA PHE L 300 -44.33 -4.75 21.01
C PHE L 300 -43.83 -5.96 21.78
N ILE L 301 -44.69 -6.95 21.97
CA ILE L 301 -44.34 -8.16 22.73
C ILE L 301 -44.28 -9.34 21.78
N PRO L 302 -43.05 -9.73 21.38
CA PRO L 302 -42.84 -10.84 20.46
C PRO L 302 -43.71 -12.04 20.74
N ALA L 303 -43.63 -12.52 21.98
CA ALA L 303 -44.40 -13.70 22.35
C ALA L 303 -45.91 -13.56 22.15
N PHE L 304 -46.45 -12.35 22.32
CA PHE L 304 -47.90 -12.16 22.16
C PHE L 304 -48.28 -12.17 20.69
N GLN L 305 -47.36 -11.75 19.83
CA GLN L 305 -47.65 -11.74 18.41
C GLN L 305 -47.94 -13.18 17.94
N THR L 306 -47.18 -14.14 18.45
CA THR L 306 -47.41 -15.53 18.06
C THR L 306 -48.81 -15.97 18.56
N GLU L 307 -49.16 -15.55 19.77
CA GLU L 307 -50.48 -15.88 20.33
C GLU L 307 -51.58 -15.24 19.49
N LYS L 308 -51.42 -13.95 19.21
CA LYS L 308 -52.34 -13.16 18.43
C LYS L 308 -52.55 -13.82 17.09
N LEU L 309 -51.45 -14.22 16.45
CA LEU L 309 -51.53 -14.87 15.15
C LEU L 309 -52.26 -16.22 15.19
N SER L 310 -51.98 -17.03 16.21
CA SER L 310 -52.63 -18.32 16.31
C SER L 310 -54.13 -18.18 16.60
N PHE L 311 -54.49 -17.19 17.41
CA PHE L 311 -55.88 -16.91 17.79
C PHE L 311 -56.70 -16.51 16.58
N LEU L 312 -56.17 -15.57 15.81
CA LEU L 312 -56.86 -15.10 14.61
C LEU L 312 -56.99 -16.23 13.61
N GLN L 313 -55.96 -17.07 13.52
CA GLN L 313 -56.01 -18.19 12.58
C GLN L 313 -57.09 -19.20 13.01
N LYS L 314 -57.17 -19.50 14.30
CA LYS L 314 -58.17 -20.45 14.79
C LYS L 314 -59.61 -20.02 14.52
N HIS L 315 -59.90 -18.76 14.79
CA HIS L 315 -61.24 -18.23 14.63
C HIS L 315 -61.57 -17.58 13.28
N LEU L 316 -60.55 -17.18 12.53
CA LEU L 316 -60.80 -16.47 11.29
C LEU L 316 -60.33 -17.11 10.00
N LEU L 317 -59.02 -17.17 9.82
CA LEU L 317 -58.44 -17.73 8.62
C LEU L 317 -58.92 -19.16 8.34
N LEU L 318 -58.60 -20.09 9.22
CA LEU L 318 -58.98 -21.47 9.02
C LEU L 318 -60.25 -21.86 9.77
CL CL M . 20.42 -10.04 -42.56
CL CL N . 2.42 -5.64 -19.90
CL CL O . 46.17 -41.87 -21.37
CL CL P . 24.45 -22.39 -23.67
CL CL Q . 32.99 -6.49 -18.09
CL CL R . 12.82 13.64 -24.89
CL CL S . 49.27 -25.73 -6.05
CL CL T . 49.11 -13.65 -32.62
C1 GOL U . 31.48 5.63 -48.91
O1 GOL U . 31.96 5.38 -50.24
C2 GOL U . 30.72 4.39 -48.39
O2 GOL U . 30.31 4.63 -47.05
C3 GOL U . 29.50 4.13 -49.26
O3 GOL U . 29.91 3.78 -50.59
CL CL V . 34.09 2.22 -39.23
CL CL W . 54.22 -5.43 -58.93
CL CL X . 33.70 -10.18 -67.12
CL CL Y . 37.54 -25.10 -42.15
C1 GOL Z . -22.54 23.47 43.95
O1 GOL Z . -23.59 24.30 43.46
C2 GOL Z . -22.67 22.06 43.40
O2 GOL Z . -21.51 21.29 43.73
C3 GOL Z . -23.92 21.36 43.96
O3 GOL Z . -25.10 22.05 43.52
CL CL AA . -17.27 15.76 34.13
CL CL BA . -21.76 40.49 49.36
CL CL CA . -35.74 27.97 28.82
CL CL DA . -54.80 19.78 7.64
CL CL EA . -7.89 -8.28 23.42
CL CL FA . -31.12 8.39 17.55
CL CL GA . -26.71 3.21 44.58
CL CL HA . -26.33 -20.28 27.20
CL CL IA . -22.02 23.21 63.56
CL CL JA . -43.24 19.02 43.81
CL CL KA . -44.00 1.07 29.52
CL CL LA . -65.88 20.82 27.32
#